data_8T49
#
_entry.id   8T49
#
_cell.length_a   1.00
_cell.length_b   1.00
_cell.length_c   1.00
_cell.angle_alpha   90.00
_cell.angle_beta   90.00
_cell.angle_gamma   90.00
#
_symmetry.space_group_name_H-M   'P 1'
#
loop_
_entity.id
_entity.type
_entity.pdbx_description
1 polymer 'MD65 N332-GT5 SOSIP gp120'
2 polymer 'RM_N332_03 heavy chain Fv'
3 polymer 'RM_N332_03 light chain Fv'
4 polymer 'RM20A3 heavy chain Fv'
5 polymer 'RM20A3 light chain Fv'
6 polymer 'MD65 N332-GT5 SOSIP gp41'
7 branched alpha-D-mannopyranose-(1-2)-alpha-D-mannopyranose-(1-3)-[alpha-D-mannopyranose-(1-6)]beta-D-mannopyranose-(1-4)-2-acetamido-2-deoxy-beta-D-glucopyranose-(1-4)-2-acetamido-2-deoxy-beta-D-glucopyranose
8 branched 2-acetamido-2-deoxy-beta-D-glucopyranose-(1-4)-2-acetamido-2-deoxy-beta-D-glucopyranose
9 branched alpha-D-mannopyranose-(1-3)-beta-D-mannopyranose-(1-4)-2-acetamido-2-deoxy-beta-D-glucopyranose-(1-4)-2-acetamido-2-deoxy-beta-D-glucopyranose
10 branched beta-D-mannopyranose-(1-4)-2-acetamido-2-deoxy-beta-D-glucopyranose-(1-4)-2-acetamido-2-deoxy-beta-D-glucopyranose
11 non-polymer 2-acetamido-2-deoxy-beta-D-glucopyranose
#
loop_
_entity_poly.entity_id
_entity_poly.type
_entity_poly.pdbx_seq_one_letter_code
_entity_poly.pdbx_strand_id
1 'polypeptide(L)'
;AENLWVTVYYGVPVWKDAETTLFCASDAKAYETEKHNVWATHACVPTDPNPQEIHLENVTEEFNMWKNNMVEQMHEDIIS
LWDQSLKPCVKLTPLCVTLQCTNYAPKLRSMMRGEIKNCSFNMTTELRDKKQKVYSLFYRLDVVQINENQGNRSNNSNKE
YRLINCNTSAITQACPKVSFEPIPIHYCAPAGFAILKCKDKKFNGTGPCQNVSTVQCTHGIKPVVSTQLLLNGSLAEEEV
IIRSENITNNAKNILVQLNTSVQINCTRPSNNTVKSIRIGPGQAFYYFGDVLGHVRMAHCNISKATWNETLGKVVKQLRK
HFGNNTIIRFAQSSGGDLEVTTHSFNCGGEFFYCNTSGLFNSTWISNTSVQGSNSTGSNDSLILPCWIKQIINMWQRIGQ
AMYAPPIQGVIRCVSNITGLILTRDGGSTNSTTETFRPGGGDMRDNWRSELYKYKVVKIEPLGVAPTRCKRRTVGRRRRR
R
;
A,E,F
2 'polypeptide(L)'
;QVQLQESGPGLVKPSETLSLTCIVSGDSISSSEWWSWIRQPPGKGLEWIGNIGGSSGSTYYNASLKSRVTISKDTSKNQF
SLELKSVTAADTAVYYCARSSITIFGVVVLGEVEDKPLDVWGRGVLVTVSS
;
H,O,P
3 'polypeptide(L)'
;SSGLTQEPALSVALGHTVSMTCQGDSLETYYVNWFQQRPGQVPVLVVYGNNYRPSGIPERFSGSWSGNTGTLTITAAQVE
DEADYYCNSWDSSGTHLLFGGGTRLTVL
;
L,Q,R
4 'polypeptide(L)'
;EVQLVETGGGLVQPGGSLKLSCRASGYTFSSFAMSWVRQAPGKGLEWVSLINDRGGLTFYVDSVKGRFTISRDNSKNTLS
LQMHSLRDGDTAVYYCATGGMSSALQSSKYYFDFWGQGALVTVSS
;
C,J,K
5 'polypeptide(L)'
;ALTQPPSVSGSPGQSVTISCTGTSSDIGSYNYVSWYQQHPGKAPKLMIYDVTQRPSGVSDRFSGSKSGNTASLTISGLQA
DDEADYYCSAYAGRQTFYIFGGGTRLTVLGQPKASPTVTLFPPSSEEL
;
D,M,N
6 'polypeptide(L)'
;AAGIGASSDGFLGAAGSTMGAASMTLTVQARNLLSGIVQQQSNLLRAPEPQQHLLKDTHWGIKQLQARVLAVEHYLRDQQ
LLGIWGCSGKLICCTNVPWNSSWSNRNLSEIWDNMTWLQWDKEISNYTQIIYGLLEESQNQQEKNEQDLLALD
;
B,G,I
#
loop_
_chem_comp.id
_chem_comp.type
_chem_comp.name
_chem_comp.formula
BMA D-saccharide, beta linking beta-D-mannopyranose 'C6 H12 O6'
MAN D-saccharide, alpha linking alpha-D-mannopyranose 'C6 H12 O6'
NAG D-saccharide, beta linking 2-acetamido-2-deoxy-beta-D-glucopyranose 'C8 H15 N O6'
#
# COMPACT_ATOMS: atom_id res chain seq x y z
N ASN A 3 -13.13 42.17 -30.02
CA ASN A 3 -11.72 42.49 -29.88
C ASN A 3 -11.10 41.87 -28.62
N LEU A 4 -11.79 40.88 -28.05
CA LEU A 4 -11.35 40.22 -26.84
C LEU A 4 -10.66 38.90 -27.16
N TRP A 5 -9.69 38.54 -26.32
CA TRP A 5 -8.90 37.32 -26.50
C TRP A 5 -9.01 36.44 -25.26
N VAL A 6 -8.89 35.13 -25.48
CA VAL A 6 -8.94 34.17 -24.37
C VAL A 6 -7.68 34.32 -23.53
N THR A 7 -7.85 34.47 -22.21
CA THR A 7 -6.74 34.53 -21.28
C THR A 7 -6.89 33.39 -20.29
N VAL A 8 -5.80 32.66 -20.07
CA VAL A 8 -5.78 31.49 -19.20
C VAL A 8 -5.28 31.91 -17.81
N TYR A 9 -6.02 31.51 -16.77
CA TYR A 9 -5.66 31.78 -15.39
C TYR A 9 -5.54 30.45 -14.66
N TYR A 10 -4.54 30.36 -13.78
CA TYR A 10 -4.31 29.21 -12.92
C TYR A 10 -4.22 29.72 -11.50
N GLY A 11 -4.97 29.08 -10.61
CA GLY A 11 -5.08 29.51 -9.23
C GLY A 11 -6.42 30.16 -8.97
N VAL A 12 -7.40 29.90 -9.82
CA VAL A 12 -8.75 30.48 -9.73
C VAL A 12 -9.50 29.93 -8.52
N PRO A 13 -10.09 30.78 -7.63
CA PRO A 13 -10.77 30.29 -6.42
C PRO A 13 -12.16 29.72 -6.66
N VAL A 14 -12.23 28.60 -7.39
CA VAL A 14 -13.49 27.91 -7.66
C VAL A 14 -13.35 26.45 -7.26
N TRP A 15 -14.49 25.79 -7.08
CA TRP A 15 -14.49 24.40 -6.66
C TRP A 15 -15.74 23.68 -7.14
N LYS A 16 -15.67 22.36 -7.08
CA LYS A 16 -16.76 21.45 -7.43
C LYS A 16 -16.98 20.47 -6.29
N ASP A 17 -18.22 19.98 -6.17
CA ASP A 17 -18.49 18.96 -5.16
C ASP A 17 -17.64 17.73 -5.44
N ALA A 18 -17.08 17.12 -4.40
CA ALA A 18 -16.26 15.94 -4.60
C ALA A 18 -16.28 15.06 -3.36
N GLU A 19 -15.98 13.77 -3.59
CA GLU A 19 -15.84 12.77 -2.54
C GLU A 19 -14.40 12.29 -2.56
N THR A 20 -13.69 12.44 -1.43
CA THR A 20 -12.32 11.98 -1.33
C THR A 20 -12.08 11.37 0.04
N THR A 21 -10.84 10.89 0.24
CA THR A 21 -10.40 10.31 1.49
C THR A 21 -9.87 11.42 2.38
N LEU A 22 -10.38 11.50 3.60
CA LEU A 22 -9.95 12.48 4.59
C LEU A 22 -8.95 11.87 5.55
N PHE A 23 -8.09 12.73 6.09
CA PHE A 23 -7.04 12.32 7.01
C PHE A 23 -7.47 12.42 8.46
N CYS A 24 -6.97 11.49 9.27
CA CYS A 24 -7.17 11.51 10.72
C CYS A 24 -6.17 12.44 11.37
N ALA A 25 -6.66 13.26 12.30
CA ALA A 25 -5.79 14.05 13.15
C ALA A 25 -6.32 13.94 14.57
N SER A 26 -5.41 14.00 15.55
CA SER A 26 -5.77 13.93 16.95
C SER A 26 -4.75 14.71 17.77
N ASP A 27 -5.24 15.33 18.84
CA ASP A 27 -4.37 16.08 19.75
C ASP A 27 -3.29 15.18 20.34
N HIS A 36 -4.02 2.29 27.04
CA HIS A 36 -4.37 2.42 25.63
C HIS A 36 -5.87 2.70 25.52
N ASN A 37 -6.26 3.32 24.41
CA ASN A 37 -7.65 3.65 24.11
C ASN A 37 -8.05 2.99 22.81
N VAL A 38 -9.26 2.42 22.79
CA VAL A 38 -9.77 1.72 21.60
C VAL A 38 -9.80 2.65 20.40
N TRP A 39 -9.97 3.95 20.62
CA TRP A 39 -10.06 4.90 19.52
C TRP A 39 -8.72 5.54 19.20
N ALA A 40 -7.67 5.21 19.95
CA ALA A 40 -6.37 5.78 19.67
C ALA A 40 -5.86 5.18 18.36
N THR A 41 -5.37 6.03 17.46
CA THR A 41 -4.88 5.59 16.17
C THR A 41 -3.42 5.98 16.04
N HIS A 42 -2.58 5.00 15.71
CA HIS A 42 -1.16 5.28 15.53
C HIS A 42 -0.93 6.00 14.22
N ALA A 43 -1.62 5.56 13.16
CA ALA A 43 -1.51 6.17 11.84
C ALA A 43 -2.48 7.37 11.76
N CYS A 44 -2.19 8.38 12.58
CA CYS A 44 -3.03 9.56 12.69
C CYS A 44 -2.08 10.69 13.07
N VAL A 45 -2.15 11.79 12.33
CA VAL A 45 -1.22 12.91 12.47
C VAL A 45 -1.55 13.83 13.65
N PRO A 46 -0.57 14.37 14.38
CA PRO A 46 -0.89 15.38 15.40
C PRO A 46 -1.61 16.60 14.81
N THR A 47 -2.54 17.15 15.58
CA THR A 47 -3.27 18.32 15.12
C THR A 47 -2.41 19.58 15.18
N ASP A 48 -2.91 20.60 14.48
CA ASP A 48 -2.28 21.92 14.44
C ASP A 48 -2.78 22.72 15.65
N PRO A 49 -1.89 23.14 16.57
CA PRO A 49 -2.36 23.92 17.73
C PRO A 49 -3.09 25.21 17.37
N ASN A 50 -2.89 25.75 16.16
CA ASN A 50 -3.51 27.00 15.73
C ASN A 50 -4.14 26.81 14.36
N PRO A 51 -5.25 26.08 14.29
CA PRO A 51 -5.89 25.82 13.00
C PRO A 51 -6.49 27.10 12.46
N GLN A 52 -6.58 27.21 11.14
CA GLN A 52 -7.14 28.39 10.52
C GLN A 52 -8.56 28.17 10.02
N GLU A 53 -9.28 29.28 9.95
CA GLU A 53 -10.62 29.36 9.38
C GLU A 53 -10.67 30.65 8.59
N ILE A 54 -11.06 30.59 7.32
CA ILE A 54 -11.10 31.76 6.46
C ILE A 54 -12.56 32.03 6.10
N HIS A 55 -13.11 33.14 6.58
CA HIS A 55 -14.49 33.45 6.28
C HIS A 55 -14.62 33.78 4.80
N LEU A 56 -15.62 33.23 4.13
CA LEU A 56 -15.85 33.50 2.72
C LEU A 56 -16.99 34.49 2.57
N GLU A 57 -16.66 35.75 2.30
CA GLU A 57 -17.71 36.76 2.18
C GLU A 57 -18.44 36.58 0.86
N ASN A 58 -19.75 36.83 0.87
CA ASN A 58 -20.59 36.79 -0.33
C ASN A 58 -20.53 35.43 -1.04
N VAL A 59 -20.46 34.34 -0.27
CA VAL A 59 -20.48 32.98 -0.80
C VAL A 59 -21.66 32.27 -0.17
N THR A 60 -22.52 31.68 -1.01
CA THR A 60 -23.73 30.97 -0.55
C THR A 60 -23.69 29.54 -1.05
N GLU A 61 -22.91 28.70 -0.38
CA GLU A 61 -22.73 27.31 -0.77
C GLU A 61 -23.95 26.50 -0.34
N GLU A 62 -24.41 25.61 -1.22
CA GLU A 62 -25.54 24.74 -0.88
C GLU A 62 -25.04 23.46 -0.23
N PHE A 63 -25.60 23.16 0.94
CA PHE A 63 -25.26 22.01 1.75
C PHE A 63 -26.40 21.00 1.73
N ASN A 64 -26.05 19.73 1.91
CA ASN A 64 -27.05 18.66 2.04
C ASN A 64 -26.47 17.59 2.96
N MET A 65 -26.86 17.61 4.24
CA MET A 65 -26.29 16.70 5.22
C MET A 65 -26.63 15.24 4.95
N TRP A 66 -27.63 14.97 4.11
CA TRP A 66 -28.08 13.61 3.87
C TRP A 66 -27.32 12.92 2.74
N LYS A 67 -26.48 13.67 2.02
CA LYS A 67 -25.68 13.18 0.90
C LYS A 67 -24.20 13.44 1.17
N ASN A 68 -23.85 13.63 2.44
CA ASN A 68 -22.50 13.98 2.88
C ASN A 68 -21.67 12.72 3.02
N ASN A 69 -20.68 12.55 2.15
CA ASN A 69 -19.90 11.32 2.14
C ASN A 69 -18.88 11.25 3.26
N MET A 70 -18.78 12.30 4.10
CA MET A 70 -17.89 12.27 5.23
C MET A 70 -18.41 11.29 6.29
N VAL A 71 -19.72 11.05 6.29
CA VAL A 71 -20.36 10.18 7.26
C VAL A 71 -20.01 8.73 6.96
N GLU A 72 -20.03 8.34 5.69
CA GLU A 72 -19.69 6.97 5.34
C GLU A 72 -18.24 6.67 5.67
N GLN A 73 -17.34 7.64 5.45
CA GLN A 73 -15.96 7.41 5.82
C GLN A 73 -15.83 7.29 7.33
N MET A 74 -16.52 8.16 8.08
CA MET A 74 -16.41 8.09 9.53
C MET A 74 -16.88 6.73 10.03
N HIS A 75 -17.96 6.23 9.42
CA HIS A 75 -18.51 4.94 9.80
C HIS A 75 -17.50 3.82 9.55
N GLU A 76 -16.92 3.82 8.35
CA GLU A 76 -15.94 2.78 8.03
C GLU A 76 -14.70 2.88 8.89
N ASP A 77 -14.24 4.10 9.18
CA ASP A 77 -13.02 4.25 9.98
C ASP A 77 -13.25 3.79 11.40
N ILE A 78 -14.42 4.10 11.96
CA ILE A 78 -14.75 3.69 13.32
C ILE A 78 -14.83 2.17 13.41
N ILE A 79 -15.50 1.54 12.44
CA ILE A 79 -15.60 0.09 12.47
C ILE A 79 -14.22 -0.54 12.31
N SER A 80 -13.41 0.00 11.41
CA SER A 80 -12.07 -0.53 11.19
C SER A 80 -11.22 -0.44 12.46
N LEU A 81 -11.27 0.70 13.15
CA LEU A 81 -10.48 0.83 14.37
C LEU A 81 -10.97 -0.16 15.43
N TRP A 82 -12.29 -0.34 15.52
CA TRP A 82 -12.85 -1.28 16.48
C TRP A 82 -12.31 -2.68 16.24
N ASP A 83 -12.36 -3.11 14.98
CA ASP A 83 -11.91 -4.46 14.66
C ASP A 83 -10.40 -4.60 14.85
N GLN A 84 -9.62 -3.56 14.53
CA GLN A 84 -8.19 -3.68 14.73
C GLN A 84 -7.88 -3.83 16.21
N SER A 85 -8.61 -3.09 17.06
CA SER A 85 -8.39 -3.21 18.49
C SER A 85 -8.71 -4.61 19.00
N LEU A 86 -9.81 -5.20 18.50
CA LEU A 86 -10.19 -6.53 18.97
C LEU A 86 -9.34 -7.66 18.40
N LYS A 87 -8.73 -7.49 17.22
CA LYS A 87 -7.93 -8.57 16.62
C LYS A 87 -6.86 -9.15 17.55
N PRO A 88 -5.95 -8.34 18.14
CA PRO A 88 -4.91 -8.92 19.03
C PRO A 88 -5.40 -9.20 20.44
N CYS A 89 -6.44 -10.03 20.57
CA CYS A 89 -7.02 -10.32 21.88
C CYS A 89 -7.42 -11.80 21.92
N VAL A 90 -7.73 -12.26 23.14
CA VAL A 90 -8.06 -13.67 23.39
C VAL A 90 -9.39 -14.03 22.75
N LYS A 91 -9.39 -15.14 21.99
CA LYS A 91 -10.59 -15.67 21.35
C LYS A 91 -11.15 -16.75 22.25
N LEU A 92 -12.37 -16.54 22.77
CA LEU A 92 -12.94 -17.42 23.79
C LEU A 92 -13.70 -18.61 23.22
N THR A 93 -13.01 -19.44 22.42
CA THR A 93 -13.69 -20.63 21.91
C THR A 93 -13.98 -21.65 23.02
N PRO A 94 -13.14 -21.81 24.06
CA PRO A 94 -13.48 -22.74 25.15
C PRO A 94 -14.75 -22.43 25.92
N LEU A 95 -15.34 -21.24 25.75
CA LEU A 95 -16.54 -20.88 26.51
C LEU A 95 -17.82 -21.52 26.01
N CYS A 96 -17.92 -21.94 24.75
CA CYS A 96 -19.18 -22.49 24.27
C CYS A 96 -19.28 -23.95 24.70
N VAL A 97 -19.65 -24.10 25.97
CA VAL A 97 -19.79 -25.37 26.65
C VAL A 97 -21.14 -25.36 27.35
N THR A 98 -21.56 -26.55 27.81
CA THR A 98 -22.80 -26.60 28.58
C THR A 98 -22.50 -26.03 29.96
N LEU A 99 -23.36 -25.13 30.42
CA LEU A 99 -23.24 -24.52 31.73
C LEU A 99 -24.32 -25.12 32.61
N GLN A 100 -24.01 -25.30 33.90
CA GLN A 100 -25.03 -25.68 34.88
C GLN A 100 -25.20 -24.47 35.78
N CYS A 101 -26.40 -23.90 35.80
CA CYS A 101 -26.61 -22.64 36.50
C CYS A 101 -27.76 -22.72 37.48
N THR A 102 -27.63 -21.89 38.52
CA THR A 102 -28.66 -21.62 39.52
C THR A 102 -28.73 -20.11 39.70
N ASN A 103 -29.65 -19.62 40.51
CA ASN A 103 -29.77 -18.19 40.72
C ASN A 103 -28.71 -17.71 41.71
N TYR A 104 -28.10 -16.57 41.40
CA TYR A 104 -27.08 -16.00 42.28
C TYR A 104 -27.63 -15.60 43.64
N ALA A 105 -28.80 -14.95 43.66
CA ALA A 105 -29.41 -14.47 44.90
C ALA A 105 -30.84 -14.99 44.95
N PRO A 106 -31.03 -16.25 45.37
CA PRO A 106 -32.37 -16.85 45.32
C PRO A 106 -33.40 -16.10 46.12
N LYS A 107 -32.99 -15.29 47.10
CA LYS A 107 -33.91 -14.56 47.97
C LYS A 107 -33.64 -13.07 47.79
N LEU A 108 -34.20 -12.51 46.73
CA LEU A 108 -34.01 -11.12 46.36
C LEU A 108 -35.33 -10.69 45.75
N ARG A 109 -35.88 -9.55 46.18
CA ARG A 109 -37.16 -9.08 45.68
C ARG A 109 -37.07 -7.78 44.89
N SER A 110 -35.88 -7.32 44.58
CA SER A 110 -35.70 -6.11 43.81
C SER A 110 -35.83 -6.49 42.33
N MET A 111 -35.75 -5.50 41.43
CA MET A 111 -35.82 -5.80 40.01
C MET A 111 -34.67 -6.68 39.51
N MET A 112 -33.66 -6.93 40.33
CA MET A 112 -32.53 -7.80 39.99
C MET A 112 -32.80 -9.27 40.26
N ARG A 113 -34.01 -9.64 40.71
CA ARG A 113 -34.30 -11.04 40.98
C ARG A 113 -34.23 -11.82 39.68
N GLY A 114 -33.39 -12.85 39.65
CA GLY A 114 -33.26 -13.66 38.47
C GLY A 114 -32.37 -13.10 37.39
N GLU A 115 -31.78 -11.92 37.60
CA GLU A 115 -30.95 -11.30 36.57
C GLU A 115 -29.52 -11.80 36.55
N ILE A 116 -29.00 -12.29 37.68
CA ILE A 116 -27.64 -12.81 37.77
C ILE A 116 -27.72 -14.28 38.11
N LYS A 117 -27.07 -15.12 37.30
CA LYS A 117 -27.03 -16.56 37.49
C LYS A 117 -25.62 -17.01 37.82
N ASN A 118 -25.53 -17.99 38.72
CA ASN A 118 -24.27 -18.59 39.17
C ASN A 118 -24.09 -19.90 38.40
N CYS A 119 -23.18 -19.89 37.42
CA CYS A 119 -22.98 -20.97 36.48
C CYS A 119 -21.66 -21.68 36.73
N SER A 120 -21.66 -22.99 36.52
CA SER A 120 -20.50 -23.86 36.64
C SER A 120 -20.19 -24.53 35.31
N PHE A 121 -18.90 -24.60 34.97
CA PHE A 121 -18.45 -25.20 33.72
C PHE A 121 -17.02 -25.69 33.84
N ASN A 122 -16.63 -26.60 32.92
CA ASN A 122 -15.30 -27.21 32.98
C ASN A 122 -14.18 -26.40 32.32
N MET A 123 -14.48 -25.59 31.30
CA MET A 123 -13.46 -24.82 30.59
C MET A 123 -12.27 -25.68 30.12
N THR A 124 -11.11 -25.08 29.88
CA THR A 124 -9.85 -25.72 29.54
C THR A 124 -8.75 -25.13 30.42
N THR A 125 -7.58 -25.75 30.39
CA THR A 125 -6.41 -25.30 31.14
C THR A 125 -5.25 -25.13 30.16
N GLU A 126 -4.10 -24.71 30.70
CA GLU A 126 -2.92 -24.50 29.86
C GLU A 126 -2.48 -25.80 29.18
N LEU A 127 -2.52 -26.92 29.89
CA LEU A 127 -2.18 -28.20 29.31
C LEU A 127 -3.42 -28.82 28.68
N ARG A 128 -3.22 -29.53 27.57
CA ARG A 128 -4.37 -30.16 26.92
C ARG A 128 -4.92 -31.35 27.69
N ASP A 129 -4.17 -31.89 28.65
CA ASP A 129 -4.63 -33.08 29.37
C ASP A 129 -5.55 -32.78 30.54
N LYS A 130 -5.65 -31.52 30.99
CA LYS A 130 -6.37 -31.22 32.21
C LYS A 130 -7.59 -30.36 31.96
N LYS A 131 -8.51 -30.46 32.91
CA LYS A 131 -9.71 -29.67 33.01
C LYS A 131 -9.77 -29.10 34.42
N GLN A 132 -10.52 -28.02 34.57
CA GLN A 132 -10.73 -27.39 35.86
C GLN A 132 -12.23 -27.21 36.02
N LYS A 133 -12.66 -26.70 37.17
CA LYS A 133 -14.07 -26.37 37.39
C LYS A 133 -14.12 -24.90 37.75
N VAL A 134 -14.89 -24.14 36.98
CA VAL A 134 -14.97 -22.69 37.11
C VAL A 134 -16.40 -22.34 37.47
N TYR A 135 -16.55 -21.49 38.48
CA TYR A 135 -17.82 -20.91 38.84
C TYR A 135 -17.74 -19.43 38.52
N SER A 136 -18.78 -18.89 37.90
CA SER A 136 -18.80 -17.48 37.57
C SER A 136 -20.24 -17.01 37.51
N LEU A 137 -20.42 -15.70 37.60
CA LEU A 137 -21.74 -15.12 37.48
C LEU A 137 -21.90 -14.54 36.08
N PHE A 138 -23.09 -14.74 35.52
CA PHE A 138 -23.47 -14.20 34.22
C PHE A 138 -24.79 -13.47 34.36
N TYR A 139 -25.01 -12.49 33.48
CA TYR A 139 -26.29 -11.82 33.47
C TYR A 139 -27.27 -12.65 32.66
N ARG A 140 -28.54 -12.59 33.04
CA ARG A 140 -29.59 -13.34 32.36
C ARG A 140 -29.60 -13.05 30.86
N LEU A 141 -29.33 -11.81 30.47
CA LEU A 141 -29.43 -11.43 29.07
C LEU A 141 -28.34 -12.04 28.20
N ASP A 142 -27.29 -12.61 28.78
CA ASP A 142 -26.21 -13.24 28.04
C ASP A 142 -26.30 -14.76 28.00
N VAL A 143 -27.28 -15.36 28.67
CA VAL A 143 -27.36 -16.81 28.83
C VAL A 143 -28.72 -17.30 28.35
N VAL A 144 -28.72 -18.34 27.50
CA VAL A 144 -29.92 -18.93 26.90
C VAL A 144 -30.10 -20.35 27.44
N GLN A 145 -31.31 -20.66 27.92
CA GLN A 145 -31.60 -21.98 28.47
C GLN A 145 -31.67 -23.04 27.36
N ILE A 146 -31.07 -24.20 27.64
CA ILE A 146 -31.07 -25.31 26.69
C ILE A 146 -32.26 -26.23 26.92
N ASN A 147 -32.49 -26.60 28.20
CA ASN A 147 -33.51 -27.56 28.66
C ASN A 147 -32.99 -28.98 28.47
N ASN A 158 -30.03 -27.70 39.32
CA ASN A 158 -29.41 -26.79 38.36
C ASN A 158 -30.03 -27.00 36.99
N LYS A 159 -30.04 -25.96 36.16
CA LYS A 159 -30.52 -26.06 34.79
C LYS A 159 -29.37 -25.88 33.81
N GLU A 160 -29.49 -26.50 32.63
CA GLU A 160 -28.48 -26.38 31.59
C GLU A 160 -28.70 -25.14 30.72
N TYR A 161 -27.64 -24.36 30.55
CA TYR A 161 -27.63 -23.13 29.76
C TYR A 161 -26.43 -23.08 28.83
N ARG A 162 -26.53 -22.23 27.80
CA ARG A 162 -25.42 -21.93 26.90
C ARG A 162 -25.33 -20.42 26.76
N LEU A 163 -24.17 -19.93 26.32
CA LEU A 163 -24.12 -18.50 26.02
C LEU A 163 -24.93 -18.19 24.77
N ILE A 164 -25.53 -17.00 24.77
CA ILE A 164 -26.40 -16.58 23.67
C ILE A 164 -25.69 -16.61 22.32
N ASN A 165 -24.38 -16.37 22.29
CA ASN A 165 -23.66 -16.35 21.02
C ASN A 165 -23.33 -17.71 20.44
N CYS A 166 -23.49 -18.80 21.19
CA CYS A 166 -23.05 -20.09 20.69
C CYS A 166 -23.82 -20.52 19.45
N ASN A 167 -25.02 -19.99 19.28
CA ASN A 167 -25.94 -20.26 18.19
C ASN A 167 -25.69 -19.35 16.99
N THR A 168 -24.79 -18.36 17.12
CA THR A 168 -24.51 -17.40 16.06
C THR A 168 -23.02 -17.28 15.71
N SER A 169 -22.15 -17.06 16.69
CA SER A 169 -20.76 -16.75 16.35
C SER A 169 -19.83 -16.98 17.53
N ALA A 170 -18.53 -16.92 17.24
CA ALA A 170 -17.47 -17.00 18.23
C ALA A 170 -17.29 -15.67 18.94
N ILE A 171 -16.73 -15.73 20.15
CA ILE A 171 -16.47 -14.58 21.00
C ILE A 171 -14.99 -14.25 21.06
N THR A 172 -14.69 -12.97 20.83
CA THR A 172 -13.36 -12.44 21.01
C THR A 172 -13.44 -11.66 22.31
N GLN A 173 -12.51 -11.92 23.24
CA GLN A 173 -12.51 -11.18 24.49
C GLN A 173 -11.84 -9.84 24.28
N ALA A 174 -12.49 -8.76 24.69
CA ALA A 174 -11.84 -7.47 24.55
C ALA A 174 -10.63 -7.43 25.46
N CYS A 175 -9.56 -6.80 25.00
CA CYS A 175 -8.38 -6.68 25.83
C CYS A 175 -8.67 -5.79 27.03
N PRO A 176 -8.45 -6.26 28.27
CA PRO A 176 -8.87 -5.47 29.45
C PRO A 176 -8.14 -4.15 29.62
N LYS A 177 -7.01 -3.96 28.96
CA LYS A 177 -6.20 -2.76 29.09
C LYS A 177 -6.62 -1.63 28.14
N VAL A 178 -7.59 -1.85 27.25
CA VAL A 178 -7.94 -0.86 26.24
C VAL A 178 -9.25 -0.21 26.65
N SER A 179 -9.18 1.10 26.86
CA SER A 179 -10.30 1.96 27.24
C SER A 179 -11.25 2.19 26.08
N PHE A 180 -12.52 2.40 26.42
CA PHE A 180 -13.57 2.71 25.45
C PHE A 180 -13.94 4.19 25.44
N GLU A 181 -13.25 5.03 26.21
CA GLU A 181 -13.60 6.43 26.30
C GLU A 181 -13.43 7.15 24.96
N PRO A 182 -14.46 7.83 24.43
CA PRO A 182 -14.30 8.53 23.15
C PRO A 182 -13.16 9.55 23.16
N ILE A 183 -12.42 9.58 22.07
CA ILE A 183 -11.32 10.52 21.86
C ILE A 183 -11.73 11.43 20.70
N PRO A 184 -11.71 12.77 20.84
CA PRO A 184 -12.07 13.62 19.70
C PRO A 184 -11.19 13.35 18.49
N ILE A 185 -11.82 13.15 17.33
CA ILE A 185 -11.12 12.91 16.06
C ILE A 185 -11.40 14.06 15.09
N HIS A 186 -10.34 14.58 14.49
CA HIS A 186 -10.43 15.66 13.51
C HIS A 186 -10.23 15.11 12.10
N TYR A 187 -11.13 15.45 11.17
CA TYR A 187 -10.97 15.04 9.78
C TYR A 187 -10.42 16.21 8.98
N CYS A 188 -9.34 15.95 8.22
CA CYS A 188 -8.61 16.99 7.50
C CYS A 188 -8.64 16.69 6.01
N ALA A 189 -8.80 17.73 5.21
CA ALA A 189 -8.81 17.54 3.77
C ALA A 189 -7.39 17.31 3.22
N PRO A 190 -7.26 16.50 2.17
CA PRO A 190 -5.97 16.41 1.47
C PRO A 190 -5.76 17.67 0.64
N ALA A 191 -4.51 17.90 0.23
CA ALA A 191 -4.22 19.03 -0.63
C ALA A 191 -5.05 18.93 -1.91
N GLY A 192 -5.50 20.08 -2.39
CA GLY A 192 -6.36 20.14 -3.56
C GLY A 192 -7.83 20.16 -3.21
N PHE A 193 -8.17 19.91 -1.94
CA PHE A 193 -9.53 19.87 -1.42
C PHE A 193 -9.63 20.82 -0.23
N ALA A 194 -10.86 21.20 0.10
CA ALA A 194 -11.13 22.09 1.23
C ALA A 194 -12.42 21.66 1.90
N ILE A 195 -12.56 21.96 3.20
CA ILE A 195 -13.80 21.68 3.93
C ILE A 195 -14.50 23.00 4.18
N LEU A 196 -15.76 23.08 3.77
CA LEU A 196 -16.58 24.26 3.96
C LEU A 196 -17.49 24.03 5.15
N LYS A 197 -17.46 24.97 6.11
CA LYS A 197 -18.25 24.92 7.32
C LYS A 197 -19.40 25.91 7.19
N CYS A 198 -20.63 25.41 7.36
CA CYS A 198 -21.84 26.20 7.15
C CYS A 198 -21.89 27.48 7.99
N LYS A 199 -21.85 27.33 9.32
CA LYS A 199 -21.91 28.42 10.29
C LYS A 199 -23.20 29.25 10.20
N ASP A 200 -24.22 28.78 9.47
CA ASP A 200 -25.47 29.52 9.33
C ASP A 200 -26.37 29.10 10.48
N LYS A 201 -26.65 30.04 11.38
CA LYS A 201 -27.39 29.71 12.59
C LYS A 201 -28.79 29.21 12.21
N LYS A 202 -29.22 28.14 12.88
CA LYS A 202 -30.49 27.48 12.63
C LYS A 202 -30.52 26.76 11.29
N PHE A 203 -29.36 26.40 10.75
CA PHE A 203 -29.31 25.61 9.54
C PHE A 203 -29.92 24.24 9.81
N ASN A 204 -30.84 23.82 8.96
CA ASN A 204 -31.61 22.60 9.16
C ASN A 204 -31.08 21.39 8.37
N GLY A 205 -29.85 21.46 7.87
CA GLY A 205 -29.22 20.35 7.19
C GLY A 205 -29.25 20.39 5.67
N THR A 206 -30.12 21.20 5.07
CA THR A 206 -30.18 21.32 3.61
C THR A 206 -30.31 22.78 3.23
N GLY A 207 -29.87 23.09 2.01
CA GLY A 207 -30.04 24.40 1.45
C GLY A 207 -28.81 25.29 1.59
N PRO A 208 -28.91 26.53 1.11
CA PRO A 208 -27.75 27.43 1.14
C PRO A 208 -27.38 27.88 2.56
N CYS A 209 -26.09 28.04 2.76
CA CYS A 209 -25.52 28.64 3.98
C CYS A 209 -24.88 29.96 3.56
N GLN A 210 -25.20 31.03 4.28
CA GLN A 210 -24.69 32.36 3.96
C GLN A 210 -23.48 32.77 4.80
N ASN A 211 -23.03 31.93 5.73
CA ASN A 211 -21.91 32.21 6.62
C ASN A 211 -20.77 31.22 6.40
N VAL A 212 -20.69 30.68 5.18
CA VAL A 212 -19.74 29.62 4.87
C VAL A 212 -18.30 30.09 5.06
N SER A 213 -17.50 29.26 5.72
CA SER A 213 -16.08 29.54 5.93
C SER A 213 -15.31 28.31 5.47
N THR A 214 -14.04 28.51 5.11
CA THR A 214 -13.18 27.41 4.69
C THR A 214 -12.26 27.00 5.82
N VAL A 215 -12.20 25.69 6.08
CA VAL A 215 -11.33 25.12 7.10
C VAL A 215 -10.52 23.98 6.47
N GLN A 216 -9.41 23.68 7.13
CA GLN A 216 -8.54 22.56 6.79
C GLN A 216 -9.02 21.28 7.46
N CYS A 217 -9.44 21.39 8.72
CA CYS A 217 -9.87 20.27 9.53
C CYS A 217 -11.18 20.60 10.25
N THR A 218 -11.95 19.56 10.55
CA THR A 218 -13.16 19.71 11.33
C THR A 218 -12.83 19.87 12.81
N HIS A 219 -13.84 20.18 13.62
CA HIS A 219 -13.61 20.26 15.05
C HIS A 219 -13.41 18.84 15.57
N GLY A 220 -13.07 18.72 16.85
CA GLY A 220 -12.88 17.36 17.33
C GLY A 220 -14.25 16.76 17.58
N ILE A 221 -14.51 15.66 16.89
CA ILE A 221 -15.79 14.96 16.98
C ILE A 221 -15.53 13.71 17.80
N LYS A 222 -16.27 13.55 18.89
CA LYS A 222 -16.07 12.39 19.73
C LYS A 222 -16.88 11.23 19.17
N PRO A 223 -16.29 10.04 18.99
CA PRO A 223 -17.10 8.92 18.47
C PRO A 223 -17.97 8.33 19.57
N VAL A 224 -18.94 9.11 20.04
CA VAL A 224 -19.81 8.66 21.12
C VAL A 224 -20.85 7.75 20.50
N VAL A 225 -21.00 6.56 21.07
CA VAL A 225 -21.92 5.55 20.59
C VAL A 225 -23.10 5.47 21.53
N SER A 226 -24.30 5.67 21.01
CA SER A 226 -25.50 5.62 21.82
C SER A 226 -26.69 5.40 20.89
N THR A 227 -27.82 5.03 21.49
CA THR A 227 -29.09 4.93 20.78
C THR A 227 -30.11 5.86 21.42
N GLN A 228 -31.11 6.25 20.62
CA GLN A 228 -32.26 7.03 21.06
C GLN A 228 -31.91 8.44 21.52
N LEU A 229 -31.01 8.54 22.49
CA LEU A 229 -30.50 9.80 23.03
C LEU A 229 -29.05 9.96 22.61
N LEU A 230 -28.70 11.15 22.11
CA LEU A 230 -27.34 11.44 21.68
C LEU A 230 -26.63 12.16 22.82
N LEU A 231 -25.53 11.57 23.29
CA LEU A 231 -24.80 12.09 24.44
C LEU A 231 -23.52 12.79 24.02
N ASN A 232 -23.11 13.78 24.84
CA ASN A 232 -21.82 14.46 24.73
C ASN A 232 -21.57 15.02 23.33
N GLY A 233 -22.62 15.57 22.71
CA GLY A 233 -22.51 16.19 21.41
C GLY A 233 -22.52 17.70 21.50
N SER A 234 -22.72 18.34 20.34
CA SER A 234 -22.78 19.80 20.30
C SER A 234 -24.22 20.25 20.54
N LEU A 235 -24.37 21.51 20.93
CA LEU A 235 -25.68 22.12 21.14
C LEU A 235 -26.03 23.14 20.05
N ALA A 236 -27.33 23.31 19.84
CA ALA A 236 -27.84 24.29 18.89
C ALA A 236 -27.51 25.70 19.40
N GLU A 237 -27.28 26.61 18.45
CA GLU A 237 -26.88 27.96 18.85
C GLU A 237 -27.98 28.76 19.52
N GLU A 238 -29.22 28.70 19.01
CA GLU A 238 -30.30 29.52 19.55
C GLU A 238 -31.59 28.78 19.92
N GLU A 239 -31.92 27.72 19.19
CA GLU A 239 -33.18 27.02 19.41
C GLU A 239 -33.02 25.57 19.00
N VAL A 240 -33.94 24.72 19.46
CA VAL A 240 -33.90 23.32 19.10
C VAL A 240 -34.10 23.23 17.59
N ILE A 241 -33.24 22.46 16.91
CA ILE A 241 -33.28 22.32 15.46
C ILE A 241 -33.73 20.90 15.14
N ILE A 242 -34.79 20.78 14.34
CA ILE A 242 -35.33 19.49 13.93
C ILE A 242 -34.94 19.30 12.47
N ARG A 243 -34.17 18.24 12.19
CA ARG A 243 -33.66 17.96 10.86
C ARG A 243 -34.15 16.60 10.38
N SER A 244 -34.54 16.52 9.11
CA SER A 244 -34.94 15.23 8.55
C SER A 244 -34.72 15.26 7.05
N GLU A 245 -34.49 14.07 6.48
CA GLU A 245 -34.36 13.97 5.03
C GLU A 245 -35.66 14.35 4.33
N ASN A 246 -36.78 13.86 4.88
CA ASN A 246 -38.11 14.13 4.34
C ASN A 246 -39.04 14.11 5.55
N ILE A 247 -39.45 15.30 6.01
CA ILE A 247 -40.23 15.41 7.23
C ILE A 247 -41.62 14.78 7.12
N THR A 248 -42.11 14.50 5.91
CA THR A 248 -43.42 13.91 5.72
C THR A 248 -43.36 12.42 5.41
N ASN A 249 -42.17 11.82 5.37
CA ASN A 249 -41.99 10.40 5.09
C ASN A 249 -41.75 9.71 6.43
N ASN A 250 -42.72 8.90 6.86
CA ASN A 250 -42.62 8.30 8.19
C ASN A 250 -41.62 7.15 8.26
N ALA A 251 -40.93 6.82 7.17
CA ALA A 251 -39.87 5.82 7.16
C ALA A 251 -38.50 6.40 7.48
N LYS A 252 -38.38 7.71 7.64
CA LYS A 252 -37.12 8.40 7.88
C LYS A 252 -37.01 8.80 9.35
N ASN A 253 -35.78 8.97 9.81
CA ASN A 253 -35.53 9.40 11.18
C ASN A 253 -35.49 10.91 11.24
N ILE A 254 -35.85 11.43 12.41
CA ILE A 254 -35.82 12.86 12.73
C ILE A 254 -34.73 13.07 13.76
N LEU A 255 -33.78 13.97 13.47
CA LEU A 255 -32.68 14.27 14.37
C LEU A 255 -32.98 15.62 15.03
N VAL A 256 -33.08 15.62 16.35
CA VAL A 256 -33.42 16.82 17.12
C VAL A 256 -32.16 17.25 17.85
N GLN A 257 -31.66 18.44 17.55
CA GLN A 257 -30.47 18.98 18.20
C GLN A 257 -30.94 20.00 19.22
N LEU A 258 -30.62 19.76 20.49
CA LEU A 258 -31.07 20.63 21.56
C LEU A 258 -30.15 21.85 21.64
N ASN A 259 -30.69 22.97 22.14
CA ASN A 259 -29.86 24.14 22.38
C ASN A 259 -29.28 24.14 23.79
N THR A 260 -29.86 23.37 24.70
CA THR A 260 -29.38 23.20 26.06
C THR A 260 -29.25 21.71 26.31
N SER A 261 -28.28 21.33 27.14
CA SER A 261 -28.10 19.91 27.46
C SER A 261 -28.91 19.53 28.69
N VAL A 262 -29.15 18.24 28.83
CA VAL A 262 -29.82 17.66 30.00
C VAL A 262 -28.86 16.65 30.61
N GLN A 263 -28.59 16.76 31.91
CA GLN A 263 -27.66 15.79 32.48
C GLN A 263 -28.40 14.50 32.78
N ILE A 264 -27.71 13.39 32.54
CA ILE A 264 -28.19 12.04 32.88
C ILE A 264 -27.11 11.41 33.76
N ASN A 265 -27.49 11.05 34.98
CA ASN A 265 -26.57 10.47 35.95
C ASN A 265 -26.80 8.97 36.02
N CYS A 266 -25.85 8.18 35.49
CA CYS A 266 -26.00 6.74 35.37
C CYS A 266 -25.06 6.05 36.33
N THR A 267 -25.53 4.95 36.93
CA THR A 267 -24.72 4.22 37.89
C THR A 267 -24.98 2.72 37.83
N ARG A 268 -23.95 1.98 38.30
CA ARG A 268 -23.95 0.54 38.51
C ARG A 268 -23.51 0.44 39.97
N PRO A 269 -24.45 0.63 40.91
CA PRO A 269 -24.11 0.78 42.33
C PRO A 269 -23.41 -0.38 43.00
N SER A 270 -23.56 -1.62 42.52
CA SER A 270 -22.93 -2.73 43.21
C SER A 270 -21.41 -2.71 43.08
N ASN A 271 -20.75 -3.13 44.16
CA ASN A 271 -19.30 -3.25 44.21
C ASN A 271 -18.93 -4.67 43.80
N ASN A 272 -18.58 -4.84 42.53
CA ASN A 272 -18.32 -6.14 41.94
C ASN A 272 -16.81 -6.38 41.92
N THR A 273 -16.41 -7.65 42.00
CA THR A 273 -15.02 -8.02 41.82
C THR A 273 -14.85 -8.79 40.54
N VAL A 274 -13.60 -8.98 40.15
CA VAL A 274 -13.24 -9.65 38.91
C VAL A 274 -12.21 -10.72 39.23
N LYS A 275 -12.44 -11.92 38.71
CA LYS A 275 -11.55 -13.05 38.87
C LYS A 275 -10.97 -13.37 37.50
N SER A 276 -9.85 -14.08 37.49
CA SER A 276 -9.20 -14.42 36.23
C SER A 276 -8.57 -15.80 36.32
N ILE A 277 -8.73 -16.55 35.22
CA ILE A 277 -8.16 -17.88 35.07
C ILE A 277 -7.43 -17.94 33.75
N ARG A 278 -6.48 -18.86 33.63
CA ARG A 278 -5.81 -19.08 32.37
C ARG A 278 -6.52 -20.20 31.61
N ILE A 279 -6.66 -20.03 30.29
CA ILE A 279 -7.38 -20.98 29.46
C ILE A 279 -6.51 -21.55 28.35
N GLY A 280 -5.22 -21.26 28.34
CA GLY A 280 -4.33 -21.74 27.31
C GLY A 280 -2.98 -21.07 27.47
N PRO A 281 -1.98 -21.48 26.70
CA PRO A 281 -0.68 -20.81 26.82
C PRO A 281 -0.83 -19.35 26.44
N GLY A 282 -0.61 -18.49 27.43
CA GLY A 282 -0.69 -17.06 27.25
C GLY A 282 -2.10 -16.51 27.21
N GLN A 283 -3.12 -17.34 27.39
CA GLN A 283 -4.51 -16.92 27.31
C GLN A 283 -5.08 -16.81 28.71
N ALA A 284 -5.91 -15.79 28.94
CA ALA A 284 -6.59 -15.64 30.21
C ALA A 284 -8.00 -15.11 30.00
N PHE A 285 -8.91 -15.66 30.78
CA PHE A 285 -10.32 -15.30 30.77
C PHE A 285 -10.65 -14.59 32.07
N TYR A 286 -11.25 -13.40 31.94
CA TYR A 286 -11.65 -12.57 33.06
C TYR A 286 -13.15 -12.71 33.21
N TYR A 287 -13.61 -12.84 34.46
CA TYR A 287 -15.04 -13.02 34.68
C TYR A 287 -15.51 -12.38 35.96
N PHE A 288 -16.83 -12.22 36.01
CA PHE A 288 -17.53 -11.59 37.11
C PHE A 288 -17.60 -12.53 38.30
N GLY A 289 -17.03 -12.10 39.42
CA GLY A 289 -16.96 -12.87 40.64
C GLY A 289 -18.05 -12.45 41.61
N ASP A 290 -17.75 -12.57 42.90
CA ASP A 290 -18.73 -12.29 43.93
C ASP A 290 -19.17 -10.82 43.90
N VAL A 291 -20.38 -10.57 44.38
CA VAL A 291 -20.86 -9.21 44.61
C VAL A 291 -20.58 -8.89 46.08
N LEU A 292 -19.81 -7.83 46.31
CA LEU A 292 -19.34 -7.49 47.66
C LEU A 292 -20.35 -6.59 48.36
N GLY A 293 -21.52 -7.15 48.61
CA GLY A 293 -22.63 -6.43 49.20
C GLY A 293 -23.94 -6.81 48.52
N HIS A 294 -24.90 -5.91 48.62
CA HIS A 294 -26.22 -6.16 48.03
C HIS A 294 -26.15 -6.06 46.52
N VAL A 295 -27.01 -6.83 45.85
CA VAL A 295 -27.17 -6.75 44.41
C VAL A 295 -28.16 -5.62 44.13
N ARG A 296 -27.74 -4.64 43.34
CA ARG A 296 -28.55 -3.48 43.01
C ARG A 296 -28.59 -3.29 41.51
N MET A 297 -29.71 -2.76 41.01
CA MET A 297 -29.89 -2.57 39.58
C MET A 297 -29.25 -1.27 39.11
N ALA A 298 -28.63 -1.33 37.94
CA ALA A 298 -28.09 -0.12 37.34
C ALA A 298 -29.24 0.79 36.93
N HIS A 299 -29.01 2.10 37.02
CA HIS A 299 -30.08 3.02 36.66
C HIS A 299 -29.52 4.38 36.31
N CYS A 300 -30.36 5.19 35.65
CA CYS A 300 -30.01 6.56 35.30
C CYS A 300 -31.07 7.54 35.80
N ASN A 301 -30.62 8.69 36.29
CA ASN A 301 -31.51 9.73 36.80
C ASN A 301 -31.49 10.95 35.87
N ILE A 302 -32.69 11.41 35.50
CA ILE A 302 -32.91 12.64 34.73
C ILE A 302 -33.85 13.54 35.51
N SER A 303 -33.51 14.81 35.68
CA SER A 303 -34.41 15.71 36.41
C SER A 303 -35.72 15.84 35.64
N LYS A 304 -36.84 15.78 36.36
CA LYS A 304 -38.15 15.85 35.70
C LYS A 304 -38.43 17.22 35.08
N ALA A 305 -38.11 18.31 35.79
CA ALA A 305 -38.43 19.63 35.27
C ALA A 305 -37.65 19.95 34.01
N THR A 306 -36.37 19.56 33.98
CA THR A 306 -35.54 19.86 32.84
C THR A 306 -36.05 19.10 31.62
N TRP A 307 -36.37 17.82 31.80
CA TRP A 307 -36.89 17.04 30.68
C TRP A 307 -38.21 17.61 30.19
N ASN A 308 -39.09 18.00 31.12
CA ASN A 308 -40.40 18.52 30.73
C ASN A 308 -40.25 19.79 29.88
N GLU A 309 -39.32 20.67 30.26
CA GLU A 309 -39.09 21.87 29.46
C GLU A 309 -38.46 21.54 28.11
N THR A 310 -37.51 20.59 28.10
CA THR A 310 -36.85 20.22 26.86
C THR A 310 -37.85 19.63 25.89
N LEU A 311 -38.73 18.76 26.40
CA LEU A 311 -39.69 18.10 25.55
C LEU A 311 -40.70 19.11 25.04
N GLY A 312 -41.10 20.08 25.87
CA GLY A 312 -42.02 21.09 25.37
C GLY A 312 -41.42 21.90 24.23
N LYS A 313 -40.12 22.20 24.33
CA LYS A 313 -39.46 22.92 23.24
C LYS A 313 -39.47 22.09 21.97
N VAL A 314 -39.24 20.79 22.12
CA VAL A 314 -39.25 19.89 20.96
C VAL A 314 -40.63 19.88 20.34
N VAL A 315 -41.67 19.85 21.18
CA VAL A 315 -43.03 19.85 20.65
C VAL A 315 -43.30 21.11 19.85
N LYS A 316 -42.89 22.28 20.36
CA LYS A 316 -43.11 23.51 19.61
C LYS A 316 -42.45 23.44 18.23
N GLN A 317 -41.25 22.88 18.19
CA GLN A 317 -40.56 22.81 16.90
C GLN A 317 -41.22 21.79 15.99
N LEU A 318 -41.83 20.74 16.56
CA LEU A 318 -42.57 19.80 15.72
C LEU A 318 -43.84 20.44 15.20
N ARG A 319 -44.50 21.26 16.04
CA ARG A 319 -45.74 21.92 15.62
C ARG A 319 -45.49 22.79 14.40
N LYS A 320 -44.30 23.39 14.31
CA LYS A 320 -44.00 24.21 13.14
C LYS A 320 -44.10 23.44 11.83
N HIS A 321 -43.98 22.10 11.86
CA HIS A 321 -44.09 21.28 10.66
C HIS A 321 -45.37 20.46 10.58
N PHE A 322 -46.02 20.17 11.70
CA PHE A 322 -47.19 19.30 11.75
C PHE A 322 -48.51 20.03 12.03
N GLY A 323 -48.46 21.31 12.39
CA GLY A 323 -49.68 22.07 12.64
C GLY A 323 -49.87 22.58 14.06
N ASN A 324 -50.36 23.81 14.15
CA ASN A 324 -50.56 24.49 15.43
C ASN A 324 -51.63 23.84 16.29
N ASN A 325 -52.56 23.08 15.69
CA ASN A 325 -53.63 22.41 16.41
C ASN A 325 -53.52 20.88 16.35
N THR A 326 -52.34 20.37 16.03
CA THR A 326 -52.11 18.93 15.96
C THR A 326 -51.65 18.46 17.33
N ILE A 327 -52.15 17.31 17.76
CA ILE A 327 -51.76 16.75 19.05
C ILE A 327 -50.45 16.00 18.86
N ILE A 328 -49.46 16.30 19.70
CA ILE A 328 -48.16 15.64 19.61
C ILE A 328 -48.01 14.72 20.80
N ARG A 329 -47.92 13.41 20.54
CA ARG A 329 -47.84 12.42 21.61
C ARG A 329 -46.52 11.68 21.50
N PHE A 330 -45.90 11.42 22.66
CA PHE A 330 -44.69 10.63 22.75
C PHE A 330 -45.05 9.31 23.42
N ALA A 331 -44.42 8.24 22.93
CA ALA A 331 -44.63 6.89 23.41
C ALA A 331 -43.33 6.12 23.36
N GLN A 332 -43.27 5.05 24.13
CA GLN A 332 -42.10 4.18 24.17
C GLN A 332 -41.97 3.37 22.88
N SER A 333 -40.73 2.95 22.58
CA SER A 333 -40.50 2.11 21.43
C SER A 333 -41.26 0.80 21.58
N SER A 334 -41.77 0.29 20.46
CA SER A 334 -42.59 -0.93 20.50
C SER A 334 -41.78 -2.20 20.25
N GLY A 335 -41.63 -2.62 18.99
CA GLY A 335 -40.97 -3.86 18.69
C GLY A 335 -39.46 -3.73 18.55
N GLY A 336 -38.84 -4.85 18.22
CA GLY A 336 -37.40 -4.95 18.05
C GLY A 336 -36.74 -5.59 19.25
N ASP A 337 -35.42 -5.75 19.13
CA ASP A 337 -34.63 -6.39 20.18
C ASP A 337 -34.24 -5.35 21.23
N LEU A 338 -33.49 -5.81 22.24
CA LEU A 338 -33.14 -4.93 23.35
C LEU A 338 -32.29 -3.76 22.88
N GLU A 339 -31.38 -4.01 21.95
CA GLU A 339 -30.46 -2.98 21.48
C GLU A 339 -31.18 -1.78 20.87
N VAL A 340 -32.27 -2.01 20.13
CA VAL A 340 -33.02 -0.91 19.53
C VAL A 340 -34.08 -0.33 20.47
N THR A 341 -34.72 -1.14 21.30
CA THR A 341 -35.81 -0.63 22.13
C THR A 341 -35.32 0.11 23.38
N THR A 342 -34.07 -0.09 23.80
CA THR A 342 -33.47 0.63 24.92
C THR A 342 -32.44 1.64 24.46
N HIS A 343 -32.01 2.44 25.43
CA HIS A 343 -30.93 3.41 25.26
C HIS A 343 -29.63 2.70 25.61
N SER A 344 -28.84 2.40 24.58
CA SER A 344 -27.59 1.67 24.77
C SER A 344 -26.44 2.67 24.90
N PHE A 345 -25.55 2.43 25.85
CA PHE A 345 -24.36 3.28 25.94
C PHE A 345 -23.28 2.57 26.75
N ASN A 346 -22.05 3.07 26.61
CA ASN A 346 -20.90 2.57 27.36
C ASN A 346 -20.54 3.54 28.48
N CYS A 347 -20.73 3.11 29.73
CA CYS A 347 -20.49 3.90 30.93
C CYS A 347 -19.53 3.15 31.85
N GLY A 348 -18.31 3.67 31.97
CA GLY A 348 -17.33 3.04 32.85
C GLY A 348 -16.71 1.80 32.28
N GLY A 349 -17.04 1.45 31.05
CA GLY A 349 -16.62 0.24 30.40
C GLY A 349 -17.72 -0.79 30.34
N GLU A 350 -18.82 -0.57 31.07
CA GLU A 350 -19.96 -1.48 31.03
C GLU A 350 -20.93 -0.97 29.99
N PHE A 351 -21.70 -1.90 29.41
CA PHE A 351 -22.70 -1.56 28.41
C PHE A 351 -24.08 -1.56 29.07
N PHE A 352 -24.69 -0.37 29.14
CA PHE A 352 -25.98 -0.15 29.78
C PHE A 352 -27.05 -0.14 28.72
N TYR A 353 -28.21 -0.70 29.04
CA TYR A 353 -29.41 -0.73 28.20
C TYR A 353 -30.59 -0.22 29.02
N CYS A 354 -30.83 1.09 28.95
CA CYS A 354 -31.81 1.76 29.80
C CYS A 354 -33.20 1.78 29.15
N ASN A 355 -34.22 1.51 29.98
CA ASN A 355 -35.60 1.38 29.49
C ASN A 355 -36.07 2.61 28.70
N THR A 356 -35.91 3.81 29.28
CA THR A 356 -36.32 5.11 28.72
C THR A 356 -37.82 5.35 28.61
N SER A 357 -38.70 4.38 28.93
CA SER A 357 -40.11 4.60 28.63
C SER A 357 -40.69 5.78 29.40
N GLY A 358 -40.11 6.11 30.55
CA GLY A 358 -40.59 7.23 31.34
C GLY A 358 -40.35 8.58 30.72
N LEU A 359 -39.50 8.65 29.68
CA LEU A 359 -39.19 9.88 28.97
C LEU A 359 -40.11 10.16 27.81
N PHE A 360 -40.83 9.14 27.30
CA PHE A 360 -41.67 9.26 26.12
C PHE A 360 -43.03 8.67 26.49
N ASN A 361 -43.76 9.40 27.33
CA ASN A 361 -44.96 8.94 27.99
C ASN A 361 -45.87 10.15 28.18
N SER A 362 -46.23 10.84 27.08
CA SER A 362 -47.02 12.06 27.28
C SER A 362 -47.79 12.43 26.02
N THR A 363 -48.86 13.20 26.23
CA THR A 363 -49.64 13.78 25.13
C THR A 363 -49.69 15.29 25.32
N TRP A 364 -49.27 16.01 24.28
CA TRP A 364 -49.18 17.46 24.25
C TRP A 364 -50.31 18.04 23.40
N ILE A 365 -51.21 18.76 24.06
CA ILE A 365 -52.40 19.35 23.48
C ILE A 365 -52.28 20.87 23.60
N SER A 366 -52.43 21.56 22.47
CA SER A 366 -52.31 23.02 22.42
C SER A 366 -53.15 23.73 23.47
N ASP A 380 -38.49 14.27 42.54
CA ASP A 380 -37.84 15.31 41.75
C ASP A 380 -37.18 14.75 40.50
N SER A 381 -36.65 13.53 40.58
CA SER A 381 -35.93 12.89 39.49
C SER A 381 -36.68 11.69 38.95
N LEU A 382 -36.48 11.43 37.66
CA LEU A 382 -37.01 10.27 36.96
C LEU A 382 -35.90 9.22 36.89
N ILE A 383 -36.20 8.02 37.38
CA ILE A 383 -35.25 6.92 37.47
C ILE A 383 -35.56 5.92 36.38
N LEU A 384 -34.58 5.68 35.50
CA LEU A 384 -34.70 4.75 34.39
C LEU A 384 -33.99 3.46 34.73
N PRO A 385 -34.68 2.31 34.80
CA PRO A 385 -33.95 1.04 35.00
C PRO A 385 -33.05 0.74 33.82
N CYS A 386 -31.89 0.16 34.10
CA CYS A 386 -30.94 -0.22 33.07
C CYS A 386 -30.43 -1.63 33.31
N TRP A 387 -30.21 -2.35 32.22
CA TRP A 387 -29.63 -3.70 32.25
C TRP A 387 -28.19 -3.66 31.73
N ILE A 388 -27.37 -4.58 32.23
CA ILE A 388 -25.97 -4.72 31.82
C ILE A 388 -25.80 -6.04 31.06
N LYS A 389 -25.11 -5.98 29.93
CA LYS A 389 -24.79 -7.15 29.12
C LYS A 389 -23.28 -7.21 28.90
N GLN A 390 -22.74 -8.42 28.91
CA GLN A 390 -21.32 -8.64 28.61
C GLN A 390 -21.06 -9.09 27.19
N ILE A 391 -22.02 -9.75 26.54
CA ILE A 391 -21.89 -10.23 25.17
C ILE A 391 -22.72 -9.33 24.27
N ILE A 392 -22.05 -8.62 23.36
CA ILE A 392 -22.68 -7.63 22.50
C ILE A 392 -22.37 -7.90 21.03
N ASN A 393 -23.20 -7.32 20.16
CA ASN A 393 -23.09 -7.41 18.70
C ASN A 393 -23.19 -5.98 18.20
N MET A 394 -22.04 -5.34 18.02
CA MET A 394 -21.99 -3.94 17.64
C MET A 394 -22.12 -3.73 16.14
N TRP A 395 -22.49 -2.49 15.78
CA TRP A 395 -22.60 -2.00 14.41
C TRP A 395 -23.65 -2.75 13.59
N GLN A 396 -24.60 -3.40 14.26
CA GLN A 396 -25.64 -4.20 13.64
C GLN A 396 -25.07 -5.32 12.78
N ARG A 397 -23.89 -5.83 13.13
CA ARG A 397 -23.32 -6.93 12.40
C ARG A 397 -23.72 -8.24 13.04
N ILE A 398 -23.93 -9.26 12.21
CA ILE A 398 -24.24 -10.61 12.67
C ILE A 398 -23.03 -11.45 12.31
N GLY A 399 -22.50 -12.17 13.29
CA GLY A 399 -21.35 -13.04 13.09
C GLY A 399 -20.08 -12.59 13.77
N GLN A 400 -20.03 -11.40 14.37
CA GLN A 400 -18.84 -10.89 15.05
C GLN A 400 -19.20 -10.40 16.46
N ALA A 401 -19.42 -11.34 17.37
CA ALA A 401 -19.82 -11.02 18.74
C ALA A 401 -18.59 -10.76 19.59
N MET A 402 -18.76 -9.90 20.61
CA MET A 402 -17.68 -9.54 21.53
C MET A 402 -18.11 -9.67 22.98
N TYR A 403 -17.18 -10.09 23.82
CA TYR A 403 -17.36 -10.21 25.27
C TYR A 403 -16.62 -9.08 25.96
N ALA A 404 -17.35 -8.30 26.77
CA ALA A 404 -16.77 -7.17 27.47
C ALA A 404 -16.37 -7.61 28.88
N PRO A 405 -15.09 -7.59 29.26
CA PRO A 405 -14.74 -8.00 30.62
C PRO A 405 -15.43 -7.16 31.67
N PRO A 406 -15.70 -7.71 32.84
CA PRO A 406 -16.33 -6.90 33.89
C PRO A 406 -15.39 -5.84 34.42
N ILE A 407 -15.99 -4.77 34.93
CA ILE A 407 -15.28 -3.64 35.52
C ILE A 407 -15.33 -3.73 37.04
N GLN A 408 -14.14 -3.65 37.66
CA GLN A 408 -14.01 -3.72 39.11
C GLN A 408 -14.53 -2.44 39.76
N GLY A 409 -15.24 -2.61 40.88
CA GLY A 409 -15.75 -1.49 41.63
C GLY A 409 -17.19 -1.10 41.34
N VAL A 410 -17.49 0.18 41.56
CA VAL A 410 -18.82 0.77 41.45
C VAL A 410 -18.71 1.80 40.35
N ILE A 411 -19.67 1.82 39.43
CA ILE A 411 -19.62 2.72 38.27
C ILE A 411 -20.60 3.86 38.43
N ARG A 412 -20.12 5.07 38.18
CA ARG A 412 -20.95 6.26 38.11
C ARG A 412 -20.41 7.13 36.99
N CYS A 413 -21.31 7.69 36.19
CA CYS A 413 -20.94 8.64 35.16
C CYS A 413 -22.06 9.64 34.99
N VAL A 414 -21.71 10.84 34.51
CA VAL A 414 -22.66 11.89 34.20
C VAL A 414 -22.45 12.28 32.75
N SER A 415 -23.50 12.20 31.94
CA SER A 415 -23.41 12.53 30.52
C SER A 415 -24.37 13.67 30.21
N ASN A 416 -24.08 14.35 29.11
CA ASN A 416 -24.91 15.44 28.61
C ASN A 416 -25.76 14.93 27.47
N ILE A 417 -27.09 15.01 27.61
CA ILE A 417 -27.99 14.67 26.50
C ILE A 417 -28.08 15.94 25.67
N THR A 418 -27.62 15.84 24.40
CA THR A 418 -27.56 16.98 23.49
C THR A 418 -28.50 16.85 22.32
N GLY A 419 -29.06 15.66 22.07
CA GLY A 419 -30.00 15.51 20.98
C GLY A 419 -30.74 14.20 21.08
N LEU A 420 -31.81 14.12 20.30
CA LEU A 420 -32.69 12.96 20.25
C LEU A 420 -32.85 12.47 18.82
N ILE A 421 -33.14 11.19 18.69
CA ILE A 421 -33.58 10.58 17.44
C ILE A 421 -35.02 10.19 17.65
N LEU A 422 -35.90 10.62 16.75
CA LEU A 422 -37.32 10.29 16.80
C LEU A 422 -37.76 9.70 15.48
N THR A 423 -38.77 8.85 15.54
CA THR A 423 -39.46 8.34 14.36
C THR A 423 -40.91 8.69 14.55
N ARG A 424 -41.67 8.70 13.45
CA ARG A 424 -43.09 9.02 13.50
C ARG A 424 -43.91 7.81 13.06
N ASP A 425 -45.03 7.62 13.72
CA ASP A 425 -45.92 6.51 13.42
C ASP A 425 -46.53 6.66 12.04
N SER A 431 -54.73 11.48 10.51
CA SER A 431 -55.61 11.77 11.64
C SER A 431 -55.24 13.12 12.25
N THR A 432 -55.59 13.33 13.53
CA THR A 432 -55.34 14.58 14.23
C THR A 432 -54.22 14.48 15.26
N THR A 433 -53.68 13.28 15.51
CA THR A 433 -52.63 13.07 16.51
C THR A 433 -51.47 12.36 15.85
N GLU A 434 -50.26 12.88 16.09
CA GLU A 434 -49.03 12.28 15.63
C GLU A 434 -48.37 11.61 16.82
N THR A 435 -47.76 10.44 16.59
CA THR A 435 -47.07 9.70 17.63
C THR A 435 -45.60 9.54 17.26
N PHE A 436 -44.73 9.90 18.19
CA PHE A 436 -43.29 9.83 18.04
C PHE A 436 -42.70 8.80 19.00
N ARG A 437 -41.67 8.09 18.54
CA ARG A 437 -40.98 7.07 19.33
C ARG A 437 -39.48 7.25 19.23
N PRO A 438 -38.72 6.78 20.23
CA PRO A 438 -37.24 6.92 20.19
C PRO A 438 -36.52 6.42 18.94
N GLY A 439 -37.01 5.40 18.24
CA GLY A 439 -36.31 4.95 17.04
C GLY A 439 -34.85 4.58 17.32
N GLY A 440 -33.96 5.08 16.45
CA GLY A 440 -32.53 4.84 16.63
C GLY A 440 -32.06 3.51 16.09
N GLY A 441 -30.77 3.25 16.35
CA GLY A 441 -30.10 2.03 15.97
C GLY A 441 -29.15 2.12 14.79
N ASP A 442 -29.27 3.11 13.90
CA ASP A 442 -28.35 3.25 12.77
C ASP A 442 -27.33 4.29 13.18
N MET A 443 -26.09 3.85 13.43
CA MET A 443 -25.08 4.73 13.97
C MET A 443 -24.71 5.90 13.07
N ARG A 444 -24.92 5.81 11.76
CA ARG A 444 -24.54 6.95 10.93
C ARG A 444 -25.37 8.18 11.24
N ASP A 445 -26.54 8.00 11.84
CA ASP A 445 -27.35 9.16 12.16
C ASP A 445 -26.72 9.93 13.29
N ASN A 446 -25.97 9.25 14.16
CA ASN A 446 -25.40 9.97 15.28
C ASN A 446 -24.28 10.85 14.75
N TRP A 447 -23.57 10.32 13.76
CA TRP A 447 -22.45 11.04 13.20
C TRP A 447 -22.96 12.15 12.30
N ARG A 448 -24.15 11.96 11.70
CA ARG A 448 -24.68 13.08 10.93
C ARG A 448 -24.92 14.28 11.82
N SER A 449 -25.29 14.04 13.09
CA SER A 449 -25.59 15.14 13.99
C SER A 449 -24.36 16.01 14.23
N GLU A 450 -23.17 15.52 13.93
CA GLU A 450 -21.94 16.30 14.07
C GLU A 450 -21.39 16.76 12.74
N LEU A 451 -21.54 15.97 11.67
CA LEU A 451 -20.98 16.28 10.37
C LEU A 451 -21.91 17.09 9.47
N TYR A 452 -23.14 17.38 9.91
CA TYR A 452 -24.09 18.11 9.08
C TYR A 452 -23.59 19.47 8.59
N LYS A 453 -22.65 20.10 9.30
CA LYS A 453 -22.19 21.44 8.90
C LYS A 453 -20.97 21.44 7.99
N TYR A 454 -20.40 20.29 7.64
CA TYR A 454 -19.21 20.23 6.81
C TYR A 454 -19.48 19.64 5.44
N LYS A 455 -18.83 20.22 4.43
CA LYS A 455 -18.89 19.76 3.05
C LYS A 455 -17.47 19.70 2.52
N VAL A 456 -17.15 18.68 1.71
CA VAL A 456 -15.83 18.55 1.10
C VAL A 456 -15.94 18.97 -0.36
N VAL A 457 -15.06 19.88 -0.80
CA VAL A 457 -15.05 20.31 -2.19
C VAL A 457 -13.64 20.17 -2.77
N LYS A 458 -13.58 19.99 -4.10
CA LYS A 458 -12.36 19.90 -4.87
C LYS A 458 -12.08 21.25 -5.52
N ILE A 459 -10.81 21.65 -5.50
CA ILE A 459 -10.37 22.91 -6.06
C ILE A 459 -10.02 22.71 -7.53
N GLU A 460 -10.52 23.60 -8.39
CA GLU A 460 -10.34 23.53 -9.85
C GLU A 460 -9.56 24.78 -10.25
N PRO A 461 -8.22 24.75 -10.17
CA PRO A 461 -7.44 25.99 -10.32
C PRO A 461 -7.41 26.59 -11.72
N LEU A 462 -7.80 25.88 -12.77
CA LEU A 462 -7.78 26.45 -14.12
C LEU A 462 -9.10 27.11 -14.49
N GLY A 463 -8.97 28.18 -15.28
CA GLY A 463 -10.12 28.84 -15.86
C GLY A 463 -9.66 29.78 -16.93
N VAL A 464 -10.63 30.27 -17.71
CA VAL A 464 -10.36 31.18 -18.81
C VAL A 464 -11.32 32.36 -18.71
N ALA A 465 -10.92 33.48 -19.31
CA ALA A 465 -11.79 34.64 -19.37
C ALA A 465 -11.32 35.56 -20.47
N PRO A 466 -12.21 36.34 -21.10
CA PRO A 466 -11.74 37.28 -22.12
C PRO A 466 -11.04 38.49 -21.50
N THR A 467 -9.96 38.93 -22.15
CA THR A 467 -9.31 40.19 -21.81
C THR A 467 -8.82 40.81 -23.11
N ARG A 468 -8.47 42.08 -23.06
CA ARG A 468 -7.84 42.73 -24.21
C ARG A 468 -6.33 42.49 -24.16
N CYS A 469 -5.95 41.23 -24.37
CA CYS A 469 -4.54 40.86 -24.23
C CYS A 469 -4.22 39.80 -25.28
N LYS A 470 -3.46 40.20 -26.29
CA LYS A 470 -3.08 39.33 -27.39
C LYS A 470 -1.63 38.89 -27.22
N ARG A 471 -1.37 37.59 -27.35
CA ARG A 471 0.00 37.12 -27.32
C ARG A 471 0.72 37.66 -28.55
N ARG A 472 1.89 38.24 -28.36
CA ARG A 472 2.65 38.78 -29.48
C ARG A 472 3.34 37.66 -30.24
N VAL B 2 -41.96 3.34 69.39
CA VAL B 2 -43.35 2.98 69.10
C VAL B 2 -43.79 1.93 70.11
N GLN B 3 -45.00 2.10 70.64
CA GLN B 3 -45.60 1.11 71.54
C GLN B 3 -46.99 0.74 71.03
N LEU B 4 -47.37 -0.53 71.26
CA LEU B 4 -48.68 -1.02 70.88
C LEU B 4 -49.43 -1.48 72.12
N GLN B 5 -50.74 -1.21 72.16
CA GLN B 5 -51.60 -1.60 73.27
C GLN B 5 -52.87 -2.22 72.70
N GLU B 6 -53.49 -3.13 73.46
CA GLU B 6 -54.69 -3.82 73.00
C GLU B 6 -55.74 -3.85 74.11
N SER B 7 -57.01 -3.92 73.70
CA SER B 7 -58.12 -4.07 74.63
C SER B 7 -59.29 -4.80 73.97
N GLY B 8 -60.19 -5.32 74.81
CA GLY B 8 -61.38 -5.98 74.30
C GLY B 8 -62.30 -6.60 75.35
N PRO B 9 -63.35 -7.28 74.88
CA PRO B 9 -64.35 -7.88 75.79
C PRO B 9 -63.83 -8.87 76.80
N GLY B 10 -62.67 -9.51 76.60
CA GLY B 10 -62.26 -10.50 77.56
C GLY B 10 -63.14 -11.74 77.44
N LEU B 11 -63.93 -12.04 78.46
CA LEU B 11 -64.80 -13.21 78.42
C LEU B 11 -66.04 -12.99 77.55
N VAL B 12 -66.25 -13.93 76.62
CA VAL B 12 -67.42 -13.97 75.76
C VAL B 12 -68.00 -15.38 75.90
N LYS B 13 -69.23 -15.56 75.43
CA LYS B 13 -69.87 -16.87 75.44
C LYS B 13 -69.75 -17.55 74.07
N PRO B 14 -69.93 -18.88 74.00
CA PRO B 14 -69.89 -19.56 72.69
C PRO B 14 -70.88 -18.97 71.71
N SER B 15 -70.43 -18.86 70.46
CA SER B 15 -71.15 -18.34 69.30
C SER B 15 -71.28 -16.82 69.33
N GLU B 16 -70.70 -16.14 70.32
CA GLU B 16 -70.72 -14.69 70.32
C GLU B 16 -69.54 -14.19 69.47
N THR B 17 -69.64 -12.94 69.02
CA THR B 17 -68.58 -12.32 68.24
C THR B 17 -67.66 -11.50 69.14
N LEU B 18 -66.36 -11.73 68.99
CA LEU B 18 -65.31 -11.06 69.74
C LEU B 18 -64.76 -9.88 68.92
N SER B 19 -64.55 -8.75 69.57
CA SER B 19 -63.99 -7.57 68.91
C SER B 19 -62.85 -7.00 69.72
N LEU B 20 -61.64 -7.07 69.15
CA LEU B 20 -60.44 -6.59 69.82
C LEU B 20 -59.95 -5.34 69.10
N THR B 21 -59.44 -4.36 69.86
CA THR B 21 -58.92 -3.13 69.29
C THR B 21 -57.46 -2.92 69.70
N CYS B 22 -56.63 -2.61 68.70
CA CYS B 22 -55.22 -2.28 68.87
C CYS B 22 -55.03 -0.78 68.67
N ILE B 23 -54.31 -0.14 69.58
CA ILE B 23 -54.02 1.28 69.53
C ILE B 23 -52.50 1.40 69.53
N VAL B 24 -52.01 2.56 69.09
CA VAL B 24 -50.58 2.80 68.98
C VAL B 24 -50.18 4.06 69.73
N SER B 25 -48.90 4.12 70.07
CA SER B 25 -48.28 5.29 70.70
C SER B 25 -47.00 5.61 69.96
N GLY B 26 -46.89 6.85 69.47
CA GLY B 26 -45.71 7.30 68.77
C GLY B 26 -45.57 6.89 67.32
N ASP B 27 -46.67 6.62 66.61
CA ASP B 27 -46.59 6.17 65.23
C ASP B 27 -47.79 6.68 64.44
N SER B 28 -47.80 6.34 63.15
CA SER B 28 -48.88 6.66 62.23
C SER B 28 -49.10 5.44 61.37
N ILE B 29 -50.33 4.92 61.39
CA ILE B 29 -50.59 3.64 60.72
C ILE B 29 -50.52 3.78 59.20
N SER B 30 -50.69 4.98 58.66
CA SER B 30 -50.69 5.20 57.21
C SER B 30 -49.33 4.92 56.57
N SER B 31 -48.28 4.65 57.34
CA SER B 31 -46.98 4.37 56.75
C SER B 31 -47.02 3.05 55.99
N SER B 32 -46.00 2.83 55.15
CA SER B 32 -45.93 1.65 54.31
C SER B 32 -45.44 0.45 55.12
N GLU B 33 -46.28 0.02 56.05
CA GLU B 33 -46.00 -1.06 56.97
C GLU B 33 -47.22 -1.96 57.04
N TRP B 34 -47.02 -3.24 57.36
CA TRP B 34 -48.12 -4.17 57.55
C TRP B 34 -48.41 -4.32 59.03
N TRP B 35 -49.69 -4.36 59.37
CA TRP B 35 -50.17 -4.55 60.73
C TRP B 35 -50.88 -5.90 60.77
N SER B 36 -50.65 -6.68 61.83
CA SER B 36 -51.20 -8.04 61.88
C SER B 36 -51.70 -8.41 63.26
N TRP B 37 -52.57 -9.42 63.27
CA TRP B 37 -53.11 -10.05 64.46
C TRP B 37 -52.63 -11.49 64.49
N ILE B 38 -52.19 -11.90 65.68
CA ILE B 38 -51.63 -13.24 65.96
C ILE B 38 -52.32 -13.84 67.19
N ARG B 39 -52.68 -15.13 67.10
CA ARG B 39 -53.33 -15.87 68.18
C ARG B 39 -52.35 -16.87 68.80
N GLN B 40 -52.29 -16.91 70.14
CA GLN B 40 -51.48 -17.87 70.88
C GLN B 40 -52.21 -18.53 72.05
N PRO B 41 -52.83 -19.69 71.87
CA PRO B 41 -53.44 -20.35 73.02
C PRO B 41 -52.36 -20.86 73.94
N PRO B 42 -52.64 -21.07 75.24
CA PRO B 42 -51.57 -21.52 76.17
C PRO B 42 -50.72 -22.71 75.73
N GLY B 43 -51.27 -23.68 75.00
CA GLY B 43 -50.50 -24.84 74.61
C GLY B 43 -49.87 -24.83 73.23
N LYS B 44 -49.98 -23.73 72.48
CA LYS B 44 -49.48 -23.64 71.10
C LYS B 44 -48.54 -22.46 70.97
N GLY B 45 -48.00 -22.32 69.77
CA GLY B 45 -47.11 -21.23 69.43
C GLY B 45 -47.90 -20.04 68.93
N LEU B 46 -47.21 -19.18 68.19
CA LEU B 46 -47.76 -17.90 67.72
C LEU B 46 -48.38 -18.07 66.33
N GLU B 47 -49.70 -18.27 66.29
CA GLU B 47 -50.42 -18.57 65.05
C GLU B 47 -51.08 -17.29 64.55
N TRP B 48 -50.65 -16.86 63.37
CA TRP B 48 -51.12 -15.62 62.76
C TRP B 48 -52.61 -15.70 62.45
N ILE B 49 -53.29 -14.59 62.71
CA ILE B 49 -54.72 -14.47 62.47
C ILE B 49 -54.96 -13.86 61.12
N GLY B 50 -54.25 -12.78 60.84
CA GLY B 50 -54.45 -12.07 59.60
C GLY B 50 -53.74 -10.73 59.66
N ASN B 51 -53.76 -10.02 58.53
CA ASN B 51 -53.15 -8.70 58.54
C ASN B 51 -53.82 -7.76 57.54
N ILE B 52 -53.45 -6.49 57.67
CA ILE B 52 -53.91 -5.38 56.84
C ILE B 52 -52.72 -4.47 56.52
N GLY B 53 -52.64 -4.00 55.28
CA GLY B 53 -51.61 -3.04 54.94
C GLY B 53 -51.97 -1.70 55.55
N GLY B 54 -51.02 -1.08 56.25
CA GLY B 54 -51.31 0.19 56.89
C GLY B 54 -51.62 1.33 55.92
N SER B 55 -50.95 1.35 54.76
CA SER B 55 -51.11 2.43 53.79
C SER B 55 -52.17 2.20 52.72
N SER B 56 -52.53 0.95 52.41
CA SER B 56 -53.42 0.66 51.29
C SER B 56 -54.73 -0.03 51.66
N GLY B 57 -54.81 -0.68 52.81
CA GLY B 57 -56.00 -1.43 53.19
C GLY B 57 -56.08 -2.83 52.64
N SER B 58 -55.05 -3.31 51.95
CA SER B 58 -55.07 -4.68 51.46
C SER B 58 -54.99 -5.58 52.67
N THR B 59 -55.68 -6.72 52.63
CA THR B 59 -55.61 -7.66 53.75
C THR B 59 -55.34 -9.06 53.25
N TYR B 60 -54.82 -9.87 54.17
CA TYR B 60 -54.62 -11.30 54.03
C TYR B 60 -55.17 -11.97 55.28
N TYR B 61 -55.66 -13.21 55.15
CA TYR B 61 -56.20 -13.97 56.28
C TYR B 61 -55.69 -15.40 56.28
N ASN B 62 -55.74 -16.01 57.48
CA ASN B 62 -55.42 -17.43 57.67
C ASN B 62 -56.54 -18.28 57.09
N ALA B 63 -56.20 -19.07 56.06
CA ALA B 63 -57.18 -19.80 55.27
C ALA B 63 -58.09 -20.69 56.11
N SER B 64 -57.58 -21.24 57.21
CA SER B 64 -58.44 -22.10 58.03
C SER B 64 -59.41 -21.27 58.87
N LEU B 65 -59.16 -19.98 59.01
CA LEU B 65 -59.95 -19.05 59.81
C LEU B 65 -60.71 -18.04 58.96
N LYS B 66 -60.16 -17.68 57.79
CA LYS B 66 -60.59 -16.59 56.91
C LYS B 66 -62.09 -16.31 56.82
N SER B 67 -62.91 -17.36 56.67
CA SER B 67 -64.33 -17.14 56.43
C SER B 67 -65.07 -16.50 57.61
N ARG B 68 -64.54 -16.59 58.83
CA ARG B 68 -65.20 -16.02 60.02
C ARG B 68 -64.43 -14.88 60.68
N VAL B 69 -63.40 -14.34 60.04
CA VAL B 69 -62.57 -13.27 60.61
C VAL B 69 -62.56 -12.06 59.67
N THR B 70 -62.73 -10.87 60.25
CA THR B 70 -62.63 -9.61 59.53
C THR B 70 -61.59 -8.74 60.25
N ILE B 71 -60.66 -8.17 59.49
CA ILE B 71 -59.65 -7.25 60.01
C ILE B 71 -59.82 -5.92 59.31
N SER B 72 -59.83 -4.83 60.08
CA SER B 72 -59.99 -3.50 59.50
C SER B 72 -59.16 -2.50 60.27
N LYS B 73 -58.99 -1.31 59.67
CA LYS B 73 -58.22 -0.24 60.28
C LYS B 73 -58.97 1.07 60.15
N ASP B 74 -58.79 1.91 61.14
CA ASP B 74 -59.31 3.27 61.19
C ASP B 74 -58.13 4.21 61.11
N THR B 75 -57.99 4.92 59.97
CA THR B 75 -56.87 5.85 59.83
C THR B 75 -57.03 6.91 60.89
N SER B 76 -58.26 7.36 61.08
CA SER B 76 -58.58 8.29 62.13
C SER B 76 -58.34 7.56 63.44
N LYS B 77 -57.69 8.21 64.39
CA LYS B 77 -57.32 7.69 65.70
C LYS B 77 -56.23 6.62 65.65
N ASN B 78 -55.67 6.33 64.48
CA ASN B 78 -54.56 5.36 64.34
C ASN B 78 -54.88 4.03 65.01
N GLN B 79 -56.03 3.45 64.67
CA GLN B 79 -56.50 2.22 65.32
C GLN B 79 -56.78 1.06 64.38
N PHE B 80 -56.69 -0.15 64.92
CA PHE B 80 -57.01 -1.38 64.21
C PHE B 80 -58.02 -2.18 65.00
N SER B 81 -58.81 -2.99 64.31
CA SER B 81 -59.70 -3.90 64.99
C SER B 81 -59.78 -5.24 64.29
N LEU B 82 -60.00 -6.26 65.11
CA LEU B 82 -60.17 -7.65 64.69
C LEU B 82 -61.57 -8.05 65.13
N GLU B 83 -62.41 -8.48 64.18
CA GLU B 83 -63.76 -8.92 64.44
C GLU B 83 -63.77 -10.41 64.15
N LEU B 84 -64.01 -11.24 65.18
CA LEU B 84 -64.06 -12.68 65.02
C LEU B 84 -65.44 -13.21 65.36
N LYS B 85 -66.10 -13.81 64.37
CA LYS B 85 -67.46 -14.32 64.52
C LYS B 85 -67.44 -15.79 64.96
N SER B 86 -68.56 -16.22 65.56
CA SER B 86 -68.77 -17.60 66.00
C SER B 86 -67.61 -18.13 66.85
N VAL B 87 -67.28 -17.35 67.89
CA VAL B 87 -66.15 -17.67 68.76
C VAL B 87 -66.45 -18.98 69.50
N THR B 88 -65.46 -19.87 69.54
CA THR B 88 -65.59 -21.20 70.14
C THR B 88 -64.47 -21.42 71.13
N ALA B 89 -64.45 -22.61 71.73
CA ALA B 89 -63.45 -22.97 72.73
C ALA B 89 -62.03 -22.84 72.20
N ALA B 90 -61.83 -23.08 70.91
CA ALA B 90 -60.50 -22.99 70.31
C ALA B 90 -59.92 -21.58 70.35
N ASP B 91 -60.75 -20.55 70.60
CA ASP B 91 -60.32 -19.17 70.59
C ASP B 91 -59.92 -18.66 71.97
N THR B 92 -59.88 -19.53 72.99
CA THR B 92 -59.48 -19.11 74.33
C THR B 92 -57.96 -19.00 74.31
N ALA B 93 -57.50 -17.85 73.80
CA ALA B 93 -56.09 -17.67 73.47
C ALA B 93 -55.71 -16.21 73.69
N VAL B 94 -54.40 -15.98 73.78
CA VAL B 94 -53.90 -14.61 73.89
C VAL B 94 -53.82 -14.03 72.48
N TYR B 95 -54.41 -12.86 72.30
CA TYR B 95 -54.41 -12.16 71.02
C TYR B 95 -53.40 -11.03 71.07
N TYR B 96 -52.62 -10.89 69.99
CA TYR B 96 -51.60 -9.87 69.88
C TYR B 96 -51.82 -9.07 68.60
N CYS B 97 -51.48 -7.79 68.66
CA CYS B 97 -51.32 -6.98 67.46
C CYS B 97 -49.81 -6.79 67.29
N ALA B 98 -49.36 -6.64 66.05
CA ALA B 98 -47.95 -6.44 65.77
C ALA B 98 -47.80 -5.70 64.46
N ARG B 99 -46.62 -5.12 64.25
CA ARG B 99 -46.30 -4.43 63.01
C ARG B 99 -45.00 -4.93 62.41
N SER B 100 -44.98 -4.94 61.08
CA SER B 100 -43.81 -5.24 60.29
C SER B 100 -43.11 -3.93 59.96
N SER B 101 -41.91 -4.03 59.41
CA SER B 101 -41.24 -2.83 58.92
C SER B 101 -40.46 -3.19 57.67
N ILE B 102 -40.14 -2.17 56.90
CA ILE B 102 -39.38 -2.32 55.66
C ILE B 102 -38.09 -1.52 55.80
N THR B 103 -36.96 -2.17 55.55
CA THR B 103 -35.69 -1.46 55.57
C THR B 103 -35.36 -1.13 54.12
N ILE B 104 -34.48 -0.16 53.93
CA ILE B 104 -34.08 0.26 52.60
C ILE B 104 -32.56 0.20 52.49
N PHE B 105 -32.08 -0.44 51.43
CA PHE B 105 -30.65 -0.53 51.14
C PHE B 105 -30.29 0.15 49.83
N GLY B 106 -31.26 0.32 48.92
CA GLY B 106 -31.03 0.94 47.63
C GLY B 106 -32.17 1.84 47.20
N VAL B 107 -32.52 1.79 45.92
CA VAL B 107 -33.57 2.64 45.35
C VAL B 107 -34.94 2.03 45.64
N VAL B 108 -35.81 2.82 46.26
CA VAL B 108 -37.12 2.33 46.66
C VAL B 108 -38.00 1.95 45.46
N VAL B 109 -37.98 2.77 44.40
CA VAL B 109 -38.84 2.50 43.25
C VAL B 109 -38.42 1.29 42.45
N LEU B 110 -37.23 0.74 42.69
CA LEU B 110 -36.76 -0.44 42.00
C LEU B 110 -36.93 -1.70 42.86
N GLY B 111 -37.58 -1.57 44.01
CA GLY B 111 -37.83 -2.68 44.91
C GLY B 111 -36.64 -3.10 45.73
N GLU B 112 -35.67 -2.20 45.93
CA GLU B 112 -34.44 -2.53 46.66
C GLU B 112 -34.68 -2.29 48.15
N VAL B 113 -35.57 -3.13 48.70
CA VAL B 113 -35.99 -3.07 50.09
C VAL B 113 -35.92 -4.46 50.69
N GLU B 114 -35.98 -4.53 52.02
CA GLU B 114 -36.01 -5.81 52.73
C GLU B 114 -37.11 -5.80 53.79
N ASP B 115 -37.71 -6.97 53.98
CA ASP B 115 -38.78 -7.16 54.97
C ASP B 115 -38.20 -7.47 56.35
N LYS B 116 -38.87 -6.93 57.38
CA LYS B 116 -38.58 -7.23 58.79
C LYS B 116 -39.96 -7.49 59.39
N PRO B 117 -40.50 -8.72 59.20
CA PRO B 117 -41.94 -8.99 59.41
C PRO B 117 -42.60 -8.58 60.73
N LEU B 118 -41.94 -8.65 61.89
CA LEU B 118 -42.63 -8.32 63.15
C LEU B 118 -41.71 -7.58 64.13
N ASP B 119 -41.55 -6.27 63.90
CA ASP B 119 -40.59 -5.46 64.63
C ASP B 119 -41.05 -5.12 66.04
N VAL B 120 -42.30 -4.70 66.19
CA VAL B 120 -42.84 -4.29 67.48
C VAL B 120 -44.09 -5.10 67.78
N TRP B 121 -44.13 -5.67 68.98
CA TRP B 121 -45.25 -6.44 69.48
C TRP B 121 -45.92 -5.64 70.58
N GLY B 122 -47.24 -5.81 70.69
CA GLY B 122 -47.96 -5.26 71.81
C GLY B 122 -47.90 -6.22 72.96
N ARG B 123 -48.60 -5.88 74.03
CA ARG B 123 -48.60 -6.78 75.18
C ARG B 123 -49.65 -7.86 75.02
N GLY B 124 -50.71 -7.59 74.27
CA GLY B 124 -51.75 -8.56 74.01
C GLY B 124 -52.80 -8.57 75.11
N VAL B 125 -53.88 -9.28 74.82
CA VAL B 125 -54.98 -9.44 75.77
C VAL B 125 -55.32 -10.93 75.79
N LEU B 126 -55.73 -11.41 76.95
CA LEU B 126 -56.19 -12.79 77.09
C LEU B 126 -57.71 -12.76 77.06
N VAL B 127 -58.31 -13.59 76.20
CA VAL B 127 -59.75 -13.70 76.12
C VAL B 127 -60.14 -15.12 76.50
N THR B 128 -61.37 -15.26 76.94
CA THR B 128 -61.93 -16.54 77.32
C THR B 128 -63.28 -16.70 76.62
N VAL B 129 -63.80 -17.92 76.66
CA VAL B 129 -65.02 -18.27 75.94
C VAL B 129 -65.94 -19.07 76.87
N LEU C 4 -43.56 -26.03 57.70
CA LEU C 4 -42.44 -26.08 58.64
C LEU C 4 -42.46 -27.13 59.74
N THR C 5 -41.29 -27.73 59.91
CA THR C 5 -41.01 -28.69 60.97
C THR C 5 -39.73 -28.21 61.65
N GLN C 6 -39.65 -28.42 62.96
CA GLN C 6 -38.45 -28.06 63.71
C GLN C 6 -38.34 -29.01 64.89
N GLU C 7 -37.12 -29.12 65.42
CA GLU C 7 -36.85 -30.01 66.54
C GLU C 7 -37.75 -29.67 67.74
N PRO C 8 -38.58 -30.60 68.23
CA PRO C 8 -39.45 -30.28 69.38
C PRO C 8 -38.74 -29.72 70.61
N ALA C 9 -37.52 -30.16 70.90
CA ALA C 9 -36.81 -29.66 72.06
C ALA C 9 -35.31 -29.89 71.91
N LEU C 10 -34.53 -29.08 72.60
CA LEU C 10 -33.08 -29.22 72.64
C LEU C 10 -32.62 -28.95 74.06
N SER C 11 -31.74 -29.82 74.56
CA SER C 11 -31.18 -29.72 75.91
C SER C 11 -29.69 -29.45 75.85
N VAL C 12 -29.26 -28.34 76.44
CA VAL C 12 -27.86 -27.91 76.46
C VAL C 12 -27.42 -27.56 77.87
N ALA C 13 -26.16 -27.85 78.16
CA ALA C 13 -25.53 -27.44 79.42
C ALA C 13 -25.32 -25.93 79.42
N LEU C 14 -25.38 -25.32 80.60
CA LEU C 14 -25.16 -23.88 80.70
C LEU C 14 -23.77 -23.53 80.21
N GLY C 15 -23.67 -22.53 79.33
CA GLY C 15 -22.38 -22.10 78.81
C GLY C 15 -21.98 -22.74 77.50
N HIS C 16 -22.79 -23.66 76.96
CA HIS C 16 -22.49 -24.36 75.72
C HIS C 16 -23.36 -23.88 74.56
N THR C 17 -22.76 -23.94 73.36
CA THR C 17 -23.39 -23.51 72.13
C THR C 17 -24.47 -24.49 71.65
N VAL C 18 -25.56 -23.94 71.09
CA VAL C 18 -26.64 -24.75 70.52
C VAL C 18 -26.85 -24.35 69.07
N SER C 19 -27.47 -25.27 68.33
CA SER C 19 -27.87 -25.07 66.95
C SER C 19 -29.29 -25.64 66.75
N MET C 20 -30.24 -24.75 66.48
CA MET C 20 -31.65 -25.09 66.29
C MET C 20 -31.98 -24.95 64.82
N THR C 21 -32.42 -26.05 64.18
CA THR C 21 -32.64 -26.06 62.74
C THR C 21 -34.10 -26.36 62.40
N CYS C 22 -34.64 -25.57 61.45
CA CYS C 22 -35.99 -25.73 60.90
C CYS C 22 -35.87 -26.06 59.42
N GLN C 23 -36.88 -26.73 58.87
CA GLN C 23 -36.92 -27.11 57.47
C GLN C 23 -38.31 -26.89 56.90
N GLY C 24 -38.35 -26.49 55.63
CA GLY C 24 -39.61 -26.34 54.91
C GLY C 24 -39.33 -26.05 53.44
N ASP C 25 -40.42 -26.00 52.67
CA ASP C 25 -40.32 -25.81 51.21
C ASP C 25 -40.26 -24.35 50.80
N SER C 26 -40.87 -23.46 51.58
CA SER C 26 -40.92 -22.04 51.24
C SER C 26 -39.59 -21.35 51.46
N LEU C 27 -38.65 -21.99 52.16
CA LEU C 27 -37.38 -21.37 52.48
C LEU C 27 -36.44 -21.25 51.30
N GLU C 28 -36.80 -21.77 50.11
CA GLU C 28 -35.99 -21.50 48.93
C GLU C 28 -36.08 -20.04 48.51
N THR C 29 -37.23 -19.40 48.71
CA THR C 29 -37.42 -18.02 48.28
C THR C 29 -37.61 -17.03 49.42
N TYR C 30 -37.84 -17.47 50.66
CA TYR C 30 -37.99 -16.58 51.81
C TYR C 30 -36.93 -16.83 52.85
N TYR C 31 -36.59 -15.77 53.59
CA TYR C 31 -35.63 -15.85 54.68
C TYR C 31 -36.31 -16.38 55.94
N VAL C 32 -35.53 -17.05 56.78
CA VAL C 32 -36.03 -17.50 58.08
C VAL C 32 -35.89 -16.39 59.09
N ASN C 33 -36.98 -16.08 59.79
CA ASN C 33 -37.00 -15.07 60.84
C ASN C 33 -37.15 -15.80 62.19
N TRP C 34 -36.12 -15.75 63.02
CA TRP C 34 -36.14 -16.45 64.30
C TRP C 34 -36.71 -15.54 65.38
N PHE C 35 -37.64 -16.09 66.16
CA PHE C 35 -38.29 -15.43 67.29
C PHE C 35 -38.04 -16.20 68.59
N GLN C 36 -38.00 -15.46 69.70
CA GLN C 36 -37.81 -16.01 71.04
C GLN C 36 -38.95 -15.55 71.94
N GLN C 37 -39.56 -16.51 72.66
CA GLN C 37 -40.63 -16.20 73.60
C GLN C 37 -40.39 -16.90 74.93
N ARG C 38 -39.97 -16.16 75.95
CA ARG C 38 -39.82 -16.78 77.25
C ARG C 38 -41.24 -17.04 77.76
N PRO C 39 -41.52 -18.17 78.40
CA PRO C 39 -42.91 -18.42 78.85
C PRO C 39 -43.43 -17.27 79.69
N GLY C 40 -44.65 -16.83 79.35
CA GLY C 40 -45.32 -15.74 80.02
C GLY C 40 -44.96 -14.37 79.51
N GLN C 41 -43.98 -14.26 78.59
CA GLN C 41 -43.50 -13.00 78.03
C GLN C 41 -43.99 -12.79 76.61
N VAL C 42 -43.93 -11.53 76.18
CA VAL C 42 -44.23 -11.14 74.80
C VAL C 42 -43.09 -11.56 73.88
N PRO C 43 -43.35 -12.22 72.75
CA PRO C 43 -42.26 -12.65 71.88
C PRO C 43 -41.54 -11.48 71.22
N VAL C 44 -40.27 -11.69 70.88
CA VAL C 44 -39.46 -10.70 70.18
C VAL C 44 -38.78 -11.34 68.96
N LEU C 45 -38.37 -10.49 68.03
CA LEU C 45 -37.61 -10.90 66.86
C LEU C 45 -36.12 -11.03 67.21
N VAL C 46 -35.53 -12.17 66.84
CA VAL C 46 -34.14 -12.48 67.16
C VAL C 46 -33.25 -12.37 65.92
N VAL C 47 -33.63 -13.01 64.82
CA VAL C 47 -32.87 -12.97 63.55
C VAL C 47 -33.85 -12.72 62.42
N TYR C 48 -33.51 -11.82 61.51
CA TYR C 48 -34.39 -11.53 60.39
C TYR C 48 -33.58 -11.34 59.10
N GLY C 49 -34.27 -11.55 57.99
CA GLY C 49 -33.71 -11.34 56.67
C GLY C 49 -32.46 -12.15 56.40
N ASN C 50 -31.45 -11.48 55.84
CA ASN C 50 -30.17 -12.10 55.52
C ASN C 50 -29.26 -12.10 56.75
N ASN C 51 -29.67 -12.89 57.74
CA ASN C 51 -28.92 -13.04 58.99
C ASN C 51 -28.67 -11.71 59.69
N TYR C 52 -29.68 -10.85 59.71
CA TYR C 52 -29.58 -9.55 60.38
C TYR C 52 -30.04 -9.69 61.83
N ARG C 53 -29.39 -8.94 62.71
CA ARG C 53 -29.69 -8.95 64.14
C ARG C 53 -30.35 -7.66 64.62
N PRO C 54 -31.59 -7.70 65.14
CA PRO C 54 -32.20 -6.46 65.64
C PRO C 54 -31.41 -5.90 66.81
N SER C 55 -31.45 -4.58 66.97
CA SER C 55 -30.80 -3.97 68.11
C SER C 55 -31.42 -4.52 69.39
N GLY C 56 -30.57 -4.76 70.41
CA GLY C 56 -31.05 -5.29 71.67
C GLY C 56 -30.84 -6.77 71.86
N ILE C 57 -30.50 -7.50 70.79
CA ILE C 57 -30.28 -8.95 70.86
C ILE C 57 -28.78 -9.19 71.03
N PRO C 58 -28.34 -9.95 72.04
CA PRO C 58 -26.91 -10.20 72.20
C PRO C 58 -26.28 -10.90 71.01
N GLU C 59 -24.99 -10.65 70.80
CA GLU C 59 -24.20 -11.19 69.69
C GLU C 59 -24.14 -12.72 69.69
N ARG C 60 -24.62 -13.39 70.74
CA ARG C 60 -24.65 -14.85 70.78
C ARG C 60 -25.55 -15.42 69.68
N PHE C 61 -26.59 -14.69 69.29
CA PHE C 61 -27.58 -15.18 68.33
C PHE C 61 -27.17 -14.86 66.90
N SER C 62 -27.06 -15.91 66.08
CA SER C 62 -26.65 -15.78 64.68
C SER C 62 -27.25 -16.95 63.92
N GLY C 63 -27.10 -16.97 62.60
CA GLY C 63 -27.71 -18.10 61.91
C GLY C 63 -27.33 -18.19 60.44
N SER C 64 -28.02 -19.11 59.77
CA SER C 64 -27.78 -19.42 58.36
C SER C 64 -29.08 -19.86 57.69
N TRP C 65 -29.26 -19.47 56.42
CA TRP C 65 -30.43 -19.83 55.62
C TRP C 65 -30.10 -20.76 54.45
N SER C 66 -28.98 -21.49 54.51
CA SER C 66 -28.57 -22.37 53.43
C SER C 66 -29.61 -23.43 53.08
N GLY C 67 -29.71 -23.73 51.78
CA GLY C 67 -30.63 -24.75 51.27
C GLY C 67 -32.08 -24.38 51.51
N ASN C 68 -32.85 -25.33 52.08
CA ASN C 68 -34.27 -25.13 52.38
C ASN C 68 -34.52 -25.28 53.87
N THR C 69 -33.50 -24.97 54.66
CA THR C 69 -33.51 -25.02 56.11
C THR C 69 -33.03 -23.68 56.63
N GLY C 70 -33.19 -23.50 57.93
CA GLY C 70 -32.63 -22.34 58.60
C GLY C 70 -32.12 -22.79 59.95
N THR C 71 -31.01 -22.19 60.37
CA THR C 71 -30.40 -22.54 61.65
C THR C 71 -30.14 -21.29 62.47
N LEU C 72 -30.55 -21.33 63.74
CA LEU C 72 -30.22 -20.33 64.75
C LEU C 72 -29.19 -20.94 65.69
N THR C 73 -28.03 -20.31 65.77
CA THR C 73 -26.94 -20.76 66.61
C THR C 73 -26.82 -19.75 67.75
N ILE C 74 -26.75 -20.26 68.98
CA ILE C 74 -26.54 -19.42 70.16
C ILE C 74 -25.23 -19.88 70.76
N THR C 75 -24.20 -19.05 70.62
CA THR C 75 -22.89 -19.42 71.13
C THR C 75 -22.92 -19.33 72.66
N ALA C 76 -22.45 -20.37 73.34
CA ALA C 76 -22.37 -20.40 74.80
C ALA C 76 -23.67 -19.95 75.46
N ALA C 77 -24.75 -20.71 75.21
CA ALA C 77 -26.09 -20.33 75.65
C ALA C 77 -26.15 -20.04 77.15
N GLN C 78 -26.80 -18.92 77.49
CA GLN C 78 -26.95 -18.45 78.86
C GLN C 78 -28.35 -18.76 79.41
N VAL C 79 -28.46 -18.63 80.74
CA VAL C 79 -29.74 -18.92 81.39
C VAL C 79 -30.84 -17.94 80.96
N GLU C 80 -30.46 -16.71 80.61
CA GLU C 80 -31.45 -15.73 80.14
C GLU C 80 -32.07 -16.08 78.79
N ASP C 81 -31.47 -17.00 78.03
CA ASP C 81 -31.94 -17.39 76.70
C ASP C 81 -32.92 -18.55 76.74
N GLU C 82 -33.32 -19.02 77.93
CA GLU C 82 -34.23 -20.15 78.03
C GLU C 82 -35.63 -19.65 77.67
N ALA C 83 -36.10 -20.08 76.50
CA ALA C 83 -37.31 -19.59 75.88
C ALA C 83 -37.73 -20.56 74.80
N ASP C 84 -38.97 -20.44 74.35
CA ASP C 84 -39.37 -21.15 73.15
C ASP C 84 -38.77 -20.39 71.97
N TYR C 85 -38.30 -21.12 70.96
CA TYR C 85 -37.82 -20.49 69.74
C TYR C 85 -38.62 -20.96 68.55
N TYR C 86 -38.92 -20.02 67.65
CA TYR C 86 -39.74 -20.33 66.49
C TYR C 86 -39.06 -19.83 65.23
N CYS C 87 -39.15 -20.64 64.19
CA CYS C 87 -38.67 -20.29 62.86
C CYS C 87 -39.91 -19.80 62.12
N ASN C 88 -39.94 -18.52 61.76
CA ASN C 88 -41.08 -17.85 61.14
C ASN C 88 -40.74 -17.35 59.73
N SER C 89 -41.56 -17.72 58.77
CA SER C 89 -41.35 -17.28 57.39
C SER C 89 -42.71 -17.21 56.70
N TRP C 90 -42.71 -16.66 55.51
CA TRP C 90 -43.95 -16.50 54.75
C TRP C 90 -44.18 -17.73 53.87
N ASP C 91 -45.46 -17.97 53.58
CA ASP C 91 -45.86 -19.08 52.73
C ASP C 91 -45.55 -18.75 51.26
N SER C 92 -45.35 -19.78 50.44
CA SER C 92 -45.03 -19.56 49.02
C SER C 92 -46.16 -18.93 48.22
N SER C 93 -47.42 -19.00 48.69
CA SER C 93 -48.52 -18.37 47.98
C SER C 93 -48.53 -16.85 48.16
N GLY C 94 -47.69 -16.34 49.07
CA GLY C 94 -47.67 -14.95 49.45
C GLY C 94 -48.32 -14.70 50.77
N THR C 95 -49.05 -15.69 51.31
CA THR C 95 -49.65 -15.54 52.62
C THR C 95 -48.50 -15.41 53.61
N HIS C 96 -48.63 -14.49 54.56
CA HIS C 96 -47.53 -14.21 55.46
C HIS C 96 -47.43 -15.18 56.63
N LEU C 97 -48.22 -16.25 56.65
CA LEU C 97 -48.12 -17.26 57.70
C LEU C 97 -47.60 -18.60 57.20
N LEU C 98 -46.54 -19.02 57.85
CA LEU C 98 -45.96 -20.35 57.80
C LEU C 98 -45.18 -20.26 59.09
N PHE C 99 -45.42 -21.16 60.05
CA PHE C 99 -44.79 -20.94 61.35
C PHE C 99 -44.54 -22.32 61.95
N GLY C 100 -43.35 -22.52 62.52
CA GLY C 100 -43.05 -23.81 63.08
C GLY C 100 -43.71 -24.08 64.42
N GLY C 101 -43.74 -25.35 64.77
CA GLY C 101 -44.32 -25.74 66.04
C GLY C 101 -43.60 -25.11 67.21
N GLY C 102 -42.29 -24.92 67.08
CA GLY C 102 -41.45 -24.33 68.09
C GLY C 102 -40.54 -25.35 68.73
N THR C 103 -39.35 -24.88 69.11
CA THR C 103 -38.34 -25.72 69.75
C THR C 103 -38.28 -25.29 71.21
N ARG C 104 -38.42 -26.25 72.13
CA ARG C 104 -38.32 -25.94 73.54
C ARG C 104 -36.86 -26.10 73.93
N LEU C 105 -36.20 -24.98 74.24
CA LEU C 105 -34.79 -25.00 74.61
C LEU C 105 -34.67 -24.96 76.12
N THR C 106 -33.99 -25.96 76.69
CA THR C 106 -33.71 -26.01 78.12
C THR C 106 -32.20 -25.94 78.30
N VAL C 107 -31.76 -25.05 79.18
CA VAL C 107 -30.33 -24.80 79.36
C VAL C 107 -29.90 -25.48 80.64
N GLU D 1 -17.79 67.48 -11.59
CA GLU D 1 -17.67 66.02 -11.33
C GLU D 1 -16.25 65.67 -10.92
N VAL D 2 -15.31 65.83 -11.85
CA VAL D 2 -13.91 65.51 -11.63
C VAL D 2 -13.10 66.80 -11.64
N GLN D 3 -12.35 67.04 -10.57
CA GLN D 3 -11.50 68.21 -10.45
C GLN D 3 -10.05 67.78 -10.49
N LEU D 4 -9.30 68.29 -11.48
CA LEU D 4 -7.87 68.06 -11.62
C LEU D 4 -7.20 69.43 -11.55
N VAL D 5 -6.35 69.65 -10.53
CA VAL D 5 -5.73 70.96 -10.32
C VAL D 5 -4.22 70.83 -10.26
N GLU D 6 -3.55 71.42 -11.25
CA GLU D 6 -2.09 71.41 -11.32
C GLU D 6 -1.47 72.47 -10.42
N THR D 7 -0.31 72.14 -9.84
CA THR D 7 0.48 73.05 -9.05
C THR D 7 1.91 73.00 -9.61
N GLY D 8 2.59 74.14 -9.58
CA GLY D 8 3.96 74.13 -10.06
C GLY D 8 4.68 75.45 -9.84
N GLY D 9 5.88 75.52 -10.40
CA GLY D 9 6.76 76.66 -10.28
C GLY D 9 6.54 77.74 -11.33
N GLY D 10 7.49 78.67 -11.37
CA GLY D 10 7.48 79.82 -12.26
C GLY D 10 8.62 79.84 -13.26
N LEU D 11 9.58 80.76 -13.10
CA LEU D 11 10.71 80.87 -14.02
C LEU D 11 11.91 80.06 -13.55
N VAL D 12 12.40 79.21 -14.44
CA VAL D 12 13.55 78.35 -14.24
C VAL D 12 14.53 78.61 -15.38
N GLN D 13 15.84 78.57 -15.08
CA GLN D 13 16.83 78.78 -16.14
C GLN D 13 17.22 77.46 -16.79
N PRO D 14 17.68 77.49 -18.05
CA PRO D 14 18.13 76.25 -18.71
C PRO D 14 19.18 75.51 -17.90
N GLY D 15 19.04 74.19 -17.84
CA GLY D 15 19.94 73.36 -17.07
C GLY D 15 19.47 73.08 -15.66
N GLY D 16 18.31 73.62 -15.26
CA GLY D 16 17.77 73.45 -13.94
C GLY D 16 16.85 72.26 -13.81
N SER D 17 15.98 72.34 -12.80
CA SER D 17 15.06 71.25 -12.47
C SER D 17 13.76 71.86 -11.96
N LEU D 18 12.65 71.31 -12.42
CA LEU D 18 11.33 71.79 -12.01
C LEU D 18 10.36 70.62 -11.86
N LYS D 19 9.60 70.64 -10.77
CA LYS D 19 8.61 69.61 -10.49
C LYS D 19 7.21 70.19 -10.51
N LEU D 20 6.32 69.49 -11.20
CA LEU D 20 4.89 69.79 -11.26
C LEU D 20 4.14 68.69 -10.53
N SER D 21 2.95 69.02 -10.06
CA SER D 21 2.09 68.00 -9.48
C SER D 21 0.66 68.33 -9.87
N CYS D 22 -0.18 67.30 -9.79
CA CYS D 22 -1.60 67.39 -10.09
C CYS D 22 -2.38 66.66 -9.03
N ARG D 23 -3.30 67.38 -8.40
CA ARG D 23 -4.20 66.83 -7.39
C ARG D 23 -5.47 66.49 -8.13
N ALA D 24 -6.15 65.44 -7.68
CA ALA D 24 -7.39 65.04 -8.32
C ALA D 24 -8.40 64.56 -7.32
N SER D 25 -9.67 64.79 -7.63
CA SER D 25 -10.75 64.32 -6.79
C SER D 25 -12.01 64.17 -7.64
N GLY D 26 -12.98 63.44 -7.09
CA GLY D 26 -14.27 63.22 -7.69
C GLY D 26 -14.40 61.89 -8.42
N TYR D 27 -13.37 61.06 -8.38
CA TYR D 27 -13.37 59.75 -9.03
C TYR D 27 -12.35 58.90 -8.28
N THR D 28 -12.37 57.60 -8.53
CA THR D 28 -11.36 56.74 -7.91
C THR D 28 -10.06 56.94 -8.65
N PHE D 29 -9.07 57.50 -7.95
CA PHE D 29 -7.80 57.87 -8.57
C PHE D 29 -7.08 56.65 -9.12
N SER D 30 -7.00 55.58 -8.32
CA SER D 30 -6.29 54.36 -8.68
C SER D 30 -6.90 53.58 -9.83
N SER D 31 -8.10 53.93 -10.29
CA SER D 31 -8.74 53.20 -11.38
C SER D 31 -8.39 53.72 -12.77
N PHE D 32 -7.71 54.85 -12.91
CA PHE D 32 -7.42 55.45 -14.21
C PHE D 32 -5.94 55.70 -14.43
N ALA D 33 -5.52 55.50 -15.67
CA ALA D 33 -4.19 55.89 -16.11
C ALA D 33 -4.20 57.40 -16.29
N MET D 34 -3.04 58.03 -16.19
CA MET D 34 -2.98 59.48 -16.32
C MET D 34 -1.80 59.87 -17.19
N SER D 35 -1.86 61.09 -17.72
CA SER D 35 -0.83 61.57 -18.62
C SER D 35 -0.63 63.07 -18.48
N TRP D 36 0.47 63.55 -19.05
CA TRP D 36 0.76 64.98 -19.16
C TRP D 36 0.83 65.33 -20.64
N VAL D 37 0.20 66.46 -20.96
CA VAL D 37 0.12 67.04 -22.30
C VAL D 37 0.55 68.49 -22.19
N ARG D 38 1.35 68.98 -23.15
CA ARG D 38 1.79 70.37 -23.07
C ARG D 38 1.42 71.12 -24.35
N GLN D 39 1.20 72.42 -24.17
CA GLN D 39 0.87 73.36 -25.23
C GLN D 39 1.80 74.57 -25.19
N ALA D 40 2.62 74.76 -26.23
CA ALA D 40 3.50 75.92 -26.20
C ALA D 40 2.60 77.15 -26.26
N PRO D 41 3.04 78.30 -25.70
CA PRO D 41 2.14 79.47 -25.67
C PRO D 41 1.47 79.86 -26.98
N GLY D 42 2.13 79.70 -28.13
CA GLY D 42 1.53 80.04 -29.41
C GLY D 42 1.21 78.89 -30.34
N LYS D 43 1.29 77.63 -29.88
CA LYS D 43 1.14 76.45 -30.72
C LYS D 43 -0.02 75.59 -30.21
N GLY D 44 -0.18 74.42 -30.82
CA GLY D 44 -1.19 73.45 -30.44
C GLY D 44 -0.72 72.50 -29.37
N LEU D 45 -1.43 71.36 -29.26
CA LEU D 45 -1.17 70.39 -28.20
C LEU D 45 -0.24 69.28 -28.66
N GLU D 46 0.58 68.79 -27.73
CA GLU D 46 1.36 67.58 -27.93
C GLU D 46 1.42 66.76 -26.64
N TRP D 47 1.42 65.44 -26.79
CA TRP D 47 1.51 64.53 -25.65
C TRP D 47 2.95 64.52 -25.13
N VAL D 48 3.11 64.49 -23.81
CA VAL D 48 4.43 64.47 -23.17
C VAL D 48 4.71 63.14 -22.47
N SER D 49 3.80 62.67 -21.62
CA SER D 49 4.11 61.46 -20.86
C SER D 49 2.83 60.74 -20.45
N LEU D 50 2.98 59.44 -20.15
CA LEU D 50 1.87 58.60 -19.74
C LEU D 50 2.30 57.65 -18.62
N ILE D 51 1.46 57.52 -17.59
CA ILE D 51 1.67 56.60 -16.49
C ILE D 51 0.44 55.72 -16.35
N ASN D 52 0.65 54.45 -16.00
CA ASN D 52 -0.43 53.50 -15.83
C ASN D 52 -1.21 53.80 -14.55
N ASP D 53 -2.25 53.00 -14.28
CA ASP D 53 -3.04 53.20 -13.09
C ASP D 53 -2.29 52.73 -11.85
N ARG D 54 -1.49 51.67 -12.00
CA ARG D 54 -0.71 51.11 -10.89
C ARG D 54 0.59 51.88 -10.68
N GLY D 55 1.06 52.61 -11.69
CA GLY D 55 2.29 53.38 -11.61
C GLY D 55 3.54 52.64 -12.01
N GLY D 56 3.45 51.33 -12.29
CA GLY D 56 4.62 50.56 -12.63
C GLY D 56 5.15 50.78 -14.04
N LEU D 57 4.31 51.24 -14.97
CA LEU D 57 4.69 51.45 -16.35
C LEU D 57 4.60 52.92 -16.71
N THR D 58 5.66 53.44 -17.33
CA THR D 58 5.71 54.82 -17.78
C THR D 58 6.15 54.86 -19.23
N PHE D 59 5.64 55.84 -19.97
CA PHE D 59 5.97 56.04 -21.37
C PHE D 59 6.23 57.52 -21.59
N TYR D 60 7.16 57.83 -22.50
CA TYR D 60 7.52 59.21 -22.79
C TYR D 60 7.71 59.42 -24.29
N VAL D 61 7.57 60.68 -24.71
CA VAL D 61 8.01 61.05 -26.06
C VAL D 61 9.53 61.04 -26.05
N ASP D 62 10.12 60.70 -27.20
CA ASP D 62 11.59 60.61 -27.30
C ASP D 62 12.28 61.87 -26.80
N SER D 63 11.70 63.03 -27.07
CA SER D 63 12.33 64.29 -26.70
C SER D 63 12.50 64.51 -25.19
N VAL D 64 11.79 63.74 -24.35
CA VAL D 64 11.90 63.88 -22.89
C VAL D 64 12.35 62.60 -22.21
N LYS D 65 12.72 61.55 -22.97
CA LYS D 65 13.03 60.27 -22.32
C LYS D 65 14.17 60.38 -21.33
N GLY D 66 15.15 61.24 -21.60
CA GLY D 66 16.28 61.42 -20.71
C GLY D 66 16.14 62.61 -19.76
N ARG D 67 14.98 63.28 -19.76
CA ARG D 67 14.79 64.50 -18.97
C ARG D 67 13.64 64.44 -17.98
N PHE D 68 12.53 63.78 -18.31
CA PHE D 68 11.33 63.81 -17.48
C PHE D 68 11.11 62.45 -16.81
N THR D 69 10.65 62.50 -15.56
CA THR D 69 10.21 61.33 -14.79
C THR D 69 8.77 61.55 -14.37
N ILE D 70 7.90 60.56 -14.64
CA ILE D 70 6.49 60.63 -14.26
C ILE D 70 6.25 59.61 -13.16
N SER D 71 5.53 60.01 -12.11
CA SER D 71 5.23 59.10 -11.02
C SER D 71 3.88 59.47 -10.43
N ARG D 72 3.31 58.55 -9.66
CA ARG D 72 2.04 58.82 -9.01
C ARG D 72 2.01 58.12 -7.66
N ASP D 73 1.19 58.65 -6.77
CA ASP D 73 0.96 58.08 -5.45
C ASP D 73 -0.56 57.99 -5.28
N ASN D 74 -1.07 56.75 -5.29
CA ASN D 74 -2.50 56.51 -5.27
C ASN D 74 -3.12 56.68 -3.89
N SER D 75 -2.34 56.84 -2.83
CA SER D 75 -2.91 57.05 -1.51
C SER D 75 -3.11 58.54 -1.27
N LYS D 76 -2.29 59.37 -1.91
CA LYS D 76 -2.33 60.82 -1.82
C LYS D 76 -3.10 61.43 -2.99
N ASN D 77 -3.59 60.61 -3.92
CA ASN D 77 -4.28 61.10 -5.11
C ASN D 77 -3.44 62.14 -5.82
N THR D 78 -2.14 61.86 -5.97
CA THR D 78 -1.23 62.84 -6.56
C THR D 78 -0.43 62.28 -7.72
N LEU D 79 -0.41 63.04 -8.82
CA LEU D 79 0.40 62.74 -10.00
C LEU D 79 1.54 63.74 -10.01
N SER D 80 2.77 63.29 -10.22
CA SER D 80 3.92 64.19 -10.23
C SER D 80 4.76 64.01 -11.49
N LEU D 81 5.38 65.12 -11.92
CA LEU D 81 6.29 65.13 -13.06
C LEU D 81 7.55 65.90 -12.68
N GLN D 82 8.70 65.23 -12.69
CA GLN D 82 9.99 65.81 -12.36
C GLN D 82 10.75 66.03 -13.66
N MET D 83 11.08 67.27 -13.98
CA MET D 83 11.76 67.60 -15.22
C MET D 83 13.17 68.11 -14.96
N HIS D 84 14.13 67.66 -15.77
CA HIS D 84 15.50 68.15 -15.69
C HIS D 84 15.89 68.77 -17.04
N SER D 85 16.88 69.66 -16.99
CA SER D 85 17.53 70.32 -18.13
C SER D 85 16.69 71.47 -18.70
N LEU D 86 15.44 71.20 -19.11
CA LEU D 86 14.44 72.22 -19.48
C LEU D 86 14.97 73.28 -20.46
N ARG D 87 15.11 72.85 -21.72
CA ARG D 87 15.63 73.72 -22.76
C ARG D 87 14.51 74.67 -23.20
N ASP D 88 14.88 75.71 -23.94
CA ASP D 88 13.92 76.73 -24.37
C ASP D 88 12.71 76.15 -25.09
N GLY D 89 12.87 75.03 -25.80
CA GLY D 89 11.72 74.47 -26.50
C GLY D 89 10.69 73.83 -25.58
N ASP D 90 10.97 73.74 -24.28
CA ASP D 90 10.09 73.14 -23.30
C ASP D 90 9.14 74.14 -22.64
N THR D 91 9.17 75.41 -23.02
CA THR D 91 8.23 76.36 -22.45
C THR D 91 6.83 76.03 -22.94
N ALA D 92 5.91 75.85 -22.00
CA ALA D 92 4.55 75.46 -22.37
C ALA D 92 3.65 75.46 -21.14
N VAL D 93 2.35 75.43 -21.39
CA VAL D 93 1.39 75.12 -20.34
C VAL D 93 1.28 73.61 -20.29
N TYR D 94 1.49 73.03 -19.12
CA TYR D 94 1.45 71.60 -18.89
C TYR D 94 0.18 71.19 -18.17
N TYR D 95 -0.65 70.40 -18.84
CA TYR D 95 -1.93 69.94 -18.32
C TYR D 95 -1.75 68.49 -17.88
N CYS D 96 -2.41 68.14 -16.77
CA CYS D 96 -2.53 66.75 -16.35
C CYS D 96 -3.87 66.28 -16.89
N ALA D 97 -3.97 65.01 -17.24
CA ALA D 97 -5.25 64.51 -17.72
C ALA D 97 -5.45 63.05 -17.34
N THR D 98 -6.72 62.70 -17.21
CA THR D 98 -7.17 61.35 -16.90
C THR D 98 -7.56 60.66 -18.20
N GLY D 99 -7.02 59.47 -18.40
CA GLY D 99 -7.25 58.64 -19.57
C GLY D 99 -5.98 58.47 -20.38
N GLY D 100 -6.12 57.80 -21.53
CA GLY D 100 -5.01 57.49 -22.40
C GLY D 100 -4.51 56.06 -22.36
N MET D 101 -4.90 55.28 -21.36
CA MET D 101 -4.45 53.89 -21.30
C MET D 101 -5.47 53.12 -20.48
N SER D 102 -5.50 51.79 -20.68
CA SER D 102 -6.41 50.96 -19.92
C SER D 102 -5.76 49.60 -19.67
N SER D 103 -5.93 49.10 -18.45
CA SER D 103 -5.22 47.92 -17.94
C SER D 103 -5.85 46.57 -18.30
N ALA D 104 -5.94 46.28 -19.59
CA ALA D 104 -6.36 44.96 -20.09
C ALA D 104 -7.73 44.42 -19.67
N LEU D 105 -8.14 44.58 -18.41
CA LEU D 105 -9.42 44.09 -17.92
C LEU D 105 -10.51 45.15 -17.98
N GLN D 106 -10.16 46.36 -18.39
CA GLN D 106 -11.02 47.52 -18.55
C GLN D 106 -11.20 47.75 -20.05
N SER D 107 -12.25 48.47 -20.42
CA SER D 107 -12.42 48.74 -21.84
C SER D 107 -11.37 49.76 -22.30
N SER D 108 -11.19 49.81 -23.61
CA SER D 108 -10.19 50.69 -24.20
C SER D 108 -10.51 52.15 -23.96
N LYS D 109 -9.45 52.96 -23.80
CA LYS D 109 -9.56 54.40 -23.72
C LYS D 109 -8.94 54.97 -24.98
N TYR D 110 -7.64 55.23 -24.99
CA TYR D 110 -6.96 55.84 -26.14
C TYR D 110 -7.55 57.22 -26.44
N TYR D 111 -7.93 57.92 -25.37
CA TYR D 111 -8.41 59.29 -25.42
C TYR D 111 -8.13 59.88 -24.05
N PHE D 112 -8.18 61.21 -23.96
CA PHE D 112 -7.94 61.90 -22.69
C PHE D 112 -9.31 62.31 -22.17
N ASP D 113 -9.75 61.64 -21.10
CA ASP D 113 -11.12 61.78 -20.61
C ASP D 113 -11.35 63.07 -19.84
N PHE D 114 -10.43 63.44 -18.95
CA PHE D 114 -10.58 64.65 -18.14
C PHE D 114 -9.31 65.48 -18.21
N TRP D 115 -9.45 66.79 -18.17
CA TRP D 115 -8.35 67.73 -18.22
C TRP D 115 -8.36 68.66 -17.01
N GLY D 116 -7.16 69.06 -16.60
CA GLY D 116 -6.97 70.04 -15.53
C GLY D 116 -6.95 71.45 -16.08
N GLN D 117 -6.37 72.37 -15.31
CA GLN D 117 -6.35 73.77 -15.68
C GLN D 117 -5.04 74.18 -16.34
N GLY D 118 -3.94 73.55 -15.96
CA GLY D 118 -2.63 73.75 -16.53
C GLY D 118 -1.67 74.66 -15.78
N ALA D 119 -0.44 74.20 -15.61
CA ALA D 119 0.62 74.98 -14.97
C ALA D 119 1.42 75.61 -16.10
N LEU D 120 1.90 76.84 -15.91
CA LEU D 120 2.72 77.49 -16.94
C LEU D 120 4.19 77.34 -16.60
N VAL D 121 4.95 76.69 -17.49
CA VAL D 121 6.39 76.48 -17.31
C VAL D 121 7.10 77.38 -18.30
N THR D 122 7.90 78.32 -17.77
CA THR D 122 8.65 79.28 -18.55
C THR D 122 10.13 79.00 -18.32
N VAL D 123 10.90 78.87 -19.40
CA VAL D 123 12.32 78.59 -19.30
C VAL D 123 13.08 79.91 -19.31
N ALA E 1 2.99 65.03 -36.52
CA ALA E 1 1.73 65.74 -36.33
C ALA E 1 0.75 65.39 -37.44
N LEU E 2 -0.53 65.64 -37.21
CA LEU E 2 -1.59 65.42 -38.18
C LEU E 2 -1.93 66.74 -38.85
N THR E 3 -2.33 66.68 -40.12
CA THR E 3 -2.65 67.89 -40.88
C THR E 3 -4.14 68.23 -40.76
N GLN E 4 -4.42 69.48 -40.43
CA GLN E 4 -5.77 70.01 -40.32
C GLN E 4 -5.81 71.35 -41.05
N PRO E 5 -6.97 71.76 -41.57
CA PRO E 5 -7.05 73.09 -42.20
C PRO E 5 -6.82 74.17 -41.17
N PRO E 6 -6.07 75.25 -41.50
CA PRO E 6 -5.92 76.37 -40.55
C PRO E 6 -7.22 76.93 -40.00
N SER E 7 -8.29 76.99 -40.79
CA SER E 7 -9.54 77.51 -40.25
C SER E 7 -10.72 76.99 -41.06
N VAL E 8 -11.86 76.92 -40.37
CA VAL E 8 -13.14 76.54 -40.95
C VAL E 8 -14.17 77.52 -40.41
N SER E 9 -15.07 77.98 -41.27
CA SER E 9 -16.10 78.92 -40.82
C SER E 9 -17.38 78.71 -41.61
N GLY E 10 -18.43 79.34 -41.14
CA GLY E 10 -19.73 79.27 -41.77
C GLY E 10 -20.70 80.13 -41.00
N SER E 11 -21.90 80.27 -41.55
CA SER E 11 -22.90 81.09 -40.91
C SER E 11 -23.58 80.30 -39.78
N PRO E 12 -24.15 80.98 -38.79
CA PRO E 12 -24.92 80.27 -37.76
C PRO E 12 -26.03 79.43 -38.38
N GLY E 13 -26.18 78.21 -37.87
CA GLY E 13 -27.17 77.28 -38.36
C GLY E 13 -26.69 76.34 -39.44
N GLN E 14 -25.52 76.60 -40.03
CA GLN E 14 -24.98 75.78 -41.09
C GLN E 14 -24.13 74.66 -40.52
N SER E 15 -23.92 73.62 -41.31
CA SER E 15 -23.04 72.52 -40.96
C SER E 15 -21.69 72.69 -41.64
N VAL E 16 -20.62 72.47 -40.87
CA VAL E 16 -19.26 72.52 -41.40
C VAL E 16 -18.52 71.26 -40.98
N THR E 17 -17.44 70.95 -41.71
CA THR E 17 -16.60 69.81 -41.42
C THR E 17 -15.15 70.25 -41.24
N ILE E 18 -14.52 69.77 -40.17
CA ILE E 18 -13.12 69.99 -39.88
C ILE E 18 -12.43 68.65 -40.13
N SER E 19 -11.58 68.58 -41.15
CA SER E 19 -10.91 67.32 -41.44
C SER E 19 -9.60 67.20 -40.68
N CYS E 20 -9.09 65.97 -40.62
CA CYS E 20 -7.81 65.63 -40.01
C CYS E 20 -7.22 64.52 -40.86
N THR E 21 -6.06 64.76 -41.49
CA THR E 21 -5.46 63.78 -42.39
C THR E 21 -4.13 63.33 -41.79
N GLY E 22 -4.00 62.01 -41.65
CA GLY E 22 -2.83 61.35 -41.11
C GLY E 22 -2.24 60.39 -42.12
N THR E 23 -1.65 59.30 -41.63
CA THR E 23 -1.00 58.30 -42.47
C THR E 23 -1.55 56.91 -42.12
N SER E 24 -1.04 55.91 -42.84
CA SER E 24 -1.53 54.54 -42.66
C SER E 24 -1.23 54.00 -41.28
N SER E 25 -0.08 54.38 -40.71
CA SER E 25 0.33 53.87 -39.40
C SER E 25 -0.47 54.43 -38.22
N ASP E 26 -1.28 55.48 -38.41
CA ASP E 26 -2.01 56.07 -37.28
C ASP E 26 -3.53 56.12 -37.48
N ILE E 27 -4.09 57.05 -38.26
CA ILE E 27 -5.54 57.08 -38.43
C ILE E 27 -6.02 55.83 -39.15
N GLY E 28 -5.29 55.42 -40.18
CA GLY E 28 -5.63 54.24 -40.96
C GLY E 28 -5.71 52.94 -40.21
N SER E 29 -4.60 52.59 -39.55
CA SER E 29 -4.51 51.32 -38.83
C SER E 29 -5.35 51.25 -37.56
N TYR E 30 -5.55 52.35 -36.83
CA TYR E 30 -6.26 52.31 -35.56
C TYR E 30 -7.53 53.13 -35.59
N ASN E 31 -8.61 52.56 -35.01
CA ASN E 31 -9.89 53.24 -34.89
C ASN E 31 -9.95 54.02 -33.57
N TYR E 32 -8.95 54.90 -33.36
CA TYR E 32 -8.87 55.72 -32.15
C TYR E 32 -8.48 57.14 -32.54
N VAL E 33 -9.45 57.91 -33.04
CA VAL E 33 -9.19 59.28 -33.50
C VAL E 33 -10.18 60.18 -32.77
N SER E 34 -9.76 60.72 -31.64
CA SER E 34 -10.60 61.56 -30.80
C SER E 34 -10.52 63.02 -31.26
N TRP E 35 -11.49 63.82 -30.82
CA TRP E 35 -11.52 65.25 -31.07
C TRP E 35 -11.76 66.02 -29.76
N TYR E 36 -11.07 67.17 -29.65
CA TYR E 36 -11.17 68.06 -28.50
C TYR E 36 -11.52 69.47 -28.95
N GLN E 37 -12.28 70.16 -28.08
CA GLN E 37 -12.70 71.55 -28.28
C GLN E 37 -12.03 72.42 -27.19
N GLN E 38 -11.11 73.30 -27.59
CA GLN E 38 -10.35 74.15 -26.67
C GLN E 38 -10.75 75.61 -26.80
N HIS E 39 -11.49 76.13 -25.83
CA HIS E 39 -11.83 77.55 -25.93
C HIS E 39 -10.55 78.33 -25.57
N PRO E 40 -10.30 79.48 -26.18
CA PRO E 40 -9.08 80.22 -25.84
C PRO E 40 -8.93 80.50 -24.34
N GLY E 41 -7.76 80.20 -23.81
CA GLY E 41 -7.45 80.41 -22.42
C GLY E 41 -7.91 79.30 -21.49
N LYS E 42 -8.61 78.29 -22.00
CA LYS E 42 -9.17 77.19 -21.23
C LYS E 42 -8.56 75.87 -21.68
N ALA E 43 -8.66 74.87 -20.80
CA ALA E 43 -8.22 73.53 -21.16
C ALA E 43 -9.16 72.90 -22.19
N PRO E 44 -8.65 72.02 -23.06
CA PRO E 44 -9.53 71.33 -24.02
C PRO E 44 -10.59 70.45 -23.35
N LYS E 45 -11.77 70.41 -23.97
CA LYS E 45 -12.87 69.53 -23.57
C LYS E 45 -12.97 68.41 -24.60
N LEU E 46 -13.24 67.19 -24.14
CA LEU E 46 -13.43 66.07 -25.05
C LEU E 46 -14.78 66.10 -25.74
N MET E 47 -14.77 66.02 -27.06
CA MET E 47 -15.97 66.00 -27.89
C MET E 47 -16.21 64.66 -28.57
N ILE E 48 -15.17 64.01 -29.09
CA ILE E 48 -15.32 62.73 -29.80
C ILE E 48 -14.21 61.81 -29.33
N TYR E 49 -14.51 60.51 -29.22
CA TYR E 49 -13.50 59.53 -28.89
C TYR E 49 -13.78 58.31 -29.74
N ASP E 50 -12.83 57.36 -29.74
CA ASP E 50 -12.83 56.23 -30.68
C ASP E 50 -12.92 56.90 -32.04
N VAL E 51 -13.90 56.58 -32.89
CA VAL E 51 -14.06 57.24 -34.19
C VAL E 51 -15.37 58.02 -34.23
N THR E 52 -16.47 57.38 -33.80
CA THR E 52 -17.81 57.96 -33.87
C THR E 52 -18.47 58.13 -32.51
N GLN E 53 -17.75 57.91 -31.41
CA GLN E 53 -18.38 57.94 -30.09
C GLN E 53 -18.34 59.36 -29.53
N ARG E 54 -19.34 59.68 -28.72
CA ARG E 54 -19.49 61.00 -28.14
C ARG E 54 -19.65 60.93 -26.62
N PRO E 55 -18.86 61.69 -25.84
CA PRO E 55 -19.02 61.64 -24.38
C PRO E 55 -20.37 62.16 -23.92
N SER E 56 -20.84 61.63 -22.79
CA SER E 56 -22.07 62.14 -22.21
C SER E 56 -21.86 63.61 -21.86
N GLY E 57 -22.90 64.42 -22.10
CA GLY E 57 -22.84 65.85 -21.85
C GLY E 57 -22.59 66.67 -23.09
N VAL E 58 -22.22 66.01 -24.20
CA VAL E 58 -21.99 66.66 -25.49
C VAL E 58 -23.23 66.44 -26.34
N SER E 59 -23.72 67.53 -26.93
CA SER E 59 -24.94 67.51 -27.72
C SER E 59 -24.73 66.81 -29.06
N ASP E 60 -25.84 66.52 -29.73
CA ASP E 60 -25.91 65.74 -30.95
C ASP E 60 -25.45 66.51 -32.19
N ARG E 61 -25.03 67.76 -32.04
CA ARG E 61 -24.53 68.54 -33.17
C ARG E 61 -23.09 68.20 -33.54
N PHE E 62 -22.37 67.47 -32.70
CA PHE E 62 -20.98 67.10 -32.92
C PHE E 62 -20.91 65.62 -33.26
N SER E 63 -20.40 65.30 -34.45
CA SER E 63 -20.32 63.92 -34.91
C SER E 63 -19.03 63.78 -35.72
N GLY E 64 -18.74 62.57 -36.18
CA GLY E 64 -17.52 62.41 -36.95
C GLY E 64 -17.46 61.07 -37.63
N SER E 65 -16.40 60.88 -38.40
CA SER E 65 -16.25 59.64 -39.17
C SER E 65 -14.80 59.48 -39.59
N LYS E 66 -14.49 58.31 -40.15
CA LYS E 66 -13.18 57.97 -40.68
C LYS E 66 -13.31 57.22 -41.98
N SER E 67 -12.48 57.59 -42.96
CA SER E 67 -12.40 56.91 -44.25
C SER E 67 -10.95 56.93 -44.69
N GLY E 68 -10.39 55.76 -44.98
CA GLY E 68 -8.98 55.70 -45.37
C GLY E 68 -8.14 56.22 -44.23
N ASN E 69 -7.27 57.19 -44.54
CA ASN E 69 -6.40 57.80 -43.56
C ASN E 69 -6.89 59.18 -43.17
N THR E 70 -8.14 59.52 -43.51
CA THR E 70 -8.73 60.82 -43.22
C THR E 70 -9.89 60.67 -42.24
N ALA E 71 -9.87 61.46 -41.18
CA ALA E 71 -10.92 61.48 -40.17
C ALA E 71 -11.55 62.87 -40.22
N SER E 72 -12.79 62.98 -39.80
CA SER E 72 -13.40 64.31 -39.79
C SER E 72 -14.39 64.47 -38.66
N LEU E 73 -14.55 65.72 -38.24
CA LEU E 73 -15.52 66.18 -37.26
C LEU E 73 -16.54 67.06 -37.98
N THR E 74 -17.82 66.75 -37.82
CA THR E 74 -18.88 67.52 -38.43
C THR E 74 -19.61 68.23 -37.30
N ILE E 75 -19.75 69.55 -37.45
CA ILE E 75 -20.46 70.39 -36.50
C ILE E 75 -21.66 70.97 -37.22
N SER E 76 -22.84 70.46 -36.90
CA SER E 76 -24.07 70.94 -37.55
C SER E 76 -24.64 72.06 -36.70
N GLY E 77 -25.52 72.86 -37.30
CA GLY E 77 -26.23 73.84 -36.48
C GLY E 77 -25.35 74.84 -35.77
N LEU E 78 -24.35 75.41 -36.44
CA LEU E 78 -23.36 76.27 -35.79
C LEU E 78 -23.98 77.35 -34.90
N GLN E 79 -23.47 77.44 -33.68
CA GLN E 79 -23.88 78.40 -32.66
C GLN E 79 -22.80 79.43 -32.41
N ALA E 80 -23.21 80.56 -31.84
CA ALA E 80 -22.27 81.61 -31.48
C ALA E 80 -21.23 81.14 -30.47
N ASP E 81 -21.57 80.19 -29.60
CA ASP E 81 -20.68 79.73 -28.54
C ASP E 81 -19.75 78.60 -28.97
N ASP E 82 -19.75 78.23 -30.25
CA ASP E 82 -18.93 77.13 -30.73
C ASP E 82 -17.54 77.57 -31.18
N GLU E 83 -17.17 78.84 -30.98
CA GLU E 83 -15.86 79.29 -31.42
C GLU E 83 -14.79 78.74 -30.48
N ALA E 84 -13.90 77.92 -31.04
CA ALA E 84 -12.88 77.25 -30.27
C ALA E 84 -11.82 76.72 -31.22
N ASP E 85 -10.67 76.37 -30.67
CA ASP E 85 -9.65 75.67 -31.44
C ASP E 85 -9.92 74.17 -31.31
N TYR E 86 -10.16 73.52 -32.45
CA TYR E 86 -10.46 72.09 -32.47
C TYR E 86 -9.21 71.30 -32.81
N TYR E 87 -9.01 70.19 -32.11
CA TYR E 87 -7.86 69.34 -32.33
C TYR E 87 -8.30 67.90 -32.52
N CYS E 88 -7.57 67.18 -33.36
CA CYS E 88 -7.71 65.74 -33.52
C CYS E 88 -6.53 65.08 -32.81
N SER E 89 -6.75 63.87 -32.31
CA SER E 89 -5.68 63.10 -31.68
C SER E 89 -5.83 61.64 -32.05
N ALA E 90 -4.79 61.06 -32.63
CA ALA E 90 -4.81 59.67 -33.07
C ALA E 90 -3.84 58.83 -32.25
N TYR E 91 -4.25 57.59 -31.97
CA TYR E 91 -3.36 56.61 -31.37
C TYR E 91 -2.48 56.04 -32.47
N ALA E 92 -1.16 56.02 -32.24
CA ALA E 92 -0.20 55.59 -33.25
C ALA E 92 0.74 54.47 -32.81
N GLY E 93 0.26 53.54 -31.99
CA GLY E 93 1.08 52.39 -31.61
C GLY E 93 1.82 52.56 -30.30
N ARG E 94 2.76 51.62 -30.09
CA ARG E 94 3.47 51.52 -28.82
C ARG E 94 4.66 52.47 -28.72
N GLN E 95 5.30 52.82 -29.85
CA GLN E 95 6.46 53.70 -29.79
C GLN E 95 6.06 55.17 -29.77
N THR E 96 5.00 55.50 -30.49
CA THR E 96 4.45 56.85 -30.62
C THR E 96 3.01 56.71 -30.18
N PHE E 97 2.71 57.05 -28.92
CA PHE E 97 1.38 56.79 -28.40
C PHE E 97 0.33 57.70 -29.03
N TYR E 98 0.51 59.02 -28.97
CA TYR E 98 -0.48 59.94 -29.50
C TYR E 98 0.13 60.97 -30.43
N ILE E 99 -0.61 61.29 -31.49
CA ILE E 99 -0.23 62.34 -32.44
C ILE E 99 -1.37 63.34 -32.47
N PHE E 100 -1.05 64.61 -32.25
CA PHE E 100 -2.04 65.66 -32.32
C PHE E 100 -1.83 66.43 -33.61
N GLY E 101 -2.93 66.97 -34.15
CA GLY E 101 -2.86 67.83 -35.30
C GLY E 101 -2.69 69.30 -34.92
N GLY E 102 -2.55 70.13 -35.94
CA GLY E 102 -2.49 71.55 -35.71
C GLY E 102 -3.88 72.01 -35.34
N GLY E 103 -4.01 73.11 -34.61
CA GLY E 103 -5.34 73.55 -34.26
C GLY E 103 -6.05 74.21 -35.42
N THR E 104 -7.37 74.02 -35.46
CA THR E 104 -8.25 74.65 -36.44
C THR E 104 -9.08 75.71 -35.75
N ARG E 105 -8.97 76.95 -36.22
CA ARG E 105 -9.75 78.05 -35.65
C ARG E 105 -11.11 78.04 -36.33
N LEU E 106 -12.17 77.81 -35.55
CA LEU E 106 -13.51 77.77 -36.15
C LEU E 106 -13.89 79.19 -36.59
N ASP F 9 -6.02 38.29 2.14
CA ASP F 9 -6.75 37.19 2.76
C ASP F 9 -6.03 35.86 2.56
N GLY F 10 -6.59 34.79 3.12
CA GLY F 10 -6.05 33.47 3.02
C GLY F 10 -6.66 32.65 1.90
N PHE F 11 -6.48 31.34 2.01
CA PHE F 11 -6.93 30.38 1.00
C PHE F 11 -8.43 30.52 0.73
N LEU F 12 -8.78 30.73 -0.53
CA LEU F 12 -10.14 30.92 -1.03
C LEU F 12 -10.82 32.16 -0.47
N GLY F 13 -10.08 33.07 0.17
CA GLY F 13 -10.71 34.27 0.70
C GLY F 13 -11.36 35.12 -0.39
N ALA F 14 -10.81 35.06 -1.59
CA ALA F 14 -11.29 35.82 -2.74
C ALA F 14 -12.43 35.13 -3.48
N ALA F 15 -12.89 33.95 -3.01
CA ALA F 15 -13.89 33.19 -3.73
C ALA F 15 -15.16 34.00 -4.00
N GLY F 16 -15.54 34.88 -3.08
CA GLY F 16 -16.73 35.69 -3.25
C GLY F 16 -16.46 37.07 -3.84
N SER F 17 -15.21 37.37 -4.16
CA SER F 17 -14.82 38.68 -4.68
C SER F 17 -15.03 38.68 -6.19
N THR F 18 -14.85 39.86 -6.79
CA THR F 18 -15.06 39.95 -8.23
C THR F 18 -13.91 39.26 -8.95
N MET F 19 -14.12 38.97 -10.23
CA MET F 19 -13.09 38.28 -11.01
C MET F 19 -11.80 39.09 -11.04
N GLY F 20 -11.89 40.41 -11.14
CA GLY F 20 -10.68 41.21 -11.15
C GLY F 20 -9.91 41.10 -9.85
N ALA F 21 -10.59 41.34 -8.72
CA ALA F 21 -9.91 41.29 -7.43
C ALA F 21 -9.35 39.90 -7.15
N ALA F 22 -10.08 38.85 -7.53
CA ALA F 22 -9.61 37.51 -7.19
C ALA F 22 -8.42 37.10 -8.03
N SER F 23 -8.13 37.82 -9.10
CA SER F 23 -7.01 37.49 -9.95
C SER F 23 -5.70 37.85 -9.27
N MET F 24 -5.76 38.62 -8.17
CA MET F 24 -4.59 39.07 -7.45
C MET F 24 -4.15 38.10 -6.36
N THR F 25 -4.86 36.98 -6.17
CA THR F 25 -4.58 35.99 -5.14
C THR F 25 -4.25 34.62 -5.73
N LEU F 26 -3.87 34.56 -7.00
CA LEU F 26 -3.65 33.28 -7.67
C LEU F 26 -2.55 32.45 -6.99
N THR F 27 -1.55 33.10 -6.40
CA THR F 27 -0.49 32.34 -5.76
C THR F 27 -0.96 31.68 -4.46
N VAL F 28 -2.02 32.21 -3.86
CA VAL F 28 -2.48 31.65 -2.59
C VAL F 28 -3.13 30.31 -2.86
N GLN F 29 -3.98 30.24 -3.88
CA GLN F 29 -4.62 28.98 -4.19
C GLN F 29 -3.62 28.02 -4.81
N ALA F 30 -2.69 28.55 -5.62
CA ALA F 30 -1.70 27.69 -6.26
C ALA F 30 -0.83 26.96 -5.24
N ARG F 31 -0.43 27.65 -4.16
CA ARG F 31 0.41 26.98 -3.16
C ARG F 31 -0.32 25.84 -2.45
N ASN F 32 -1.63 25.96 -2.28
CA ASN F 32 -2.42 25.01 -1.52
C ASN F 32 -2.88 23.80 -2.32
N LEU F 33 -2.39 23.65 -3.56
CA LEU F 33 -2.70 22.46 -4.33
C LEU F 33 -1.77 21.30 -3.99
N LEU F 34 -0.55 21.60 -3.53
CA LEU F 34 0.43 20.58 -3.15
C LEU F 34 0.55 20.42 -1.64
N SER F 35 0.41 21.52 -0.89
CA SER F 35 0.53 21.63 0.58
C SER F 35 0.73 20.35 1.39
N GLY F 61 -4.07 2.69 5.11
CA GLY F 61 -2.90 3.24 4.45
C GLY F 61 -3.06 3.33 2.95
N ILE F 62 -3.73 2.35 2.37
CA ILE F 62 -3.89 2.31 0.92
C ILE F 62 -4.77 3.46 0.46
N LYS F 63 -5.85 3.75 1.18
CA LYS F 63 -6.77 4.82 0.76
C LYS F 63 -6.08 6.18 0.75
N GLN F 64 -5.18 6.41 1.70
CA GLN F 64 -4.49 7.70 1.75
C GLN F 64 -3.42 7.79 0.67
N LEU F 65 -2.72 6.69 0.41
CA LEU F 65 -1.75 6.72 -0.68
C LEU F 65 -2.46 6.93 -2.01
N GLN F 66 -3.65 6.32 -2.18
CA GLN F 66 -4.38 6.52 -3.43
C GLN F 66 -4.80 7.97 -3.56
N ALA F 67 -5.26 8.58 -2.46
CA ALA F 67 -5.67 9.97 -2.51
C ALA F 67 -4.51 10.88 -2.86
N ARG F 68 -3.32 10.58 -2.34
CA ARG F 68 -2.16 11.42 -2.60
C ARG F 68 -1.66 11.23 -4.03
N VAL F 69 -1.70 10.00 -4.53
CA VAL F 69 -1.28 9.75 -5.90
C VAL F 69 -2.25 10.44 -6.86
N LEU F 70 -3.55 10.37 -6.59
CA LEU F 70 -4.49 11.06 -7.44
C LEU F 70 -4.28 12.57 -7.40
N ALA F 71 -4.00 13.13 -6.23
CA ALA F 71 -3.74 14.57 -6.15
C ALA F 71 -2.55 14.96 -7.01
N VAL F 72 -1.51 14.12 -7.00
CA VAL F 72 -0.32 14.40 -7.82
C VAL F 72 -0.66 14.26 -9.30
N GLU F 73 -1.39 13.21 -9.68
CA GLU F 73 -1.72 13.03 -11.09
C GLU F 73 -2.59 14.16 -11.60
N HIS F 74 -3.53 14.65 -10.78
CA HIS F 74 -4.37 15.76 -11.19
C HIS F 74 -3.51 17.01 -11.41
N TYR F 75 -2.66 17.31 -10.44
CA TYR F 75 -1.78 18.48 -10.55
C TYR F 75 -0.95 18.40 -11.82
N LEU F 76 -0.35 17.24 -12.07
CA LEU F 76 0.50 17.09 -13.25
C LEU F 76 -0.31 17.21 -14.53
N ARG F 77 -1.56 16.73 -14.56
CA ARG F 77 -2.35 16.89 -15.77
C ARG F 77 -2.62 18.37 -16.03
N ASP F 78 -2.88 19.14 -14.98
CA ASP F 78 -3.11 20.57 -15.19
C ASP F 78 -1.84 21.27 -15.65
N GLN F 79 -0.68 20.85 -15.12
CA GLN F 79 0.56 21.49 -15.55
C GLN F 79 0.88 21.11 -16.99
N GLN F 80 0.58 19.86 -17.37
CA GLN F 80 0.82 19.43 -18.74
C GLN F 80 -0.07 20.22 -19.68
N LEU F 81 -1.31 20.46 -19.27
CA LEU F 81 -2.25 21.17 -20.12
C LEU F 81 -1.77 22.61 -20.31
N LEU F 82 -1.27 23.24 -19.24
CA LEU F 82 -0.73 24.59 -19.39
C LEU F 82 0.49 24.57 -20.32
N GLY F 83 1.32 23.53 -20.22
CA GLY F 83 2.48 23.42 -21.09
C GLY F 83 2.09 23.31 -22.55
N ILE F 84 1.07 22.51 -22.84
CA ILE F 84 0.60 22.33 -24.22
C ILE F 84 0.16 23.66 -24.80
N TRP F 85 -0.48 24.50 -24.00
CA TRP F 85 -0.94 25.80 -24.45
C TRP F 85 0.18 26.84 -24.52
N GLY F 86 1.39 26.51 -24.05
CA GLY F 86 2.47 27.47 -24.01
C GLY F 86 2.46 28.38 -22.80
N CYS F 87 1.81 27.96 -21.71
CA CYS F 87 1.65 28.74 -20.49
C CYS F 87 2.33 28.05 -19.31
N SER F 88 3.38 27.26 -19.59
CA SER F 88 3.99 26.41 -18.58
C SER F 88 4.53 27.16 -17.36
N GLY F 89 4.98 28.39 -17.52
CA GLY F 89 5.54 29.14 -16.40
C GLY F 89 4.78 30.33 -15.88
N LYS F 90 3.50 30.49 -16.23
CA LYS F 90 2.74 31.68 -15.89
C LYS F 90 1.45 31.31 -15.16
N LEU F 91 1.03 32.22 -14.27
CA LEU F 91 -0.26 32.13 -13.62
C LEU F 91 -1.32 32.88 -14.40
N ILE F 92 -0.91 33.92 -15.12
CA ILE F 92 -1.76 34.70 -16.01
C ILE F 92 -1.08 34.58 -17.37
N CYS F 93 -1.79 34.04 -18.34
CA CYS F 93 -1.21 33.77 -19.65
C CYS F 93 -2.16 34.21 -20.76
N CYS F 94 -1.67 35.06 -21.65
CA CYS F 94 -2.44 35.56 -22.77
C CYS F 94 -2.18 34.70 -23.98
N THR F 95 -3.18 34.55 -24.85
CA THR F 95 -3.04 33.73 -26.04
C THR F 95 -3.54 34.41 -27.31
N ASN F 96 -3.55 33.65 -28.42
CA ASN F 96 -3.94 34.13 -29.73
C ASN F 96 -5.30 33.58 -30.18
N VAL F 97 -6.13 33.11 -29.27
CA VAL F 97 -7.46 32.62 -29.61
C VAL F 97 -8.47 33.73 -29.32
N PRO F 98 -9.20 34.22 -30.32
CA PRO F 98 -10.17 35.29 -30.06
C PRO F 98 -11.37 34.76 -29.31
N TRP F 99 -12.05 35.64 -28.58
CA TRP F 99 -13.28 35.25 -27.91
C TRP F 99 -14.36 35.16 -28.98
N ASN F 100 -15.14 34.07 -28.94
CA ASN F 100 -16.09 33.76 -30.00
C ASN F 100 -17.46 34.39 -29.82
N SER F 101 -17.68 35.18 -28.78
CA SER F 101 -18.94 35.85 -28.46
C SER F 101 -20.05 34.90 -28.04
N SER F 102 -20.27 33.83 -28.81
CA SER F 102 -21.29 32.85 -28.46
C SER F 102 -21.05 32.28 -27.06
N TRP F 103 -19.78 32.14 -26.69
CA TRP F 103 -19.42 31.61 -25.38
C TRP F 103 -19.96 32.50 -24.27
N SER F 104 -19.87 33.81 -24.47
CA SER F 104 -20.38 34.80 -23.53
C SER F 104 -20.39 36.17 -24.21
N ASN F 105 -21.53 36.84 -24.23
CA ASN F 105 -21.65 38.14 -24.89
C ASN F 105 -21.65 39.31 -23.90
N ARG F 106 -21.14 39.09 -22.70
CA ARG F 106 -21.04 40.15 -21.71
C ARG F 106 -19.83 41.01 -22.03
N ASN F 107 -19.89 42.29 -21.64
CA ASN F 107 -18.73 43.15 -21.84
C ASN F 107 -17.74 42.94 -20.69
N LEU F 108 -16.54 43.50 -20.84
CA LEU F 108 -15.51 43.32 -19.82
C LEU F 108 -15.91 43.93 -18.49
N SER F 109 -16.67 45.01 -18.49
CA SER F 109 -17.03 45.63 -17.22
C SER F 109 -17.92 44.69 -16.39
N GLU F 110 -18.88 44.00 -17.01
CA GLU F 110 -19.72 43.11 -16.22
C GLU F 110 -18.94 41.91 -15.73
N ILE F 111 -18.08 41.34 -16.59
CA ILE F 111 -17.38 40.12 -16.22
C ILE F 111 -16.37 40.40 -15.12
N TRP F 112 -15.54 41.42 -15.28
CA TRP F 112 -14.49 41.64 -14.30
C TRP F 112 -14.95 42.39 -13.05
N ASP F 113 -15.96 43.27 -13.12
CA ASP F 113 -16.40 44.00 -11.93
C ASP F 113 -17.64 43.46 -11.25
N ASN F 114 -18.57 42.78 -11.94
CA ASN F 114 -19.80 42.32 -11.30
C ASN F 114 -19.92 40.82 -11.09
N MET F 115 -19.00 40.01 -11.59
CA MET F 115 -19.10 38.56 -11.45
C MET F 115 -17.94 38.01 -10.63
N THR F 116 -18.21 36.87 -9.99
CA THR F 116 -17.21 36.10 -9.27
C THR F 116 -16.72 34.98 -10.19
N TRP F 117 -15.62 34.34 -9.82
CA TRP F 117 -15.14 33.24 -10.65
C TRP F 117 -16.06 32.03 -10.60
N LEU F 118 -16.80 31.84 -9.51
CA LEU F 118 -17.72 30.72 -9.45
C LEU F 118 -18.86 30.91 -10.45
N GLN F 119 -19.34 32.14 -10.58
CA GLN F 119 -20.42 32.42 -11.52
C GLN F 119 -19.92 32.28 -12.94
N TRP F 120 -18.70 32.76 -13.21
CA TRP F 120 -18.15 32.66 -14.55
C TRP F 120 -17.96 31.19 -14.91
N ASP F 121 -17.40 30.42 -13.98
CA ASP F 121 -17.17 28.99 -14.22
C ASP F 121 -18.47 28.29 -14.57
N LYS F 122 -19.55 28.63 -13.87
CA LYS F 122 -20.83 28.04 -14.18
C LYS F 122 -21.34 28.48 -15.55
N GLU F 123 -21.21 29.77 -15.85
CA GLU F 123 -21.76 30.35 -17.08
C GLU F 123 -21.19 29.75 -18.36
N ILE F 124 -19.89 29.44 -18.41
CA ILE F 124 -19.27 28.92 -19.63
C ILE F 124 -18.83 27.46 -19.51
N SER F 125 -19.38 26.69 -18.58
CA SER F 125 -18.94 25.31 -18.41
C SER F 125 -19.08 24.51 -19.71
N ASN F 126 -20.18 24.72 -20.43
CA ASN F 126 -20.46 23.95 -21.64
C ASN F 126 -19.46 24.18 -22.74
N TYR F 127 -18.71 25.27 -22.70
CA TYR F 127 -17.77 25.63 -23.76
C TYR F 127 -16.32 25.40 -23.36
N THR F 128 -16.07 24.81 -22.18
CA THR F 128 -14.69 24.68 -21.71
C THR F 128 -13.85 23.85 -22.67
N GLN F 129 -14.39 22.73 -23.16
CA GLN F 129 -13.56 21.89 -23.99
C GLN F 129 -13.34 22.50 -25.35
N ILE F 130 -14.30 23.33 -25.80
CA ILE F 130 -14.14 23.97 -27.09
C ILE F 130 -12.96 24.93 -26.99
N ILE F 131 -12.93 25.69 -25.91
CA ILE F 131 -11.86 26.67 -25.74
C ILE F 131 -10.54 25.94 -25.64
N TYR F 132 -10.51 24.84 -24.88
CA TYR F 132 -9.26 24.12 -24.70
C TYR F 132 -8.75 23.60 -26.04
N GLY F 133 -9.66 23.09 -26.88
CA GLY F 133 -9.21 22.58 -28.16
C GLY F 133 -8.57 23.66 -29.01
N LEU F 134 -9.18 24.85 -29.02
CA LEU F 134 -8.63 25.92 -29.83
C LEU F 134 -7.28 26.35 -29.30
N LEU F 135 -7.12 26.35 -27.98
CA LEU F 135 -5.85 26.77 -27.41
C LEU F 135 -4.73 25.84 -27.85
N GLU F 136 -5.01 24.54 -27.87
CA GLU F 136 -4.00 23.60 -28.29
C GLU F 136 -3.62 23.82 -29.74
N GLU F 137 -4.63 24.05 -30.59
CA GLU F 137 -4.34 24.23 -32.00
C GLU F 137 -3.47 25.46 -32.21
N SER F 138 -3.75 26.52 -31.45
CA SER F 138 -2.97 27.74 -31.65
C SER F 138 -1.51 27.51 -31.33
N GLN F 139 -1.24 26.81 -30.22
CA GLN F 139 0.16 26.62 -29.89
C GLN F 139 0.87 25.75 -30.90
N ASN F 140 0.18 24.76 -31.47
CA ASN F 140 0.89 23.92 -32.43
C ASN F 140 1.32 24.74 -33.62
N GLN F 141 0.47 25.67 -34.06
CA GLN F 141 0.86 26.48 -35.20
C GLN F 141 2.00 27.40 -34.83
N GLN F 142 1.96 27.94 -33.60
CA GLN F 142 3.03 28.82 -33.17
C GLN F 142 4.35 28.08 -33.10
N GLU F 143 4.34 26.83 -32.63
CA GLU F 143 5.61 26.13 -32.56
C GLU F 143 6.19 25.91 -33.94
N LYS F 144 5.35 25.58 -34.90
CA LYS F 144 5.89 25.35 -36.24
C LYS F 144 6.42 26.66 -36.79
N ASN F 145 5.68 27.75 -36.56
CA ASN F 145 6.13 29.02 -37.11
C ASN F 145 7.44 29.44 -36.47
N GLU F 146 7.59 29.19 -35.16
CA GLU F 146 8.82 29.56 -34.50
C GLU F 146 9.99 28.81 -35.10
N GLN F 147 9.79 27.50 -35.34
CA GLN F 147 10.85 26.70 -35.91
C GLN F 147 11.23 27.23 -37.29
N ASP F 148 10.22 27.61 -38.07
CA ASP F 148 10.52 28.08 -39.42
C ASP F 148 11.25 29.41 -39.37
N LEU F 149 10.93 30.27 -38.40
CA LEU F 149 11.67 31.51 -38.30
C LEU F 149 13.11 31.25 -37.89
N LEU F 150 13.32 30.28 -36.98
CA LEU F 150 14.68 29.97 -36.55
C LEU F 150 15.52 29.40 -37.69
N ALA F 151 14.88 28.74 -38.66
CA ALA F 151 15.60 28.18 -39.80
C ALA F 151 16.15 29.22 -40.76
N LEU F 152 15.71 30.47 -40.68
CA LEU F 152 16.23 31.47 -41.61
C LEU F 152 17.65 31.85 -41.21
N ASP F 153 18.56 31.79 -42.17
CA ASP F 153 19.95 32.11 -41.94
C ASP F 153 20.14 33.61 -41.75
N ASN G 3 24.08 47.45 -4.56
CA ASN G 3 23.83 47.25 -5.97
C ASN G 3 23.69 45.76 -6.33
N LEU G 4 23.46 44.92 -5.33
CA LEU G 4 23.35 43.49 -5.50
C LEU G 4 21.89 43.07 -5.54
N TRP G 5 21.61 42.01 -6.31
CA TRP G 5 20.26 41.49 -6.50
C TRP G 5 20.20 40.03 -6.08
N VAL G 6 19.02 39.61 -5.63
CA VAL G 6 18.81 38.22 -5.23
C VAL G 6 18.82 37.34 -6.48
N THR G 7 19.63 36.28 -6.45
CA THR G 7 19.68 35.30 -7.54
C THR G 7 19.32 33.95 -6.96
N VAL G 8 18.41 33.25 -7.64
CA VAL G 8 17.91 31.95 -7.21
C VAL G 8 18.70 30.85 -7.90
N TYR G 9 19.17 29.87 -7.13
CA TYR G 9 19.90 28.72 -7.64
C TYR G 9 19.15 27.45 -7.21
N TYR G 10 19.10 26.49 -8.13
CA TYR G 10 18.50 25.18 -7.89
C TYR G 10 19.55 24.14 -8.25
N GLY G 11 19.78 23.19 -7.36
CA GLY G 11 20.81 22.19 -7.51
C GLY G 11 21.97 22.48 -6.59
N VAL G 12 21.76 23.27 -5.54
CA VAL G 12 22.78 23.66 -4.59
C VAL G 12 23.22 22.48 -3.74
N PRO G 13 24.55 22.17 -3.61
CA PRO G 13 25.02 20.99 -2.85
C PRO G 13 25.01 21.17 -1.33
N VAL G 14 23.82 21.32 -0.75
CA VAL G 14 23.64 21.46 0.69
C VAL G 14 22.63 20.42 1.16
N TRP G 15 22.65 20.16 2.46
CA TRP G 15 21.76 19.16 3.04
C TRP G 15 21.46 19.47 4.49
N LYS G 16 20.42 18.80 4.99
CA LYS G 16 19.98 18.87 6.38
C LYS G 16 19.84 17.47 6.94
N ASP G 17 19.99 17.35 8.26
CA ASP G 17 19.80 16.05 8.89
C ASP G 17 18.35 15.61 8.66
N ALA G 18 18.15 14.32 8.36
CA ALA G 18 16.80 13.83 8.13
C ALA G 18 16.70 12.35 8.46
N GLU G 19 15.47 11.92 8.74
CA GLU G 19 15.12 10.54 8.99
C GLU G 19 14.15 10.10 7.90
N THR G 20 14.53 9.07 7.15
CA THR G 20 13.67 8.55 6.08
C THR G 20 13.75 7.03 6.06
N THR G 21 12.97 6.44 5.14
CA THR G 21 12.95 5.01 4.92
C THR G 21 14.02 4.64 3.92
N LEU G 22 14.87 3.68 4.29
CA LEU G 22 15.94 3.19 3.44
C LEU G 22 15.51 1.91 2.73
N PHE G 23 16.10 1.68 1.56
CA PHE G 23 15.80 0.51 0.75
C PHE G 23 16.74 -0.64 1.02
N CYS G 24 16.20 -1.85 0.91
CA CYS G 24 16.98 -3.08 1.02
C CYS G 24 17.62 -3.40 -0.31
N ALA G 25 18.90 -3.77 -0.27
CA ALA G 25 19.57 -4.30 -1.44
C ALA G 25 20.39 -5.52 -0.99
N SER G 26 20.52 -6.49 -1.89
CA SER G 26 21.28 -7.70 -1.60
C SER G 26 21.87 -8.23 -2.90
N ASP G 27 23.07 -8.82 -2.78
CA ASP G 27 23.74 -9.42 -3.93
C ASP G 27 22.89 -10.52 -4.55
N HIS G 36 16.23 -22.08 1.25
CA HIS G 36 15.82 -20.73 1.58
C HIS G 36 16.57 -20.26 2.82
N ASN G 37 16.69 -18.94 2.97
CA ASN G 37 17.36 -18.31 4.10
C ASN G 37 16.37 -17.39 4.82
N VAL G 38 16.40 -17.44 6.16
CA VAL G 38 15.50 -16.63 6.96
C VAL G 38 15.66 -15.15 6.67
N TRP G 39 16.86 -14.73 6.26
CA TRP G 39 17.12 -13.32 5.99
C TRP G 39 16.93 -12.96 4.53
N ALA G 40 16.60 -13.94 3.68
CA ALA G 40 16.41 -13.65 2.27
C ALA G 40 15.12 -12.86 2.13
N THR G 41 15.16 -11.77 1.37
CA THR G 41 14.01 -10.90 1.19
C THR G 41 13.67 -10.85 -0.29
N HIS G 42 12.41 -11.13 -0.61
CA HIS G 42 11.98 -11.08 -2.00
C HIS G 42 11.82 -9.64 -2.44
N ALA G 43 11.26 -8.80 -1.58
CA ALA G 43 11.07 -7.38 -1.88
C ALA G 43 12.35 -6.62 -1.51
N CYS G 44 13.42 -6.93 -2.24
CA CYS G 44 14.73 -6.36 -1.99
C CYS G 44 15.42 -6.34 -3.35
N VAL G 45 15.97 -5.19 -3.72
CA VAL G 45 16.54 -4.95 -5.04
C VAL G 45 17.95 -5.52 -5.19
N PRO G 46 18.34 -6.08 -6.36
CA PRO G 46 19.74 -6.47 -6.55
C PRO G 46 20.69 -5.29 -6.38
N THR G 47 21.88 -5.57 -5.82
CA THR G 47 22.86 -4.52 -5.64
C THR G 47 23.54 -4.15 -6.95
N ASP G 48 24.20 -2.99 -6.91
CA ASP G 48 24.98 -2.47 -8.03
C ASP G 48 26.37 -3.09 -7.99
N PRO G 49 26.79 -3.85 -9.01
CA PRO G 49 28.14 -4.45 -8.97
C PRO G 49 29.27 -3.43 -8.86
N ASN G 50 29.04 -2.16 -9.20
CA ASN G 50 30.06 -1.12 -9.16
C ASN G 50 29.51 0.10 -8.43
N PRO G 51 29.35 0.02 -7.10
CA PRO G 51 28.78 1.14 -6.36
C PRO G 51 29.78 2.28 -6.34
N GLN G 52 29.26 3.51 -6.23
CA GLN G 52 30.12 4.67 -6.21
C GLN G 52 30.27 5.24 -4.80
N GLU G 53 31.40 5.92 -4.61
CA GLU G 53 31.72 6.68 -3.40
C GLU G 53 32.39 7.95 -3.88
N ILE G 54 31.89 9.11 -3.43
CA ILE G 54 32.43 10.39 -3.84
C ILE G 54 33.04 11.07 -2.62
N HIS G 55 34.36 11.24 -2.62
CA HIS G 55 35.01 11.86 -1.49
C HIS G 55 34.61 13.33 -1.45
N LEU G 56 34.26 13.83 -0.27
CA LEU G 56 33.89 15.23 -0.11
C LEU G 56 35.06 15.99 0.51
N GLU G 57 35.79 16.75 -0.30
CA GLU G 57 36.94 17.47 0.22
C GLU G 57 36.46 18.67 1.03
N ASN G 58 37.19 18.98 2.10
CA ASN G 58 36.91 20.16 2.93
C ASN G 58 35.48 20.16 3.49
N VAL G 59 34.98 18.98 3.86
CA VAL G 59 33.66 18.83 4.47
C VAL G 59 33.86 18.16 5.82
N THR G 60 33.35 18.77 6.89
CA THR G 60 33.49 18.24 8.25
C THR G 60 32.11 18.03 8.87
N GLU G 61 31.47 16.94 8.48
CA GLU G 61 30.12 16.64 8.93
C GLU G 61 30.17 16.08 10.35
N GLU G 62 29.24 16.53 11.20
CA GLU G 62 29.16 16.03 12.56
C GLU G 62 28.27 14.79 12.63
N PHE G 63 28.81 13.72 13.20
CA PHE G 63 28.16 12.43 13.34
C PHE G 63 27.80 12.19 14.80
N ASN G 64 26.75 11.40 15.02
CA ASN G 64 26.38 10.97 16.37
C ASN G 64 25.74 9.59 16.25
N MET G 65 26.52 8.54 16.54
CA MET G 65 26.04 7.17 16.35
C MET G 65 24.91 6.81 17.30
N TRP G 66 24.69 7.59 18.36
CA TRP G 66 23.69 7.25 19.36
C TRP G 66 22.32 7.82 19.02
N LYS G 67 22.22 8.65 17.98
CA LYS G 67 20.99 9.28 17.52
C LYS G 67 20.73 8.93 16.06
N ASN G 68 21.35 7.84 15.60
CA ASN G 68 21.29 7.40 14.21
C ASN G 68 20.04 6.56 13.99
N ASN G 69 19.10 7.09 13.21
CA ASN G 69 17.81 6.43 13.04
C ASN G 69 17.89 5.24 12.09
N MET G 70 19.07 4.97 11.52
CA MET G 70 19.23 3.80 10.65
C MET G 70 19.17 2.52 11.48
N VAL G 71 19.50 2.63 12.77
CA VAL G 71 19.54 1.49 13.67
C VAL G 71 18.11 1.04 13.98
N GLU G 72 17.22 1.99 14.24
CA GLU G 72 15.83 1.63 14.53
C GLU G 72 15.19 0.97 13.33
N GLN G 73 15.48 1.45 12.12
CA GLN G 73 14.92 0.80 10.95
C GLN G 73 15.50 -0.60 10.81
N MET G 74 16.81 -0.75 11.02
CA MET G 74 17.40 -2.08 10.88
C MET G 74 16.76 -3.05 11.86
N HIS G 75 16.51 -2.57 13.07
CA HIS G 75 15.89 -3.39 14.11
C HIS G 75 14.50 -3.85 13.68
N GLU G 76 13.68 -2.88 13.22
CA GLU G 76 12.33 -3.22 12.81
C GLU G 76 12.33 -4.14 11.58
N ASP G 77 13.25 -3.92 10.64
CA ASP G 77 13.26 -4.74 9.44
C ASP G 77 13.66 -6.17 9.77
N ILE G 78 14.63 -6.33 10.66
CA ILE G 78 15.09 -7.66 11.05
C ILE G 78 13.97 -8.40 11.78
N ILE G 79 13.28 -7.73 12.70
CA ILE G 79 12.20 -8.40 13.41
C ILE G 79 11.08 -8.76 12.43
N SER G 80 10.75 -7.85 11.52
CA SER G 80 9.69 -8.12 10.54
C SER G 80 10.03 -9.33 9.68
N LEU G 81 11.27 -9.42 9.20
CA LEU G 81 11.65 -10.56 8.37
C LEU G 81 11.56 -11.85 9.17
N TRP G 82 11.99 -11.80 10.44
CA TRP G 82 11.94 -12.98 11.30
C TRP G 82 10.51 -13.48 11.42
N ASP G 83 9.58 -12.56 11.71
CA ASP G 83 8.19 -12.96 11.89
C ASP G 83 7.58 -13.43 10.59
N GLN G 84 7.93 -12.81 9.46
CA GLN G 84 7.37 -13.27 8.20
C GLN G 84 7.82 -14.69 7.90
N SER G 85 9.09 -14.98 8.21
CA SER G 85 9.60 -16.33 7.99
C SER G 85 8.87 -17.35 8.85
N LEU G 86 8.62 -17.01 10.12
CA LEU G 86 7.94 -17.95 11.00
C LEU G 86 6.44 -18.10 10.74
N LYS G 87 5.77 -17.08 10.19
CA LYS G 87 4.32 -17.17 9.95
C LYS G 87 3.88 -18.42 9.18
N PRO G 88 4.43 -18.72 7.99
CA PRO G 88 3.98 -19.93 7.26
C PRO G 88 4.64 -21.22 7.74
N CYS G 89 4.46 -21.54 9.03
CA CYS G 89 5.08 -22.72 9.61
C CYS G 89 4.10 -23.36 10.60
N VAL G 90 4.43 -24.58 11.02
CA VAL G 90 3.58 -25.39 11.89
C VAL G 90 3.52 -24.78 13.28
N LYS G 91 2.29 -24.60 13.79
CA LYS G 91 2.04 -24.09 15.14
C LYS G 91 1.85 -25.27 16.07
N LEU G 92 2.74 -25.43 17.05
CA LEU G 92 2.77 -26.64 17.88
C LEU G 92 1.86 -26.54 19.11
N THR G 93 0.57 -26.33 18.88
CA THR G 93 -0.35 -26.30 20.02
C THR G 93 -0.50 -27.70 20.66
N PRO G 94 -0.47 -28.81 19.92
CA PRO G 94 -0.56 -30.13 20.57
C PRO G 94 0.58 -30.47 21.54
N LEU G 95 1.66 -29.70 21.57
CA LEU G 95 2.78 -30.01 22.46
C LEU G 95 2.55 -29.65 23.92
N CYS G 96 1.66 -28.71 24.25
CA CYS G 96 1.50 -28.33 25.66
C CYS G 96 0.60 -29.34 26.35
N VAL G 97 1.23 -30.47 26.68
CA VAL G 97 0.61 -31.62 27.30
C VAL G 97 1.48 -32.01 28.49
N THR G 98 0.94 -32.88 29.34
CA THR G 98 1.74 -33.38 30.44
C THR G 98 2.73 -34.38 29.86
N LEU G 99 4.00 -34.24 30.23
CA LEU G 99 5.05 -35.14 29.80
C LEU G 99 5.44 -36.01 30.98
N GLN G 100 5.77 -37.27 30.71
CA GLN G 100 6.35 -38.14 31.74
C GLN G 100 7.80 -38.36 31.34
N CYS G 101 8.74 -37.93 32.18
CA CYS G 101 10.14 -37.94 31.79
C CYS G 101 11.00 -38.65 32.81
N THR G 102 12.09 -39.21 32.29
CA THR G 102 13.19 -39.81 33.05
C THR G 102 14.48 -39.26 32.47
N ASN G 103 15.62 -39.61 33.05
CA ASN G 103 16.90 -39.14 32.54
C ASN G 103 17.32 -39.96 31.32
N TYR G 104 17.83 -39.27 30.30
CA TYR G 104 18.29 -39.96 29.08
C TYR G 104 19.46 -40.88 29.35
N ALA G 105 20.44 -40.42 30.12
CA ALA G 105 21.65 -41.19 30.40
C ALA G 105 21.83 -41.24 31.92
N PRO G 106 21.13 -42.15 32.60
CA PRO G 106 21.16 -42.15 34.07
C PRO G 106 22.54 -42.35 34.65
N LYS G 107 23.47 -42.92 33.88
CA LYS G 107 24.83 -43.20 34.35
C LYS G 107 25.81 -42.43 33.48
N LEU G 108 25.97 -41.14 33.81
CA LEU G 108 26.81 -40.23 33.06
C LEU G 108 27.38 -39.28 34.10
N ARG G 109 28.69 -39.06 34.08
CA ARG G 109 29.34 -38.20 35.07
C ARG G 109 29.95 -36.93 34.49
N SER G 110 29.70 -36.65 33.22
CA SER G 110 30.20 -35.46 32.59
C SER G 110 29.25 -34.31 32.94
N MET G 111 29.57 -33.09 32.49
CA MET G 111 28.69 -31.96 32.76
C MET G 111 27.31 -32.10 32.11
N MET G 112 27.09 -33.11 31.26
CA MET G 112 25.80 -33.38 30.64
C MET G 112 24.88 -34.23 31.50
N ARG G 113 25.29 -34.60 32.72
CA ARG G 113 24.44 -35.42 33.56
C ARG G 113 23.18 -34.64 33.90
N GLY G 114 22.02 -35.20 33.58
CA GLY G 114 20.77 -34.55 33.87
C GLY G 114 20.34 -33.50 32.89
N GLU G 115 21.13 -33.24 31.84
CA GLU G 115 20.80 -32.20 30.88
C GLU G 115 19.82 -32.64 29.80
N ILE G 116 19.77 -33.94 29.48
CA ILE G 116 18.87 -34.47 28.46
C ILE G 116 17.91 -35.41 29.15
N LYS G 117 16.61 -35.18 28.96
CA LYS G 117 15.55 -36.00 29.53
C LYS G 117 14.79 -36.73 28.43
N ASN G 118 14.41 -37.97 28.71
CA ASN G 118 13.65 -38.84 27.82
C ASN G 118 12.20 -38.78 28.25
N CYS G 119 11.38 -38.07 27.48
CA CYS G 119 10.00 -37.76 27.80
C CYS G 119 9.04 -38.52 26.89
N SER G 120 7.90 -38.92 27.47
CA SER G 120 6.82 -39.60 26.78
C SER G 120 5.54 -38.78 26.86
N PHE G 121 4.81 -38.72 25.74
CA PHE G 121 3.56 -37.97 25.66
C PHE G 121 2.67 -38.53 24.56
N ASN G 122 1.37 -38.19 24.66
CA ASN G 122 0.38 -38.73 23.71
C ASN G 122 0.26 -37.96 22.39
N MET G 123 0.53 -36.66 22.36
CA MET G 123 0.39 -35.86 21.14
C MET G 123 -0.98 -36.02 20.48
N THR G 124 -1.09 -35.73 19.18
CA THR G 124 -2.25 -35.92 18.32
C THR G 124 -1.80 -36.60 17.04
N THR G 125 -2.77 -37.05 16.25
CA THR G 125 -2.53 -37.69 14.96
C THR G 125 -3.32 -36.95 13.89
N GLU G 126 -3.20 -37.41 12.65
CA GLU G 126 -3.89 -36.78 11.53
C GLU G 126 -5.40 -36.83 11.73
N LEU G 127 -5.93 -37.95 12.20
CA LEU G 127 -7.36 -38.07 12.47
C LEU G 127 -7.65 -37.60 13.88
N ARG G 128 -8.81 -36.97 14.07
CA ARG G 128 -9.16 -36.50 15.41
C ARG G 128 -9.52 -37.62 16.37
N ASP G 129 -9.78 -38.83 15.88
CA ASP G 129 -10.18 -39.93 16.76
C ASP G 129 -9.02 -40.66 17.41
N LYS G 130 -7.79 -40.47 16.94
CA LYS G 130 -6.68 -41.30 17.39
C LYS G 130 -5.64 -40.49 18.14
N LYS G 131 -4.90 -41.23 18.95
CA LYS G 131 -3.75 -40.76 19.71
C LYS G 131 -2.61 -41.73 19.45
N GLN G 132 -1.40 -41.26 19.65
CA GLN G 132 -0.20 -42.07 19.51
C GLN G 132 0.60 -41.90 20.78
N LYS G 133 1.73 -42.60 20.89
CA LYS G 133 2.64 -42.42 22.01
C LYS G 133 4.00 -42.08 21.41
N VAL G 134 4.53 -40.93 21.82
CA VAL G 134 5.75 -40.38 21.27
C VAL G 134 6.78 -40.31 22.40
N TYR G 135 7.99 -40.79 22.11
CA TYR G 135 9.12 -40.64 23.00
C TYR G 135 10.09 -39.70 22.31
N SER G 136 10.64 -38.75 23.06
CA SER G 136 11.59 -37.82 22.49
C SER G 136 12.50 -37.32 23.59
N LEU G 137 13.65 -36.78 23.18
CA LEU G 137 14.57 -36.20 24.14
C LEU G 137 14.43 -34.69 24.12
N PHE G 138 14.49 -34.10 25.30
CA PHE G 138 14.43 -32.65 25.48
C PHE G 138 15.59 -32.23 26.35
N TYR G 139 16.04 -30.99 26.17
CA TYR G 139 17.07 -30.46 27.05
C TYR G 139 16.42 -29.97 28.33
N ARG G 140 17.16 -30.07 29.44
CA ARG G 140 16.65 -29.64 30.74
C ARG G 140 16.17 -28.19 30.69
N LEU G 141 16.86 -27.33 29.95
CA LEU G 141 16.53 -25.92 29.94
C LEU G 141 15.20 -25.60 29.27
N ASP G 142 14.62 -26.54 28.53
CA ASP G 142 13.34 -26.34 27.86
C ASP G 142 12.16 -26.97 28.59
N VAL G 143 12.40 -27.67 29.70
CA VAL G 143 11.37 -28.45 30.38
C VAL G 143 11.31 -28.04 31.85
N VAL G 144 10.08 -27.76 32.33
CA VAL G 144 9.82 -27.31 33.70
C VAL G 144 9.02 -28.39 34.44
N GLN G 145 9.49 -28.75 35.63
CA GLN G 145 8.83 -29.78 36.44
C GLN G 145 7.50 -29.27 37.01
N ILE G 146 6.48 -30.13 36.95
CA ILE G 146 5.16 -29.80 37.47
C ILE G 146 5.02 -30.23 38.92
N ASN G 147 5.42 -31.47 39.22
CA ASN G 147 5.30 -32.15 40.53
C ASN G 147 3.89 -32.70 40.67
N ASN G 158 8.87 -42.13 36.90
CA ASN G 158 8.89 -40.98 36.00
C ASN G 158 8.32 -39.77 36.72
N LYS G 159 8.74 -38.58 36.32
CA LYS G 159 8.20 -37.34 36.88
C LYS G 159 7.42 -36.59 35.81
N GLU G 160 6.42 -35.81 36.24
CA GLU G 160 5.62 -35.00 35.33
C GLU G 160 6.26 -33.65 35.04
N TYR G 161 6.37 -33.31 33.76
CA TYR G 161 6.96 -32.07 33.27
C TYR G 161 6.09 -31.43 32.22
N ARG G 162 6.29 -30.13 31.99
CA ARG G 162 5.66 -29.38 30.91
C ARG G 162 6.75 -28.59 30.20
N LEU G 163 6.46 -28.17 28.96
CA LEU G 163 7.42 -27.28 28.32
C LEU G 163 7.40 -25.91 28.98
N ILE G 164 8.56 -25.27 29.02
CA ILE G 164 8.72 -23.98 29.68
C ILE G 164 7.78 -22.92 29.13
N ASN G 165 7.43 -23.00 27.84
CA ASN G 165 6.56 -21.99 27.25
C ASN G 165 5.07 -22.14 27.56
N CYS G 166 4.64 -23.26 28.13
CA CYS G 166 3.21 -23.48 28.30
C CYS G 166 2.60 -22.45 29.25
N ASN G 167 3.42 -21.88 30.12
CA ASN G 167 3.05 -20.90 31.13
C ASN G 167 3.09 -19.47 30.57
N THR G 168 3.58 -19.29 29.33
CA THR G 168 3.71 -17.96 28.72
C THR G 168 3.04 -17.84 27.35
N SER G 169 3.33 -18.75 26.41
CA SER G 169 2.87 -18.53 25.04
C SER G 169 2.88 -19.83 24.24
N ALA G 170 2.27 -19.75 23.05
CA ALA G 170 2.25 -20.83 22.08
C ALA G 170 3.57 -20.88 21.32
N ILE G 171 3.87 -22.06 20.78
CA ILE G 171 5.07 -22.34 20.00
C ILE G 171 4.78 -22.48 18.53
N THR G 172 5.54 -21.75 17.72
CA THR G 172 5.53 -21.89 16.28
C THR G 172 6.79 -22.67 15.95
N GLN G 173 6.66 -23.75 15.18
CA GLN G 173 7.83 -24.52 14.80
C GLN G 173 8.51 -23.84 13.63
N ALA G 174 9.82 -23.61 13.73
CA ALA G 174 10.51 -23.01 12.61
C ALA G 174 10.48 -23.99 11.45
N CYS G 175 10.33 -23.47 10.24
CA CYS G 175 10.35 -24.34 9.08
C CYS G 175 11.74 -24.95 8.91
N PRO G 176 11.87 -26.29 8.84
CA PRO G 176 13.21 -26.90 8.82
C PRO G 176 14.04 -26.58 7.59
N LYS G 177 13.42 -26.09 6.52
CA LYS G 177 14.11 -25.79 5.27
C LYS G 177 14.71 -24.39 5.22
N VAL G 178 14.50 -23.54 6.24
CA VAL G 178 14.94 -22.15 6.18
C VAL G 178 16.17 -22.01 7.07
N SER G 179 17.27 -21.62 6.43
CA SER G 179 18.57 -21.39 7.06
C SER G 179 18.58 -20.11 7.88
N PHE G 180 19.41 -20.11 8.92
CA PHE G 180 19.61 -18.95 9.79
C PHE G 180 20.91 -18.21 9.49
N GLU G 181 21.65 -18.62 8.46
CA GLU G 181 22.95 -18.02 8.18
C GLU G 181 22.81 -16.54 7.79
N PRO G 182 23.49 -15.61 8.45
CA PRO G 182 23.38 -14.19 8.09
C PRO G 182 23.73 -13.93 6.62
N ILE G 183 22.94 -13.07 5.99
CA ILE G 183 23.14 -12.64 4.61
C ILE G 183 23.46 -11.15 4.64
N PRO G 184 24.57 -10.68 4.05
CA PRO G 184 24.85 -9.23 4.08
C PRO G 184 23.71 -8.43 3.46
N ILE G 185 23.25 -7.39 4.18
CA ILE G 185 22.18 -6.51 3.71
C ILE G 185 22.74 -5.10 3.53
N HIS G 186 22.44 -4.50 2.38
CA HIS G 186 22.86 -3.14 2.04
C HIS G 186 21.68 -2.19 2.17
N TYR G 187 21.85 -1.07 2.89
CA TYR G 187 20.81 -0.05 2.99
C TYR G 187 21.13 1.08 2.03
N CYS G 188 20.15 1.46 1.22
CA CYS G 188 20.32 2.44 0.16
C CYS G 188 19.39 3.62 0.38
N ALA G 189 19.89 4.82 0.13
CA ALA G 189 19.06 6.00 0.28
C ALA G 189 18.06 6.14 -0.87
N PRO G 190 16.87 6.68 -0.59
CA PRO G 190 15.97 7.05 -1.67
C PRO G 190 16.46 8.31 -2.37
N ALA G 191 15.95 8.57 -3.57
CA ALA G 191 16.32 9.79 -4.27
C ALA G 191 15.96 11.00 -3.42
N GLY G 192 16.82 12.02 -3.46
CA GLY G 192 16.65 13.21 -2.66
C GLY G 192 17.42 13.14 -1.35
N PHE G 193 17.96 11.97 -1.01
CA PHE G 193 18.72 11.72 0.21
C PHE G 193 20.07 11.12 -0.17
N ALA G 194 21.01 11.20 0.77
CA ALA G 194 22.34 10.65 0.58
C ALA G 194 22.85 10.07 1.89
N ILE G 195 23.76 9.09 1.82
CA ILE G 195 24.37 8.53 3.02
C ILE G 195 25.80 9.01 3.08
N LEU G 196 26.18 9.61 4.20
CA LEU G 196 27.52 10.11 4.43
C LEU G 196 28.28 9.10 5.29
N LYS G 197 29.44 8.68 4.81
CA LYS G 197 30.30 7.72 5.48
C LYS G 197 31.48 8.46 6.11
N CYS G 198 31.65 8.29 7.42
CA CYS G 198 32.65 9.03 8.19
C CYS G 198 34.07 8.86 7.64
N LYS G 199 34.57 7.63 7.60
CA LYS G 199 35.92 7.28 7.14
C LYS G 199 37.03 7.94 7.96
N ASP G 200 36.73 8.53 9.11
CA ASP G 200 37.73 9.19 9.94
C ASP G 200 38.31 8.13 10.87
N LYS G 201 39.58 7.81 10.67
CA LYS G 201 40.21 6.73 11.43
C LYS G 201 40.18 7.05 12.91
N LYS G 202 39.82 6.06 13.73
CA LYS G 202 39.70 6.19 15.17
C LYS G 202 38.50 7.05 15.58
N PHE G 203 37.51 7.16 14.70
CA PHE G 203 36.29 7.87 15.06
C PHE G 203 35.59 7.11 16.18
N ASN G 204 35.21 7.83 17.24
CA ASN G 204 34.66 7.23 18.45
C ASN G 204 33.14 7.29 18.52
N GLY G 205 32.45 7.56 17.41
CA GLY G 205 31.01 7.56 17.36
C GLY G 205 30.34 8.91 17.43
N THR G 206 31.02 9.94 17.90
CA THR G 206 30.45 11.29 17.98
C THR G 206 31.47 12.31 17.49
N GLY G 207 30.96 13.44 17.04
CA GLY G 207 31.80 14.55 16.66
C GLY G 207 32.07 14.63 15.16
N PRO G 208 32.86 15.62 14.75
CA PRO G 208 33.12 15.81 13.32
C PRO G 208 33.99 14.72 12.73
N CYS G 209 33.71 14.40 11.47
CA CYS G 209 34.52 13.51 10.64
C CYS G 209 35.10 14.35 9.51
N GLN G 210 36.42 14.26 9.32
CA GLN G 210 37.10 15.06 8.30
C GLN G 210 37.33 14.32 6.99
N ASN G 211 36.96 13.04 6.90
CA ASN G 211 37.15 12.21 5.72
C ASN G 211 35.81 11.77 5.13
N VAL G 212 34.78 12.59 5.34
CA VAL G 212 33.42 12.23 4.95
C VAL G 212 33.30 12.04 3.44
N SER G 213 32.65 10.96 3.04
CA SER G 213 32.40 10.66 1.63
C SER G 213 30.91 10.40 1.48
N THR G 214 30.39 10.59 0.27
CA THR G 214 28.99 10.34 -0.02
C THR G 214 28.83 9.00 -0.74
N VAL G 215 27.91 8.17 -0.25
CA VAL G 215 27.59 6.89 -0.84
C VAL G 215 26.09 6.80 -1.05
N GLN G 216 25.72 5.90 -1.97
CA GLN G 216 24.33 5.55 -2.26
C GLN G 216 23.84 4.47 -1.31
N CYS G 217 24.70 3.48 -1.04
CA CYS G 217 24.36 2.33 -0.22
C CYS G 217 25.48 2.06 0.79
N THR G 218 25.12 1.46 1.91
CA THR G 218 26.08 1.03 2.90
C THR G 218 26.78 -0.25 2.45
N HIS G 219 27.81 -0.65 3.19
CA HIS G 219 28.46 -1.92 2.88
C HIS G 219 27.52 -3.04 3.28
N GLY G 220 27.90 -4.28 2.95
CA GLY G 220 26.99 -5.34 3.33
C GLY G 220 27.17 -5.61 4.81
N ILE G 221 26.09 -5.45 5.56
CA ILE G 221 26.08 -5.64 7.00
C ILE G 221 25.39 -6.97 7.27
N LYS G 222 26.08 -7.87 7.94
CA LYS G 222 25.49 -9.17 8.21
C LYS G 222 24.63 -9.06 9.47
N PRO G 223 23.37 -9.53 9.45
CA PRO G 223 22.58 -9.45 10.69
C PRO G 223 22.98 -10.55 11.66
N VAL G 224 24.20 -10.45 12.18
CA VAL G 224 24.71 -11.45 13.10
C VAL G 224 24.11 -11.15 14.47
N VAL G 225 23.51 -12.17 15.08
CA VAL G 225 22.85 -12.05 16.37
C VAL G 225 23.71 -12.73 17.42
N SER G 226 24.09 -11.98 18.44
CA SER G 226 24.92 -12.51 19.51
C SER G 226 24.77 -11.61 20.72
N THR G 227 25.21 -12.12 21.87
CA THR G 227 25.30 -11.33 23.10
C THR G 227 26.74 -11.31 23.59
N GLN G 228 27.07 -10.28 24.36
CA GLN G 228 28.35 -10.12 25.05
C GLN G 228 29.53 -9.95 24.11
N LEU G 229 29.71 -10.91 23.20
CA LEU G 229 30.75 -10.89 22.18
C LEU G 229 30.10 -10.69 20.82
N LEU G 230 30.66 -9.77 20.02
CA LEU G 230 30.15 -9.48 18.69
C LEU G 230 30.98 -10.27 17.69
N LEU G 231 30.30 -11.13 16.93
CA LEU G 231 30.95 -12.02 15.98
C LEU G 231 30.80 -11.55 14.54
N ASN G 232 31.81 -11.89 13.72
CA ASN G 232 31.77 -11.70 12.26
C ASN G 232 31.46 -10.26 11.86
N GLY G 233 32.00 -9.29 12.62
CA GLY G 233 31.82 -7.89 12.32
C GLY G 233 33.06 -7.29 11.69
N SER G 234 33.09 -5.96 11.64
CA SER G 234 34.24 -5.25 11.09
C SER G 234 35.28 -5.02 12.18
N LEU G 235 36.52 -4.78 11.76
CA LEU G 235 37.62 -4.48 12.66
C LEU G 235 38.04 -3.01 12.61
N ALA G 236 38.59 -2.54 13.72
CA ALA G 236 39.12 -1.18 13.81
C ALA G 236 40.32 -1.04 12.89
N GLU G 237 40.50 0.15 12.34
CA GLU G 237 41.59 0.35 11.37
C GLU G 237 42.97 0.30 12.01
N GLU G 238 43.18 0.92 13.18
CA GLU G 238 44.52 0.99 13.77
C GLU G 238 44.61 0.54 15.23
N GLU G 239 43.57 0.76 16.02
CA GLU G 239 43.62 0.46 17.45
C GLU G 239 42.22 0.14 17.93
N VAL G 240 42.15 -0.50 19.11
CA VAL G 240 40.85 -0.81 19.70
C VAL G 240 40.14 0.51 19.99
N ILE G 241 38.89 0.62 19.57
CA ILE G 241 38.11 1.84 19.75
C ILE G 241 37.01 1.55 20.77
N ILE G 242 36.96 2.36 21.82
CA ILE G 242 35.96 2.24 22.88
C ILE G 242 34.97 3.37 22.68
N ARG G 243 33.70 3.02 22.46
CA ARG G 243 32.64 3.98 22.18
C ARG G 243 31.54 3.87 23.23
N SER G 244 31.03 5.00 23.69
CA SER G 244 29.91 4.98 24.61
C SER G 244 29.13 6.28 24.49
N GLU G 245 27.84 6.22 24.83
CA GLU G 245 27.03 7.42 24.82
C GLU G 245 27.51 8.41 25.86
N ASN G 246 27.82 7.90 27.06
CA ASN G 246 28.31 8.71 28.18
C ASN G 246 29.24 7.78 28.96
N ILE G 247 30.55 7.98 28.80
CA ILE G 247 31.53 7.08 29.40
C ILE G 247 31.54 7.12 30.92
N THR G 248 30.93 8.14 31.55
CA THR G 248 30.91 8.25 33.00
C THR G 248 29.56 7.84 33.60
N ASN G 249 28.60 7.42 32.77
CA ASN G 249 27.28 6.99 33.23
C ASN G 249 27.28 5.47 33.24
N ASN G 250 27.23 4.88 34.43
CA ASN G 250 27.36 3.43 34.53
C ASN G 250 26.09 2.69 34.11
N ALA G 251 25.04 3.39 33.69
CA ALA G 251 23.83 2.77 33.15
C ALA G 251 23.88 2.53 31.66
N LYS G 252 24.95 2.96 30.98
CA LYS G 252 25.11 2.86 29.53
C LYS G 252 26.07 1.73 29.20
N ASN G 253 25.92 1.20 27.98
CA ASN G 253 26.82 0.15 27.51
C ASN G 253 28.02 0.76 26.81
N ILE G 254 29.13 0.03 26.86
CA ILE G 254 30.38 0.39 26.22
C ILE G 254 30.61 -0.60 25.08
N LEU G 255 30.79 -0.09 23.86
CA LEU G 255 31.03 -0.92 22.70
C LEU G 255 32.51 -0.85 22.35
N VAL G 256 33.19 -1.99 22.38
CA VAL G 256 34.62 -2.07 22.13
C VAL G 256 34.80 -2.73 20.77
N GLN G 257 35.39 -2.01 19.83
CA GLN G 257 35.67 -2.52 18.50
C GLN G 257 37.15 -2.89 18.43
N LEU G 258 37.42 -4.17 18.17
CA LEU G 258 38.79 -4.64 18.15
C LEU G 258 39.42 -4.32 16.79
N ASN G 259 40.75 -4.16 16.78
CA ASN G 259 41.46 -3.98 15.52
C ASN G 259 41.89 -5.31 14.92
N THR G 260 41.95 -6.38 15.73
CA THR G 260 42.27 -7.72 15.29
C THR G 260 41.16 -8.63 15.80
N SER G 261 40.88 -9.68 15.05
CA SER G 261 39.85 -10.63 15.47
C SER G 261 40.46 -11.75 16.30
N VAL G 262 39.60 -12.42 17.06
CA VAL G 262 39.97 -13.59 17.85
C VAL G 262 39.09 -14.74 17.39
N GLN G 263 39.67 -15.88 17.02
CA GLN G 263 38.82 -16.97 16.58
C GLN G 263 38.24 -17.69 17.78
N ILE G 264 36.98 -18.08 17.65
CA ILE G 264 36.28 -18.91 18.63
C ILE G 264 35.77 -20.14 17.88
N ASN G 265 36.22 -21.33 18.31
CA ASN G 265 35.86 -22.59 17.67
C ASN G 265 34.80 -23.28 18.51
N CYS G 266 33.56 -23.32 18.03
CA CYS G 266 32.42 -23.84 18.78
C CYS G 266 31.97 -25.15 18.17
N THR G 267 31.58 -26.09 19.03
CA THR G 267 31.14 -27.39 18.57
C THR G 267 30.03 -27.98 19.44
N ARG G 268 29.27 -28.88 18.81
CA ARG G 268 28.24 -29.72 19.40
C ARG G 268 28.67 -31.12 18.98
N PRO G 269 29.64 -31.70 19.71
CA PRO G 269 30.31 -32.94 19.24
C PRO G 269 29.42 -34.17 19.07
N SER G 270 28.29 -34.27 19.77
CA SER G 270 27.50 -35.48 19.64
C SER G 270 26.84 -35.61 18.27
N ASN G 271 26.77 -36.85 17.79
CA ASN G 271 26.12 -37.18 16.53
C ASN G 271 24.66 -37.51 16.83
N ASN G 272 23.79 -36.54 16.65
CA ASN G 272 22.38 -36.64 16.99
C ASN G 272 21.58 -36.98 15.73
N THR G 273 20.46 -37.68 15.92
CA THR G 273 19.54 -37.92 14.82
C THR G 273 18.25 -37.16 15.07
N VAL G 274 17.42 -37.11 14.02
CA VAL G 274 16.17 -36.38 14.05
C VAL G 274 15.07 -37.31 13.57
N LYS G 275 13.97 -37.35 14.31
CA LYS G 275 12.80 -38.14 13.98
C LYS G 275 11.68 -37.18 13.67
N SER G 276 10.66 -37.67 12.95
CA SER G 276 9.54 -36.83 12.58
C SER G 276 8.24 -37.61 12.61
N ILE G 277 7.20 -36.97 13.12
CA ILE G 277 5.87 -37.54 13.17
C ILE G 277 4.90 -36.51 12.61
N ARG G 278 3.74 -36.98 12.15
CA ARG G 278 2.70 -36.07 11.70
C ARG G 278 1.75 -35.80 12.86
N ILE G 279 1.31 -34.54 12.98
CA ILE G 279 0.45 -34.12 14.08
C ILE G 279 -0.88 -33.53 13.60
N GLY G 280 -1.17 -33.61 12.31
CA GLY G 280 -2.38 -33.06 11.76
C GLY G 280 -2.31 -33.12 10.26
N PRO G 281 -3.41 -32.79 9.56
CA PRO G 281 -3.33 -32.80 8.09
C PRO G 281 -2.30 -31.79 7.63
N GLY G 282 -1.25 -32.31 7.02
CA GLY G 282 -0.18 -31.50 6.49
C GLY G 282 0.80 -30.98 7.52
N GLN G 283 0.63 -31.35 8.79
CA GLN G 283 1.48 -30.87 9.87
C GLN G 283 2.46 -31.95 10.27
N ALA G 284 3.69 -31.56 10.57
CA ALA G 284 4.69 -32.50 11.07
C ALA G 284 5.56 -31.86 12.11
N PHE G 285 5.87 -32.63 13.14
CA PHE G 285 6.70 -32.24 14.26
C PHE G 285 8.01 -33.01 14.18
N TYR G 286 9.11 -32.27 14.21
CA TYR G 286 10.46 -32.81 14.16
C TYR G 286 11.02 -32.77 15.57
N TYR G 287 11.70 -33.84 15.98
CA TYR G 287 12.22 -33.88 17.34
C TYR G 287 13.53 -34.66 17.42
N PHE G 288 14.20 -34.41 18.54
CA PHE G 288 15.50 -34.97 18.86
C PHE G 288 15.35 -36.44 19.25
N GLY G 289 15.99 -37.31 18.50
CA GLY G 289 15.94 -38.74 18.70
C GLY G 289 17.16 -39.23 19.45
N ASP G 290 17.57 -40.47 19.17
CA ASP G 290 18.67 -41.09 19.89
C ASP G 290 19.97 -40.33 19.65
N VAL G 291 20.88 -40.44 20.62
CA VAL G 291 22.25 -39.96 20.46
C VAL G 291 23.08 -41.15 19.99
N LEU G 292 23.72 -41.01 18.83
CA LEU G 292 24.45 -42.11 18.19
C LEU G 292 25.89 -42.16 18.68
N GLY G 293 26.03 -42.44 19.97
CA GLY G 293 27.31 -42.45 20.64
C GLY G 293 27.20 -41.82 22.01
N HIS G 294 28.35 -41.34 22.50
CA HIS G 294 28.40 -40.73 23.81
C HIS G 294 27.73 -39.36 23.80
N VAL G 295 27.16 -38.99 24.93
CA VAL G 295 26.59 -37.65 25.12
C VAL G 295 27.74 -36.74 25.55
N ARG G 296 27.97 -35.67 24.78
CA ARG G 296 29.05 -34.73 25.04
C ARG G 296 28.50 -33.32 25.07
N MET G 297 29.12 -32.47 25.89
CA MET G 297 28.66 -31.10 26.04
C MET G 297 29.21 -30.20 24.94
N ALA G 298 28.36 -29.30 24.46
CA ALA G 298 28.80 -28.32 23.48
C ALA G 298 29.79 -27.36 24.15
N HIS G 299 30.76 -26.89 23.38
CA HIS G 299 31.75 -25.99 23.98
C HIS G 299 32.42 -25.16 22.91
N CYS G 300 33.08 -24.08 23.37
CA CYS G 300 33.85 -23.21 22.48
C CYS G 300 35.27 -23.04 22.99
N ASN G 301 36.24 -23.03 22.07
CA ASN G 301 37.65 -22.86 22.41
C ASN G 301 38.15 -21.49 21.93
N ILE G 302 38.81 -20.77 22.82
CA ILE G 302 39.49 -19.51 22.53
C ILE G 302 40.95 -19.64 22.97
N SER G 303 41.90 -19.27 22.10
CA SER G 303 43.30 -19.36 22.49
C SER G 303 43.57 -18.41 23.66
N LYS G 304 44.30 -18.89 24.66
CA LYS G 304 44.56 -18.06 25.85
C LYS G 304 45.46 -16.86 25.56
N ALA G 305 46.53 -17.05 24.76
CA ALA G 305 47.45 -15.95 24.52
C ALA G 305 46.79 -14.82 23.75
N THR G 306 45.96 -15.18 22.76
CA THR G 306 45.31 -14.18 21.94
C THR G 306 44.35 -13.36 22.79
N TRP G 307 43.55 -14.04 23.61
CA TRP G 307 42.61 -13.33 24.47
C TRP G 307 43.35 -12.43 25.44
N ASN G 308 44.45 -12.93 26.03
CA ASN G 308 45.19 -12.14 27.00
C ASN G 308 45.73 -10.85 26.38
N GLU G 309 46.23 -10.93 25.14
CA GLU G 309 46.70 -9.73 24.46
C GLU G 309 45.55 -8.80 24.09
N THR G 310 44.43 -9.37 23.65
CA THR G 310 43.29 -8.54 23.27
C THR G 310 42.75 -7.80 24.48
N LEU G 311 42.67 -8.51 25.61
CA LEU G 311 42.12 -7.89 26.81
C LEU G 311 43.07 -6.83 27.31
N GLY G 312 44.39 -7.06 27.23
CA GLY G 312 45.33 -6.02 27.65
C GLY G 312 45.16 -4.75 26.82
N LYS G 313 44.94 -4.90 25.52
CA LYS G 313 44.73 -3.74 24.66
C LYS G 313 43.47 -3.00 25.08
N VAL G 314 42.42 -3.74 25.44
CA VAL G 314 41.18 -3.13 25.88
C VAL G 314 41.43 -2.36 27.17
N VAL G 315 42.22 -2.94 28.08
CA VAL G 315 42.51 -2.26 29.34
C VAL G 315 43.22 -0.95 29.08
N LYS G 316 44.22 -0.94 28.18
CA LYS G 316 44.91 0.32 27.91
C LYS G 316 43.94 1.39 27.41
N GLN G 317 43.00 0.97 26.55
CA GLN G 317 42.06 1.97 26.04
C GLN G 317 41.09 2.41 27.12
N LEU G 318 40.78 1.54 28.08
CA LEU G 318 39.94 1.98 29.19
C LEU G 318 40.71 2.93 30.10
N ARG G 319 42.01 2.66 30.30
CA ARG G 319 42.82 3.53 31.16
C ARG G 319 42.82 4.94 30.62
N LYS G 320 42.78 5.10 29.29
CA LYS G 320 42.75 6.45 28.74
C LYS G 320 41.55 7.28 29.23
N HIS G 321 40.47 6.63 29.69
CA HIS G 321 39.30 7.33 30.20
C HIS G 321 39.13 7.24 31.71
N PHE G 322 39.69 6.22 32.35
CA PHE G 322 39.50 5.98 33.78
C PHE G 322 40.72 6.28 34.65
N GLY G 323 41.89 6.54 34.05
CA GLY G 323 43.09 6.85 34.81
C GLY G 323 44.23 5.87 34.68
N ASN G 324 45.44 6.42 34.61
CA ASN G 324 46.65 5.63 34.43
C ASN G 324 46.98 4.75 35.63
N ASN G 325 46.46 5.09 36.81
CA ASN G 325 46.71 4.32 38.04
C ASN G 325 45.44 3.67 38.59
N THR G 326 44.42 3.54 37.76
CA THR G 326 43.16 2.91 38.17
C THR G 326 43.27 1.42 37.88
N ILE G 327 42.76 0.62 38.80
CA ILE G 327 42.78 -0.84 38.62
C ILE G 327 41.59 -1.21 37.77
N ILE G 328 41.82 -1.97 36.70
CA ILE G 328 40.74 -2.41 35.81
C ILE G 328 40.52 -3.90 36.01
N ARG G 329 39.34 -4.27 36.50
CA ARG G 329 39.04 -5.67 36.79
C ARG G 329 37.88 -6.12 35.92
N PHE G 330 37.97 -7.35 35.42
CA PHE G 330 36.91 -7.98 34.66
C PHE G 330 36.34 -9.11 35.50
N ALA G 331 35.02 -9.26 35.43
CA ALA G 331 34.28 -10.25 36.17
C ALA G 331 33.13 -10.76 35.31
N GLN G 332 32.62 -11.93 35.68
CA GLN G 332 31.50 -12.55 34.99
C GLN G 332 30.20 -11.79 35.28
N SER G 333 29.24 -11.92 34.36
CA SER G 333 27.93 -11.33 34.56
C SER G 333 27.28 -11.93 35.80
N SER G 334 26.55 -11.09 36.53
CA SER G 334 25.94 -11.54 37.79
C SER G 334 24.51 -12.02 37.63
N GLY G 335 23.53 -11.13 37.73
CA GLY G 335 22.13 -11.53 37.68
C GLY G 335 21.58 -11.59 36.28
N GLY G 336 20.29 -11.90 36.21
CA GLY G 336 19.57 -12.04 34.96
C GLY G 336 19.37 -13.48 34.57
N ASP G 337 18.65 -13.66 33.45
CA ASP G 337 18.33 -14.99 32.96
C ASP G 337 19.50 -15.52 32.10
N LEU G 338 19.32 -16.73 31.58
CA LEU G 338 20.39 -17.37 30.82
C LEU G 338 20.76 -16.58 29.58
N GLU G 339 19.75 -16.01 28.92
CA GLU G 339 19.97 -15.28 27.67
C GLU G 339 20.91 -14.09 27.84
N VAL G 340 20.81 -13.38 28.95
CA VAL G 340 21.69 -12.23 29.20
C VAL G 340 23.02 -12.62 29.86
N THR G 341 23.03 -13.62 30.74
CA THR G 341 24.26 -13.94 31.46
C THR G 341 25.24 -14.77 30.64
N THR G 342 24.78 -15.43 29.58
CA THR G 342 25.63 -16.20 28.67
C THR G 342 25.81 -15.50 27.33
N HIS G 343 26.72 -16.07 26.54
CA HIS G 343 26.98 -15.66 25.17
C HIS G 343 26.06 -16.49 24.29
N SER G 344 25.03 -15.86 23.75
CA SER G 344 24.04 -16.55 22.92
C SER G 344 24.43 -16.40 21.46
N PHE G 345 24.34 -17.48 20.71
CA PHE G 345 24.58 -17.38 19.25
C PHE G 345 23.98 -18.58 18.54
N ASN G 346 23.81 -18.43 17.22
CA ASN G 346 23.32 -19.51 16.36
C ASN G 346 24.48 -20.11 15.57
N CYS G 347 24.80 -21.37 15.86
CA CYS G 347 25.91 -22.11 15.24
C CYS G 347 25.36 -23.41 14.64
N GLY G 348 25.34 -23.48 13.32
CA GLY G 348 24.88 -24.69 12.66
C GLY G 348 23.38 -24.85 12.66
N GLY G 349 22.66 -23.88 13.17
CA GLY G 349 21.23 -23.91 13.32
C GLY G 349 20.84 -24.15 14.77
N GLU G 350 21.79 -24.51 15.63
CA GLU G 350 21.51 -24.70 17.05
C GLU G 350 21.80 -23.39 17.77
N PHE G 351 21.11 -23.18 18.89
CA PHE G 351 21.30 -21.99 19.70
C PHE G 351 22.16 -22.35 20.92
N PHE G 352 23.36 -21.77 20.95
CA PHE G 352 24.35 -22.03 21.98
C PHE G 352 24.28 -20.92 23.00
N TYR G 353 24.45 -21.27 24.27
CA TYR G 353 24.51 -20.35 25.41
C TYR G 353 25.77 -20.65 26.21
N CYS G 354 26.86 -19.95 25.89
CA CYS G 354 28.19 -20.24 26.44
C CYS G 354 28.44 -19.44 27.72
N ASN G 355 29.03 -20.12 28.71
CA ASN G 355 29.24 -19.54 30.03
C ASN G 355 30.02 -18.21 29.97
N THR G 356 31.17 -18.20 29.29
CA THR G 356 32.09 -17.06 29.14
C THR G 356 32.83 -16.61 30.40
N SER G 357 32.57 -17.18 31.59
CA SER G 357 33.15 -16.59 32.79
C SER G 357 34.68 -16.65 32.77
N GLY G 358 35.26 -17.61 32.03
CA GLY G 358 36.71 -17.73 31.95
C GLY G 358 37.37 -16.60 31.20
N LEU G 359 36.59 -15.80 30.46
CA LEU G 359 37.10 -14.68 29.68
C LEU G 359 37.13 -13.37 30.46
N PHE G 360 36.38 -13.27 31.56
CA PHE G 360 36.26 -12.04 32.34
C PHE G 360 36.50 -12.42 33.79
N ASN G 361 37.75 -12.71 34.10
CA ASN G 361 38.19 -13.30 35.35
C ASN G 361 39.59 -12.77 35.64
N SER G 362 39.76 -11.45 35.73
CA SER G 362 41.12 -10.94 35.91
C SER G 362 41.13 -9.54 36.51
N THR G 363 42.25 -9.20 37.15
CA THR G 363 42.49 -7.86 37.66
C THR G 363 43.79 -7.34 37.04
N TRP G 364 43.70 -6.17 36.42
CA TRP G 364 44.78 -5.50 35.72
C TRP G 364 45.28 -4.31 36.53
N ILE G 365 46.52 -4.43 37.01
CA ILE G 365 47.18 -3.45 37.87
C ILE G 365 48.38 -2.90 37.10
N SER G 366 48.45 -1.57 37.00
CA SER G 366 49.52 -0.88 36.28
C SER G 366 50.91 -1.36 36.67
N ASP G 380 46.71 -24.73 26.48
CA ASP G 380 46.89 -23.68 25.49
C ASP G 380 45.60 -22.94 25.20
N SER G 381 44.47 -23.65 25.24
CA SER G 381 43.17 -23.09 24.91
C SER G 381 42.26 -23.03 26.13
N LEU G 382 41.36 -22.05 26.13
CA LEU G 382 40.33 -21.86 27.13
C LEU G 382 39.04 -22.46 26.58
N ILE G 383 38.44 -23.37 27.34
CA ILE G 383 37.24 -24.11 26.94
C ILE G 383 36.06 -23.54 27.72
N LEU G 384 35.07 -23.05 26.97
CA LEU G 384 33.87 -22.46 27.54
C LEU G 384 32.72 -23.46 27.43
N PRO G 385 32.12 -23.93 28.53
CA PRO G 385 30.94 -24.79 28.41
C PRO G 385 29.78 -24.04 27.78
N CYS G 386 29.00 -24.73 26.97
CA CYS G 386 27.83 -24.15 26.33
C CYS G 386 26.64 -25.07 26.46
N TRP G 387 25.45 -24.47 26.62
CA TRP G 387 24.19 -25.21 26.66
C TRP G 387 23.41 -24.97 25.38
N ILE G 388 22.59 -25.95 25.00
CA ILE G 388 21.73 -25.87 23.83
C ILE G 388 20.27 -25.83 24.27
N LYS G 389 19.50 -24.91 23.68
CA LYS G 389 18.08 -24.79 23.93
C LYS G 389 17.33 -24.87 22.60
N GLN G 390 16.15 -25.50 22.63
CA GLN G 390 15.29 -25.57 21.46
C GLN G 390 14.15 -24.57 21.49
N ILE G 391 13.70 -24.13 22.67
CA ILE G 391 12.62 -23.17 22.82
C ILE G 391 13.23 -21.85 23.23
N ILE G 392 13.09 -20.83 22.38
CA ILE G 392 13.72 -19.53 22.57
C ILE G 392 12.69 -18.41 22.48
N ASN G 393 13.06 -17.25 23.03
CA ASN G 393 12.25 -16.03 23.04
C ASN G 393 13.17 -14.93 22.55
N MET G 394 13.13 -14.66 21.25
CA MET G 394 14.03 -13.72 20.62
C MET G 394 13.53 -12.28 20.72
N TRP G 395 14.48 -11.34 20.56
CA TRP G 395 14.26 -9.91 20.52
C TRP G 395 13.70 -9.35 21.83
N GLN G 396 13.89 -10.08 22.92
CA GLN G 396 13.38 -9.72 24.25
C GLN G 396 11.86 -9.57 24.24
N ARG G 397 11.16 -10.29 23.39
CA ARG G 397 9.72 -10.24 23.37
C ARG G 397 9.16 -11.32 24.27
N ILE G 398 8.05 -11.02 24.93
CA ILE G 398 7.33 -11.98 25.75
C ILE G 398 6.01 -12.23 25.04
N GLY G 399 5.70 -13.50 24.82
CA GLY G 399 4.46 -13.90 24.16
C GLY G 399 4.63 -14.51 22.78
N GLN G 400 5.85 -14.50 22.21
CA GLN G 400 6.09 -15.07 20.88
C GLN G 400 7.28 -16.03 20.92
N ALA G 401 7.07 -17.21 21.47
CA ALA G 401 8.13 -18.20 21.63
C ALA G 401 8.25 -19.04 20.36
N MET G 402 9.46 -19.52 20.10
CA MET G 402 9.76 -20.34 18.92
C MET G 402 10.53 -21.60 19.30
N TYR G 403 10.22 -22.69 18.58
CA TYR G 403 10.88 -23.98 18.73
C TYR G 403 11.81 -24.20 17.54
N ALA G 404 13.09 -24.43 17.82
CA ALA G 404 14.08 -24.65 16.78
C ALA G 404 14.25 -26.14 16.54
N PRO G 405 13.94 -26.67 15.35
CA PRO G 405 14.11 -28.11 15.13
C PRO G 405 15.54 -28.54 15.34
N PRO G 406 15.79 -29.79 15.77
CA PRO G 406 17.17 -30.23 15.94
C PRO G 406 17.88 -30.37 14.61
N ILE G 407 19.20 -30.24 14.67
CA ILE G 407 20.09 -30.37 13.51
C ILE G 407 20.75 -31.75 13.51
N GLN G 408 20.64 -32.44 12.38
CA GLN G 408 21.22 -33.76 12.21
C GLN G 408 22.74 -33.68 12.10
N GLY G 409 23.42 -34.62 12.76
CA GLY G 409 24.87 -34.70 12.71
C GLY G 409 25.60 -34.03 13.85
N VAL G 410 26.83 -33.60 13.56
CA VAL G 410 27.76 -33.03 14.52
C VAL G 410 28.01 -31.61 14.05
N ILE G 411 27.97 -30.64 14.95
CA ILE G 411 28.11 -29.23 14.58
C ILE G 411 29.48 -28.70 14.96
N ARG G 412 30.11 -28.02 14.03
CA ARG G 412 31.34 -27.28 14.28
C ARG G 412 31.27 -25.99 13.48
N CYS G 413 31.70 -24.89 14.10
CA CYS G 413 31.80 -23.62 13.40
C CYS G 413 32.95 -22.83 14.01
N VAL G 414 33.53 -21.94 13.20
CA VAL G 414 34.59 -21.04 13.63
C VAL G 414 34.12 -19.62 13.34
N SER G 415 34.08 -18.78 14.37
CA SER G 415 33.64 -17.40 14.22
C SER G 415 34.77 -16.46 14.62
N ASN G 416 34.67 -15.23 14.13
CA ASN G 416 35.62 -14.17 14.44
C ASN G 416 35.01 -13.25 15.49
N ILE G 417 35.66 -13.12 16.64
CA ILE G 417 35.24 -12.17 17.65
C ILE G 417 35.86 -10.84 17.24
N THR G 418 35.01 -9.86 16.93
CA THR G 418 35.45 -8.56 16.43
C THR G 418 35.16 -7.43 17.41
N GLY G 419 34.33 -7.65 18.43
CA GLY G 419 34.07 -6.61 19.40
C GLY G 419 33.38 -7.17 20.61
N LEU G 420 33.37 -6.35 21.66
CA LEU G 420 32.79 -6.67 22.96
C LEU G 420 31.79 -5.61 23.38
N ILE G 421 30.83 -6.04 24.19
CA ILE G 421 29.95 -5.13 24.92
C ILE G 421 30.30 -5.26 26.38
N LEU G 422 30.57 -4.14 27.03
CA LEU G 422 30.90 -4.10 28.45
C LEU G 422 29.98 -3.13 29.16
N THR G 423 29.74 -3.40 30.45
CA THR G 423 29.06 -2.49 31.34
C THR G 423 30.01 -2.26 32.50
N ARG G 424 29.79 -1.17 33.23
CA ARG G 424 30.62 -0.83 34.37
C ARG G 424 29.80 -0.87 35.64
N ASP G 425 30.41 -1.35 36.72
CA ASP G 425 29.75 -1.44 38.01
C ASP G 425 29.45 -0.05 38.57
N SER G 431 35.78 4.78 44.00
CA SER G 431 36.88 4.06 44.61
C SER G 431 38.10 4.07 43.67
N THR G 432 38.99 3.09 43.82
CA THR G 432 40.21 3.00 43.02
C THR G 432 40.18 1.87 42.01
N THR G 433 39.14 1.02 42.02
CA THR G 433 39.03 -0.12 41.11
C THR G 433 37.69 -0.05 40.39
N GLU G 434 37.75 -0.21 39.08
CA GLU G 434 36.56 -0.28 38.23
C GLU G 434 36.33 -1.74 37.87
N THR G 435 35.07 -2.15 37.83
CA THR G 435 34.71 -3.52 37.46
C THR G 435 33.82 -3.50 36.23
N PHE G 436 34.20 -4.30 35.23
CA PHE G 436 33.49 -4.43 33.97
C PHE G 436 32.91 -5.83 33.83
N ARG G 437 31.72 -5.91 33.23
CA ARG G 437 31.03 -7.18 33.00
C ARG G 437 30.52 -7.25 31.56
N PRO G 438 30.33 -8.46 31.03
CA PRO G 438 29.83 -8.60 29.64
C PRO G 438 28.56 -7.85 29.26
N GLY G 439 27.62 -7.61 30.18
CA GLY G 439 26.42 -6.88 29.80
C GLY G 439 25.68 -7.52 28.63
N GLY G 440 25.30 -6.68 27.66
CA GLY G 440 24.64 -7.17 26.46
C GLY G 440 23.14 -7.37 26.62
N GLY G 441 22.56 -7.93 25.55
CA GLY G 441 21.15 -8.25 25.49
C GLY G 441 20.28 -7.33 24.66
N ASP G 442 20.68 -6.08 24.40
CA ASP G 442 19.88 -5.17 23.56
C ASP G 442 20.49 -5.22 22.17
N MET G 443 19.77 -5.84 21.23
CA MET G 443 20.32 -6.10 19.90
C MET G 443 20.66 -4.83 19.12
N ARG G 444 20.06 -3.68 19.43
CA ARG G 444 20.40 -2.51 18.63
C ARG G 444 21.84 -2.10 18.84
N ASP G 445 22.45 -2.52 19.95
CA ASP G 445 23.84 -2.14 20.17
C ASP G 445 24.73 -2.89 19.22
N ASN G 446 24.32 -4.08 18.78
CA ASN G 446 25.18 -4.84 17.90
C ASN G 446 25.18 -4.16 16.54
N TRP G 447 24.01 -3.64 16.17
CA TRP G 447 23.87 -3.00 14.89
C TRP G 447 24.50 -1.63 14.92
N ARG G 448 24.55 -0.99 16.11
CA ARG G 448 25.27 0.28 16.16
C ARG G 448 26.73 0.06 15.81
N SER G 449 27.29 -1.10 16.18
CA SER G 449 28.71 -1.35 15.93
C SER G 449 29.03 -1.37 14.45
N GLU G 450 28.01 -1.51 13.59
CA GLU G 450 28.20 -1.48 12.14
C GLU G 450 27.71 -0.19 11.52
N LEU G 451 26.64 0.40 12.04
CA LEU G 451 26.04 1.60 11.47
C LEU G 451 26.63 2.90 12.01
N TYR G 452 27.55 2.84 12.97
CA TYR G 452 28.10 4.06 13.56
C TYR G 452 28.74 5.02 12.55
N LYS G 453 29.21 4.53 11.41
CA LYS G 453 29.88 5.41 10.44
C LYS G 453 28.97 6.01 9.38
N TYR G 454 27.67 5.71 9.39
CA TYR G 454 26.76 6.22 8.38
C TYR G 454 25.75 7.20 8.94
N LYS G 455 25.47 8.25 8.17
CA LYS G 455 24.47 9.25 8.49
C LYS G 455 23.61 9.46 7.26
N VAL G 456 22.30 9.67 7.44
CA VAL G 456 21.38 9.94 6.34
C VAL G 456 21.06 11.42 6.33
N VAL G 457 21.21 12.07 5.17
CA VAL G 457 20.89 13.49 5.05
C VAL G 457 19.94 13.70 3.87
N LYS G 458 19.15 14.78 3.96
CA LYS G 458 18.22 15.22 2.94
C LYS G 458 18.86 16.35 2.13
N ILE G 459 18.68 16.31 0.82
CA ILE G 459 19.23 17.30 -0.09
C ILE G 459 18.24 18.44 -0.24
N GLU G 460 18.73 19.69 -0.11
CA GLU G 460 17.91 20.90 -0.19
C GLU G 460 18.39 21.69 -1.40
N PRO G 461 17.87 21.39 -2.60
CA PRO G 461 18.45 21.95 -3.83
C PRO G 461 18.26 23.44 -4.03
N LEU G 462 17.36 24.11 -3.32
CA LEU G 462 17.15 25.55 -3.51
C LEU G 462 18.02 26.39 -2.59
N GLY G 463 18.43 27.54 -3.12
CA GLY G 463 19.14 28.53 -2.33
C GLY G 463 19.19 29.82 -3.09
N VAL G 464 19.57 30.88 -2.38
CA VAL G 464 19.67 32.22 -2.96
C VAL G 464 21.02 32.81 -2.60
N ALA G 465 21.45 33.78 -3.40
CA ALA G 465 22.69 34.49 -3.11
C ALA G 465 22.70 35.80 -3.87
N PRO G 466 23.37 36.84 -3.37
CA PRO G 466 23.43 38.08 -4.15
C PRO G 466 24.40 37.98 -5.32
N THR G 467 24.01 38.56 -6.45
CA THR G 467 24.90 38.73 -7.59
C THR G 467 24.57 40.07 -8.23
N ARG G 468 25.46 40.54 -9.10
CA ARG G 468 25.17 41.75 -9.88
C ARG G 468 24.41 41.35 -11.14
N CYS G 469 23.17 40.90 -10.94
CA CYS G 469 22.38 40.38 -12.06
C CYS G 469 20.92 40.78 -11.85
N LYS G 470 20.45 41.72 -12.65
CA LYS G 470 19.09 42.24 -12.56
C LYS G 470 18.25 41.66 -13.70
N ARG G 471 17.07 41.14 -13.36
CA ARG G 471 16.17 40.68 -14.41
C ARG G 471 15.73 41.89 -15.22
N ARG G 472 15.80 41.79 -16.54
CA ARG G 472 15.39 42.91 -17.40
C ARG G 472 13.88 42.95 -17.51
N VAL H 2 52.26 -52.67 32.88
CA VAL H 2 52.39 -52.36 34.30
C VAL H 2 52.22 -53.64 35.10
N GLN H 3 53.08 -53.84 36.10
CA GLN H 3 52.97 -54.98 37.01
C GLN H 3 52.99 -54.47 38.45
N LEU H 4 52.26 -55.18 39.32
CA LEU H 4 52.21 -54.85 40.74
C LEU H 4 52.74 -56.03 41.54
N GLN H 5 53.49 -55.74 42.60
CA GLN H 5 54.06 -56.75 43.50
C GLN H 5 53.80 -56.32 44.93
N GLU H 6 53.70 -57.30 45.85
CA GLU H 6 53.42 -57.00 47.25
C GLU H 6 54.33 -57.82 48.15
N SER H 7 54.59 -57.28 49.35
CA SER H 7 55.36 -58.00 50.36
C SER H 7 54.94 -57.55 51.76
N GLY H 8 55.29 -58.37 52.76
CA GLY H 8 55.00 -58.04 54.14
C GLY H 8 55.37 -59.09 55.18
N PRO H 9 55.03 -58.81 56.44
CA PRO H 9 55.39 -59.72 57.55
C PRO H 9 54.88 -61.13 57.46
N GLY H 10 53.84 -61.43 56.69
CA GLY H 10 53.34 -62.79 56.69
C GLY H 10 52.67 -63.10 58.02
N LEU H 11 53.24 -64.00 58.82
CA LEU H 11 52.64 -64.35 60.10
C LEU H 11 52.88 -63.28 61.17
N VAL H 12 51.79 -62.85 61.80
CA VAL H 12 51.81 -61.93 62.92
C VAL H 12 51.01 -62.60 64.04
N LYS H 13 51.13 -62.06 65.25
CA LYS H 13 50.36 -62.55 66.39
C LYS H 13 49.13 -61.68 66.65
N PRO H 14 48.13 -62.19 67.37
CA PRO H 14 46.96 -61.35 67.70
C PRO H 14 47.35 -60.06 68.39
N SER H 15 46.66 -58.98 68.00
CA SER H 15 46.80 -57.62 68.48
C SER H 15 48.06 -56.94 67.96
N GLU H 16 48.83 -57.59 67.09
CA GLU H 16 49.98 -56.94 66.49
C GLU H 16 49.51 -56.16 65.26
N THR H 17 50.32 -55.19 64.84
CA THR H 17 50.01 -54.39 63.66
C THR H 17 50.71 -54.96 62.43
N LEU H 18 49.94 -55.15 61.36
CA LEU H 18 50.40 -55.67 60.08
C LEU H 18 50.72 -54.51 59.14
N SER H 19 51.84 -54.62 58.43
CA SER H 19 52.22 -53.59 57.46
C SER H 19 52.60 -54.23 56.14
N LEU H 20 51.81 -53.96 55.10
CA LEU H 20 52.01 -54.53 53.78
C LEU H 20 52.45 -53.42 52.84
N THR H 21 53.38 -53.72 51.92
CA THR H 21 53.88 -52.75 50.96
C THR H 21 53.65 -53.25 49.53
N CYS H 22 53.10 -52.38 48.70
CA CYS H 22 52.87 -52.60 47.28
C CYS H 22 53.87 -51.78 46.48
N ILE H 23 54.52 -52.41 45.50
CA ILE H 23 55.51 -51.77 44.64
C ILE H 23 55.00 -51.97 43.22
N VAL H 24 55.50 -51.14 42.30
CA VAL H 24 55.06 -51.17 40.92
C VAL H 24 56.26 -51.32 39.98
N SER H 25 55.95 -51.80 38.78
CA SER H 25 56.92 -51.93 37.69
C SER H 25 56.32 -51.34 36.44
N GLY H 26 57.02 -50.37 35.84
CA GLY H 26 56.56 -49.74 34.62
C GLY H 26 55.49 -48.68 34.74
N ASP H 27 55.39 -48.00 35.88
CA ASP H 27 54.35 -47.00 36.07
C ASP H 27 54.85 -45.88 36.98
N SER H 28 53.97 -44.91 37.20
CA SER H 28 54.23 -43.78 38.08
C SER H 28 52.94 -43.53 38.85
N ILE H 29 53.02 -43.59 40.18
CA ILE H 29 51.81 -43.52 40.99
C ILE H 29 51.16 -42.14 40.96
N SER H 30 51.93 -41.10 40.63
CA SER H 30 51.41 -39.73 40.60
C SER H 30 50.33 -39.51 39.53
N SER H 31 50.08 -40.48 38.66
CA SER H 31 49.06 -40.30 37.63
C SER H 31 47.68 -40.21 38.28
N SER H 32 46.71 -39.74 37.49
CA SER H 32 45.34 -39.54 37.97
C SER H 32 44.59 -40.88 37.99
N GLU H 33 45.04 -41.75 38.89
CA GLU H 33 44.52 -43.09 39.05
C GLU H 33 44.32 -43.35 40.54
N TRP H 34 43.38 -44.24 40.87
CA TRP H 34 43.19 -44.65 42.26
C TRP H 34 43.89 -45.98 42.50
N TRP H 35 44.52 -46.08 43.67
CA TRP H 35 45.21 -47.28 44.12
C TRP H 35 44.46 -47.82 45.32
N SER H 36 44.26 -49.13 45.40
CA SER H 36 43.43 -49.69 46.47
C SER H 36 44.00 -50.99 47.01
N TRP H 37 43.54 -51.31 48.22
CA TRP H 37 43.84 -52.55 48.92
C TRP H 37 42.53 -53.31 49.08
N ILE H 38 42.60 -54.61 48.80
CA ILE H 38 41.47 -55.55 48.86
C ILE H 38 41.84 -56.79 49.67
N ARG H 39 40.93 -57.23 50.55
CA ARG H 39 41.13 -58.41 51.40
C ARG H 39 40.25 -59.56 50.92
N GLN H 40 40.82 -60.76 50.81
CA GLN H 40 40.09 -61.98 50.44
C GLN H 40 40.44 -63.18 51.32
N PRO H 41 39.68 -63.45 52.38
CA PRO H 41 39.95 -64.65 53.17
C PRO H 41 39.55 -65.87 52.35
N PRO H 42 40.11 -67.06 52.62
CA PRO H 42 39.79 -68.25 51.80
C PRO H 42 38.31 -68.54 51.57
N GLY H 43 37.41 -68.23 52.52
CA GLY H 43 36.01 -68.54 52.33
C GLY H 43 35.11 -67.43 51.83
N LYS H 44 35.65 -66.25 51.50
CA LYS H 44 34.88 -65.09 51.09
C LYS H 44 35.36 -64.60 49.73
N GLY H 45 34.69 -63.57 49.24
CA GLY H 45 35.03 -62.92 48.01
C GLY H 45 36.05 -61.81 48.24
N LEU H 46 36.11 -60.89 47.28
CA LEU H 46 37.09 -59.82 47.25
C LEU H 46 36.54 -58.57 47.96
N GLU H 47 36.89 -58.41 49.24
CA GLU H 47 36.35 -57.34 50.08
C GLU H 47 37.39 -56.22 50.17
N TRP H 48 36.99 -55.05 49.66
CA TRP H 48 37.87 -53.89 49.58
C TRP H 48 38.26 -53.41 50.97
N ILE H 49 39.52 -53.03 51.10
CA ILE H 49 40.08 -52.54 52.35
C ILE H 49 40.00 -51.03 52.39
N GLY H 50 40.43 -50.42 51.29
CA GLY H 50 40.48 -48.98 51.23
C GLY H 50 41.27 -48.54 50.02
N ASN H 51 41.32 -47.23 49.80
CA ASN H 51 42.11 -46.74 48.69
C ASN H 51 42.63 -45.33 48.94
N ILE H 52 43.55 -44.94 48.05
CA ILE H 52 44.20 -43.64 48.04
C ILE H 52 44.30 -43.14 46.60
N GLY H 53 44.05 -41.85 46.40
CA GLY H 53 44.22 -41.29 45.07
C GLY H 53 45.72 -41.16 44.79
N GLY H 54 46.15 -41.65 43.63
CA GLY H 54 47.56 -41.59 43.31
C GLY H 54 48.12 -40.18 43.16
N SER H 55 47.33 -39.27 42.61
CA SER H 55 47.78 -37.90 42.34
C SER H 55 47.51 -36.89 43.45
N SER H 56 46.53 -37.12 44.33
CA SER H 56 46.12 -36.12 45.31
C SER H 56 46.26 -36.54 46.77
N GLY H 57 46.34 -37.83 47.07
CA GLY H 57 46.40 -38.31 48.43
C GLY H 57 45.07 -38.45 49.13
N SER H 58 43.96 -38.23 48.44
CA SER H 58 42.66 -38.40 49.07
C SER H 58 42.49 -39.89 49.32
N THR H 59 41.86 -40.26 50.43
CA THR H 59 41.63 -41.68 50.71
C THR H 59 40.18 -41.90 51.10
N TYR H 60 39.78 -43.16 50.92
CA TYR H 60 38.50 -43.71 51.35
C TYR H 60 38.80 -45.02 52.07
N TYR H 61 37.95 -45.38 53.05
CA TYR H 61 38.11 -46.63 53.79
C TYR H 61 36.78 -47.36 53.95
N ASN H 62 36.88 -48.67 54.19
CA ASN H 62 35.75 -49.54 54.49
C ASN H 62 35.25 -49.22 55.90
N ALA H 63 34.00 -48.73 55.98
CA ALA H 63 33.44 -48.21 57.23
C ALA H 63 33.50 -49.20 58.38
N SER H 64 33.39 -50.49 58.10
CA SER H 64 33.45 -51.46 59.19
C SER H 64 34.88 -51.67 59.68
N LEU H 65 35.87 -51.26 58.89
CA LEU H 65 37.29 -51.41 59.17
C LEU H 65 37.98 -50.09 59.48
N LYS H 66 37.48 -48.99 58.88
CA LYS H 66 38.10 -47.65 58.85
C LYS H 66 38.86 -47.20 60.09
N SER H 67 38.29 -47.41 61.29
CA SER H 67 38.92 -46.87 62.48
C SER H 67 40.28 -47.51 62.82
N ARG H 68 40.59 -48.70 62.31
CA ARG H 68 41.85 -49.38 62.61
C ARG H 68 42.75 -49.57 61.40
N VAL H 69 42.47 -48.94 60.26
CA VAL H 69 43.25 -49.09 59.04
C VAL H 69 43.74 -47.72 58.56
N THR H 70 45.02 -47.67 58.17
CA THR H 70 45.63 -46.49 57.57
C THR H 70 46.23 -46.89 56.23
N ILE H 71 45.96 -46.12 55.19
CA ILE H 71 46.52 -46.33 53.86
C ILE H 71 47.30 -45.09 53.48
N SER H 72 48.53 -45.28 52.99
CA SER H 72 49.36 -44.15 52.59
C SER H 72 50.19 -44.51 51.37
N LYS H 73 50.76 -43.48 50.75
CA LYS H 73 51.59 -43.66 49.57
C LYS H 73 52.85 -42.83 49.69
N ASP H 74 53.91 -43.35 49.11
CA ASP H 74 55.21 -42.70 49.01
C ASP H 74 55.44 -42.39 47.54
N THR H 75 55.40 -41.09 47.18
CA THR H 75 55.62 -40.73 45.78
C THR H 75 57.02 -41.17 45.41
N SER H 76 57.95 -40.93 46.32
CA SER H 76 59.31 -41.38 46.15
C SER H 76 59.26 -42.90 46.20
N LYS H 77 59.96 -43.55 45.27
CA LYS H 77 60.04 -45.00 45.08
C LYS H 77 58.74 -45.60 44.57
N ASN H 78 57.72 -44.80 44.24
CA ASN H 78 56.45 -45.29 43.66
C ASN H 78 55.86 -46.43 44.48
N GLN H 79 55.69 -46.20 45.79
CA GLN H 79 55.22 -47.25 46.70
C GLN H 79 53.98 -46.89 47.49
N PHE H 80 53.25 -47.93 47.90
CA PHE H 80 52.08 -47.81 48.76
C PHE H 80 52.23 -48.71 49.96
N SER H 81 51.57 -48.33 51.06
CA SER H 81 51.54 -49.20 52.21
C SER H 81 50.18 -49.16 52.90
N LEU H 82 49.86 -50.31 53.49
CA LEU H 82 48.64 -50.54 54.26
C LEU H 82 49.09 -50.88 55.68
N GLU H 83 48.64 -50.10 56.65
CA GLU H 83 48.95 -50.31 58.05
C GLU H 83 47.65 -50.73 58.70
N LEU H 84 47.58 -51.95 59.23
CA LEU H 84 46.39 -52.46 59.89
C LEU H 84 46.68 -52.77 61.35
N LYS H 85 46.01 -52.06 62.25
CA LYS H 85 46.21 -52.21 63.69
C LYS H 85 45.27 -53.25 64.28
N SER H 86 45.66 -53.80 65.43
CA SER H 86 44.87 -54.77 66.20
C SER H 86 44.41 -55.94 65.33
N VAL H 87 45.38 -56.56 64.65
CA VAL H 87 45.08 -57.65 63.72
C VAL H 87 44.53 -58.84 64.50
N THR H 88 43.45 -59.43 63.99
CA THR H 88 42.76 -60.53 64.65
C THR H 88 42.60 -61.69 63.67
N ALA H 89 41.93 -62.76 64.13
CA ALA H 89 41.74 -63.96 63.33
C ALA H 89 41.02 -63.67 62.02
N ALA H 90 40.14 -62.67 62.01
CA ALA H 90 39.40 -62.32 60.79
C ALA H 90 40.30 -61.81 59.67
N ASP H 91 41.54 -61.44 59.97
CA ASP H 91 42.47 -60.88 59.00
C ASP H 91 43.36 -61.93 58.35
N THR H 92 43.15 -63.22 58.63
CA THR H 92 43.95 -64.28 58.01
C THR H 92 43.42 -64.45 56.59
N ALA H 93 43.89 -63.56 55.72
CA ALA H 93 43.33 -63.41 54.39
C ALA H 93 44.42 -63.02 53.41
N VAL H 94 44.13 -63.20 52.13
CA VAL H 94 45.05 -62.76 51.08
C VAL H 94 44.81 -61.28 50.84
N TYR H 95 45.87 -60.50 50.88
CA TYR H 95 45.82 -59.07 50.65
C TYR H 95 46.33 -58.76 49.25
N TYR H 96 45.61 -57.88 48.55
CA TYR H 96 45.96 -57.48 47.20
C TYR H 96 46.06 -55.97 47.11
N CYS H 97 46.96 -55.49 46.26
CA CYS H 97 46.95 -54.10 45.83
C CYS H 97 46.43 -54.11 44.39
N ALA H 98 45.78 -53.03 44.00
CA ALA H 98 45.24 -52.92 42.65
C ALA H 98 45.15 -51.46 42.27
N ARG H 99 45.03 -51.21 40.96
CA ARG H 99 44.84 -49.85 40.45
C ARG H 99 43.65 -49.77 39.52
N SER H 100 43.01 -48.60 39.57
CA SER H 100 41.93 -48.23 38.68
C SER H 100 42.52 -47.47 37.51
N SER H 101 41.71 -47.23 36.48
CA SER H 101 42.15 -46.36 35.41
C SER H 101 40.96 -45.56 34.92
N ILE H 102 41.28 -44.47 34.24
CA ILE H 102 40.28 -43.57 33.67
C ILE H 102 40.45 -43.55 32.16
N THR H 103 39.37 -43.80 31.43
CA THR H 103 39.43 -43.71 29.98
C THR H 103 38.87 -42.34 29.61
N ILE H 104 39.19 -41.88 28.41
CA ILE H 104 38.73 -40.58 27.94
C ILE H 104 38.03 -40.76 26.60
N PHE H 105 36.83 -40.19 26.50
CA PHE H 105 36.05 -40.21 25.26
C PHE H 105 35.82 -38.81 24.72
N GLY H 106 35.91 -37.78 25.56
CA GLY H 106 35.70 -36.40 25.16
C GLY H 106 36.65 -35.43 25.82
N VAL H 107 36.14 -34.28 26.24
CA VAL H 107 36.96 -33.22 26.84
C VAL H 107 37.16 -33.53 28.33
N VAL H 108 38.42 -33.57 28.75
CA VAL H 108 38.75 -33.95 30.12
C VAL H 108 38.23 -32.92 31.13
N VAL H 109 38.36 -31.61 30.82
CA VAL H 109 37.95 -30.59 31.78
C VAL H 109 36.44 -30.50 31.95
N LEU H 110 35.66 -31.15 31.11
CA LEU H 110 34.22 -31.15 31.21
C LEU H 110 33.70 -32.44 31.86
N GLY H 111 34.61 -33.29 32.33
CA GLY H 111 34.26 -34.54 32.98
C GLY H 111 33.86 -35.65 32.04
N GLU H 112 34.26 -35.57 30.78
CA GLU H 112 33.87 -36.55 29.77
C GLU H 112 34.85 -37.72 29.81
N VAL H 113 34.80 -38.44 30.93
CA VAL H 113 35.69 -39.56 31.22
C VAL H 113 34.85 -40.73 31.72
N GLU H 114 35.45 -41.92 31.73
CA GLU H 114 34.80 -43.11 32.27
C GLU H 114 35.74 -43.86 33.20
N ASP H 115 35.16 -44.46 34.24
CA ASP H 115 35.90 -45.24 35.23
C ASP H 115 36.10 -46.69 34.77
N LYS H 116 37.26 -47.24 35.09
CA LYS H 116 37.58 -48.66 34.88
C LYS H 116 38.21 -49.08 36.21
N PRO H 117 37.37 -49.37 37.23
CA PRO H 117 37.83 -49.45 38.63
C PRO H 117 39.04 -50.32 38.99
N LEU H 118 39.28 -51.48 38.35
CA LEU H 118 40.41 -52.33 38.78
C LEU H 118 41.08 -53.00 37.58
N ASP H 119 41.94 -52.24 36.89
CA ASP H 119 42.54 -52.67 35.64
C ASP H 119 43.66 -53.68 35.84
N VAL H 120 44.56 -53.43 36.78
CA VAL H 120 45.71 -54.28 37.03
C VAL H 120 45.71 -54.71 38.48
N TRP H 121 45.85 -56.01 38.70
CA TRP H 121 45.93 -56.62 40.02
C TRP H 121 47.35 -57.11 40.23
N GLY H 122 47.79 -57.07 41.49
CA GLY H 122 49.05 -57.69 41.84
C GLY H 122 48.81 -59.14 42.15
N ARG H 123 49.87 -59.82 42.58
CA ARG H 123 49.70 -61.23 42.89
C ARG H 123 49.20 -61.41 44.31
N GLY H 124 49.47 -60.46 45.19
CA GLY H 124 49.01 -60.50 46.56
C GLY H 124 49.93 -61.30 47.45
N VAL H 125 49.68 -61.19 48.75
CA VAL H 125 50.43 -61.92 49.76
C VAL H 125 49.41 -62.55 50.70
N LEU H 126 49.74 -63.72 51.21
CA LEU H 126 48.91 -64.39 52.21
C LEU H 126 49.52 -64.10 53.57
N VAL H 127 48.71 -63.63 54.50
CA VAL H 127 49.15 -63.37 55.86
C VAL H 127 48.38 -64.28 56.79
N THR H 128 48.96 -64.53 57.96
CA THR H 128 48.36 -65.35 58.98
C THR H 128 48.43 -64.60 60.30
N VAL H 129 47.70 -65.09 61.29
CA VAL H 129 47.58 -64.42 62.58
C VAL H 129 47.76 -65.44 63.70
N LEU I 4 24.29 -55.35 47.44
CA LEU I 4 24.25 -56.37 46.41
C LEU I 4 23.95 -57.80 46.81
N THR I 5 23.10 -58.42 46.01
CA THR I 5 22.74 -59.83 46.11
C THR I 5 22.93 -60.42 44.71
N GLN I 6 23.35 -61.67 44.67
CA GLN I 6 23.51 -62.36 43.39
C GLN I 6 23.29 -63.85 43.63
N GLU I 7 22.96 -64.55 42.55
CA GLU I 7 22.69 -65.99 42.63
C GLU I 7 23.88 -66.75 43.23
N PRO I 8 23.71 -67.46 44.36
CA PRO I 8 24.86 -68.18 44.95
C PRO I 8 25.60 -69.12 44.01
N ALA I 9 24.91 -69.78 43.07
CA ALA I 9 25.58 -70.69 42.15
C ALA I 9 24.72 -70.90 40.91
N LEU I 10 25.38 -71.27 39.83
CA LEU I 10 24.70 -71.59 38.58
C LEU I 10 25.40 -72.80 37.96
N SER I 11 24.62 -73.78 37.51
CA SER I 11 25.12 -75.01 36.90
C SER I 11 24.70 -75.07 35.43
N VAL I 12 25.69 -75.16 34.55
CA VAL I 12 25.48 -75.20 33.11
C VAL I 12 26.24 -76.36 32.48
N ALA I 13 25.66 -76.96 31.44
CA ALA I 13 26.33 -77.97 30.65
C ALA I 13 27.42 -77.32 29.82
N LEU I 14 28.49 -78.08 29.55
CA LEU I 14 29.58 -77.56 28.73
C LEU I 14 29.06 -77.20 27.33
N GLY I 15 29.39 -75.99 26.87
CA GLY I 15 28.97 -75.55 25.56
C GLY I 15 27.69 -74.75 25.54
N HIS I 16 27.03 -74.56 26.68
CA HIS I 16 25.77 -73.83 26.78
C HIS I 16 25.95 -72.45 27.42
N THR I 17 25.09 -71.53 26.96
CA THR I 17 25.09 -70.15 27.42
C THR I 17 24.52 -70.00 28.83
N VAL I 18 25.13 -69.09 29.60
CA VAL I 18 24.65 -68.77 30.95
C VAL I 18 24.36 -67.28 31.05
N SER I 19 23.54 -66.94 32.05
CA SER I 19 23.18 -65.57 32.39
C SER I 19 23.22 -65.43 33.91
N MET I 20 24.16 -64.64 34.42
CA MET I 20 24.37 -64.40 35.84
C MET I 20 23.91 -62.99 36.16
N THR I 21 22.92 -62.85 37.06
CA THR I 21 22.31 -61.55 37.34
C THR I 21 22.49 -61.14 38.80
N CYS I 22 22.88 -59.87 39.01
CA CYS I 22 23.03 -59.24 40.31
C CYS I 22 22.01 -58.11 40.42
N GLN I 23 21.64 -57.77 41.66
CA GLN I 23 20.70 -56.70 41.93
C GLN I 23 21.14 -55.88 43.12
N GLY I 24 20.87 -54.58 43.05
CA GLY I 24 21.14 -53.67 44.15
C GLY I 24 20.56 -52.30 43.86
N ASP I 25 20.67 -51.42 44.86
CA ASP I 25 20.09 -50.08 44.76
C ASP I 25 21.01 -49.06 44.10
N SER I 26 22.32 -49.24 44.25
CA SER I 26 23.30 -48.30 43.70
C SER I 26 23.42 -48.40 42.19
N LEU I 27 22.87 -49.45 41.59
CA LEU I 27 23.00 -49.66 40.15
C LEU I 27 22.17 -48.72 39.32
N GLU I 28 21.34 -47.86 39.92
CA GLU I 28 20.67 -46.83 39.13
C GLU I 28 21.65 -45.79 38.61
N THR I 29 22.70 -45.49 39.37
CA THR I 29 23.66 -44.46 38.99
C THR I 29 25.06 -44.98 38.67
N TYR I 30 25.38 -46.24 39.00
CA TYR I 30 26.70 -46.82 38.70
C TYR I 30 26.57 -48.03 37.78
N TYR I 31 27.63 -48.25 37.00
CA TYR I 31 27.69 -49.40 36.11
C TYR I 31 28.14 -50.63 36.88
N VAL I 32 27.70 -51.80 36.41
CA VAL I 32 28.16 -53.06 37.00
C VAL I 32 29.47 -53.48 36.33
N ASN I 33 30.48 -53.77 37.16
CA ASN I 33 31.77 -54.25 36.69
C ASN I 33 31.89 -55.72 37.06
N TRP I 34 31.93 -56.60 36.07
CA TRP I 34 31.98 -58.03 36.33
C TRP I 34 33.43 -58.49 36.39
N PHE I 35 33.76 -59.26 37.43
CA PHE I 35 35.07 -59.86 37.68
C PHE I 35 34.98 -61.39 37.70
N GLN I 36 36.07 -62.03 37.30
CA GLN I 36 36.20 -63.49 37.30
C GLN I 36 37.44 -63.89 38.09
N GLN I 37 37.28 -64.85 39.01
CA GLN I 37 38.39 -65.37 39.79
C GLN I 37 38.37 -66.89 39.81
N ARG I 38 39.28 -67.52 39.06
CA ARG I 38 39.34 -68.97 39.12
C ARG I 38 39.96 -69.31 40.48
N PRO I 39 39.47 -70.33 41.19
CA PRO I 39 40.04 -70.61 42.53
C PRO I 39 41.56 -70.74 42.47
N GLY I 40 42.22 -70.06 43.39
CA GLY I 40 43.67 -70.05 43.50
C GLY I 40 44.36 -69.04 42.61
N GLN I 41 43.62 -68.34 41.73
CA GLN I 41 44.15 -67.37 40.79
C GLN I 41 43.82 -65.93 41.22
N VAL I 42 44.59 -65.01 40.65
CA VAL I 42 44.37 -63.57 40.83
C VAL I 42 43.14 -63.13 40.02
N PRO I 43 42.19 -62.39 40.60
CA PRO I 43 41.00 -62.00 39.83
C PRO I 43 41.32 -61.00 38.73
N VAL I 44 40.49 -61.01 37.68
CA VAL I 44 40.61 -60.09 36.56
C VAL I 44 39.27 -59.42 36.29
N LEU I 45 39.33 -58.28 35.60
CA LEU I 45 38.15 -57.56 35.15
C LEU I 45 37.62 -58.16 33.85
N VAL I 46 36.32 -58.45 33.82
CA VAL I 46 35.67 -59.09 32.67
C VAL I 46 34.82 -58.09 31.88
N VAL I 47 33.93 -57.35 32.56
CA VAL I 47 33.08 -56.34 31.93
C VAL I 47 33.12 -55.08 32.76
N TYR I 48 33.26 -53.93 32.11
CA TYR I 48 33.30 -52.67 32.85
C TYR I 48 32.52 -51.59 32.11
N GLY I 49 32.10 -50.59 32.88
CA GLY I 49 31.41 -49.43 32.35
C GLY I 49 30.15 -49.76 31.57
N ASN I 50 30.01 -49.13 30.41
CA ASN I 50 28.86 -49.34 29.53
C ASN I 50 29.09 -50.57 28.64
N ASN I 51 29.10 -51.72 29.30
CA ASN I 51 29.28 -53.01 28.63
C ASN I 51 30.56 -53.07 27.79
N TYR I 52 31.64 -52.53 28.34
CA TYR I 52 32.94 -52.56 27.66
C TYR I 52 33.70 -53.81 28.06
N ARG I 53 34.46 -54.35 27.11
CA ARG I 53 35.24 -55.57 27.31
C ARG I 53 36.74 -55.30 27.34
N PRO I 54 37.45 -55.58 28.44
CA PRO I 54 38.90 -55.36 28.45
C PRO I 54 39.58 -56.26 27.43
N SER I 55 40.72 -55.81 26.89
CA SER I 55 41.47 -56.64 25.98
C SER I 55 41.90 -57.92 26.71
N GLY I 56 41.85 -59.05 26.01
CA GLY I 56 42.23 -60.32 26.59
C GLY I 56 41.07 -61.18 27.03
N ILE I 57 39.86 -60.63 27.08
CA ILE I 57 38.67 -61.38 27.49
C ILE I 57 37.96 -61.87 26.23
N PRO I 58 37.68 -63.18 26.11
CA PRO I 58 36.98 -63.67 24.91
C PRO I 58 35.61 -63.03 24.71
N GLU I 59 35.19 -62.95 23.44
CA GLU I 59 33.93 -62.34 23.02
C GLU I 59 32.70 -63.03 23.63
N ARG I 60 32.87 -64.19 24.28
CA ARG I 60 31.76 -64.87 24.93
C ARG I 60 31.15 -64.02 26.04
N PHE I 61 31.94 -63.17 26.69
CA PHE I 61 31.50 -62.39 27.85
C PHE I 61 30.91 -61.06 27.42
N SER I 62 29.65 -60.82 27.80
CA SER I 62 28.92 -59.60 27.45
C SER I 62 27.89 -59.37 28.53
N GLY I 63 27.18 -58.24 28.48
CA GLY I 63 26.21 -58.04 29.53
C GLY I 63 25.29 -56.86 29.31
N SER I 64 24.51 -56.56 30.36
CA SER I 64 23.51 -55.50 30.34
C SER I 64 23.37 -54.91 31.75
N TRP I 65 23.14 -53.58 31.81
CA TRP I 65 22.95 -52.86 33.06
C TRP I 65 21.53 -52.30 33.21
N SER I 66 20.55 -52.86 32.51
CA SER I 66 19.17 -52.37 32.57
C SER I 66 18.58 -52.38 33.98
N GLY I 67 17.77 -51.35 34.26
CA GLY I 67 17.10 -51.22 35.56
C GLY I 67 18.08 -51.02 36.70
N ASN I 68 17.91 -51.82 37.78
CA ASN I 68 18.77 -51.77 38.95
C ASN I 68 19.47 -53.11 39.16
N THR I 69 19.67 -53.83 38.06
CA THR I 69 20.32 -55.12 38.03
C THR I 69 21.44 -55.05 36.99
N GLY I 70 22.25 -56.09 36.99
CA GLY I 70 23.27 -56.25 35.97
C GLY I 70 23.34 -57.72 35.62
N THR I 71 23.58 -58.00 34.34
CA THR I 71 23.67 -59.38 33.87
C THR I 71 24.94 -59.58 33.06
N LEU I 72 25.67 -60.64 33.38
CA LEU I 72 26.80 -61.13 32.61
C LEU I 72 26.36 -62.40 31.89
N THR I 73 26.43 -62.37 30.57
CA THR I 73 26.05 -63.49 29.73
C THR I 73 27.33 -64.06 29.13
N ILE I 74 27.49 -65.38 29.23
CA ILE I 74 28.62 -66.07 28.62
C ILE I 74 28.03 -67.02 27.60
N THR I 75 28.20 -66.70 26.32
CA THR I 75 27.64 -67.52 25.27
C THR I 75 28.45 -68.81 25.19
N ALA I 76 27.76 -69.96 25.17
CA ALA I 76 28.40 -71.27 25.03
C ALA I 76 29.59 -71.43 25.98
N ALA I 77 29.29 -71.38 27.29
CA ALA I 77 30.33 -71.38 28.32
C ALA I 77 31.29 -72.55 28.16
N GLN I 78 32.59 -72.25 28.26
CA GLN I 78 33.68 -73.21 28.13
C GLN I 78 34.25 -73.61 29.48
N VAL I 79 35.03 -74.70 29.47
CA VAL I 79 35.62 -75.20 30.71
C VAL I 79 36.61 -74.20 31.30
N GLU I 80 37.27 -73.40 30.47
CA GLU I 80 38.21 -72.38 30.96
C GLU I 80 37.54 -71.26 31.74
N ASP I 81 36.22 -71.11 31.63
CA ASP I 81 35.48 -70.04 32.28
C ASP I 81 34.97 -70.43 33.67
N GLU I 82 35.32 -71.62 34.17
CA GLU I 82 34.84 -72.06 35.47
C GLU I 82 35.62 -71.30 36.53
N ALA I 83 34.92 -70.39 37.20
CA ALA I 83 35.49 -69.43 38.13
C ALA I 83 34.37 -68.86 38.96
N ASP I 84 34.75 -68.20 40.06
CA ASP I 84 33.78 -67.40 40.78
C ASP I 84 33.58 -66.12 39.98
N TYR I 85 32.34 -65.64 39.91
CA TYR I 85 32.06 -64.36 39.28
C TYR I 85 31.46 -63.40 40.27
N TYR I 86 31.89 -62.14 40.18
CA TYR I 86 31.42 -61.13 41.11
C TYR I 86 30.95 -59.90 40.35
N CYS I 87 29.85 -59.34 40.83
CA CYS I 87 29.29 -58.08 40.32
C CYS I 87 29.83 -57.02 41.27
N ASN I 88 30.67 -56.12 40.76
CA ASN I 88 31.35 -55.09 41.55
C ASN I 88 30.96 -53.69 41.09
N SER I 89 30.52 -52.87 42.04
CA SER I 89 30.13 -51.50 41.74
C SER I 89 30.40 -50.64 42.97
N TRP I 90 30.26 -49.34 42.80
CA TRP I 90 30.51 -48.41 43.89
C TRP I 90 29.24 -48.15 44.67
N ASP I 91 29.41 -47.80 45.95
CA ASP I 91 28.29 -47.49 46.82
C ASP I 91 27.74 -46.10 46.47
N SER I 92 26.45 -45.86 46.78
CA SER I 92 25.83 -44.58 46.47
C SER I 92 26.40 -43.40 47.27
N SER I 93 27.06 -43.65 48.40
CA SER I 93 27.66 -42.56 49.17
C SER I 93 28.94 -42.04 48.52
N GLY I 94 29.44 -42.73 47.50
CA GLY I 94 30.70 -42.45 46.87
C GLY I 94 31.78 -43.40 47.28
N THR I 95 31.55 -44.20 48.34
CA THR I 95 32.53 -45.18 48.74
C THR I 95 32.65 -46.18 47.59
N HIS I 96 33.87 -46.58 47.28
CA HIS I 96 34.08 -47.42 46.11
C HIS I 96 33.83 -48.90 46.38
N LEU I 97 33.32 -49.28 47.55
CA LEU I 97 32.98 -50.66 47.83
C LEU I 97 31.49 -50.91 47.97
N LEU I 98 31.04 -51.85 47.15
CA LEU I 98 29.75 -52.50 47.19
C LEU I 98 30.11 -53.72 46.38
N PHE I 99 29.97 -54.92 46.93
CA PHE I 99 30.50 -56.06 46.20
C PHE I 99 29.61 -57.25 46.54
N GLY I 100 29.25 -58.03 45.52
CA GLY I 100 28.38 -59.16 45.76
C GLY I 100 29.07 -60.34 46.40
N GLY I 101 28.24 -61.23 46.95
CA GLY I 101 28.77 -62.42 47.57
C GLY I 101 29.54 -63.28 46.60
N GLY I 102 29.10 -63.29 45.35
CA GLY I 102 29.72 -64.05 44.28
C GLY I 102 28.85 -65.21 43.86
N THR I 103 28.93 -65.53 42.57
CA THR I 103 28.18 -66.64 41.98
C THR I 103 29.19 -67.74 41.66
N ARG I 104 28.93 -68.95 42.16
CA ARG I 104 29.80 -70.07 41.87
C ARG I 104 29.27 -70.72 40.58
N LEU I 105 30.03 -70.59 39.50
CA LEU I 105 29.64 -71.15 38.22
C LEU I 105 30.34 -72.48 38.01
N THR I 106 29.56 -73.54 37.80
CA THR I 106 30.08 -74.87 37.49
C THR I 106 29.62 -75.24 36.09
N VAL I 107 30.56 -75.68 35.26
CA VAL I 107 30.28 -75.96 33.86
C VAL I 107 30.18 -77.47 33.68
N GLU J 1 54.55 43.39 -12.09
CA GLU J 1 53.49 42.49 -11.58
C GLU J 1 52.83 41.75 -12.74
N VAL J 2 52.14 42.48 -13.62
CA VAL J 2 51.43 41.91 -14.76
C VAL J 2 52.12 42.37 -16.03
N GLN J 3 52.52 41.41 -16.87
CA GLN J 3 53.16 41.70 -18.14
C GLN J 3 52.23 41.30 -19.27
N LEU J 4 51.86 42.28 -20.11
CA LEU J 4 51.05 42.07 -21.30
C LEU J 4 51.89 42.51 -22.49
N VAL J 5 52.20 41.58 -23.40
CA VAL J 5 53.09 41.89 -24.53
C VAL J 5 52.40 41.53 -25.85
N GLU J 6 52.14 42.55 -26.66
CA GLU J 6 51.52 42.38 -27.96
C GLU J 6 52.54 41.96 -29.02
N THR J 7 52.09 41.11 -29.95
CA THR J 7 52.86 40.71 -31.11
C THR J 7 51.99 40.94 -32.34
N GLY J 8 52.62 41.32 -33.44
CA GLY J 8 51.84 41.51 -34.66
C GLY J 8 52.71 41.80 -35.87
N GLY J 9 52.01 42.13 -36.96
CA GLY J 9 52.63 42.39 -38.25
C GLY J 9 53.05 43.83 -38.45
N GLY J 10 53.39 44.13 -39.71
CA GLY J 10 53.87 45.43 -40.14
C GLY J 10 52.95 46.14 -41.12
N LEU J 11 53.38 46.26 -42.39
CA LEU J 11 52.57 46.93 -43.40
C LEU J 11 51.68 45.96 -44.18
N VAL J 12 50.40 46.28 -44.20
CA VAL J 12 49.36 45.54 -44.89
C VAL J 12 48.64 46.50 -45.83
N GLN J 13 48.22 46.00 -47.01
CA GLN J 13 47.50 46.86 -47.95
C GLN J 13 45.99 46.78 -47.70
N PRO J 14 45.23 47.83 -48.06
CA PRO J 14 43.77 47.78 -47.90
C PRO J 14 43.16 46.56 -48.57
N GLY J 15 42.20 45.94 -47.89
CA GLY J 15 41.56 44.74 -48.39
C GLY J 15 42.20 43.45 -47.92
N GLY J 16 43.27 43.53 -47.13
CA GLY J 16 43.99 42.38 -46.63
C GLY J 16 43.47 41.88 -45.30
N SER J 17 44.36 41.17 -44.61
CA SER J 17 44.03 40.54 -43.33
C SER J 17 45.26 40.57 -42.45
N LEU J 18 45.06 40.91 -41.17
CA LEU J 18 46.15 40.99 -40.20
C LEU J 18 45.70 40.49 -38.84
N LYS J 19 46.53 39.66 -38.22
CA LYS J 19 46.25 39.11 -36.90
C LYS J 19 47.25 39.60 -35.89
N LEU J 20 46.73 40.05 -34.74
CA LEU J 20 47.49 40.47 -33.58
C LEU J 20 47.28 39.45 -32.48
N SER J 21 48.24 39.37 -31.56
CA SER J 21 48.06 38.55 -30.38
C SER J 21 48.70 39.27 -29.20
N CYS J 22 48.26 38.87 -28.02
CA CYS J 22 48.75 39.41 -26.76
C CYS J 22 49.00 38.27 -25.79
N ARG J 23 50.23 38.20 -25.30
CA ARG J 23 50.63 37.21 -24.31
C ARG J 23 50.51 37.92 -22.97
N ALA J 24 50.18 37.15 -21.94
CA ALA J 24 50.04 37.74 -20.62
C ALA J 24 50.55 36.80 -19.55
N SER J 25 51.09 37.39 -18.49
CA SER J 25 51.55 36.61 -17.35
C SER J 25 51.53 37.50 -16.10
N GLY J 26 51.60 36.84 -14.95
CA GLY J 26 51.65 37.48 -13.66
C GLY J 26 50.32 37.54 -12.93
N TYR J 27 49.26 36.97 -13.51
CA TYR J 27 47.93 36.95 -12.93
C TYR J 27 47.22 35.75 -13.52
N THR J 28 46.08 35.38 -12.94
CA THR J 28 45.31 34.29 -13.50
C THR J 28 44.59 34.82 -14.74
N PHE J 29 44.98 34.30 -15.90
CA PHE J 29 44.47 34.80 -17.17
C PHE J 29 42.96 34.62 -17.28
N SER J 30 42.47 33.42 -16.93
CA SER J 30 41.06 33.07 -17.04
C SER J 30 40.14 33.83 -16.10
N SER J 31 40.67 34.59 -15.14
CA SER J 31 39.84 35.32 -14.20
C SER J 31 39.44 36.72 -14.65
N PHE J 32 40.01 37.24 -15.75
CA PHE J 32 39.74 38.61 -16.20
C PHE J 32 39.24 38.67 -17.62
N ALA J 33 38.32 39.60 -17.86
CA ALA J 33 37.89 39.95 -19.20
C ALA J 33 39.00 40.79 -19.82
N MET J 34 39.07 40.80 -21.15
CA MET J 34 40.13 41.55 -21.82
C MET J 34 39.55 42.30 -23.00
N SER J 35 40.29 43.32 -23.45
CA SER J 35 39.83 44.17 -24.52
C SER J 35 40.99 44.69 -25.35
N TRP J 36 40.66 45.22 -26.52
CA TRP J 36 41.61 45.92 -27.38
C TRP J 36 41.17 47.36 -27.53
N VAL J 37 42.15 48.25 -27.42
CA VAL J 37 41.99 49.70 -27.53
C VAL J 37 43.02 50.19 -28.54
N ARG J 38 42.63 51.12 -29.42
CA ARG J 38 43.58 51.61 -30.42
C ARG J 38 43.71 53.13 -30.33
N GLN J 39 44.90 53.59 -30.71
CA GLN J 39 45.27 55.00 -30.75
C GLN J 39 45.86 55.35 -32.10
N ALA J 40 45.19 56.21 -32.88
CA ALA J 40 45.77 56.58 -34.16
C ALA J 40 47.07 57.32 -33.87
N PRO J 41 48.06 57.28 -34.78
CA PRO J 41 49.35 57.92 -34.48
C PRO J 41 49.30 59.36 -33.96
N GLY J 42 48.37 60.19 -34.44
CA GLY J 42 48.27 61.57 -33.97
C GLY J 42 47.05 61.92 -33.15
N LYS J 43 46.25 60.93 -32.71
CA LYS J 43 44.98 61.17 -32.02
C LYS J 43 45.01 60.52 -30.63
N GLY J 44 43.86 60.55 -29.96
CA GLY J 44 43.68 59.95 -28.65
C GLY J 44 43.25 58.50 -28.73
N LEU J 45 42.70 58.01 -27.61
CA LEU J 45 42.33 56.61 -27.48
C LEU J 45 40.87 56.36 -27.83
N GLU J 46 40.60 55.18 -28.41
CA GLU J 46 39.24 54.69 -28.58
C GLU J 46 39.20 53.18 -28.35
N TRP J 47 38.09 52.72 -27.78
CA TRP J 47 37.87 51.29 -27.54
C TRP J 47 37.54 50.60 -28.86
N VAL J 48 38.10 49.40 -29.06
CA VAL J 48 37.85 48.62 -30.28
C VAL J 48 37.02 47.36 -30.00
N SER J 49 37.42 46.55 -29.02
CA SER J 49 36.72 45.29 -28.83
C SER J 49 36.85 44.81 -27.39
N LEU J 50 35.91 43.94 -26.98
CA LEU J 50 35.89 43.37 -25.64
C LEU J 50 35.51 41.90 -25.69
N ILE J 51 36.22 41.07 -24.92
CA ILE J 51 35.94 39.65 -24.78
C ILE J 51 35.81 39.34 -23.29
N ASN J 52 34.90 38.42 -22.97
CA ASN J 52 34.66 38.02 -21.59
C ASN J 52 35.81 37.15 -21.09
N ASP J 53 35.72 36.73 -19.82
CA ASP J 53 36.77 35.90 -19.25
C ASP J 53 36.68 34.47 -19.79
N ARG J 54 35.46 34.00 -20.05
CA ARG J 54 35.24 32.66 -20.58
C ARG J 54 35.42 32.60 -22.09
N GLY J 55 35.34 33.74 -22.78
CA GLY J 55 35.49 33.82 -24.22
C GLY J 55 34.21 33.64 -25.01
N GLY J 56 33.09 33.31 -24.35
CA GLY J 56 31.85 33.07 -25.07
C GLY J 56 31.15 34.32 -25.57
N LEU J 57 31.41 35.48 -24.96
CA LEU J 57 30.76 36.74 -25.31
C LEU J 57 31.78 37.72 -25.84
N THR J 58 31.47 38.33 -26.99
CA THR J 58 32.33 39.33 -27.61
C THR J 58 31.49 40.56 -27.94
N PHE J 59 32.12 41.73 -27.86
CA PHE J 59 31.47 43.00 -28.17
C PHE J 59 32.43 43.81 -29.02
N TYR J 60 31.87 44.60 -29.95
CA TYR J 60 32.67 45.42 -30.84
C TYR J 60 32.06 46.80 -31.03
N VAL J 61 32.90 47.76 -31.42
CA VAL J 61 32.37 49.04 -31.90
C VAL J 61 31.77 48.78 -33.28
N ASP J 62 30.71 49.54 -33.61
CA ASP J 62 30.02 49.35 -34.88
C ASP J 62 30.96 49.36 -36.07
N SER J 63 31.99 50.21 -36.03
CA SER J 63 32.89 50.36 -37.16
C SER J 63 33.71 49.11 -37.47
N VAL J 64 33.79 48.13 -36.56
CA VAL J 64 34.54 46.90 -36.79
C VAL J 64 33.69 45.65 -36.68
N LYS J 65 32.36 45.78 -36.53
CA LYS J 65 31.54 44.59 -36.30
C LYS J 65 31.64 43.58 -37.43
N GLY J 66 31.79 44.05 -38.67
CA GLY J 66 31.93 43.16 -39.80
C GLY J 66 33.34 42.89 -40.23
N ARG J 67 34.34 43.37 -39.48
CA ARG J 67 35.75 43.26 -39.87
C ARG J 67 36.63 42.55 -38.85
N PHE J 68 36.39 42.73 -37.55
CA PHE J 68 37.29 42.19 -36.53
C PHE J 68 36.63 41.04 -35.78
N THR J 69 37.44 40.03 -35.45
CA THR J 69 37.06 38.91 -34.60
C THR J 69 38.01 38.87 -33.41
N ILE J 70 37.46 38.80 -32.19
CA ILE J 70 38.25 38.73 -30.97
C ILE J 70 38.06 37.34 -30.37
N SER J 71 39.17 36.72 -29.93
CA SER J 71 39.09 35.40 -29.33
C SER J 71 40.20 35.26 -28.31
N ARG J 72 40.06 34.26 -27.44
CA ARG J 72 41.09 34.02 -26.44
C ARG J 72 41.19 32.53 -26.19
N ASP J 73 42.36 32.12 -25.72
CA ASP J 73 42.63 30.73 -25.34
C ASP J 73 43.24 30.79 -23.94
N ASN J 74 42.48 30.33 -22.95
CA ASN J 74 42.86 30.43 -21.55
C ASN J 74 43.90 29.40 -21.13
N SER J 75 44.21 28.41 -21.97
CA SER J 75 45.23 27.44 -21.61
C SER J 75 46.59 27.93 -22.07
N LYS J 76 46.61 28.73 -23.13
CA LYS J 76 47.81 29.31 -23.73
C LYS J 76 48.04 30.73 -23.23
N ASN J 77 47.15 31.27 -22.38
CA ASN J 77 47.25 32.65 -21.91
C ASN J 77 47.38 33.60 -23.08
N THR J 78 46.58 33.40 -24.13
CA THR J 78 46.71 34.21 -25.34
C THR J 78 45.39 34.85 -25.75
N LEU J 79 45.46 36.15 -26.04
CA LEU J 79 44.35 36.92 -26.58
C LEU J 79 44.68 37.19 -28.04
N SER J 80 43.72 36.98 -28.95
CA SER J 80 43.98 37.20 -30.37
C SER J 80 42.91 38.09 -30.98
N LEU J 81 43.32 38.87 -31.99
CA LEU J 81 42.43 39.72 -32.77
C LEU J 81 42.71 39.54 -34.25
N GLN J 82 41.73 39.06 -35.00
CA GLN J 82 41.83 38.82 -36.43
C GLN J 82 41.08 39.94 -37.14
N MET J 83 41.77 40.72 -37.96
CA MET J 83 41.17 41.86 -38.64
C MET J 83 41.14 41.63 -40.14
N HIS J 84 40.01 41.97 -40.78
CA HIS J 84 39.89 41.91 -42.23
C HIS J 84 39.58 43.31 -42.77
N SER J 85 39.90 43.50 -44.06
CA SER J 85 39.63 44.70 -44.86
C SER J 85 40.60 45.86 -44.56
N LEU J 86 40.69 46.29 -43.31
CA LEU J 86 41.70 47.24 -42.81
C LEU J 86 41.85 48.49 -43.69
N ARG J 87 40.87 49.37 -43.57
CA ARG J 87 40.86 50.60 -44.36
C ARG J 87 41.83 51.60 -43.73
N ASP J 88 42.15 52.66 -44.46
CA ASP J 88 43.13 53.65 -44.01
C ASP J 88 42.81 54.21 -42.63
N GLY J 89 41.54 54.30 -42.27
CA GLY J 89 41.22 54.85 -40.96
C GLY J 89 41.56 53.93 -39.79
N ASP J 90 41.99 52.70 -40.08
CA ASP J 90 42.35 51.70 -39.07
C ASP J 90 43.82 51.73 -38.68
N THR J 91 44.63 52.63 -39.23
CA THR J 91 46.02 52.71 -38.82
C THR J 91 46.09 53.22 -37.39
N ALA J 92 46.75 52.46 -36.52
CA ALA J 92 46.81 52.83 -35.11
C ALA J 92 47.76 51.89 -34.37
N VAL J 93 48.13 52.31 -33.16
CA VAL J 93 48.77 51.40 -32.22
C VAL J 93 47.64 50.71 -31.47
N TYR J 94 47.67 49.38 -31.47
CA TYR J 94 46.66 48.54 -30.85
C TYR J 94 47.19 47.93 -29.56
N TYR J 95 46.58 48.30 -28.44
CA TYR J 95 46.97 47.84 -27.12
C TYR J 95 45.98 46.77 -26.69
N CYS J 96 46.48 45.75 -26.00
CA CYS J 96 45.65 44.78 -25.32
C CYS J 96 45.56 45.25 -23.88
N ALA J 97 44.43 45.00 -23.23
CA ALA J 97 44.31 45.41 -21.84
C ALA J 97 43.43 44.45 -21.05
N THR J 98 43.72 44.39 -19.76
CA THR J 98 42.99 43.58 -18.80
C THR J 98 41.99 44.47 -18.08
N GLY J 99 40.74 44.03 -18.05
CA GLY J 99 39.62 44.72 -17.43
C GLY J 99 38.60 45.15 -18.47
N GLY J 100 37.60 45.88 -17.99
CA GLY J 100 36.50 46.33 -18.82
C GLY J 100 35.20 45.57 -18.66
N MET J 101 35.19 44.41 -18.03
CA MET J 101 33.97 43.65 -17.85
C MET J 101 34.14 42.75 -16.64
N SER J 102 33.03 42.34 -16.04
CA SER J 102 33.09 41.44 -14.90
C SER J 102 31.89 40.50 -14.92
N SER J 103 32.15 39.23 -14.62
CA SER J 103 31.18 38.14 -14.78
C SER J 103 30.20 37.95 -13.62
N ALA J 104 29.39 38.98 -13.34
CA ALA J 104 28.28 38.88 -12.38
C ALA J 104 28.61 38.50 -10.93
N LEU J 105 29.49 37.53 -10.70
CA LEU J 105 29.85 37.09 -9.35
C LEU J 105 31.09 37.79 -8.82
N GLN J 106 31.70 38.64 -9.63
CA GLN J 106 32.88 39.44 -9.33
C GLN J 106 32.42 40.89 -9.20
N SER J 107 33.22 41.71 -8.53
CA SER J 107 32.84 43.10 -8.43
C SER J 107 33.00 43.79 -9.78
N SER J 108 32.35 44.94 -9.90
CA SER J 108 32.35 45.69 -11.15
C SER J 108 33.74 46.19 -11.50
N LYS J 109 34.03 46.24 -12.81
CA LYS J 109 35.25 46.83 -13.32
C LYS J 109 34.86 48.10 -14.06
N TYR J 110 34.52 48.02 -15.35
CA TYR J 110 34.19 49.19 -16.15
C TYR J 110 35.38 50.16 -16.21
N TYR J 111 36.58 49.60 -16.21
CA TYR J 111 37.82 50.34 -16.36
C TYR J 111 38.83 49.36 -16.94
N PHE J 112 39.93 49.88 -17.46
CA PHE J 112 40.98 49.04 -18.04
C PHE J 112 42.09 48.98 -17.00
N ASP J 113 42.25 47.82 -16.38
CA ASP J 113 43.14 47.68 -15.22
C ASP J 113 44.61 47.61 -15.60
N PHE J 114 44.96 46.85 -16.64
CA PHE J 114 46.34 46.70 -17.07
C PHE J 114 46.46 46.93 -18.57
N TRP J 115 47.58 47.51 -18.99
CA TRP J 115 47.84 47.80 -20.39
C TRP J 115 49.15 47.14 -20.84
N GLY J 116 49.19 46.77 -22.11
CA GLY J 116 50.38 46.25 -22.76
C GLY J 116 51.22 47.36 -23.34
N GLN J 117 52.08 47.00 -24.29
CA GLN J 117 53.00 47.96 -24.90
C GLN J 117 52.48 48.52 -26.21
N GLY J 118 51.74 47.71 -26.96
CA GLY J 118 51.10 48.10 -28.20
C GLY J 118 51.79 47.69 -29.49
N ALA J 119 51.01 47.13 -30.42
CA ALA J 119 51.51 46.75 -31.74
C ALA J 119 51.16 47.89 -32.67
N LEU J 120 52.01 48.20 -33.65
CA LEU J 120 51.70 49.27 -34.60
C LEU J 120 51.17 48.66 -35.89
N VAL J 121 49.94 49.02 -36.26
CA VAL J 121 49.29 48.55 -37.46
C VAL J 121 49.24 49.71 -38.45
N THR J 122 49.91 49.54 -39.59
CA THR J 122 49.98 50.53 -40.64
C THR J 122 49.29 49.96 -41.86
N VAL J 123 48.37 50.73 -42.45
CA VAL J 123 47.64 50.29 -43.62
C VAL J 123 48.37 50.76 -44.87
N ALA K 1 32.52 60.82 -28.52
CA ALA K 1 33.67 61.19 -27.70
C ALA K 1 33.25 62.17 -26.60
N LEU K 2 34.08 62.28 -25.57
CA LEU K 2 33.86 63.20 -24.48
C LEU K 2 34.72 64.44 -24.69
N THR K 3 34.22 65.59 -24.24
CA THR K 3 34.94 66.86 -24.42
C THR K 3 35.86 67.15 -23.23
N GLN K 4 37.12 67.46 -23.53
CA GLN K 4 38.11 67.83 -22.54
C GLN K 4 38.83 69.07 -23.04
N PRO K 5 39.37 69.90 -22.14
CA PRO K 5 40.15 71.06 -22.61
C PRO K 5 41.40 70.60 -23.33
N PRO K 6 41.78 71.26 -24.44
CA PRO K 6 43.06 70.90 -25.10
C PRO K 6 44.27 70.89 -24.20
N SER K 7 44.37 71.78 -23.22
CA SER K 7 45.53 71.74 -22.33
C SER K 7 45.21 72.41 -21.01
N VAL K 8 45.93 71.96 -19.98
CA VAL K 8 45.87 72.50 -18.63
C VAL K 8 47.31 72.63 -18.16
N SER K 9 47.62 73.74 -17.49
CA SER K 9 48.98 73.94 -16.98
C SER K 9 48.94 74.75 -15.69
N GLY K 10 50.08 74.78 -15.04
CA GLY K 10 50.24 75.52 -13.80
C GLY K 10 51.68 75.38 -13.33
N SER K 11 52.00 76.12 -12.28
CA SER K 11 53.35 76.09 -11.75
C SER K 11 53.53 74.86 -10.87
N PRO K 12 54.77 74.38 -10.70
CA PRO K 12 55.00 73.28 -9.75
C PRO K 12 54.48 73.63 -8.35
N GLY K 13 53.83 72.65 -7.73
CA GLY K 13 53.27 72.83 -6.40
C GLY K 13 51.82 73.28 -6.39
N GLN K 14 51.28 73.72 -7.52
CA GLN K 14 49.91 74.20 -7.60
C GLN K 14 48.98 73.05 -7.94
N SER K 15 47.70 73.25 -7.63
CA SER K 15 46.65 72.30 -7.98
C SER K 15 45.92 72.76 -9.24
N VAL K 16 45.69 71.81 -10.16
CA VAL K 16 44.93 72.09 -11.36
C VAL K 16 43.85 71.02 -11.53
N THR K 17 42.83 71.36 -12.33
CA THR K 17 41.74 70.45 -12.62
C THR K 17 41.60 70.25 -14.12
N ILE K 18 41.48 69.00 -14.54
CA ILE K 18 41.23 68.61 -15.92
C ILE K 18 39.78 68.12 -15.95
N SER K 19 38.91 68.85 -16.65
CA SER K 19 37.51 68.43 -16.70
C SER K 19 37.26 67.49 -17.87
N CYS K 20 36.12 66.80 -17.81
CA CYS K 20 35.63 65.91 -18.85
C CYS K 20 34.12 66.07 -18.87
N THR K 21 33.55 66.54 -19.97
CA THR K 21 32.12 66.78 -20.06
C THR K 21 31.51 65.85 -21.09
N GLY K 22 30.48 65.11 -20.66
CA GLY K 22 29.77 64.15 -21.47
C GLY K 22 28.30 64.51 -21.54
N THR K 23 27.44 63.49 -21.63
CA THR K 23 25.99 63.68 -21.74
C THR K 23 25.29 62.83 -20.68
N SER K 24 23.97 62.93 -20.66
CA SER K 24 23.17 62.24 -19.66
C SER K 24 23.29 60.73 -19.78
N SER K 25 23.40 60.21 -21.00
CA SER K 25 23.46 58.78 -21.22
C SER K 25 24.77 58.12 -20.80
N ASP K 26 25.83 58.89 -20.50
CA ASP K 26 27.12 58.28 -20.15
C ASP K 26 27.67 58.72 -18.79
N ILE K 27 28.24 59.92 -18.65
CA ILE K 27 28.77 60.31 -17.34
C ILE K 27 27.63 60.46 -16.33
N GLY K 28 26.53 61.06 -16.77
CA GLY K 28 25.38 61.28 -15.91
C GLY K 28 24.75 60.04 -15.32
N SER K 29 24.33 59.13 -16.21
CA SER K 29 23.64 57.90 -15.80
C SER K 29 24.52 56.90 -15.06
N TYR K 30 25.81 56.79 -15.40
CA TYR K 30 26.68 55.76 -14.81
C TYR K 30 27.82 56.36 -14.00
N ASN K 31 28.06 55.77 -12.82
CA ASN K 31 29.17 56.18 -11.95
C ASN K 31 30.42 55.38 -12.30
N TYR K 32 30.82 55.43 -13.58
CA TYR K 32 32.01 54.72 -14.07
C TYR K 32 32.78 55.65 -15.01
N VAL K 33 33.53 56.58 -14.44
CA VAL K 33 34.29 57.56 -15.23
C VAL K 33 35.74 57.49 -14.76
N SER K 34 36.53 56.66 -15.43
CA SER K 34 37.92 56.44 -15.07
C SER K 34 38.81 57.49 -15.74
N TRP K 35 40.04 57.61 -15.22
CA TRP K 35 41.06 58.48 -15.80
C TRP K 35 42.37 57.72 -15.98
N TYR K 36 43.06 58.03 -17.09
CA TYR K 36 44.34 57.43 -17.44
C TYR K 36 45.38 58.52 -17.70
N GLN K 37 46.63 58.19 -17.36
CA GLN K 37 47.80 59.05 -17.57
C GLN K 37 48.72 58.38 -18.59
N GLN K 38 48.86 58.98 -19.78
CA GLN K 38 49.67 58.43 -20.87
C GLN K 38 50.90 59.27 -21.13
N HIS K 39 52.08 58.77 -20.73
CA HIS K 39 53.27 59.55 -21.03
C HIS K 39 53.55 59.38 -22.52
N PRO K 40 54.07 60.39 -23.22
CA PRO K 40 54.33 60.22 -24.65
C PRO K 40 55.19 59.01 -24.97
N GLY K 41 54.73 58.22 -25.94
CA GLY K 41 55.44 57.04 -26.38
C GLY K 41 55.20 55.80 -25.55
N LYS K 42 54.44 55.91 -24.46
CA LYS K 42 54.17 54.83 -23.52
C LYS K 42 52.68 54.53 -23.48
N ALA K 43 52.35 53.33 -23.01
CA ALA K 43 50.96 52.97 -22.81
C ALA K 43 50.34 53.75 -21.64
N PRO K 44 49.03 54.03 -21.68
CA PRO K 44 48.39 54.70 -20.54
C PRO K 44 48.43 53.89 -19.25
N LYS K 45 48.58 54.61 -18.14
CA LYS K 45 48.51 54.04 -16.80
C LYS K 45 47.19 54.45 -16.17
N LEU K 46 46.56 53.55 -15.43
CA LEU K 46 45.32 53.87 -14.73
C LEU K 46 45.56 54.71 -13.49
N MET K 47 44.86 55.84 -13.39
CA MET K 47 44.92 56.75 -12.26
C MET K 47 43.64 56.78 -11.44
N ILE K 48 42.47 56.78 -12.07
CA ILE K 48 41.20 56.85 -11.35
C ILE K 48 40.25 55.84 -11.99
N TYR K 49 39.41 55.21 -11.17
CA TYR K 49 38.38 54.32 -11.68
C TYR K 49 37.13 54.56 -10.86
N ASP K 50 36.02 53.98 -11.33
CA ASP K 50 34.69 54.30 -10.79
C ASP K 50 34.60 55.81 -10.92
N VAL K 51 34.32 56.57 -9.87
CA VAL K 51 34.29 58.03 -9.93
C VAL K 51 35.41 58.63 -9.07
N THR K 52 35.55 58.15 -7.83
CA THR K 52 36.51 58.68 -6.87
C THR K 52 37.55 57.67 -6.42
N GLN K 53 37.61 56.49 -7.02
CA GLN K 53 38.51 55.45 -6.54
C GLN K 53 39.87 55.59 -7.21
N ARG K 54 40.91 55.18 -6.47
CA ARG K 54 42.29 55.29 -6.94
C ARG K 54 43.00 53.95 -6.85
N PRO K 55 43.66 53.47 -7.92
CA PRO K 55 44.38 52.19 -7.83
C PRO K 55 45.54 52.25 -6.85
N SER K 56 45.85 51.09 -6.27
CA SER K 56 47.02 51.01 -5.40
C SER K 56 48.25 51.34 -6.23
N GLY K 57 49.19 52.08 -5.63
CA GLY K 57 50.41 52.48 -6.31
C GLY K 57 50.36 53.90 -6.82
N VAL K 58 49.17 54.52 -6.81
CA VAL K 58 48.97 55.91 -7.24
C VAL K 58 48.89 56.77 -5.97
N SER K 59 49.66 57.85 -5.97
CA SER K 59 49.76 58.73 -4.81
C SER K 59 48.49 59.56 -4.64
N ASP K 60 48.39 60.19 -3.47
CA ASP K 60 47.21 60.94 -3.01
C ASP K 60 47.05 62.29 -3.70
N ARG K 61 47.93 62.65 -4.62
CA ARG K 61 47.81 63.91 -5.34
C ARG K 61 46.80 63.85 -6.48
N PHE K 62 46.34 62.67 -6.86
CA PHE K 62 45.39 62.47 -7.95
C PHE K 62 44.04 62.09 -7.36
N SER K 63 43.02 62.91 -7.63
CA SER K 63 41.68 62.69 -7.09
C SER K 63 40.68 63.12 -8.14
N GLY K 64 39.40 62.94 -7.87
CA GLY K 64 38.42 63.34 -8.87
C GLY K 64 37.02 63.33 -8.31
N SER K 65 36.08 63.75 -9.15
CA SER K 65 34.68 63.84 -8.73
C SER K 65 33.79 63.90 -9.94
N LYS K 66 32.48 63.83 -9.68
CA LYS K 66 31.45 63.92 -10.70
C LYS K 66 30.28 64.75 -10.19
N SER K 67 29.77 65.65 -11.05
CA SER K 67 28.60 66.45 -10.77
C SER K 67 27.83 66.62 -12.07
N GLY K 68 26.54 66.26 -12.06
CA GLY K 68 25.76 66.35 -13.27
C GLY K 68 26.37 65.45 -14.32
N ASN K 69 26.64 66.01 -15.50
CA ASN K 69 27.24 65.28 -16.60
C ASN K 69 28.71 65.64 -16.76
N THR K 70 29.31 66.30 -15.76
CA THR K 70 30.70 66.72 -15.80
C THR K 70 31.50 65.98 -14.74
N ALA K 71 32.62 65.40 -15.14
CA ALA K 71 33.53 64.69 -14.26
C ALA K 71 34.84 65.46 -14.28
N SER K 72 35.64 65.35 -13.22
CA SER K 72 36.93 66.02 -13.25
C SER K 72 37.98 65.26 -12.48
N LEU K 73 39.23 65.49 -12.89
CA LEU K 73 40.43 64.99 -12.26
C LEU K 73 41.19 66.18 -11.68
N THR K 74 41.52 66.11 -10.40
CA THR K 74 42.27 67.17 -9.73
C THR K 74 43.66 66.61 -9.44
N ILE K 75 44.68 67.35 -9.87
CA ILE K 75 46.07 67.00 -9.64
C ILE K 75 46.66 68.10 -8.77
N SER K 76 46.88 67.78 -7.49
CA SER K 76 47.43 68.76 -6.56
C SER K 76 48.95 68.61 -6.55
N GLY K 77 49.64 69.65 -6.08
CA GLY K 77 51.08 69.48 -5.89
C GLY K 77 51.86 69.16 -7.15
N LEU K 78 51.57 69.85 -8.27
CA LEU K 78 52.17 69.51 -9.55
C LEU K 78 53.69 69.31 -9.50
N GLN K 79 54.14 68.18 -10.06
CA GLN K 79 55.54 67.79 -10.15
C GLN K 79 56.03 67.86 -11.59
N ALA K 80 57.35 67.94 -11.72
CA ALA K 80 57.98 67.93 -13.04
C ALA K 80 57.68 66.67 -13.83
N ASP K 81 57.48 65.54 -13.16
CA ASP K 81 57.27 64.25 -13.84
C ASP K 81 55.81 63.97 -14.15
N ASP K 82 54.91 64.92 -13.94
CA ASP K 82 53.49 64.72 -14.19
C ASP K 82 53.07 65.09 -15.61
N GLU K 83 54.02 65.43 -16.49
CA GLU K 83 53.64 65.80 -17.85
C GLU K 83 53.22 64.56 -18.63
N ALA K 84 51.97 64.54 -19.04
CA ALA K 84 51.40 63.39 -19.73
C ALA K 84 50.11 63.82 -20.40
N ASP K 85 49.64 62.99 -21.32
CA ASP K 85 48.31 63.19 -21.90
C ASP K 85 47.30 62.45 -21.03
N TYR K 86 46.35 63.19 -20.48
CA TYR K 86 45.35 62.62 -19.60
C TYR K 86 44.06 62.36 -20.37
N TYR K 87 43.44 61.22 -20.12
CA TYR K 87 42.20 60.83 -20.79
C TYR K 87 41.16 60.42 -19.76
N CYS K 88 39.91 60.73 -20.07
CA CYS K 88 38.76 60.24 -19.33
C CYS K 88 38.12 59.13 -20.14
N SER K 89 37.48 58.19 -19.45
CA SER K 89 36.75 57.11 -20.12
C SER K 89 35.49 56.80 -19.35
N ALA K 90 34.34 56.89 -20.01
CA ALA K 90 33.06 56.66 -19.37
C ALA K 90 32.40 55.40 -19.92
N TYR K 91 31.72 54.66 -19.05
CA TYR K 91 30.89 53.54 -19.47
C TYR K 91 29.56 54.11 -19.97
N ALA K 92 29.13 53.68 -21.16
CA ALA K 92 27.94 54.23 -21.79
C ALA K 92 26.90 53.19 -22.19
N GLY K 93 26.74 52.12 -21.40
CA GLY K 93 25.70 51.14 -21.67
C GLY K 93 26.15 49.95 -22.48
N ARG K 94 25.14 49.19 -22.93
CA ARG K 94 25.38 47.92 -23.60
C ARG K 94 25.70 48.07 -25.09
N GLN K 95 25.19 49.11 -25.75
CA GLN K 95 25.44 49.26 -27.18
C GLN K 95 26.76 49.97 -27.45
N THR K 96 27.10 50.92 -26.59
CA THR K 96 28.32 51.73 -26.66
C THR K 96 29.00 51.51 -25.32
N PHE K 97 29.98 50.61 -25.26
CA PHE K 97 30.55 50.25 -23.98
C PHE K 97 31.39 51.38 -23.39
N TYR K 98 32.38 51.90 -24.11
CA TYR K 98 33.24 52.94 -23.58
C TYR K 98 33.37 54.11 -24.53
N ILE K 99 33.40 55.31 -23.94
CA ILE K 99 33.63 56.55 -24.68
C ILE K 99 34.86 57.21 -24.08
N PHE K 100 35.83 57.54 -24.92
CA PHE K 100 37.02 58.24 -24.47
C PHE K 100 36.92 59.68 -24.91
N GLY K 101 37.52 60.58 -24.13
CA GLY K 101 37.63 61.96 -24.50
C GLY K 101 38.89 62.26 -25.30
N GLY K 102 39.00 63.51 -25.73
CA GLY K 102 40.20 63.93 -26.40
C GLY K 102 41.30 64.04 -25.36
N GLY K 103 42.55 63.91 -25.75
CA GLY K 103 43.61 64.01 -24.75
C GLY K 103 43.85 65.45 -24.33
N THR K 104 44.20 65.61 -23.06
CA THR K 104 44.58 66.90 -22.48
C THR K 104 46.08 66.90 -22.22
N ARG K 105 46.78 67.86 -22.82
CA ARG K 105 48.22 67.97 -22.62
C ARG K 105 48.45 68.79 -21.34
N LEU K 106 49.04 68.17 -20.33
CA LEU K 106 49.27 68.89 -19.08
C LEU K 106 50.32 69.98 -19.32
N ASP L 9 33.47 16.30 -10.99
CA ASP L 9 33.19 15.38 -9.89
C ASP L 9 31.76 14.84 -9.97
N GLY L 10 31.42 13.97 -9.03
CA GLY L 10 30.11 13.37 -8.96
C GLY L 10 29.19 14.08 -7.99
N PHE L 11 28.13 13.37 -7.60
CA PHE L 11 27.09 13.90 -6.74
C PHE L 11 27.66 14.43 -5.43
N LEU L 12 27.36 15.70 -5.14
CA LEU L 12 27.82 16.44 -3.96
C LEU L 12 29.33 16.61 -3.91
N GLY L 13 30.05 16.34 -5.00
CA GLY L 13 31.49 16.52 -4.97
C GLY L 13 31.90 17.96 -4.69
N ALA L 14 31.06 18.91 -5.10
CA ALA L 14 31.31 20.33 -4.92
C ALA L 14 30.87 20.85 -3.57
N ALA L 15 30.36 19.99 -2.68
CA ALA L 15 29.81 20.44 -1.40
C ALA L 15 30.82 21.25 -0.59
N GLY L 16 32.10 20.90 -0.67
CA GLY L 16 33.13 21.60 0.06
C GLY L 16 33.83 22.69 -0.73
N SER L 17 33.41 22.92 -1.97
CA SER L 17 34.03 23.89 -2.86
C SER L 17 33.41 25.25 -2.60
N THR L 18 33.97 26.29 -3.22
CA THR L 18 33.45 27.62 -3.00
C THR L 18 32.11 27.76 -3.71
N MET L 19 31.35 28.79 -3.32
CA MET L 19 30.04 28.99 -3.92
C MET L 19 30.13 29.18 -5.43
N GLY L 20 31.17 29.87 -5.91
CA GLY L 20 31.31 30.05 -7.34
C GLY L 20 31.53 28.73 -8.05
N ALA L 21 32.52 27.96 -7.61
CA ALA L 21 32.83 26.69 -8.27
C ALA L 21 31.65 25.72 -8.19
N ALA L 22 30.94 25.70 -7.06
CA ALA L 22 29.86 24.73 -6.93
C ALA L 22 28.67 25.09 -7.79
N SER L 23 28.61 26.31 -8.30
CA SER L 23 27.50 26.73 -9.13
C SER L 23 27.59 26.08 -10.50
N MET L 24 28.73 25.47 -10.83
CA MET L 24 28.95 24.85 -12.12
C MET L 24 28.54 23.38 -12.16
N THR L 25 28.05 22.83 -11.05
CA THR L 25 27.63 21.43 -10.94
C THR L 25 26.15 21.28 -10.62
N LEU L 26 25.34 22.31 -10.88
CA LEU L 26 23.93 22.28 -10.50
C LEU L 26 23.17 21.14 -11.16
N THR L 27 23.56 20.74 -12.38
CA THR L 27 22.84 19.67 -13.04
C THR L 27 23.14 18.31 -12.41
N VAL L 28 24.26 18.19 -11.70
CA VAL L 28 24.61 16.90 -11.12
C VAL L 28 23.68 16.63 -9.95
N GLN L 29 23.48 17.64 -9.09
CA GLN L 29 22.60 17.45 -7.96
C GLN L 29 21.15 17.41 -8.42
N ALA L 30 20.82 18.21 -9.45
CA ALA L 30 19.44 18.22 -9.94
C ALA L 30 19.01 16.85 -10.47
N ARG L 31 19.90 16.15 -11.18
CA ARG L 31 19.52 14.83 -11.70
C ARG L 31 19.25 13.82 -10.60
N ASN L 32 19.95 13.93 -9.48
CA ASN L 32 19.88 12.96 -8.40
C ASN L 32 18.73 13.20 -7.43
N LEU L 33 17.83 14.14 -7.74
CA LEU L 33 16.65 14.33 -6.90
C LEU L 33 15.52 13.36 -7.28
N LEU L 34 15.50 12.89 -8.52
CA LEU L 34 14.50 11.94 -9.00
C LEU L 34 15.03 10.53 -9.12
N SER L 35 16.31 10.40 -9.49
CA SER L 35 17.05 9.12 -9.72
C SER L 35 16.35 7.80 -9.40
N GLY L 61 6.15 -2.62 2.26
CA GLY L 61 5.81 -1.99 1.01
C GLY L 61 5.23 -0.61 1.19
N ILE L 62 4.45 -0.43 2.24
CA ILE L 62 3.80 0.86 2.49
C ILE L 62 4.84 1.92 2.81
N LYS L 63 5.84 1.59 3.63
CA LYS L 63 6.84 2.59 4.02
C LYS L 63 7.62 3.10 2.82
N GLN L 64 7.90 2.22 1.85
CA GLN L 64 8.66 2.65 0.68
C GLN L 64 7.79 3.47 -0.26
N LEU L 65 6.52 3.09 -0.42
CA LEU L 65 5.65 3.90 -1.24
C LEU L 65 5.47 5.28 -0.62
N GLN L 66 5.38 5.34 0.71
CA GLN L 66 5.23 6.64 1.35
C GLN L 66 6.48 7.49 1.13
N ALA L 67 7.65 6.87 1.22
CA ALA L 67 8.90 7.61 1.01
C ALA L 67 8.97 8.13 -0.42
N ARG L 68 8.51 7.34 -1.39
CA ARG L 68 8.59 7.77 -2.78
C ARG L 68 7.57 8.86 -3.08
N VAL L 69 6.37 8.75 -2.49
CA VAL L 69 5.35 9.77 -2.70
C VAL L 69 5.83 11.08 -2.06
N LEU L 70 6.44 11.02 -0.88
CA LEU L 70 6.94 12.24 -0.27
C LEU L 70 8.05 12.85 -1.10
N ALA L 71 8.93 12.02 -1.67
CA ALA L 71 10.01 12.56 -2.51
C ALA L 71 9.43 13.30 -3.71
N VAL L 72 8.36 12.74 -4.29
CA VAL L 72 7.72 13.40 -5.44
C VAL L 72 7.05 14.68 -5.00
N GLU L 73 6.33 14.66 -3.87
CA GLU L 73 5.65 15.87 -3.42
C GLU L 73 6.64 16.97 -3.10
N HIS L 74 7.78 16.63 -2.50
CA HIS L 74 8.80 17.62 -2.19
C HIS L 74 9.33 18.24 -3.48
N TYR L 75 9.69 17.38 -4.44
CA TYR L 75 10.21 17.87 -5.72
C TYR L 75 9.22 18.81 -6.37
N LEU L 76 7.94 18.41 -6.41
CA LEU L 76 6.92 19.24 -7.05
C LEU L 76 6.73 20.55 -6.31
N ARG L 77 6.84 20.56 -4.98
CA ARG L 77 6.71 21.82 -4.26
C ARG L 77 7.85 22.77 -4.64
N ASP L 78 9.06 22.23 -4.78
CA ASP L 78 10.18 23.09 -5.17
C ASP L 78 9.99 23.61 -6.60
N GLN L 79 9.46 22.77 -7.49
CA GLN L 79 9.27 23.23 -8.86
C GLN L 79 8.16 24.28 -8.91
N GLN L 80 7.11 24.09 -8.09
CA GLN L 80 6.03 25.06 -8.06
C GLN L 80 6.55 26.39 -7.54
N LEU L 81 7.44 26.33 -6.54
CA LEU L 81 7.97 27.55 -5.96
C LEU L 81 8.81 28.29 -6.99
N LEU L 82 9.62 27.55 -7.76
CA LEU L 82 10.38 28.21 -8.82
C LEU L 82 9.45 28.82 -9.86
N GLY L 83 8.35 28.13 -10.17
CA GLY L 83 7.39 28.65 -11.12
C GLY L 83 6.76 29.95 -10.66
N ILE L 84 6.41 30.01 -9.38
CA ILE L 84 5.79 31.21 -8.80
C ILE L 84 6.74 32.40 -8.95
N TRP L 85 8.03 32.17 -8.77
CA TRP L 85 9.02 33.23 -8.88
C TRP L 85 9.36 33.58 -10.34
N GLY L 86 8.85 32.82 -11.31
CA GLY L 86 9.19 33.04 -12.70
C GLY L 86 10.48 32.39 -13.14
N CYS L 87 10.92 31.34 -12.43
CA CYS L 87 12.18 30.65 -12.68
C CYS L 87 11.92 29.19 -13.06
N SER L 88 10.75 28.92 -13.65
CA SER L 88 10.33 27.54 -13.90
C SER L 88 11.28 26.72 -14.76
N GLY L 89 12.00 27.35 -15.69
CA GLY L 89 12.88 26.61 -16.57
C GLY L 89 14.38 26.81 -16.41
N LYS L 90 14.83 27.40 -15.32
CA LYS L 90 16.24 27.76 -15.15
C LYS L 90 16.81 27.16 -13.87
N LEU L 91 18.11 26.85 -13.93
CA LEU L 91 18.87 26.44 -12.75
C LEU L 91 19.50 27.64 -12.07
N ILE L 92 19.82 28.67 -12.86
CA ILE L 92 20.34 29.94 -12.37
C ILE L 92 19.33 30.98 -12.87
N CYS L 93 18.73 31.70 -11.94
CA CYS L 93 17.66 32.64 -12.28
C CYS L 93 17.86 33.96 -11.55
N CYS L 94 17.91 35.04 -12.31
CA CYS L 94 18.08 36.39 -11.77
C CYS L 94 16.71 37.02 -11.59
N THR L 95 16.60 37.87 -10.56
CA THR L 95 15.33 38.53 -10.28
C THR L 95 15.45 40.03 -10.05
N ASN L 96 14.34 40.66 -9.66
CA ASN L 96 14.24 42.10 -9.45
C ASN L 96 14.14 42.47 -7.97
N VAL L 97 14.53 41.59 -7.07
CA VAL L 97 14.52 41.88 -5.63
C VAL L 97 15.92 42.28 -5.21
N PRO L 98 16.13 43.51 -4.70
CA PRO L 98 17.48 43.91 -4.31
C PRO L 98 17.90 43.21 -3.03
N TRP L 99 19.21 43.08 -2.83
CA TRP L 99 19.71 42.51 -1.59
C TRP L 99 19.55 43.59 -0.52
N ASN L 100 19.02 43.19 0.65
CA ASN L 100 18.66 44.13 1.69
C ASN L 100 19.78 44.48 2.66
N SER L 101 20.99 43.96 2.46
CA SER L 101 22.17 44.18 3.30
C SER L 101 22.06 43.56 4.69
N SER L 102 20.94 43.79 5.38
CA SER L 102 20.74 43.21 6.70
C SER L 102 20.86 41.69 6.66
N TRP L 103 20.42 41.10 5.55
CA TRP L 103 20.48 39.65 5.38
C TRP L 103 21.92 39.16 5.43
N SER L 104 22.83 39.91 4.81
CA SER L 104 24.26 39.61 4.79
C SER L 104 25.00 40.83 4.26
N ASN L 105 25.98 41.33 5.00
CA ASN L 105 26.74 42.51 4.59
C ASN L 105 28.12 42.17 4.03
N ARG L 106 28.32 40.93 3.60
CA ARG L 106 29.58 40.52 3.01
C ARG L 106 29.63 40.99 1.56
N ASN L 107 30.83 41.24 1.06
CA ASN L 107 30.95 41.61 -0.35
C ASN L 107 30.94 40.35 -1.20
N LEU L 108 30.83 40.53 -2.52
CA LEU L 108 30.76 39.39 -3.43
C LEU L 108 32.03 38.56 -3.39
N SER L 109 33.19 39.17 -3.17
CA SER L 109 34.42 38.39 -3.17
C SER L 109 34.43 37.38 -2.02
N GLU L 110 33.98 37.77 -0.82
CA GLU L 110 33.98 36.82 0.28
C GLU L 110 32.96 35.72 0.06
N ILE L 111 31.77 36.08 -0.43
CA ILE L 111 30.71 35.09 -0.56
C ILE L 111 31.04 34.08 -1.65
N TRP L 112 31.44 34.55 -2.83
CA TRP L 112 31.66 33.62 -3.92
C TRP L 112 33.02 32.93 -3.89
N ASP L 113 34.08 33.55 -3.35
CA ASP L 113 35.40 32.91 -3.32
C ASP L 113 35.80 32.27 -2.00
N ASN L 114 35.30 32.72 -0.85
CA ASN L 114 35.74 32.15 0.43
C ASN L 114 34.71 31.31 1.17
N MET L 115 33.46 31.24 0.71
CA MET L 115 32.43 30.48 1.41
C MET L 115 31.93 29.32 0.55
N THR L 116 31.45 28.29 1.25
CA THR L 116 30.78 27.16 0.64
C THR L 116 29.28 27.39 0.73
N TRP L 117 28.51 26.59 -0.02
CA TRP L 117 27.07 26.75 0.06
C TRP L 117 26.50 26.31 1.41
N LEU L 118 27.17 25.38 2.09
CA LEU L 118 26.68 24.98 3.41
C LEU L 118 26.80 26.12 4.40
N GLN L 119 27.91 26.87 4.32
CA GLN L 119 28.11 27.99 5.22
C GLN L 119 27.12 29.10 4.90
N TRP L 120 26.89 29.36 3.61
CA TRP L 120 25.95 30.40 3.23
C TRP L 120 24.54 30.02 3.70
N ASP L 121 24.15 28.77 3.48
CA ASP L 121 22.83 28.31 3.89
C ASP L 121 22.63 28.50 5.38
N LYS L 122 23.68 28.22 6.18
CA LYS L 122 23.56 28.43 7.61
C LYS L 122 23.45 29.92 7.94
N GLU L 123 24.28 30.74 7.30
CA GLU L 123 24.37 32.16 7.60
C GLU L 123 23.07 32.93 7.41
N ILE L 124 22.28 32.63 6.36
CA ILE L 124 21.04 33.36 6.10
C ILE L 124 19.78 32.53 6.31
N SER L 125 19.84 31.45 7.09
CA SER L 125 18.66 30.62 7.27
C SER L 125 17.47 31.41 7.81
N ASN L 126 17.73 32.33 8.75
CA ASN L 126 16.66 33.08 9.40
C ASN L 126 15.91 34.00 8.44
N TYR L 127 16.50 34.32 7.30
CA TYR L 127 15.90 35.27 6.36
C TYR L 127 15.35 34.58 5.13
N THR L 128 15.35 33.24 5.09
CA THR L 128 14.91 32.54 3.88
C THR L 128 13.47 32.87 3.51
N GLN L 129 12.58 32.88 4.50
CA GLN L 129 11.18 33.11 4.16
C GLN L 129 10.94 34.54 3.78
N ILE L 130 11.75 35.46 4.31
CA ILE L 130 11.57 36.86 3.95
C ILE L 130 11.90 37.02 2.48
N ILE L 131 13.01 36.40 2.07
CA ILE L 131 13.43 36.52 0.68
C ILE L 131 12.38 35.89 -0.20
N TYR L 132 11.88 34.72 0.19
CA TYR L 132 10.89 34.04 -0.64
C TYR L 132 9.65 34.90 -0.80
N GLY L 133 9.20 35.56 0.27
CA GLY L 133 8.02 36.38 0.15
C GLY L 133 8.21 37.51 -0.84
N LEU L 134 9.38 38.15 -0.79
CA LEU L 134 9.62 39.26 -1.71
C LEU L 134 9.67 38.76 -3.14
N LEU L 135 10.24 37.57 -3.35
CA LEU L 135 10.33 37.06 -4.71
C LEU L 135 8.95 36.84 -5.30
N GLU L 136 8.03 36.32 -4.48
CA GLU L 136 6.68 36.11 -4.98
C GLU L 136 6.02 37.42 -5.34
N GLU L 137 6.19 38.43 -4.49
CA GLU L 137 5.55 39.71 -4.75
C GLU L 137 6.07 40.31 -6.04
N SER L 138 7.37 40.16 -6.29
CA SER L 138 7.93 40.76 -7.49
C SER L 138 7.33 40.13 -8.73
N GLN L 139 7.19 38.80 -8.74
CA GLN L 139 6.64 38.19 -9.95
C GLN L 139 5.20 38.58 -10.16
N ASN L 140 4.42 38.74 -9.09
CA ASN L 140 3.02 39.10 -9.31
C ASN L 140 2.93 40.45 -9.99
N GLN L 141 3.79 41.38 -9.61
CA GLN L 141 3.74 42.69 -10.24
C GLN L 141 4.18 42.59 -11.69
N GLN L 142 5.19 41.76 -11.94
CA GLN L 142 5.67 41.61 -13.30
C GLN L 142 4.59 41.00 -14.19
N GLU L 143 3.84 40.03 -13.66
CA GLU L 143 2.83 39.44 -14.52
C GLU L 143 1.77 40.45 -14.89
N LYS L 144 1.38 41.30 -13.92
CA LYS L 144 0.35 42.28 -14.25
C LYS L 144 0.91 43.27 -15.25
N ASN L 145 2.17 43.67 -15.07
CA ASN L 145 2.73 44.65 -15.99
C ASN L 145 2.85 44.07 -17.38
N GLU L 146 3.20 42.78 -17.47
CA GLU L 146 3.32 42.17 -18.79
C GLU L 146 1.97 42.17 -19.48
N GLN L 147 0.92 41.83 -18.73
CA GLN L 147 -0.41 41.79 -19.32
C GLN L 147 -0.80 43.18 -19.82
N ASP L 148 -0.47 44.20 -19.03
CA ASP L 148 -0.85 45.55 -19.43
C ASP L 148 -0.07 45.98 -20.65
N LEU L 149 1.19 45.57 -20.78
CA LEU L 149 1.92 45.92 -21.99
C LEU L 149 1.33 45.20 -23.20
N LEU L 150 0.91 43.95 -23.02
CA LEU L 150 0.33 43.21 -24.14
C LEU L 150 -0.99 43.82 -24.59
N ALA L 151 -1.71 44.48 -23.69
CA ALA L 151 -2.98 45.10 -24.04
C ALA L 151 -2.83 46.32 -24.94
N LEU L 152 -1.65 46.90 -25.07
CA LEU L 152 -1.50 48.07 -25.91
C LEU L 152 -1.58 47.67 -27.38
N ASP L 153 -2.44 48.34 -28.12
CA ASP L 153 -2.64 48.05 -29.54
C ASP L 153 -1.45 48.52 -30.35
N ASN M 3 25.52 21.44 -41.73
CA ASN M 3 24.78 22.63 -41.35
C ASN M 3 23.50 22.30 -40.57
N LEU M 4 23.41 21.07 -40.06
CA LEU M 4 22.24 20.60 -39.34
C LEU M 4 22.48 20.68 -37.83
N TRP M 5 21.40 20.93 -37.10
CA TRP M 5 21.44 21.08 -35.65
C TRP M 5 20.51 20.07 -34.99
N VAL M 6 20.86 19.67 -33.76
CA VAL M 6 20.03 18.73 -33.01
C VAL M 6 18.76 19.43 -32.58
N THR M 7 17.61 18.80 -32.86
CA THR M 7 16.32 19.30 -32.43
C THR M 7 15.66 18.24 -31.56
N VAL M 8 15.15 18.67 -30.41
CA VAL M 8 14.54 17.80 -29.41
C VAL M 8 13.03 17.78 -29.63
N TYR M 9 12.45 16.59 -29.67
CA TYR M 9 11.01 16.40 -29.81
C TYR M 9 10.52 15.58 -28.62
N TYR M 10 9.34 15.96 -28.11
CA TYR M 10 8.65 15.26 -27.04
C TYR M 10 7.26 14.94 -27.52
N GLY M 11 6.84 13.69 -27.37
CA GLY M 11 5.58 13.21 -27.86
C GLY M 11 5.78 12.34 -29.08
N VAL M 12 6.98 11.81 -29.29
CA VAL M 12 7.33 10.98 -30.43
C VAL M 12 6.64 9.62 -30.36
N PRO M 13 5.93 9.17 -31.43
CA PRO M 13 5.18 7.89 -31.40
C PRO M 13 6.05 6.64 -31.54
N VAL M 14 6.92 6.40 -30.55
CA VAL M 14 7.77 5.22 -30.53
C VAL M 14 7.59 4.50 -29.20
N TRP M 15 7.98 3.23 -29.17
CA TRP M 15 7.83 2.42 -27.97
C TRP M 15 8.88 1.33 -27.90
N LYS M 16 9.01 0.76 -26.72
CA LYS M 16 9.90 -0.35 -26.42
C LYS M 16 9.13 -1.46 -25.72
N ASP M 17 9.58 -2.70 -25.88
CA ASP M 17 8.95 -3.80 -25.17
C ASP M 17 9.07 -3.56 -23.67
N ALA M 18 7.99 -3.84 -22.93
CA ALA M 18 8.04 -3.65 -21.49
C ALA M 18 7.07 -4.57 -20.78
N GLU M 19 7.37 -4.82 -19.50
CA GLU M 19 6.53 -5.61 -18.61
C GLU M 19 6.05 -4.69 -17.50
N THR M 20 4.73 -4.55 -17.36
CA THR M 20 4.16 -3.72 -16.31
C THR M 20 2.93 -4.39 -15.72
N THR M 21 2.34 -3.72 -14.73
CA THR M 21 1.12 -4.16 -14.08
C THR M 21 -0.08 -3.63 -14.85
N LEU M 22 -0.99 -4.52 -15.22
CA LEU M 22 -2.20 -4.16 -15.94
C LEU M 22 -3.37 -4.05 -14.96
N PHE M 23 -4.35 -3.22 -15.34
CA PHE M 23 -5.53 -2.98 -14.52
C PHE M 23 -6.68 -3.89 -14.90
N CYS M 24 -7.47 -4.26 -13.89
CA CYS M 24 -8.69 -5.02 -14.07
C CYS M 24 -9.83 -4.11 -14.45
N ALA M 25 -10.60 -4.51 -15.44
CA ALA M 25 -11.84 -3.84 -15.77
C ALA M 25 -12.91 -4.91 -16.01
N SER M 26 -14.15 -4.58 -15.67
CA SER M 26 -15.27 -5.50 -15.85
C SER M 26 -16.55 -4.70 -16.10
N ASP M 27 -17.42 -5.25 -16.93
CA ASP M 27 -18.70 -4.62 -17.23
C ASP M 27 -19.52 -4.43 -15.95
N HIS M 36 -23.20 -13.65 -5.32
CA HIS M 36 -21.81 -13.26 -5.53
C HIS M 36 -21.15 -14.26 -6.47
N ASN M 37 -20.09 -13.82 -7.15
CA ASN M 37 -19.33 -14.64 -8.09
C ASN M 37 -17.88 -14.70 -7.63
N VAL M 38 -17.29 -15.90 -7.70
CA VAL M 38 -15.91 -16.10 -7.27
C VAL M 38 -14.95 -15.20 -8.04
N TRP M 39 -15.30 -14.84 -9.27
CA TRP M 39 -14.42 -14.02 -10.09
C TRP M 39 -14.76 -12.54 -10.00
N ALA M 40 -15.80 -12.18 -9.25
CA ALA M 40 -16.17 -10.78 -9.12
C ALA M 40 -15.09 -10.10 -8.29
N THR M 41 -14.62 -8.95 -8.75
CA THR M 41 -13.56 -8.21 -8.07
C THR M 41 -14.09 -6.83 -7.70
N HIS M 42 -13.96 -6.48 -6.43
CA HIS M 42 -14.42 -5.16 -6.00
C HIS M 42 -13.43 -4.09 -6.44
N ALA M 43 -12.14 -4.38 -6.34
CA ALA M 43 -11.09 -3.46 -6.76
C ALA M 43 -10.82 -3.65 -8.26
N CYS M 44 -11.84 -3.31 -9.04
CA CYS M 44 -11.80 -3.49 -10.49
C CYS M 44 -12.70 -2.40 -11.06
N VAL M 45 -12.19 -1.64 -12.01
CA VAL M 45 -12.86 -0.47 -12.56
C VAL M 45 -13.95 -0.82 -13.59
N PRO M 46 -15.08 -0.11 -13.64
CA PRO M 46 -16.05 -0.35 -14.73
C PRO M 46 -15.42 -0.11 -16.10
N THR M 47 -15.83 -0.93 -17.08
CA THR M 47 -15.32 -0.78 -18.43
C THR M 47 -15.92 0.43 -19.14
N ASP M 48 -15.25 0.81 -20.22
CA ASP M 48 -15.68 1.90 -21.09
C ASP M 48 -16.70 1.36 -22.09
N PRO M 49 -17.95 1.85 -22.09
CA PRO M 49 -18.94 1.33 -23.06
C PRO M 49 -18.54 1.51 -24.51
N ASN M 50 -17.61 2.42 -24.83
CA ASN M 50 -17.18 2.68 -26.20
C ASN M 50 -15.65 2.67 -26.26
N PRO M 51 -15.03 1.51 -26.15
CA PRO M 51 -13.57 1.45 -26.14
C PRO M 51 -13.06 1.78 -27.54
N GLN M 52 -11.84 2.32 -27.60
CA GLN M 52 -11.25 2.67 -28.88
C GLN M 52 -10.20 1.67 -29.33
N GLU M 53 -10.02 1.63 -30.65
CA GLU M 53 -8.99 0.86 -31.32
C GLU M 53 -8.47 1.74 -32.44
N ILE M 54 -7.16 1.94 -32.51
CA ILE M 54 -6.56 2.80 -33.52
C ILE M 54 -5.69 1.93 -34.42
N HIS M 55 -6.10 1.80 -35.68
CA HIS M 55 -5.32 0.98 -36.60
C HIS M 55 -3.99 1.66 -36.87
N LEU M 56 -2.89 0.91 -36.82
CA LEU M 56 -1.58 1.46 -37.09
C LEU M 56 -1.15 1.06 -38.51
N GLU M 57 -1.23 2.00 -39.45
CA GLU M 57 -0.87 1.69 -40.82
C GLU M 57 0.65 1.59 -40.95
N ASN M 58 1.11 0.67 -41.78
CA ASN M 58 2.54 0.52 -42.07
C ASN M 58 3.37 0.25 -40.82
N VAL M 59 2.83 -0.52 -39.88
CA VAL M 59 3.53 -0.91 -38.65
C VAL M 59 3.55 -2.43 -38.61
N THR M 60 4.74 -3.01 -38.48
CA THR M 60 4.92 -4.47 -38.45
C THR M 60 5.59 -4.88 -37.15
N GLU M 61 4.81 -4.93 -36.08
CA GLU M 61 5.33 -5.24 -34.75
C GLU M 61 5.55 -6.75 -34.63
N GLU M 62 6.66 -7.14 -34.03
CA GLU M 62 6.95 -8.55 -33.82
C GLU M 62 6.37 -9.02 -32.49
N PHE M 63 5.58 -10.09 -32.55
CA PHE M 63 4.90 -10.68 -31.42
C PHE M 63 5.54 -12.02 -31.07
N ASN M 64 5.44 -12.40 -29.80
CA ASN M 64 5.89 -13.72 -29.35
C ASN M 64 5.00 -14.13 -28.17
N MET M 65 4.00 -14.98 -28.45
CA MET M 65 3.04 -15.36 -27.42
C MET M 65 3.66 -16.17 -26.29
N TRP M 66 4.86 -16.71 -26.48
CA TRP M 66 5.47 -17.58 -25.49
C TRP M 66 6.30 -16.81 -24.47
N LYS M 67 6.49 -15.50 -24.69
CA LYS M 67 7.27 -14.62 -23.82
C LYS M 67 6.40 -13.45 -23.36
N ASN M 68 5.08 -13.63 -23.42
CA ASN M 68 4.09 -12.61 -23.12
C ASN M 68 3.83 -12.59 -21.62
N ASN M 69 4.25 -11.51 -20.95
CA ASN M 69 4.16 -11.45 -19.50
C ASN M 69 2.74 -11.16 -19.02
N MET M 70 1.78 -10.97 -19.94
CA MET M 70 0.40 -10.76 -19.55
C MET M 70 -0.19 -12.05 -18.98
N VAL M 71 0.38 -13.19 -19.40
CA VAL M 71 -0.10 -14.50 -18.99
C VAL M 71 0.25 -14.75 -17.53
N GLU M 72 1.48 -14.40 -17.13
CA GLU M 72 1.89 -14.60 -15.75
C GLU M 72 1.05 -13.73 -14.81
N GLN M 73 0.74 -12.51 -15.23
CA GLN M 73 -0.11 -11.68 -14.39
C GLN M 73 -1.50 -12.28 -14.30
N MET M 74 -2.04 -12.74 -15.43
CA MET M 74 -3.39 -13.30 -15.40
C MET M 74 -3.43 -14.50 -14.45
N HIS M 75 -2.38 -15.32 -14.50
CA HIS M 75 -2.29 -16.49 -13.64
C HIS M 75 -2.28 -16.10 -12.17
N GLU M 76 -1.42 -15.12 -11.81
CA GLU M 76 -1.36 -14.69 -10.42
C GLU M 76 -2.64 -14.03 -9.97
N ASP M 77 -3.29 -13.25 -10.84
CA ASP M 77 -4.52 -12.57 -10.44
C ASP M 77 -5.65 -13.56 -10.21
N ILE M 78 -5.73 -14.58 -11.07
CA ILE M 78 -6.77 -15.59 -10.94
C ILE M 78 -6.56 -16.38 -9.65
N ILE M 79 -5.32 -16.78 -9.36
CA ILE M 79 -5.07 -17.52 -8.13
C ILE M 79 -5.38 -16.65 -6.92
N SER M 80 -4.96 -15.38 -6.95
CA SER M 80 -5.22 -14.48 -5.84
C SER M 80 -6.72 -14.32 -5.59
N LEU M 81 -7.51 -14.14 -6.65
CA LEU M 81 -8.94 -13.98 -6.45
C LEU M 81 -9.55 -15.25 -5.86
N TRP M 82 -9.08 -16.41 -6.34
CA TRP M 82 -9.57 -17.69 -5.83
C TRP M 82 -9.34 -17.79 -4.33
N ASP M 83 -8.10 -17.48 -3.90
CA ASP M 83 -7.78 -17.60 -2.49
C ASP M 83 -8.53 -16.56 -1.67
N GLN M 84 -8.72 -15.36 -2.20
CA GLN M 84 -9.46 -14.36 -1.42
C GLN M 84 -10.89 -14.81 -1.21
N SER M 85 -11.48 -15.41 -2.24
CA SER M 85 -12.84 -15.91 -2.12
C SER M 85 -12.95 -17.01 -1.08
N LEU M 86 -11.98 -17.92 -1.05
CA LEU M 86 -12.03 -19.02 -0.09
C LEU M 86 -11.67 -18.62 1.35
N LYS M 87 -10.87 -17.56 1.54
CA LYS M 87 -10.47 -17.16 2.90
C LYS M 87 -11.64 -16.98 3.87
N PRO M 88 -12.67 -16.15 3.56
CA PRO M 88 -13.78 -15.98 4.52
C PRO M 88 -14.83 -17.09 4.46
N CYS M 89 -14.40 -18.33 4.68
CA CYS M 89 -15.29 -19.47 4.61
C CYS M 89 -14.94 -20.48 5.71
N VAL M 90 -15.84 -21.44 5.91
CA VAL M 90 -15.71 -22.44 6.97
C VAL M 90 -14.54 -23.37 6.70
N LYS M 91 -13.67 -23.55 7.70
CA LYS M 91 -12.54 -24.45 7.64
C LYS M 91 -12.95 -25.77 8.27
N LEU M 92 -12.97 -26.85 7.48
CA LEU M 92 -13.53 -28.13 7.92
C LEU M 92 -12.50 -29.02 8.64
N THR M 93 -11.94 -28.51 9.74
CA THR M 93 -11.00 -29.36 10.49
C THR M 93 -11.73 -30.52 11.19
N PRO M 94 -12.98 -30.37 11.67
CA PRO M 94 -13.67 -31.52 12.28
C PRO M 94 -13.91 -32.71 11.35
N LEU M 95 -13.73 -32.57 10.04
CA LEU M 95 -14.00 -33.67 9.11
C LEU M 95 -12.93 -34.75 9.09
N CYS M 96 -11.68 -34.48 9.48
CA CYS M 96 -10.64 -35.51 9.40
C CYS M 96 -10.77 -36.43 10.61
N VAL M 97 -11.74 -37.33 10.50
CA VAL M 97 -12.11 -38.30 11.51
C VAL M 97 -12.19 -39.66 10.83
N THR M 98 -12.26 -40.71 11.64
CA THR M 98 -12.45 -42.03 11.07
C THR M 98 -13.90 -42.13 10.63
N LEU M 99 -14.12 -42.60 9.41
CA LEU M 99 -15.45 -42.79 8.87
C LEU M 99 -15.72 -44.28 8.83
N GLN M 100 -16.96 -44.67 9.08
CA GLN M 100 -17.40 -46.06 8.87
C GLN M 100 -18.34 -46.03 7.69
N CYS M 101 -17.98 -46.73 6.61
CA CYS M 101 -18.72 -46.63 5.36
C CYS M 101 -19.13 -47.98 4.84
N THR M 102 -20.26 -47.95 4.12
CA THR M 102 -20.80 -49.06 3.34
C THR M 102 -21.17 -48.51 1.98
N ASN M 103 -21.62 -49.37 1.06
CA ASN M 103 -22.00 -48.91 -0.26
C ASN M 103 -23.39 -48.28 -0.23
N TYR M 104 -23.54 -47.16 -0.94
CA TYR M 104 -24.83 -46.47 -0.99
C TYR M 104 -25.90 -47.30 -1.67
N ALA M 105 -25.57 -47.93 -2.79
CA ALA M 105 -26.51 -48.73 -3.58
C ALA M 105 -25.90 -50.11 -3.80
N PRO M 106 -26.01 -51.00 -2.81
CA PRO M 106 -25.33 -52.30 -2.91
C PRO M 106 -25.76 -53.12 -4.11
N LYS M 107 -26.95 -52.85 -4.67
CA LYS M 107 -27.48 -53.61 -5.78
C LYS M 107 -27.68 -52.66 -6.97
N LEU M 108 -26.58 -52.40 -7.67
CA LEU M 108 -26.54 -51.46 -8.78
C LEU M 108 -25.54 -52.04 -9.74
N ARG M 109 -25.89 -52.14 -11.03
CA ARG M 109 -25.00 -52.73 -12.04
C ARG M 109 -24.54 -51.74 -13.09
N SER M 110 -24.82 -50.46 -12.91
CA SER M 110 -24.37 -49.45 -13.86
C SER M 110 -22.93 -49.09 -13.50
N MET M 111 -22.32 -48.20 -14.29
CA MET M 111 -20.95 -47.79 -13.98
C MET M 111 -20.82 -47.06 -12.65
N MET M 112 -21.92 -46.73 -11.97
CA MET M 112 -21.91 -46.09 -10.66
C MET M 112 -21.81 -47.08 -9.52
N ARG M 113 -21.68 -48.38 -9.79
CA ARG M 113 -21.59 -49.36 -8.71
C ARG M 113 -20.31 -49.10 -7.93
N GLY M 114 -20.46 -48.88 -6.62
CA GLY M 114 -19.30 -48.65 -5.78
C GLY M 114 -18.77 -47.24 -5.80
N GLU M 115 -19.39 -46.33 -6.57
CA GLU M 115 -18.89 -44.96 -6.66
C GLU M 115 -19.36 -44.06 -5.54
N ILE M 116 -20.51 -44.35 -4.92
CA ILE M 116 -21.05 -43.55 -3.83
C ILE M 116 -21.08 -44.42 -2.59
N LYS M 117 -20.48 -43.94 -1.50
CA LYS M 117 -20.44 -44.64 -0.23
C LYS M 117 -21.22 -43.88 0.83
N ASN M 118 -21.90 -44.62 1.68
CA ASN M 118 -22.71 -44.11 2.78
C ASN M 118 -21.88 -44.23 4.05
N CYS M 119 -21.37 -43.09 4.53
CA CYS M 119 -20.42 -43.01 5.62
C CYS M 119 -21.06 -42.40 6.86
N SER M 120 -20.66 -42.90 8.03
CA SER M 120 -21.08 -42.43 9.33
C SER M 120 -19.90 -41.93 10.14
N PHE M 121 -20.09 -40.80 10.83
CA PHE M 121 -19.04 -40.18 11.64
C PHE M 121 -19.64 -39.33 12.75
N ASN M 122 -18.82 -39.04 13.77
CA ASN M 122 -19.29 -38.30 14.94
C ASN M 122 -19.28 -36.78 14.78
N MET M 123 -18.38 -36.21 13.99
CA MET M 123 -18.27 -34.75 13.83
C MET M 123 -18.16 -34.01 15.18
N THR M 124 -18.52 -32.73 15.22
CA THR M 124 -18.61 -31.88 16.39
C THR M 124 -19.93 -31.13 16.34
N THR M 125 -20.27 -30.48 17.45
CA THR M 125 -21.48 -29.68 17.57
C THR M 125 -21.09 -28.27 18.03
N GLU M 126 -22.10 -27.41 18.18
CA GLU M 126 -21.85 -26.03 18.60
C GLU M 126 -21.20 -25.98 19.97
N LEU M 127 -21.64 -26.81 20.90
CA LEU M 127 -21.04 -26.87 22.23
C LEU M 127 -19.88 -27.86 22.21
N ARG M 128 -18.83 -27.55 22.99
CA ARG M 128 -17.70 -28.46 23.03
C ARG M 128 -17.98 -29.75 23.77
N ASP M 129 -19.06 -29.82 24.56
CA ASP M 129 -19.34 -31.02 25.34
C ASP M 129 -20.07 -32.11 24.58
N LYS M 130 -20.64 -31.81 23.41
CA LYS M 130 -21.51 -32.76 22.74
C LYS M 130 -20.93 -33.22 21.41
N LYS M 131 -21.42 -34.39 21.02
CA LYS M 131 -21.15 -35.03 19.75
C LYS M 131 -22.49 -35.42 19.14
N GLN M 132 -22.51 -35.58 17.84
CA GLN M 132 -23.68 -36.02 17.11
C GLN M 132 -23.27 -37.18 16.24
N LYS M 133 -24.21 -37.78 15.51
CA LYS M 133 -23.90 -38.83 14.56
C LYS M 133 -24.45 -38.37 13.21
N VAL M 134 -23.58 -38.30 12.23
CA VAL M 134 -23.89 -37.77 10.91
C VAL M 134 -23.71 -38.89 9.90
N TYR M 135 -24.70 -39.05 9.03
CA TYR M 135 -24.61 -39.95 7.90
C TYR M 135 -24.59 -39.08 6.65
N SER M 136 -23.70 -39.39 5.72
CA SER M 136 -23.62 -38.63 4.49
C SER M 136 -23.07 -39.52 3.39
N LEU M 137 -23.29 -39.11 2.15
CA LEU M 137 -22.76 -39.84 1.02
C LEU M 137 -21.53 -39.11 0.51
N PHE M 138 -20.51 -39.90 0.14
CA PHE M 138 -19.27 -39.39 -0.44
C PHE M 138 -18.99 -40.16 -1.71
N TYR M 139 -18.28 -39.52 -2.64
CA TYR M 139 -17.86 -40.22 -3.83
C TYR M 139 -16.60 -41.02 -3.52
N ARG M 140 -16.46 -42.15 -4.21
CA ARG M 140 -15.30 -43.02 -4.00
C ARG M 140 -13.99 -42.25 -4.18
N LEU M 141 -13.95 -41.32 -5.13
CA LEU M 141 -12.70 -40.63 -5.43
C LEU M 141 -12.24 -39.67 -4.33
N ASP M 142 -13.10 -39.36 -3.37
CA ASP M 142 -12.76 -38.47 -2.26
C ASP M 142 -12.43 -39.21 -0.97
N VAL M 143 -12.55 -40.53 -0.94
CA VAL M 143 -12.44 -41.31 0.29
C VAL M 143 -11.38 -42.41 0.09
N VAL M 144 -10.45 -42.52 1.04
CA VAL M 144 -9.34 -43.47 1.03
C VAL M 144 -9.52 -44.47 2.17
N GLN M 145 -9.43 -45.76 1.84
CA GLN M 145 -9.59 -46.82 2.84
C GLN M 145 -8.40 -46.88 3.79
N ILE M 146 -8.69 -47.05 5.07
CA ILE M 146 -7.66 -47.14 6.11
C ILE M 146 -7.24 -48.59 6.34
N ASN M 147 -8.24 -49.48 6.49
CA ASN M 147 -8.11 -50.91 6.81
C ASN M 147 -7.90 -51.06 8.32
N ASN M 158 -19.09 -52.78 8.04
CA ASN M 158 -18.62 -51.48 7.58
C ASN M 158 -17.10 -51.47 7.55
N LYS M 159 -16.52 -50.66 6.67
CA LYS M 159 -15.07 -50.50 6.60
C LYS M 159 -14.67 -49.10 7.04
N GLU M 160 -13.45 -48.98 7.59
CA GLU M 160 -12.94 -47.68 8.01
C GLU M 160 -12.27 -46.92 6.87
N TYR M 161 -12.66 -45.66 6.69
CA TYR M 161 -12.15 -44.77 5.66
C TYR M 161 -11.79 -43.41 6.23
N ARG M 162 -10.96 -42.66 5.50
CA ARG M 162 -10.63 -41.28 5.81
C ARG M 162 -10.80 -40.47 4.54
N LEU M 163 -10.93 -39.15 4.67
CA LEU M 163 -10.92 -38.34 3.46
C LEU M 163 -9.52 -38.30 2.86
N ILE M 164 -9.46 -38.24 1.54
CA ILE M 164 -8.20 -38.26 0.80
C ILE M 164 -7.25 -37.15 1.23
N ASN M 165 -7.79 -35.99 1.65
CA ASN M 165 -6.93 -34.88 2.04
C ASN M 165 -6.31 -34.98 3.42
N CYS M 166 -6.76 -35.92 4.26
CA CYS M 166 -6.27 -35.94 5.64
C CYS M 166 -4.77 -36.21 5.71
N ASN M 167 -4.23 -36.86 4.68
CA ASN M 167 -2.84 -37.23 4.54
C ASN M 167 -2.01 -36.10 3.93
N THR M 168 -2.64 -35.01 3.47
CA THR M 168 -1.94 -33.91 2.82
C THR M 168 -2.24 -32.54 3.44
N SER M 169 -3.50 -32.17 3.61
CA SER M 169 -3.80 -30.79 4.01
C SER M 169 -5.20 -30.67 4.60
N ALA M 170 -5.46 -29.50 5.18
CA ALA M 170 -6.77 -29.12 5.70
C ALA M 170 -7.70 -28.69 4.57
N ILE M 171 -9.00 -28.80 4.83
CA ILE M 171 -10.06 -28.44 3.90
C ILE M 171 -10.75 -27.15 4.31
N THR M 172 -10.86 -26.24 3.35
CA THR M 172 -11.66 -25.03 3.50
C THR M 172 -12.92 -25.30 2.70
N GLN M 173 -14.08 -25.09 3.32
CA GLN M 173 -15.34 -25.29 2.61
C GLN M 173 -15.62 -24.07 1.76
N ALA M 174 -15.92 -24.26 0.48
CA ALA M 174 -16.26 -23.12 -0.34
C ALA M 174 -17.56 -22.53 0.16
N CYS M 175 -17.68 -21.22 0.14
CA CYS M 175 -18.91 -20.59 0.56
C CYS M 175 -20.03 -20.94 -0.43
N PRO M 176 -21.16 -21.50 0.02
CA PRO M 176 -22.19 -21.98 -0.93
C PRO M 176 -22.85 -20.88 -1.75
N LYS M 177 -22.73 -19.62 -1.34
CA LYS M 177 -23.36 -18.50 -2.03
C LYS M 177 -22.52 -17.93 -3.17
N VAL M 178 -21.29 -18.41 -3.38
CA VAL M 178 -20.40 -17.80 -4.37
C VAL M 178 -20.36 -18.72 -5.59
N SER M 179 -20.78 -18.16 -6.71
CA SER M 179 -20.82 -18.81 -8.02
C SER M 179 -19.44 -18.97 -8.62
N PHE M 180 -19.27 -20.02 -9.42
CA PHE M 180 -18.03 -20.29 -10.14
C PHE M 180 -18.11 -19.90 -11.62
N GLU M 181 -19.21 -19.31 -12.06
CA GLU M 181 -19.39 -19.00 -13.47
C GLU M 181 -18.36 -17.97 -13.95
N PRO M 182 -17.58 -18.25 -15.01
CA PRO M 182 -16.60 -17.26 -15.49
C PRO M 182 -17.23 -15.91 -15.84
N ILE M 183 -16.55 -14.84 -15.45
CA ILE M 183 -16.94 -13.47 -15.75
C ILE M 183 -15.88 -12.89 -16.67
N PRO M 184 -16.23 -12.34 -17.85
CA PRO M 184 -15.20 -11.75 -18.72
C PRO M 184 -14.40 -10.67 -18.01
N ILE M 185 -13.07 -10.75 -18.07
CA ILE M 185 -12.17 -9.78 -17.46
C ILE M 185 -11.37 -9.07 -18.55
N HIS M 186 -11.33 -7.75 -18.47
CA HIS M 186 -10.59 -6.90 -19.41
C HIS M 186 -9.30 -6.40 -18.76
N TYR M 187 -8.16 -6.56 -19.44
CA TYR M 187 -6.91 -6.02 -18.93
C TYR M 187 -6.60 -4.72 -19.65
N CYS M 188 -6.29 -3.68 -18.88
CA CYS M 188 -6.10 -2.33 -19.41
C CYS M 188 -4.69 -1.85 -19.08
N ALA M 189 -4.07 -1.16 -20.02
CA ALA M 189 -2.74 -0.64 -19.79
C ALA M 189 -2.77 0.60 -18.88
N PRO M 190 -1.75 0.80 -18.05
CA PRO M 190 -1.61 2.06 -17.34
C PRO M 190 -1.14 3.15 -18.29
N ALA M 191 -1.31 4.41 -17.87
CA ALA M 191 -0.83 5.51 -18.69
C ALA M 191 0.67 5.36 -18.93
N GLY M 192 1.10 5.72 -20.13
CA GLY M 192 2.49 5.57 -20.53
C GLY M 192 2.75 4.28 -21.26
N PHE M 193 1.78 3.36 -21.27
CA PHE M 193 1.86 2.06 -21.91
C PHE M 193 0.67 1.90 -22.85
N ALA M 194 0.80 0.96 -23.78
CA ALA M 194 -0.26 0.67 -24.75
C ALA M 194 -0.28 -0.83 -25.02
N ILE M 195 -1.45 -1.36 -25.42
CA ILE M 195 -1.56 -2.76 -25.80
C ILE M 195 -1.72 -2.83 -27.31
N LEU M 196 -0.87 -3.61 -27.96
CA LEU M 196 -0.90 -3.80 -29.39
C LEU M 196 -1.59 -5.12 -29.69
N LYS M 197 -2.61 -5.09 -30.54
CA LYS M 197 -3.38 -6.25 -30.94
C LYS M 197 -2.98 -6.65 -32.35
N CYS M 198 -2.56 -7.91 -32.50
CA CYS M 198 -2.01 -8.42 -33.77
C CYS M 198 -2.96 -8.24 -34.94
N LYS M 199 -4.14 -8.84 -34.86
CA LYS M 199 -5.17 -8.82 -35.91
C LYS M 199 -4.71 -9.42 -37.24
N ASP M 200 -3.58 -10.11 -37.27
CA ASP M 200 -3.07 -10.70 -38.50
C ASP M 200 -3.69 -12.09 -38.63
N LYS M 201 -4.54 -12.27 -39.63
CA LYS M 201 -5.28 -13.52 -39.77
C LYS M 201 -4.30 -14.68 -39.96
N LYS M 202 -4.56 -15.78 -39.26
CA LYS M 202 -3.73 -16.97 -39.28
C LYS M 202 -2.39 -16.74 -38.58
N PHE M 203 -2.31 -15.76 -37.69
CA PHE M 203 -1.10 -15.56 -36.90
C PHE M 203 -0.89 -16.77 -36.00
N ASN M 204 0.33 -17.33 -36.03
CA ASN M 204 0.64 -18.56 -35.33
C ASN M 204 1.34 -18.36 -33.99
N GLY M 205 1.30 -17.14 -33.43
CA GLY M 205 1.85 -16.87 -32.13
C GLY M 205 3.21 -16.21 -32.10
N THR M 206 3.97 -16.28 -33.19
CA THR M 206 5.29 -15.65 -33.25
C THR M 206 5.45 -14.93 -34.58
N GLY M 207 6.33 -13.93 -34.57
CA GLY M 207 6.68 -13.24 -35.78
C GLY M 207 5.93 -11.93 -35.98
N PRO M 208 6.20 -11.25 -37.09
CA PRO M 208 5.56 -9.95 -37.34
C PRO M 208 4.07 -10.06 -37.63
N CYS M 209 3.34 -9.06 -37.17
CA CYS M 209 1.93 -8.86 -37.48
C CYS M 209 1.82 -7.58 -38.31
N GLN M 210 1.15 -7.67 -39.45
CA GLN M 210 1.01 -6.52 -40.36
C GLN M 210 -0.29 -5.75 -40.18
N ASN M 211 -1.18 -6.18 -39.29
CA ASN M 211 -2.47 -5.55 -39.05
C ASN M 211 -2.56 -5.01 -37.62
N VAL M 212 -1.42 -4.66 -37.04
CA VAL M 212 -1.34 -4.26 -35.65
C VAL M 212 -2.16 -3.00 -35.39
N SER M 213 -2.94 -3.02 -34.31
CA SER M 213 -3.74 -1.88 -33.89
C SER M 213 -3.43 -1.63 -32.43
N THR M 214 -3.65 -0.39 -31.98
CA THR M 214 -3.42 -0.02 -30.58
C THR M 214 -4.75 0.03 -29.84
N VAL M 215 -4.80 -0.62 -28.67
CA VAL M 215 -5.97 -0.63 -27.81
C VAL M 215 -5.53 -0.24 -26.40
N GLN M 216 -6.53 0.22 -25.64
CA GLN M 216 -6.38 0.54 -24.22
C GLN M 216 -6.60 -0.69 -23.37
N CYS M 217 -7.59 -1.52 -23.74
CA CYS M 217 -7.97 -2.70 -22.99
C CYS M 217 -8.14 -3.88 -23.93
N THR M 218 -7.95 -5.08 -23.40
CA THR M 218 -8.18 -6.31 -24.15
C THR M 218 -9.69 -6.60 -24.21
N HIS M 219 -10.05 -7.60 -25.00
CA HIS M 219 -11.46 -7.99 -25.04
C HIS M 219 -11.77 -8.70 -23.73
N GLY M 220 -13.04 -9.03 -23.52
CA GLY M 220 -13.34 -9.70 -22.27
C GLY M 220 -12.92 -11.14 -22.40
N ILE M 221 -12.02 -11.56 -21.53
CA ILE M 221 -11.48 -12.90 -21.51
C ILE M 221 -12.12 -13.62 -20.34
N LYS M 222 -12.79 -14.73 -20.61
CA LYS M 222 -13.43 -15.46 -19.54
C LYS M 222 -12.41 -16.38 -18.87
N PRO M 223 -12.29 -16.37 -17.54
CA PRO M 223 -11.32 -17.29 -16.92
C PRO M 223 -11.88 -18.70 -16.86
N VAL M 224 -12.05 -19.32 -18.04
CA VAL M 224 -12.59 -20.66 -18.11
C VAL M 224 -11.47 -21.63 -17.77
N VAL M 225 -11.74 -22.51 -16.82
CA VAL M 225 -10.78 -23.48 -16.34
C VAL M 225 -11.15 -24.85 -16.89
N SER M 226 -10.23 -25.48 -17.61
CA SER M 226 -10.47 -26.79 -18.18
C SER M 226 -9.13 -27.43 -18.50
N THR M 227 -9.15 -28.74 -18.74
CA THR M 227 -7.99 -29.47 -19.21
C THR M 227 -8.32 -30.14 -20.55
N GLN M 228 -7.27 -30.40 -21.33
CA GLN M 228 -7.33 -31.14 -22.59
C GLN M 228 -8.12 -30.43 -23.68
N LEU M 229 -9.36 -30.09 -23.39
CA LEU M 229 -10.25 -29.35 -24.28
C LEU M 229 -10.48 -27.96 -23.71
N LEU M 230 -10.36 -26.94 -24.56
CA LEU M 230 -10.55 -25.56 -24.16
C LEU M 230 -11.98 -25.17 -24.51
N LEU M 231 -12.75 -24.77 -23.49
CA LEU M 231 -14.15 -24.45 -23.66
C LEU M 231 -14.41 -22.95 -23.65
N ASN M 232 -15.46 -22.54 -24.36
CA ASN M 232 -15.99 -21.17 -24.35
C ASN M 232 -14.92 -20.13 -24.65
N GLY M 233 -14.03 -20.44 -25.59
CA GLY M 233 -13.00 -19.52 -26.02
C GLY M 233 -13.32 -18.89 -27.36
N SER M 234 -12.30 -18.27 -27.95
CA SER M 234 -12.47 -17.64 -29.26
C SER M 234 -12.19 -18.67 -30.35
N LEU M 235 -12.69 -18.39 -31.55
CA LEU M 235 -12.47 -19.23 -32.72
C LEU M 235 -11.51 -18.58 -33.72
N ALA M 236 -10.82 -19.44 -34.48
CA ALA M 236 -9.93 -18.99 -35.54
C ALA M 236 -10.73 -18.32 -36.65
N GLU M 237 -10.13 -17.33 -37.29
CA GLU M 237 -10.86 -16.56 -38.30
C GLU M 237 -11.15 -17.37 -39.56
N GLU M 238 -10.19 -18.15 -40.07
CA GLU M 238 -10.38 -18.86 -41.34
C GLU M 238 -10.09 -20.35 -41.31
N GLU M 239 -9.12 -20.79 -40.51
CA GLU M 239 -8.71 -22.18 -40.50
C GLU M 239 -8.16 -22.52 -39.12
N VAL M 240 -8.08 -23.83 -38.84
CA VAL M 240 -7.54 -24.27 -37.57
C VAL M 240 -6.08 -23.83 -37.51
N ILE M 241 -5.69 -23.21 -36.40
CA ILE M 241 -4.33 -22.69 -36.22
C ILE M 241 -3.64 -23.54 -35.16
N ILE M 242 -2.49 -24.09 -35.52
CA ILE M 242 -1.68 -24.91 -34.61
C ILE M 242 -0.49 -24.06 -34.19
N ARG M 243 -0.37 -23.82 -32.88
CA ARG M 243 0.68 -22.98 -32.33
C ARG M 243 1.52 -23.77 -31.34
N SER M 244 2.84 -23.58 -31.39
CA SER M 244 3.71 -24.23 -30.41
C SER M 244 4.98 -23.40 -30.25
N GLU M 245 5.59 -23.52 -29.08
CA GLU M 245 6.87 -22.84 -28.85
C GLU M 245 7.95 -23.40 -29.77
N ASN M 246 7.98 -24.73 -29.90
CA ASN M 246 8.96 -25.42 -30.74
C ASN M 246 8.23 -26.67 -31.22
N ILE M 247 7.79 -26.66 -32.48
CA ILE M 247 6.97 -27.74 -33.01
C ILE M 247 7.73 -29.07 -33.11
N THR M 248 9.06 -29.06 -33.04
CA THR M 248 9.86 -30.28 -33.14
C THR M 248 10.35 -30.77 -31.78
N ASN M 249 10.01 -30.08 -30.69
CA ASN M 249 10.42 -30.46 -29.34
C ASN M 249 9.23 -31.16 -28.69
N ASN M 250 9.35 -32.45 -28.45
CA ASN M 250 8.21 -33.22 -27.95
C ASN M 250 7.93 -32.98 -26.47
N ALA M 251 8.69 -32.12 -25.80
CA ALA M 251 8.45 -31.73 -24.41
C ALA M 251 7.52 -30.54 -24.29
N LYS M 252 7.12 -29.92 -25.40
CA LYS M 252 6.28 -28.72 -25.42
C LYS M 252 4.86 -29.09 -25.79
N ASN M 253 3.92 -28.24 -25.37
CA ASN M 253 2.52 -28.44 -25.71
C ASN M 253 2.19 -27.75 -27.01
N ILE M 254 1.20 -28.30 -27.71
CA ILE M 254 0.67 -27.77 -28.96
C ILE M 254 -0.74 -27.26 -28.69
N LEU M 255 -0.98 -25.98 -29.00
CA LEU M 255 -2.29 -25.37 -28.81
C LEU M 255 -2.98 -25.28 -30.16
N VAL M 256 -4.13 -25.93 -30.28
CA VAL M 256 -4.88 -25.97 -31.53
C VAL M 256 -6.12 -25.10 -31.35
N GLN M 257 -6.24 -24.05 -32.14
CA GLN M 257 -7.39 -23.15 -32.10
C GLN M 257 -8.29 -23.49 -33.26
N LEU M 258 -9.53 -23.89 -32.96
CA LEU M 258 -10.45 -24.31 -34.00
C LEU M 258 -11.09 -23.08 -34.64
N ASN M 259 -11.50 -23.21 -35.90
CA ASN M 259 -12.24 -22.13 -36.55
C ASN M 259 -13.75 -22.27 -36.34
N THR M 260 -14.22 -23.47 -35.98
CA THR M 260 -15.61 -23.74 -35.68
C THR M 260 -15.65 -24.42 -34.31
N SER M 261 -16.71 -24.18 -33.56
CA SER M 261 -16.84 -24.81 -32.26
C SER M 261 -17.58 -26.14 -32.37
N VAL M 262 -17.39 -26.98 -31.36
CA VAL M 262 -18.10 -28.26 -31.23
C VAL M 262 -18.86 -28.22 -29.91
N GLN M 263 -20.16 -28.51 -29.95
CA GLN M 263 -20.89 -28.47 -28.69
C GLN M 263 -20.65 -29.75 -27.92
N ILE M 264 -20.53 -29.61 -26.60
CA ILE M 264 -20.43 -30.73 -25.66
C ILE M 264 -21.55 -30.54 -24.64
N ASN M 265 -22.45 -31.53 -24.58
CA ASN M 265 -23.60 -31.47 -23.67
C ASN M 265 -23.33 -32.36 -22.46
N CYS M 266 -23.09 -31.75 -21.30
CA CYS M 266 -22.70 -32.46 -20.09
C CYS M 266 -23.84 -32.43 -19.09
N THR M 267 -24.00 -33.55 -18.38
CA THR M 267 -25.07 -33.66 -17.41
C THR M 267 -24.68 -34.51 -16.21
N ARG M 268 -25.39 -34.24 -15.10
CA ARG M 268 -25.34 -34.97 -13.85
C ARG M 268 -26.82 -35.30 -13.61
N PRO M 269 -27.32 -36.35 -14.28
CA PRO M 269 -28.78 -36.61 -14.32
C PRO M 269 -29.46 -36.87 -12.99
N SER M 270 -28.77 -37.34 -11.97
CA SER M 270 -29.46 -37.65 -10.72
C SER M 270 -29.96 -36.39 -10.01
N ASN M 271 -31.13 -36.53 -9.39
CA ASN M 271 -31.73 -35.45 -8.60
C ASN M 271 -31.28 -35.63 -7.15
N ASN M 272 -30.24 -34.89 -6.78
CA ASN M 272 -29.60 -35.01 -5.47
C ASN M 272 -30.15 -33.93 -4.55
N THR M 273 -30.16 -34.22 -3.24
CA THR M 273 -30.51 -33.22 -2.26
C THR M 273 -29.28 -32.89 -1.42
N VAL M 274 -29.41 -31.82 -0.65
CA VAL M 274 -28.32 -31.31 0.18
C VAL M 274 -28.84 -31.13 1.59
N LYS M 275 -28.08 -31.62 2.56
CA LYS M 275 -28.40 -31.49 3.97
C LYS M 275 -27.35 -30.61 4.59
N SER M 276 -27.66 -30.04 5.75
CA SER M 276 -26.73 -29.15 6.43
C SER M 276 -26.83 -29.31 7.93
N ILE M 277 -25.66 -29.31 8.57
CA ILE M 277 -25.55 -29.39 10.02
C ILE M 277 -24.63 -28.28 10.49
N ARG M 278 -24.74 -27.90 11.75
CA ARG M 278 -23.84 -26.93 12.33
C ARG M 278 -22.69 -27.67 13.01
N ILE M 279 -21.47 -27.14 12.87
CA ILE M 279 -20.28 -27.77 13.41
C ILE M 279 -19.52 -26.87 14.38
N GLY M 280 -20.09 -25.73 14.74
CA GLY M 280 -19.43 -24.81 15.63
C GLY M 280 -20.21 -23.52 15.68
N PRO M 281 -19.85 -22.58 16.56
CA PRO M 281 -20.58 -21.32 16.57
C PRO M 281 -20.43 -20.61 15.23
N GLY M 282 -21.54 -20.48 14.53
CA GLY M 282 -21.58 -19.83 13.25
C GLY M 282 -21.07 -20.66 12.10
N GLN M 283 -20.70 -21.92 12.33
CA GLN M 283 -20.14 -22.78 11.30
C GLN M 283 -21.19 -23.78 10.87
N ALA M 284 -21.23 -24.07 9.56
CA ALA M 284 -22.13 -25.09 9.05
C ALA M 284 -21.47 -25.86 7.93
N PHE M 285 -21.72 -27.15 7.93
CA PHE M 285 -21.21 -28.10 6.95
C PHE M 285 -22.37 -28.59 6.10
N TYR M 286 -22.21 -28.46 4.79
CA TYR M 286 -23.20 -28.88 3.80
C TYR M 286 -22.71 -30.19 3.21
N TYR M 287 -23.64 -31.14 3.03
CA TYR M 287 -23.23 -32.44 2.50
C TYR M 287 -24.31 -33.07 1.65
N PHE M 288 -23.86 -34.05 0.88
CA PHE M 288 -24.67 -34.79 -0.07
C PHE M 288 -25.57 -35.77 0.67
N GLY M 289 -26.87 -35.61 0.51
CA GLY M 289 -27.88 -36.42 1.14
C GLY M 289 -28.39 -37.50 0.21
N ASP M 290 -29.65 -37.86 0.39
CA ASP M 290 -30.23 -38.96 -0.38
C ASP M 290 -30.28 -38.62 -1.87
N VAL M 291 -30.27 -39.67 -2.69
CA VAL M 291 -30.51 -39.53 -4.12
C VAL M 291 -32.00 -39.78 -4.34
N LEU M 292 -32.69 -38.81 -4.92
CA LEU M 292 -34.15 -38.86 -5.07
C LEU M 292 -34.52 -39.55 -6.38
N GLY M 293 -34.19 -40.83 -6.46
CA GLY M 293 -34.39 -41.63 -7.64
C GLY M 293 -33.20 -42.53 -7.89
N HIS M 294 -33.05 -42.93 -9.15
CA HIS M 294 -31.96 -43.82 -9.52
C HIS M 294 -30.63 -43.08 -9.50
N VAL M 295 -29.56 -43.82 -9.21
CA VAL M 295 -28.21 -43.30 -9.27
C VAL M 295 -27.75 -43.44 -10.71
N ARG M 296 -27.37 -42.33 -11.34
CA ARG M 296 -26.93 -42.31 -12.73
C ARG M 296 -25.59 -41.61 -12.83
N MET M 297 -24.78 -42.04 -13.81
CA MET M 297 -23.45 -41.49 -13.98
C MET M 297 -23.48 -40.21 -14.80
N ALA M 298 -22.66 -39.25 -14.40
CA ALA M 298 -22.53 -38.02 -15.16
C ALA M 298 -21.86 -38.34 -16.49
N HIS M 299 -22.24 -37.61 -17.54
CA HIS M 299 -21.64 -37.89 -18.84
C HIS M 299 -21.76 -36.68 -19.74
N CYS M 300 -20.96 -36.70 -20.82
CA CYS M 300 -21.01 -35.66 -21.84
C CYS M 300 -21.20 -36.26 -23.22
N ASN M 301 -22.01 -35.61 -24.06
CA ASN M 301 -22.27 -36.05 -25.41
C ASN M 301 -21.64 -35.09 -26.42
N ILE M 302 -20.91 -35.67 -27.39
CA ILE M 302 -20.32 -34.95 -28.52
C ILE M 302 -20.80 -35.63 -29.81
N SER M 303 -21.29 -34.85 -30.76
CA SER M 303 -21.74 -35.46 -32.01
C SER M 303 -20.55 -36.11 -32.73
N LYS M 304 -20.74 -37.33 -33.24
CA LYS M 304 -19.63 -38.03 -33.88
C LYS M 304 -19.19 -37.39 -35.20
N ALA M 305 -20.12 -36.95 -36.03
CA ALA M 305 -19.75 -36.39 -37.33
C ALA M 305 -18.97 -35.09 -37.17
N THR M 306 -19.39 -34.25 -36.22
CA THR M 306 -18.74 -32.97 -36.02
C THR M 306 -17.31 -33.20 -35.54
N TRP M 307 -17.14 -34.10 -34.57
CA TRP M 307 -15.80 -34.38 -34.07
C TRP M 307 -14.92 -34.95 -35.18
N ASN M 308 -15.46 -35.86 -35.98
CA ASN M 308 -14.68 -36.49 -37.04
C ASN M 308 -14.18 -35.45 -38.05
N GLU M 309 -15.04 -34.47 -38.40
CA GLU M 309 -14.60 -33.41 -39.30
C GLU M 309 -13.58 -32.49 -38.63
N THR M 310 -13.79 -32.17 -37.36
CA THR M 310 -12.87 -31.29 -36.66
C THR M 310 -11.50 -31.93 -36.56
N LEU M 311 -11.48 -33.23 -36.24
CA LEU M 311 -10.23 -33.91 -36.07
C LEU M 311 -9.52 -34.04 -37.41
N GLY M 312 -10.27 -34.27 -38.49
CA GLY M 312 -9.62 -34.32 -39.80
C GLY M 312 -8.96 -33.01 -40.16
N LYS M 313 -9.61 -31.89 -39.81
CA LYS M 313 -9.02 -30.58 -40.08
C LYS M 313 -7.72 -30.42 -39.28
N VAL M 314 -7.74 -30.89 -38.03
CA VAL M 314 -6.54 -30.80 -37.19
C VAL M 314 -5.43 -31.63 -37.81
N VAL M 315 -5.77 -32.82 -38.33
CA VAL M 315 -4.75 -33.66 -38.95
C VAL M 315 -4.13 -32.97 -40.14
N LYS M 316 -4.94 -32.33 -40.99
CA LYS M 316 -4.36 -31.64 -42.15
C LYS M 316 -3.37 -30.56 -41.69
N GLN M 317 -3.72 -29.85 -40.63
CA GLN M 317 -2.82 -28.80 -40.18
C GLN M 317 -1.56 -29.39 -39.55
N LEU M 318 -1.68 -30.58 -38.95
CA LEU M 318 -0.47 -31.22 -38.42
C LEU M 318 0.40 -31.71 -39.57
N ARG M 319 -0.23 -32.22 -40.65
CA ARG M 319 0.54 -32.71 -41.78
C ARG M 319 1.39 -31.61 -42.37
N LYS M 320 0.91 -30.36 -42.32
CA LYS M 320 1.71 -29.27 -42.85
C LYS M 320 3.07 -29.13 -42.15
N HIS M 321 3.21 -29.65 -40.92
CA HIS M 321 4.46 -29.60 -40.18
C HIS M 321 5.18 -30.93 -40.06
N PHE M 322 4.47 -32.05 -40.17
CA PHE M 322 5.03 -33.39 -39.98
C PHE M 322 5.18 -34.20 -41.24
N GLY M 323 4.64 -33.75 -42.38
CA GLY M 323 4.77 -34.47 -43.63
C GLY M 323 3.48 -34.99 -44.24
N ASN M 324 3.40 -34.87 -45.57
CA ASN M 324 2.22 -35.26 -46.32
C ASN M 324 1.97 -36.76 -46.30
N ASN M 325 2.99 -37.57 -46.04
CA ASN M 325 2.88 -39.03 -46.00
C ASN M 325 3.14 -39.60 -44.61
N THR M 326 3.04 -38.77 -43.58
CA THR M 326 3.25 -39.21 -42.20
C THR M 326 1.90 -39.64 -41.65
N ILE M 327 1.90 -40.73 -40.89
CA ILE M 327 0.67 -41.23 -40.28
C ILE M 327 0.45 -40.46 -38.99
N ILE M 328 -0.76 -39.89 -38.82
CA ILE M 328 -1.09 -39.13 -37.62
C ILE M 328 -2.07 -39.95 -36.80
N ARG M 329 -1.67 -40.35 -35.61
CA ARG M 329 -2.50 -41.19 -34.75
C ARG M 329 -2.81 -40.44 -33.46
N PHE M 330 -4.05 -40.56 -32.99
CA PHE M 330 -4.49 -40.01 -31.73
C PHE M 330 -4.75 -41.16 -30.78
N ALA M 331 -4.38 -40.95 -29.52
CA ALA M 331 -4.50 -41.92 -28.45
C ALA M 331 -4.86 -41.22 -27.16
N GLN M 332 -5.40 -41.98 -26.23
CA GLN M 332 -5.75 -41.48 -24.92
C GLN M 332 -4.51 -41.18 -24.07
N SER M 333 -4.68 -40.28 -23.11
CA SER M 333 -3.59 -39.97 -22.18
C SER M 333 -3.21 -41.23 -21.41
N SER M 334 -1.91 -41.38 -21.14
CA SER M 334 -1.43 -42.58 -20.47
C SER M 334 -1.32 -42.43 -18.96
N GLY M 335 -0.17 -41.96 -18.46
CA GLY M 335 0.04 -41.87 -17.03
C GLY M 335 -0.46 -40.57 -16.43
N GLY M 336 -0.23 -40.44 -15.12
CA GLY M 336 -0.63 -39.29 -14.35
C GLY M 336 -1.87 -39.56 -13.53
N ASP M 337 -2.26 -38.55 -12.76
CA ASP M 337 -3.41 -38.66 -11.88
C ASP M 337 -4.69 -38.33 -12.66
N LEU M 338 -5.82 -38.38 -11.95
CA LEU M 338 -7.11 -38.19 -12.61
C LEU M 338 -7.22 -36.79 -13.22
N GLU M 339 -6.69 -35.79 -12.51
CA GLU M 339 -6.80 -34.40 -12.96
C GLU M 339 -6.16 -34.17 -14.32
N VAL M 340 -5.03 -34.82 -14.60
CA VAL M 340 -4.36 -34.66 -15.89
C VAL M 340 -4.89 -35.62 -16.95
N THR M 341 -5.25 -36.85 -16.58
CA THR M 341 -5.65 -37.83 -17.59
C THR M 341 -7.09 -37.64 -18.08
N THR M 342 -7.92 -36.92 -17.33
CA THR M 342 -9.29 -36.61 -17.73
C THR M 342 -9.46 -35.15 -18.12
N HIS M 343 -10.64 -34.87 -18.66
CA HIS M 343 -11.07 -33.52 -18.99
C HIS M 343 -11.78 -32.97 -17.77
N SER M 344 -11.13 -32.04 -17.07
CA SER M 344 -11.67 -31.47 -15.86
C SER M 344 -12.40 -30.17 -16.19
N PHE M 345 -13.58 -29.98 -15.60
CA PHE M 345 -14.28 -28.71 -15.80
C PHE M 345 -15.32 -28.52 -14.70
N ASN M 346 -15.75 -27.27 -14.54
CA ASN M 346 -16.82 -26.92 -13.60
C ASN M 346 -18.13 -26.67 -14.34
N CYS M 347 -19.11 -27.55 -14.11
CA CYS M 347 -20.42 -27.51 -14.76
C CYS M 347 -21.51 -27.49 -13.69
N GLY M 348 -22.19 -26.35 -13.56
CA GLY M 348 -23.27 -26.24 -12.61
C GLY M 348 -22.80 -26.07 -11.18
N GLY M 349 -21.50 -25.96 -10.97
CA GLY M 349 -20.89 -25.89 -9.68
C GLY M 349 -20.24 -27.20 -9.29
N GLU M 350 -20.48 -28.27 -10.04
CA GLU M 350 -19.84 -29.56 -9.79
C GLU M 350 -18.60 -29.65 -10.64
N PHE M 351 -17.62 -30.43 -10.17
CA PHE M 351 -16.38 -30.64 -10.89
C PHE M 351 -16.42 -32.00 -11.57
N PHE M 352 -16.43 -31.97 -12.90
CA PHE M 352 -16.55 -33.15 -13.74
C PHE M 352 -15.16 -33.54 -14.21
N TYR M 353 -14.89 -34.84 -14.28
CA TYR M 353 -13.65 -35.43 -14.78
C TYR M 353 -14.02 -36.48 -15.84
N CYS M 354 -14.06 -36.06 -17.10
CA CYS M 354 -14.54 -36.88 -18.19
C CYS M 354 -13.42 -37.69 -18.84
N ASN M 355 -13.71 -38.96 -19.13
CA ASN M 355 -12.71 -39.90 -19.64
C ASN M 355 -12.01 -39.37 -20.90
N THR M 356 -12.78 -38.96 -21.91
CA THR M 356 -12.32 -38.46 -23.22
C THR M 356 -11.66 -39.49 -24.14
N SER M 357 -11.45 -40.74 -23.73
CA SER M 357 -10.64 -41.63 -24.57
C SER M 357 -11.30 -41.88 -25.92
N GLY M 358 -12.63 -41.76 -25.99
CA GLY M 358 -13.34 -41.98 -27.25
C GLY M 358 -13.09 -40.91 -28.29
N LEU M 359 -12.50 -39.77 -27.89
CA LEU M 359 -12.18 -38.68 -28.79
C LEU M 359 -10.80 -38.78 -29.41
N PHE M 360 -9.90 -39.58 -28.83
CA PHE M 360 -8.51 -39.69 -29.28
C PHE M 360 -8.22 -41.17 -29.42
N ASN M 361 -8.81 -41.77 -30.44
CA ASN M 361 -8.85 -43.21 -30.65
C ASN M 361 -8.84 -43.46 -32.16
N SER M 362 -7.83 -42.96 -32.88
CA SER M 362 -7.89 -43.12 -34.33
C SER M 362 -6.51 -43.02 -34.96
N THR M 363 -6.38 -43.60 -36.15
CA THR M 363 -5.19 -43.49 -36.98
C THR M 363 -5.58 -42.93 -38.34
N TRP M 364 -4.92 -41.84 -38.72
CA TRP M 364 -5.17 -41.09 -39.95
C TRP M 364 -4.05 -41.36 -40.95
N ILE M 365 -4.40 -42.03 -42.05
CA ILE M 365 -3.49 -42.45 -43.10
C ILE M 365 -3.89 -41.72 -44.37
N SER M 366 -2.93 -41.05 -45.00
CA SER M 366 -3.16 -40.27 -46.22
C SER M 366 -3.91 -41.06 -47.30
N ASP M 380 -25.42 -41.93 -33.02
CA ASP M 380 -25.13 -40.62 -33.58
C ASP M 380 -24.17 -39.82 -32.71
N SER M 381 -24.27 -39.99 -31.39
CA SER M 381 -23.47 -39.24 -30.43
C SER M 381 -22.48 -40.14 -29.70
N LEU M 382 -21.35 -39.56 -29.31
CA LEU M 382 -20.32 -40.19 -28.51
C LEU M 382 -20.54 -39.77 -27.07
N ILE M 383 -20.65 -40.75 -26.17
CA ILE M 383 -20.95 -40.53 -24.76
C ILE M 383 -19.67 -40.77 -23.97
N LEU M 384 -19.23 -39.73 -23.25
CA LEU M 384 -18.03 -39.77 -22.43
C LEU M 384 -18.41 -39.93 -20.97
N PRO M 385 -18.01 -41.01 -20.29
CA PRO M 385 -18.27 -41.11 -18.85
C PRO M 385 -17.52 -40.03 -18.09
N CYS M 386 -18.15 -39.49 -17.05
CA CYS M 386 -17.53 -38.48 -16.21
C CYS M 386 -17.71 -38.82 -14.74
N TRP M 387 -16.70 -38.50 -13.93
CA TRP M 387 -16.75 -38.67 -12.48
C TRP M 387 -16.86 -37.30 -11.81
N ILE M 388 -17.48 -37.28 -10.64
CA ILE M 388 -17.65 -36.08 -9.83
C ILE M 388 -16.82 -36.21 -8.56
N LYS M 389 -16.07 -35.16 -8.22
CA LYS M 389 -15.29 -35.09 -7.00
C LYS M 389 -15.68 -33.83 -6.22
N GLN M 390 -15.70 -33.96 -4.89
CA GLN M 390 -15.97 -32.82 -4.02
C GLN M 390 -14.71 -32.20 -3.42
N ILE M 391 -13.63 -32.98 -3.27
CA ILE M 391 -12.37 -32.50 -2.70
C ILE M 391 -11.38 -32.37 -3.85
N ILE M 392 -10.93 -31.14 -4.10
CA ILE M 392 -10.07 -30.83 -5.23
C ILE M 392 -8.83 -30.07 -4.77
N ASN M 393 -7.80 -30.10 -5.63
CA ASN M 393 -6.51 -29.43 -5.41
C ASN M 393 -6.24 -28.65 -6.69
N MET M 394 -6.64 -27.38 -6.71
CA MET M 394 -6.55 -26.56 -7.89
C MET M 394 -5.18 -25.91 -8.06
N TRP M 395 -4.90 -25.51 -9.31
CA TRP M 395 -3.70 -24.78 -9.72
C TRP M 395 -2.43 -25.60 -9.52
N GLN M 396 -2.56 -26.92 -9.44
CA GLN M 396 -1.44 -27.83 -9.19
C GLN M 396 -0.71 -27.51 -7.89
N ARG M 397 -1.42 -26.97 -6.91
CA ARG M 397 -0.80 -26.70 -5.62
C ARG M 397 -1.02 -27.89 -4.70
N ILE M 398 -0.02 -28.15 -3.86
CA ILE M 398 -0.09 -29.19 -2.84
C ILE M 398 -0.11 -28.47 -1.51
N GLY M 399 -1.08 -28.80 -0.68
CA GLY M 399 -1.22 -28.20 0.64
C GLY M 399 -2.42 -27.28 0.82
N GLN M 400 -3.17 -26.98 -0.25
CA GLN M 400 -4.34 -26.10 -0.16
C GLN M 400 -5.55 -26.76 -0.83
N ALA M 401 -6.13 -27.74 -0.16
CA ALA M 401 -7.26 -28.50 -0.70
C ALA M 401 -8.57 -27.78 -0.39
N MET M 402 -9.55 -27.96 -1.27
CA MET M 402 -10.87 -27.34 -1.13
C MET M 402 -11.99 -28.36 -1.30
N TYR M 403 -13.05 -28.17 -0.53
CA TYR M 403 -14.27 -28.99 -0.58
C TYR M 403 -15.37 -28.19 -1.26
N ALA M 404 -15.93 -28.76 -2.34
CA ALA M 404 -16.99 -28.10 -3.08
C ALA M 404 -18.34 -28.58 -2.59
N PRO M 405 -19.19 -27.73 -2.01
CA PRO M 405 -20.50 -28.21 -1.55
C PRO M 405 -21.30 -28.83 -2.67
N PRO M 406 -22.17 -29.79 -2.38
CA PRO M 406 -22.99 -30.37 -3.45
C PRO M 406 -24.03 -29.38 -3.96
N ILE M 407 -24.41 -29.59 -5.21
CA ILE M 407 -25.42 -28.77 -5.90
C ILE M 407 -26.76 -29.50 -5.91
N GLN M 408 -27.80 -28.79 -5.46
CA GLN M 408 -29.15 -29.33 -5.41
C GLN M 408 -29.73 -29.45 -6.81
N GLY M 409 -30.43 -30.56 -7.06
CA GLY M 409 -31.09 -30.78 -8.33
C GLY M 409 -30.32 -31.60 -9.33
N VAL M 410 -30.61 -31.36 -10.60
CA VAL M 410 -30.07 -32.09 -11.75
C VAL M 410 -29.29 -31.08 -12.55
N ILE M 411 -28.08 -31.43 -12.98
CA ILE M 411 -27.20 -30.49 -13.68
C ILE M 411 -27.15 -30.81 -15.17
N ARG M 412 -27.31 -29.79 -15.99
CA ARG M 412 -27.10 -29.88 -17.42
C ARG M 412 -26.43 -28.58 -17.87
N CYS M 413 -25.45 -28.70 -18.75
CA CYS M 413 -24.82 -27.54 -19.35
C CYS M 413 -24.38 -27.89 -20.75
N VAL M 414 -24.29 -26.88 -21.62
CA VAL M 414 -23.80 -27.02 -22.98
C VAL M 414 -22.64 -26.06 -23.14
N SER M 415 -21.47 -26.58 -23.52
CA SER M 415 -20.29 -25.76 -23.70
C SER M 415 -19.81 -25.86 -25.14
N ASN M 416 -19.03 -24.86 -25.55
CA ASN M 416 -18.43 -24.82 -26.88
C ASN M 416 -16.97 -25.22 -26.77
N ILE M 417 -16.59 -26.28 -27.47
CA ILE M 417 -15.19 -26.67 -27.55
C ILE M 417 -14.59 -25.82 -28.66
N THR M 418 -13.62 -24.97 -28.30
CA THR M 418 -13.01 -24.01 -29.21
C THR M 418 -11.54 -24.32 -29.49
N GLY M 419 -10.91 -25.18 -28.70
CA GLY M 419 -9.53 -25.52 -28.96
C GLY M 419 -9.11 -26.73 -28.16
N LEU M 420 -7.97 -27.28 -28.56
CA LEU M 420 -7.38 -28.47 -27.96
C LEU M 420 -5.95 -28.21 -27.53
N ILE M 421 -5.51 -28.95 -26.53
CA ILE M 421 -4.10 -29.04 -26.15
C ILE M 421 -3.66 -30.44 -26.49
N LEU M 422 -2.57 -30.55 -27.24
CA LEU M 422 -2.00 -31.83 -27.63
C LEU M 422 -0.53 -31.88 -27.25
N THR M 423 -0.04 -33.09 -26.98
CA THR M 423 1.37 -33.36 -26.81
C THR M 423 1.72 -34.42 -27.82
N ARG M 424 3.01 -34.54 -28.13
CA ARG M 424 3.49 -35.53 -29.08
C ARG M 424 4.40 -36.52 -28.38
N ASP M 425 4.28 -37.79 -28.79
CA ASP M 425 5.09 -38.85 -28.22
C ASP M 425 6.56 -38.67 -28.57
N SER M 431 10.42 -42.29 -36.62
CA SER M 431 9.70 -43.33 -37.35
C SER M 431 8.78 -42.70 -38.40
N THR M 432 7.73 -43.42 -38.80
CA THR M 432 6.79 -42.96 -39.82
C THR M 432 5.44 -42.56 -39.25
N THR M 433 5.19 -42.79 -37.96
CA THR M 433 3.91 -42.48 -37.33
C THR M 433 4.15 -41.61 -36.12
N GLU M 434 3.38 -40.53 -36.02
CA GLU M 434 3.39 -39.63 -34.88
C GLU M 434 2.16 -39.92 -34.03
N THR M 435 2.32 -39.87 -32.71
CA THR M 435 1.23 -40.11 -31.78
C THR M 435 1.01 -38.87 -30.93
N PHE M 436 -0.25 -38.43 -30.88
CA PHE M 436 -0.66 -37.25 -30.12
C PHE M 436 -1.61 -37.66 -28.99
N ARG M 437 -1.48 -36.98 -27.85
CA ARG M 437 -2.30 -37.24 -26.67
C ARG M 437 -2.84 -35.93 -26.11
N PRO M 438 -3.98 -35.97 -25.39
CA PRO M 438 -4.54 -34.73 -24.81
C PRO M 438 -3.62 -33.86 -23.96
N GLY M 439 -2.63 -34.41 -23.26
CA GLY M 439 -1.75 -33.55 -22.47
C GLY M 439 -2.52 -32.69 -21.47
N GLY M 440 -2.17 -31.39 -21.44
CA GLY M 440 -2.86 -30.45 -20.57
C GLY M 440 -2.35 -30.45 -19.14
N GLY M 441 -3.06 -29.66 -18.32
CA GLY M 441 -2.78 -29.52 -16.90
C GLY M 441 -2.11 -28.23 -16.46
N ASP M 442 -1.41 -27.51 -17.35
CA ASP M 442 -0.78 -26.24 -16.97
C ASP M 442 -1.72 -25.14 -17.43
N MET M 443 -2.37 -24.48 -16.47
CA MET M 443 -3.42 -23.51 -16.78
C MET M 443 -2.93 -22.32 -17.59
N ARG M 444 -1.65 -21.97 -17.55
CA ARG M 444 -1.24 -20.79 -18.32
C ARG M 444 -1.38 -21.03 -19.81
N ASP M 445 -1.44 -22.29 -20.24
CA ASP M 445 -1.58 -22.54 -21.66
C ASP M 445 -2.98 -22.18 -22.10
N ASN M 446 -3.96 -22.27 -21.20
CA ASN M 446 -5.31 -21.97 -21.61
C ASN M 446 -5.42 -20.47 -21.82
N TRP M 447 -4.73 -19.73 -20.98
CA TRP M 447 -4.79 -18.29 -21.05
C TRP M 447 -3.93 -17.81 -22.21
N ARG M 448 -2.90 -18.57 -22.58
CA ARG M 448 -2.16 -18.16 -23.78
C ARG M 448 -3.08 -18.18 -24.98
N SER M 449 -4.04 -19.12 -25.02
CA SER M 449 -4.91 -19.24 -26.17
C SER M 449 -5.75 -18.00 -26.38
N GLU M 450 -5.87 -17.15 -25.36
CA GLU M 450 -6.61 -15.90 -25.47
C GLU M 450 -5.71 -14.69 -25.54
N LEU M 451 -4.56 -14.71 -24.86
CA LEU M 451 -3.66 -13.57 -24.80
C LEU M 451 -2.61 -13.56 -25.91
N TYR M 452 -2.56 -14.58 -26.77
CA TYR M 452 -1.55 -14.64 -27.82
C TYR M 452 -1.53 -13.43 -28.75
N LYS M 453 -2.64 -12.71 -28.90
CA LYS M 453 -2.68 -11.58 -29.83
C LYS M 453 -2.35 -10.23 -29.21
N TYR M 454 -2.06 -10.16 -27.91
CA TYR M 454 -1.79 -8.89 -27.25
C TYR M 454 -0.34 -8.78 -26.79
N LYS M 455 0.22 -7.59 -26.94
CA LYS M 455 1.56 -7.25 -26.49
C LYS M 455 1.49 -5.94 -25.73
N VAL M 456 2.25 -5.80 -24.65
CA VAL M 456 2.31 -4.56 -23.88
C VAL M 456 3.60 -3.84 -24.22
N VAL M 457 3.49 -2.55 -24.57
CA VAL M 457 4.68 -1.75 -24.87
C VAL M 457 4.66 -0.47 -24.05
N LYS M 458 5.87 0.06 -23.80
CA LYS M 458 6.10 1.32 -23.10
C LYS M 458 6.36 2.42 -24.11
N ILE M 459 5.77 3.59 -23.87
CA ILE M 459 5.90 4.74 -24.74
C ILE M 459 7.11 5.55 -24.32
N GLU M 460 7.95 5.92 -25.30
CA GLU M 460 9.19 6.66 -25.07
C GLU M 460 9.05 8.00 -25.78
N PRO M 461 8.45 9.01 -25.12
CA PRO M 461 8.08 10.24 -25.83
C PRO M 461 9.22 11.13 -26.28
N LEU M 462 10.45 10.95 -25.78
CA LEU M 462 11.57 11.79 -26.20
C LEU M 462 12.32 11.22 -27.39
N GLY M 463 12.81 12.13 -28.22
CA GLY M 463 13.69 11.77 -29.32
C GLY M 463 14.32 13.01 -29.88
N VAL M 464 15.33 12.81 -30.72
CA VAL M 464 16.06 13.90 -31.34
C VAL M 464 16.17 13.63 -32.83
N ALA M 465 16.37 14.70 -33.60
CA ALA M 465 16.58 14.56 -35.03
C ALA M 465 17.24 15.82 -35.56
N PRO M 466 18.03 15.74 -36.63
CA PRO M 466 18.61 16.97 -37.18
C PRO M 466 17.58 17.80 -37.95
N THR M 467 17.66 19.12 -37.78
CA THR M 467 16.90 20.05 -38.60
C THR M 467 17.77 21.27 -38.84
N ARG M 468 17.38 22.10 -39.80
CA ARG M 468 18.07 23.37 -40.01
C ARG M 468 17.47 24.42 -39.09
N CYS M 469 17.70 24.25 -37.78
CA CYS M 469 17.08 25.13 -36.80
C CYS M 469 18.07 25.35 -35.67
N LYS M 470 18.61 26.56 -35.59
CA LYS M 470 19.60 26.93 -34.59
C LYS M 470 18.95 27.80 -33.53
N ARG M 471 19.18 27.47 -32.26
CA ARG M 471 18.67 28.33 -31.20
C ARG M 471 19.41 29.66 -31.27
N ARG M 472 18.67 30.76 -31.23
CA ARG M 472 19.30 32.08 -31.29
C ARG M 472 19.89 32.44 -29.93
N VAL N 2 -46.52 -61.01 -26.45
CA VAL N 2 -45.65 -62.14 -26.77
C VAL N 2 -46.21 -63.39 -26.12
N GLN N 3 -46.24 -64.50 -26.86
CA GLN N 3 -46.65 -65.79 -26.33
C GLN N 3 -45.58 -66.83 -26.63
N LEU N 4 -45.44 -67.80 -25.72
CA LEU N 4 -44.49 -68.89 -25.89
C LEU N 4 -45.23 -70.21 -25.90
N GLN N 5 -44.80 -71.14 -26.76
CA GLN N 5 -45.40 -72.46 -26.89
C GLN N 5 -44.27 -73.49 -26.92
N GLU N 6 -44.57 -74.72 -26.45
CA GLU N 6 -43.56 -75.77 -26.40
C GLU N 6 -44.14 -77.07 -26.91
N SER N 7 -43.26 -77.93 -27.44
CA SER N 7 -43.63 -79.26 -27.88
C SER N 7 -42.45 -80.22 -27.76
N GLY N 8 -42.76 -81.53 -27.78
CA GLY N 8 -41.73 -82.54 -27.74
C GLY N 8 -42.21 -83.99 -27.68
N PRO N 9 -41.26 -84.92 -27.55
CA PRO N 9 -41.58 -86.36 -27.55
C PRO N 9 -42.55 -86.83 -26.49
N GLY N 10 -42.72 -86.12 -25.38
CA GLY N 10 -43.59 -86.66 -24.35
C GLY N 10 -42.93 -87.85 -23.67
N LEU N 11 -43.48 -89.05 -23.85
CA LEU N 11 -42.92 -90.24 -23.22
C LEU N 11 -41.67 -90.73 -23.96
N VAL N 12 -40.60 -90.93 -23.20
CA VAL N 12 -39.34 -91.50 -23.66
C VAL N 12 -39.02 -92.65 -22.71
N LYS N 13 -38.07 -93.49 -23.10
CA LYS N 13 -37.62 -94.58 -22.25
C LYS N 13 -36.32 -94.22 -21.53
N PRO N 14 -35.97 -94.92 -20.44
CA PRO N 14 -34.70 -94.64 -19.76
C PRO N 14 -33.51 -94.73 -20.70
N SER N 15 -32.57 -93.80 -20.52
CA SER N 15 -31.33 -93.63 -21.25
C SER N 15 -31.55 -93.06 -22.66
N GLU N 16 -32.78 -92.73 -23.03
CA GLU N 16 -33.01 -92.08 -24.31
C GLU N 16 -32.79 -90.58 -24.15
N THR N 17 -32.55 -89.91 -25.27
CA THR N 17 -32.36 -88.46 -25.28
C THR N 17 -33.67 -87.76 -25.61
N LEU N 18 -34.02 -86.77 -24.77
CA LEU N 18 -35.22 -85.96 -24.90
C LEU N 18 -34.89 -84.66 -25.64
N SER N 19 -35.75 -84.26 -26.56
CA SER N 19 -35.56 -83.01 -27.30
C SER N 19 -36.84 -82.20 -27.30
N LEU N 20 -36.80 -81.04 -26.64
CA LEU N 20 -37.96 -80.17 -26.53
C LEU N 20 -37.71 -78.91 -27.34
N THR N 21 -38.75 -78.40 -28.00
CA THR N 21 -38.65 -77.19 -28.81
C THR N 21 -39.62 -76.13 -28.32
N CYS N 22 -39.11 -74.91 -28.15
CA CYS N 22 -39.87 -73.73 -27.78
C CYS N 22 -40.00 -72.82 -29.00
N ILE N 23 -41.22 -72.35 -29.26
CA ILE N 23 -41.52 -71.46 -30.38
C ILE N 23 -42.15 -70.22 -29.76
N VAL N 24 -42.13 -69.13 -30.52
CA VAL N 24 -42.63 -67.85 -30.04
C VAL N 24 -43.68 -67.29 -31.00
N SER N 25 -44.50 -66.40 -30.47
CA SER N 25 -45.50 -65.67 -31.23
C SER N 25 -45.40 -64.20 -30.87
N GLY N 26 -45.21 -63.35 -31.88
CA GLY N 26 -45.11 -61.92 -31.68
C GLY N 26 -43.79 -61.37 -31.17
N ASP N 27 -42.67 -62.06 -31.43
CA ASP N 27 -41.38 -61.60 -30.92
C ASP N 27 -40.27 -61.98 -31.89
N SER N 28 -39.05 -61.59 -31.53
CA SER N 28 -37.85 -61.90 -32.29
C SER N 28 -36.78 -62.26 -31.27
N ILE N 29 -36.23 -63.47 -31.39
CA ILE N 29 -35.30 -63.96 -30.36
C ILE N 29 -33.98 -63.20 -30.37
N SER N 30 -33.63 -62.56 -31.49
CA SER N 30 -32.36 -61.83 -31.60
C SER N 30 -32.26 -60.63 -30.67
N SER N 31 -33.34 -60.25 -29.98
CA SER N 31 -33.28 -59.10 -29.08
C SER N 31 -32.36 -59.41 -27.91
N SER N 32 -31.97 -58.35 -27.19
CA SER N 32 -31.05 -58.46 -26.06
C SER N 32 -31.78 -58.96 -24.82
N GLU N 33 -32.21 -60.22 -24.89
CA GLU N 33 -33.00 -60.87 -23.85
C GLU N 33 -32.42 -62.26 -23.65
N TRP N 34 -32.58 -62.81 -22.44
CA TRP N 34 -32.16 -64.18 -22.17
C TRP N 34 -33.37 -65.11 -22.24
N TRP N 35 -33.15 -66.28 -22.84
CA TRP N 35 -34.16 -67.32 -22.97
C TRP N 35 -33.70 -68.50 -22.12
N SER N 36 -34.62 -69.12 -21.39
CA SER N 36 -34.22 -70.18 -20.45
C SER N 36 -35.21 -71.33 -20.43
N TRP N 37 -34.71 -72.47 -19.95
CA TRP N 37 -35.46 -73.69 -19.73
C TRP N 37 -35.46 -73.96 -18.23
N ILE N 38 -36.64 -74.31 -17.72
CA ILE N 38 -36.89 -74.60 -16.31
C ILE N 38 -37.63 -75.93 -16.16
N ARG N 39 -37.20 -76.75 -15.19
CA ARG N 39 -37.81 -78.06 -14.91
C ARG N 39 -38.59 -78.01 -13.60
N GLN N 40 -39.81 -78.55 -13.61
CA GLN N 40 -40.65 -78.66 -12.41
C GLN N 40 -41.32 -80.03 -12.25
N PRO N 41 -40.72 -80.96 -11.50
CA PRO N 41 -41.40 -82.23 -11.28
C PRO N 41 -42.58 -81.99 -10.35
N PRO N 42 -43.61 -82.86 -10.37
CA PRO N 42 -44.80 -82.62 -9.53
C PRO N 42 -44.55 -82.31 -8.06
N GLY N 43 -43.52 -82.86 -7.43
CA GLY N 43 -43.28 -82.61 -6.02
C GLY N 43 -42.28 -81.52 -5.65
N LYS N 44 -41.74 -80.79 -6.63
CA LYS N 44 -40.71 -79.78 -6.40
C LYS N 44 -41.16 -78.44 -6.98
N GLY N 45 -40.31 -77.45 -6.79
CA GLY N 45 -40.54 -76.12 -7.30
C GLY N 45 -39.96 -75.99 -8.70
N LEU N 46 -39.71 -74.75 -9.10
CA LEU N 46 -39.27 -74.40 -10.45
C LEU N 46 -37.75 -74.37 -10.52
N GLU N 47 -37.15 -75.48 -10.97
CA GLU N 47 -35.69 -75.65 -10.99
C GLU N 47 -35.18 -75.38 -12.40
N TRP N 48 -34.36 -74.35 -12.51
CA TRP N 48 -33.82 -73.90 -13.80
C TRP N 48 -32.94 -74.97 -14.42
N ILE N 49 -33.09 -75.12 -15.73
CA ILE N 49 -32.32 -76.09 -16.51
C ILE N 49 -31.09 -75.43 -17.09
N GLY N 50 -31.31 -74.27 -17.69
CA GLY N 50 -30.22 -73.57 -18.33
C GLY N 50 -30.77 -72.43 -19.17
N ASN N 51 -29.86 -71.66 -19.77
CA ASN N 51 -30.32 -70.59 -20.62
C ASN N 51 -29.30 -70.27 -21.72
N ILE N 52 -29.78 -69.45 -22.67
CA ILE N 52 -29.02 -68.96 -23.81
C ILE N 52 -29.36 -67.49 -24.04
N GLY N 53 -28.34 -66.69 -24.34
CA GLY N 53 -28.60 -65.31 -24.68
C GLY N 53 -29.22 -65.24 -26.06
N GLY N 54 -30.33 -64.52 -26.19
CA GLY N 54 -31.01 -64.44 -27.48
C GLY N 54 -30.20 -63.76 -28.57
N SER N 55 -29.41 -62.74 -28.21
CA SER N 55 -28.65 -61.96 -29.18
C SER N 55 -27.23 -62.43 -29.43
N SER N 56 -26.60 -63.15 -28.49
CA SER N 56 -25.18 -63.50 -28.60
C SER N 56 -24.88 -64.99 -28.63
N GLY N 57 -25.79 -65.85 -28.17
CA GLY N 57 -25.53 -67.27 -28.09
C GLY N 57 -24.78 -67.73 -26.86
N SER N 58 -24.49 -66.85 -25.92
CA SER N 58 -23.82 -67.27 -24.71
C SER N 58 -24.80 -68.12 -23.93
N THR N 59 -24.31 -69.17 -23.26
CA THR N 59 -25.20 -70.01 -22.46
C THR N 59 -24.61 -70.22 -21.07
N TYR N 60 -25.53 -70.56 -20.16
CA TYR N 60 -25.25 -70.98 -18.79
C TYR N 60 -26.05 -72.26 -18.54
N TYR N 61 -25.53 -73.14 -17.68
CA TYR N 61 -26.21 -74.38 -17.32
C TYR N 61 -26.19 -74.63 -15.83
N ASN N 62 -27.15 -75.45 -15.37
CA ASN N 62 -27.22 -75.92 -13.99
C ASN N 62 -26.11 -76.93 -13.74
N ALA N 63 -25.20 -76.58 -12.83
CA ALA N 63 -23.98 -77.35 -12.62
C ALA N 63 -24.23 -78.81 -12.31
N SER N 64 -25.33 -79.14 -11.64
CA SER N 64 -25.59 -80.54 -11.34
C SER N 64 -26.10 -81.30 -12.57
N LEU N 65 -26.54 -80.58 -13.60
CA LEU N 65 -27.09 -81.12 -14.83
C LEU N 65 -26.19 -80.91 -16.03
N LYS N 66 -25.41 -79.81 -16.02
CA LYS N 66 -24.62 -79.28 -17.14
C LYS N 66 -23.98 -80.29 -18.09
N SER N 67 -23.35 -81.34 -17.54
CA SER N 67 -22.61 -82.26 -18.41
C SER N 67 -23.48 -83.05 -19.38
N ARG N 68 -24.79 -83.20 -19.12
CA ARG N 68 -25.68 -83.97 -19.99
C ARG N 68 -26.77 -83.13 -20.67
N VAL N 69 -26.69 -81.80 -20.61
CA VAL N 69 -27.71 -80.92 -21.19
C VAL N 69 -27.06 -79.97 -22.19
N THR N 70 -27.71 -79.81 -23.35
CA THR N 70 -27.30 -78.86 -24.38
C THR N 70 -28.50 -77.96 -24.68
N ILE N 71 -28.28 -76.65 -24.70
CA ILE N 71 -29.31 -75.67 -25.06
C ILE N 71 -28.82 -74.90 -26.27
N SER N 72 -29.69 -74.75 -27.27
CA SER N 72 -29.32 -74.03 -28.48
C SER N 72 -30.51 -73.25 -29.01
N LYS N 73 -30.22 -72.33 -29.94
CA LYS N 73 -31.26 -71.51 -30.55
C LYS N 73 -31.05 -71.45 -32.05
N ASP N 74 -32.15 -71.35 -32.76
CA ASP N 74 -32.21 -71.18 -34.20
C ASP N 74 -32.75 -69.79 -34.47
N THR N 75 -31.90 -68.87 -34.96
CA THR N 75 -32.36 -67.52 -35.24
C THR N 75 -33.43 -67.62 -36.30
N SER N 76 -33.19 -68.46 -37.29
CA SER N 76 -34.17 -68.74 -38.32
C SER N 76 -35.31 -69.45 -37.63
N LYS N 77 -36.54 -69.05 -37.94
CA LYS N 77 -37.79 -69.54 -37.38
C LYS N 77 -38.01 -69.15 -35.92
N ASN N 78 -37.12 -68.34 -35.32
CA ASN N 78 -37.28 -67.84 -33.94
C ASN N 78 -37.54 -68.98 -32.97
N GLN N 79 -36.68 -70.00 -32.98
CA GLN N 79 -36.89 -71.19 -32.16
C GLN N 79 -35.73 -71.54 -31.23
N PHE N 80 -36.06 -72.24 -30.15
CA PHE N 80 -35.08 -72.75 -29.18
C PHE N 80 -35.29 -74.23 -29.00
N SER N 81 -34.21 -74.92 -28.62
CA SER N 81 -34.33 -76.32 -28.28
C SER N 81 -33.44 -76.69 -27.11
N LEU N 82 -33.92 -77.67 -26.35
CA LEU N 82 -33.26 -78.25 -25.20
C LEU N 82 -33.04 -79.72 -25.54
N GLU N 83 -31.78 -80.15 -25.51
CA GLU N 83 -31.40 -81.53 -25.77
C GLU N 83 -30.89 -82.08 -24.45
N LEU N 84 -31.59 -83.08 -23.90
CA LEU N 84 -31.20 -83.71 -22.65
C LEU N 84 -30.86 -85.17 -22.85
N LYS N 85 -29.61 -85.53 -22.59
CA LYS N 85 -29.13 -86.90 -22.79
C LYS N 85 -29.29 -87.73 -21.51
N SER N 86 -29.32 -89.05 -21.70
CA SER N 86 -29.41 -90.03 -20.60
C SER N 86 -30.56 -89.72 -19.64
N VAL N 87 -31.75 -89.55 -20.22
CA VAL N 87 -32.93 -89.18 -19.45
C VAL N 87 -33.27 -90.32 -18.48
N THR N 88 -33.56 -89.96 -17.23
CA THR N 88 -33.83 -90.92 -16.16
C THR N 88 -35.15 -90.55 -15.47
N ALA N 89 -35.49 -91.33 -14.44
CA ALA N 89 -36.74 -91.13 -13.71
C ALA N 89 -36.85 -89.74 -13.12
N ALA N 90 -35.72 -89.14 -12.75
CA ALA N 90 -35.73 -87.79 -12.17
C ALA N 90 -36.22 -86.72 -13.14
N ASP N 91 -36.28 -87.02 -14.44
CA ASP N 91 -36.67 -86.06 -15.46
C ASP N 91 -38.16 -86.11 -15.79
N THR N 92 -38.95 -86.90 -15.06
CA THR N 92 -40.39 -86.96 -15.30
C THR N 92 -41.00 -85.71 -14.67
N ALA N 93 -40.90 -84.62 -15.43
CA ALA N 93 -41.19 -83.29 -14.92
C ALA N 93 -41.78 -82.43 -16.02
N VAL N 94 -42.42 -81.34 -15.61
CA VAL N 94 -42.93 -80.37 -16.58
C VAL N 94 -41.78 -79.46 -16.98
N TYR N 95 -41.59 -79.31 -18.28
CA TYR N 95 -40.55 -78.45 -18.82
C TYR N 95 -41.18 -77.17 -19.34
N TYR N 96 -40.52 -76.04 -19.04
CA TYR N 96 -40.99 -74.74 -19.45
C TYR N 96 -39.88 -74.00 -20.18
N CYS N 97 -40.27 -73.18 -21.15
CA CYS N 97 -39.39 -72.18 -21.72
C CYS N 97 -39.87 -70.84 -21.18
N ALA N 98 -38.95 -69.90 -21.03
CA ALA N 98 -39.28 -68.57 -20.51
C ALA N 98 -38.29 -67.56 -21.03
N ARG N 99 -38.66 -66.29 -20.96
CA ARG N 99 -37.77 -65.20 -21.35
C ARG N 99 -37.66 -64.15 -20.26
N SER N 100 -36.48 -63.56 -20.18
CA SER N 100 -36.18 -62.44 -19.32
C SER N 100 -36.37 -61.17 -20.12
N SER N 101 -36.34 -60.03 -19.43
CA SER N 101 -36.35 -58.76 -20.14
C SER N 101 -35.48 -57.78 -19.39
N ILE N 102 -35.07 -56.74 -20.09
CA ILE N 102 -34.24 -55.68 -19.55
C ILE N 102 -35.00 -54.37 -19.64
N THR N 103 -35.13 -53.66 -18.52
CA THR N 103 -35.76 -52.36 -18.54
C THR N 103 -34.64 -51.33 -18.59
N ILE N 104 -34.97 -50.13 -19.02
CA ILE N 104 -33.99 -49.05 -19.13
C ILE N 104 -34.49 -47.84 -18.36
N PHE N 105 -33.62 -47.30 -17.50
CA PHE N 105 -33.91 -46.10 -16.73
C PHE N 105 -32.97 -44.95 -17.08
N GLY N 106 -31.81 -45.24 -17.65
CA GLY N 106 -30.83 -44.24 -18.02
C GLY N 106 -30.13 -44.54 -19.34
N VAL N 107 -28.83 -44.30 -19.39
CA VAL N 107 -28.03 -44.49 -20.61
C VAL N 107 -27.65 -45.96 -20.74
N VAL N 108 -27.99 -46.56 -21.88
CA VAL N 108 -27.75 -47.99 -22.09
C VAL N 108 -26.26 -48.33 -22.11
N VAL N 109 -25.44 -47.50 -22.77
CA VAL N 109 -24.02 -47.80 -22.88
C VAL N 109 -23.26 -47.68 -21.57
N LEU N 110 -23.87 -47.10 -20.54
CA LEU N 110 -23.24 -46.96 -19.24
C LEU N 110 -23.74 -48.02 -18.26
N GLY N 111 -24.56 -48.96 -18.74
CA GLY N 111 -25.08 -50.05 -17.93
C GLY N 111 -26.23 -49.65 -17.04
N GLU N 112 -26.93 -48.57 -17.38
CA GLU N 112 -28.03 -48.07 -16.55
C GLU N 112 -29.32 -48.78 -16.94
N VAL N 113 -29.33 -50.09 -16.66
CA VAL N 113 -30.43 -50.98 -16.99
C VAL N 113 -30.77 -51.81 -15.76
N GLU N 114 -31.95 -52.44 -15.80
CA GLU N 114 -32.35 -53.36 -14.72
C GLU N 114 -32.88 -54.67 -15.30
N ASP N 115 -32.62 -55.75 -14.58
CA ASP N 115 -33.07 -57.09 -14.97
C ASP N 115 -34.49 -57.37 -14.50
N LYS N 116 -35.24 -58.09 -15.34
CA LYS N 116 -36.58 -58.59 -15.01
C LYS N 116 -36.54 -60.05 -15.46
N PRO N 117 -35.95 -60.94 -14.63
CA PRO N 117 -35.53 -62.29 -15.09
C PRO N 117 -36.52 -63.18 -15.82
N LEU N 118 -37.82 -63.19 -15.52
CA LEU N 118 -38.74 -64.12 -16.20
C LEU N 118 -40.11 -63.48 -16.46
N ASP N 119 -40.17 -62.67 -17.52
CA ASP N 119 -41.34 -61.86 -17.82
C ASP N 119 -42.48 -62.67 -18.40
N VAL N 120 -42.20 -63.54 -19.38
CA VAL N 120 -43.21 -64.32 -20.06
C VAL N 120 -42.85 -65.79 -19.96
N TRP N 121 -43.83 -66.59 -19.54
CA TRP N 121 -43.72 -68.03 -19.43
C TRP N 121 -44.57 -68.67 -20.50
N GLY N 122 -44.12 -69.83 -20.99
CA GLY N 122 -44.92 -70.62 -21.87
C GLY N 122 -45.83 -71.50 -21.06
N ARG N 123 -46.58 -72.35 -21.74
CA ARG N 123 -47.47 -73.24 -21.01
C ARG N 123 -46.74 -74.49 -20.55
N GLY N 124 -45.68 -74.87 -21.24
CA GLY N 124 -44.88 -76.02 -20.89
C GLY N 124 -45.45 -77.31 -21.43
N VAL N 125 -44.64 -78.37 -21.32
CA VAL N 125 -45.04 -79.70 -21.72
C VAL N 125 -44.69 -80.64 -20.59
N LEU N 126 -45.49 -81.68 -20.41
CA LEU N 126 -45.21 -82.72 -19.43
C LEU N 126 -44.58 -83.88 -20.19
N VAL N 127 -43.44 -84.36 -19.69
CA VAL N 127 -42.77 -85.51 -20.29
C VAL N 127 -42.74 -86.61 -19.23
N THR N 128 -42.61 -87.84 -19.71
CA THR N 128 -42.54 -89.01 -18.88
C THR N 128 -41.34 -89.84 -19.34
N VAL N 129 -40.97 -90.82 -18.52
CA VAL N 129 -39.78 -91.63 -18.76
C VAL N 129 -40.12 -93.10 -18.53
N LEU O 4 -30.58 -70.48 -0.80
CA LEU O 4 -31.86 -70.03 -0.28
C LEU O 4 -32.68 -70.98 0.58
N THR O 5 -33.21 -70.41 1.66
CA THR O 5 -34.12 -71.07 2.58
C THR O 5 -35.32 -70.15 2.73
N GLN O 6 -36.49 -70.73 2.89
CA GLN O 6 -37.70 -69.95 3.10
C GLN O 6 -38.67 -70.79 3.93
N GLU O 7 -39.60 -70.12 4.57
CA GLU O 7 -40.59 -70.78 5.42
C GLU O 7 -41.37 -71.83 4.64
N PRO O 8 -41.33 -73.12 5.04
CA PRO O 8 -42.08 -74.15 4.28
C PRO O 8 -43.55 -73.87 4.06
N ALA O 9 -44.24 -73.23 5.01
CA ALA O 9 -45.66 -72.94 4.84
C ALA O 9 -46.05 -71.81 5.77
N LEU O 10 -47.13 -71.12 5.40
CA LEU O 10 -47.71 -70.06 6.21
C LEU O 10 -49.23 -70.18 6.11
N SER O 11 -49.89 -70.10 7.27
CA SER O 11 -51.35 -70.19 7.37
C SER O 11 -51.93 -68.87 7.85
N VAL O 12 -52.82 -68.29 7.04
CA VAL O 12 -53.46 -67.00 7.33
C VAL O 12 -54.96 -67.10 7.16
N ALA O 13 -55.69 -66.36 8.00
CA ALA O 13 -57.13 -66.23 7.87
C ALA O 13 -57.46 -65.38 6.64
N LEU O 14 -58.60 -65.66 6.02
CA LEU O 14 -59.02 -64.88 4.85
C LEU O 14 -59.19 -63.42 5.23
N GLY O 15 -58.59 -62.51 4.46
CA GLY O 15 -58.70 -61.10 4.71
C GLY O 15 -57.57 -60.50 5.53
N HIS O 16 -56.61 -61.32 5.99
CA HIS O 16 -55.50 -60.88 6.80
C HIS O 16 -54.18 -60.85 6.02
N THR O 17 -53.34 -59.90 6.42
CA THR O 17 -52.04 -59.67 5.82
C THR O 17 -51.02 -60.75 6.19
N VAL O 18 -50.17 -61.13 5.21
CA VAL O 18 -49.10 -62.09 5.44
C VAL O 18 -47.76 -61.46 5.07
N SER O 19 -46.70 -62.05 5.62
CA SER O 19 -45.32 -61.68 5.33
C SER O 19 -44.50 -62.96 5.16
N MET O 20 -44.01 -63.20 3.95
CA MET O 20 -43.23 -64.37 3.58
C MET O 20 -41.79 -63.94 3.38
N THR O 21 -40.86 -64.51 4.17
CA THR O 21 -39.47 -64.08 4.15
C THR O 21 -38.52 -65.21 3.73
N CYS O 22 -37.58 -64.88 2.84
CA CYS O 22 -36.52 -65.76 2.37
C CYS O 22 -35.18 -65.19 2.80
N GLN O 23 -34.18 -66.06 2.92
CA GLN O 23 -32.84 -65.66 3.31
C GLN O 23 -31.80 -66.41 2.49
N GLY O 24 -30.70 -65.73 2.19
CA GLY O 24 -29.58 -66.33 1.50
C GLY O 24 -28.41 -65.37 1.45
N ASP O 25 -27.29 -65.87 0.92
CA ASP O 25 -26.05 -65.08 0.89
C ASP O 25 -25.93 -64.20 -0.35
N SER O 26 -26.53 -64.62 -1.47
CA SER O 26 -26.44 -63.87 -2.72
C SER O 26 -27.28 -62.61 -2.71
N LEU O 27 -28.18 -62.46 -1.73
CA LEU O 27 -29.08 -61.32 -1.69
C LEU O 27 -28.40 -60.02 -1.29
N GLU O 28 -27.11 -60.03 -0.94
CA GLU O 28 -26.40 -58.77 -0.73
C GLU O 28 -26.23 -58.00 -2.03
N THR O 29 -26.05 -58.70 -3.15
CA THR O 29 -25.81 -58.06 -4.44
C THR O 29 -26.92 -58.24 -5.46
N TYR O 30 -27.87 -59.15 -5.24
CA TYR O 30 -28.99 -59.36 -6.16
C TYR O 30 -30.33 -59.08 -5.49
N TYR O 31 -31.29 -58.65 -6.30
CA TYR O 31 -32.65 -58.40 -5.82
C TYR O 31 -33.43 -59.71 -5.75
N VAL O 32 -34.39 -59.76 -4.83
CA VAL O 32 -35.30 -60.91 -4.74
C VAL O 32 -36.45 -60.73 -5.71
N ASN O 33 -36.70 -61.74 -6.53
CA ASN O 33 -37.81 -61.75 -7.48
C ASN O 33 -38.83 -62.77 -6.98
N TRP O 34 -40.00 -62.30 -6.58
CA TRP O 34 -41.03 -63.17 -6.04
C TRP O 34 -41.94 -63.67 -7.16
N PHE O 35 -42.18 -64.98 -7.17
CA PHE O 35 -43.05 -65.68 -8.11
C PHE O 35 -44.19 -66.37 -7.38
N GLN O 36 -45.34 -66.48 -8.07
CA GLN O 36 -46.52 -67.16 -7.56
C GLN O 36 -46.96 -68.23 -8.55
N GLN O 37 -47.21 -69.45 -8.04
CA GLN O 37 -47.70 -70.55 -8.87
C GLN O 37 -48.87 -71.24 -8.21
N ARG O 38 -50.08 -71.01 -8.71
CA ARG O 38 -51.22 -71.73 -8.16
C ARG O 38 -51.08 -73.18 -8.65
N PRO O 39 -51.36 -74.18 -7.81
CA PRO O 39 -51.17 -75.57 -8.27
C PRO O 39 -51.91 -75.83 -9.58
N GLY O 40 -51.19 -76.44 -10.52
CA GLY O 40 -51.71 -76.76 -11.83
C GLY O 40 -51.61 -75.64 -12.84
N GLN O 41 -51.18 -74.44 -12.43
CA GLN O 41 -51.07 -73.25 -13.27
C GLN O 41 -49.62 -72.93 -13.61
N VAL O 42 -49.46 -72.14 -14.67
CA VAL O 42 -48.16 -71.61 -15.09
C VAL O 42 -47.72 -70.51 -14.13
N PRO O 43 -46.49 -70.54 -13.62
CA PRO O 43 -46.06 -69.50 -12.67
C PRO O 43 -45.94 -68.13 -13.33
N VAL O 44 -46.11 -67.08 -12.52
CA VAL O 44 -45.96 -65.70 -12.97
C VAL O 44 -45.03 -64.94 -12.02
N LEU O 45 -44.49 -63.83 -12.52
CA LEU O 45 -43.67 -62.92 -11.74
C LEU O 45 -44.55 -61.97 -10.94
N VAL O 46 -44.28 -61.85 -9.64
CA VAL O 46 -45.06 -61.03 -8.72
C VAL O 46 -44.31 -59.75 -8.33
N VAL O 47 -43.06 -59.87 -7.89
CA VAL O 47 -42.23 -58.72 -7.51
C VAL O 47 -40.86 -58.90 -8.14
N TYR O 48 -40.31 -57.83 -8.71
CA TYR O 48 -39.00 -57.92 -9.33
C TYR O 48 -38.18 -56.65 -9.04
N GLY O 49 -36.87 -56.82 -9.12
CA GLY O 49 -35.94 -55.71 -8.98
C GLY O 49 -36.07 -54.98 -7.66
N ASN O 50 -36.06 -53.65 -7.74
CA ASN O 50 -36.19 -52.78 -6.57
C ASN O 50 -37.67 -52.60 -6.20
N ASN O 51 -38.26 -53.69 -5.75
CA ASN O 51 -39.67 -53.70 -5.33
C ASN O 51 -40.61 -53.21 -6.42
N TYR O 52 -40.37 -53.63 -7.66
CA TYR O 52 -41.22 -53.25 -8.78
C TYR O 52 -42.32 -54.29 -8.95
N ARG O 53 -43.50 -53.81 -9.35
CA ARG O 53 -44.67 -54.66 -9.55
C ARG O 53 -45.04 -54.81 -11.03
N PRO O 54 -45.03 -56.02 -11.61
CA PRO O 54 -45.42 -56.17 -13.02
C PRO O 54 -46.88 -55.78 -13.19
N SER O 55 -47.23 -55.29 -14.38
CA SER O 55 -48.62 -54.99 -14.66
C SER O 55 -49.45 -56.27 -14.54
N GLY O 56 -50.66 -56.15 -13.98
CA GLY O 56 -51.52 -57.30 -13.81
C GLY O 56 -51.53 -57.88 -12.42
N ILE O 57 -50.59 -57.49 -11.56
CA ILE O 57 -50.51 -57.99 -10.18
C ILE O 57 -51.21 -57.00 -9.27
N PRO O 58 -52.18 -57.42 -8.45
CA PRO O 58 -52.86 -56.48 -7.55
C PRO O 58 -51.91 -55.80 -6.58
N GLU O 59 -52.29 -54.58 -6.17
CA GLU O 59 -51.51 -53.74 -5.27
C GLU O 59 -51.28 -54.38 -3.90
N ARG O 60 -51.94 -55.49 -3.58
CA ARG O 60 -51.72 -56.20 -2.33
C ARG O 60 -50.28 -56.69 -2.19
N PHE O 61 -49.62 -57.00 -3.31
CA PHE O 61 -48.29 -57.60 -3.30
C PHE O 61 -47.21 -56.53 -3.31
N SER O 62 -46.34 -56.56 -2.29
CA SER O 62 -45.26 -55.58 -2.14
C SER O 62 -44.15 -56.26 -1.36
N GLY O 63 -43.02 -55.59 -1.20
CA GLY O 63 -41.96 -56.27 -0.46
C GLY O 63 -40.77 -55.40 -0.12
N SER O 64 -39.75 -56.05 0.40
CA SER O 64 -38.51 -55.41 0.85
C SER O 64 -37.33 -56.35 0.65
N TRP O 65 -36.17 -55.77 0.29
CA TRP O 65 -34.93 -56.51 0.10
C TRP O 65 -33.85 -56.17 1.13
N SER O 66 -34.24 -55.65 2.29
CA SER O 66 -33.28 -55.25 3.32
C SER O 66 -32.37 -56.41 3.78
N GLY O 67 -31.11 -56.05 4.07
CA GLY O 67 -30.13 -57.03 4.54
C GLY O 67 -29.81 -58.10 3.52
N ASN O 68 -29.87 -59.37 3.96
CA ASN O 68 -29.61 -60.52 3.09
C ASN O 68 -30.84 -61.42 3.02
N THR O 69 -32.01 -60.82 3.20
CA THR O 69 -33.31 -61.47 3.17
C THR O 69 -34.18 -60.71 2.18
N GLY O 70 -35.32 -61.31 1.89
CA GLY O 70 -36.34 -60.64 1.10
C GLY O 70 -37.68 -61.01 1.67
N THR O 71 -38.61 -60.05 1.64
CA THR O 71 -39.94 -60.27 2.18
C THR O 71 -41.00 -59.86 1.16
N LEU O 72 -41.97 -60.74 0.94
CA LEU O 72 -43.17 -60.46 0.16
C LEU O 72 -44.33 -60.33 1.14
N THR O 73 -44.97 -59.17 1.13
CA THR O 73 -46.09 -58.87 1.99
C THR O 73 -47.32 -58.81 1.11
N ILE O 74 -48.38 -59.51 1.53
CA ILE O 74 -49.66 -59.46 0.83
C ILE O 74 -50.66 -58.90 1.82
N THR O 75 -51.08 -57.66 1.60
CA THR O 75 -52.01 -57.01 2.51
C THR O 75 -53.37 -57.65 2.34
N ALA O 76 -54.02 -58.04 3.45
CA ALA O 76 -55.36 -58.61 3.43
C ALA O 76 -55.50 -59.71 2.38
N ALA O 77 -54.73 -60.79 2.55
CA ALA O 77 -54.66 -61.86 1.56
C ALA O 77 -56.03 -62.41 1.20
N GLN O 78 -56.26 -62.57 -0.11
CA GLN O 78 -57.52 -63.06 -0.67
C GLN O 78 -57.42 -64.52 -1.09
N VAL O 79 -58.58 -65.14 -1.33
CA VAL O 79 -58.62 -66.54 -1.71
C VAL O 79 -57.95 -66.78 -3.06
N GLU O 80 -57.98 -65.78 -3.96
CA GLU O 80 -57.33 -65.91 -5.27
C GLU O 80 -55.80 -65.99 -5.17
N ASP O 81 -55.21 -65.60 -4.04
CA ASP O 81 -53.77 -65.58 -3.87
C ASP O 81 -53.22 -66.89 -3.31
N GLU O 82 -54.05 -67.92 -3.15
CA GLU O 82 -53.59 -69.19 -2.60
C GLU O 82 -52.79 -69.90 -3.68
N ALA O 83 -51.49 -69.97 -3.46
CA ALA O 83 -50.53 -70.44 -4.44
C ALA O 83 -49.23 -70.74 -3.72
N ASP O 84 -48.34 -71.47 -4.39
CA ASP O 84 -46.98 -71.59 -3.90
C ASP O 84 -46.29 -70.28 -4.22
N TYR O 85 -45.45 -69.80 -3.30
CA TYR O 85 -44.63 -68.62 -3.56
C TYR O 85 -43.16 -68.96 -3.48
N TYR O 86 -42.38 -68.39 -4.39
CA TYR O 86 -40.96 -68.68 -4.45
C TYR O 86 -40.18 -67.37 -4.50
N CYS O 87 -39.07 -67.37 -3.78
CA CYS O 87 -38.11 -66.27 -3.78
C CYS O 87 -37.03 -66.71 -4.78
N ASN O 88 -36.90 -66.00 -5.89
CA ASN O 88 -35.99 -66.33 -6.99
C ASN O 88 -34.94 -65.24 -7.20
N SER O 89 -33.68 -65.64 -7.21
CA SER O 89 -32.59 -64.69 -7.42
C SER O 89 -31.45 -65.43 -8.09
N TRP O 90 -30.44 -64.68 -8.51
CA TRP O 90 -29.30 -65.25 -9.20
C TRP O 90 -28.22 -65.61 -8.19
N ASP O 91 -27.41 -66.60 -8.57
CA ASP O 91 -26.30 -67.05 -7.73
C ASP O 91 -25.16 -66.03 -7.81
N SER O 92 -24.32 -65.99 -6.76
CA SER O 92 -23.20 -65.04 -6.73
C SER O 92 -22.13 -65.30 -7.79
N SER O 93 -22.04 -66.51 -8.34
CA SER O 93 -21.06 -66.80 -9.39
C SER O 93 -21.47 -66.20 -10.73
N GLY O 94 -22.70 -65.69 -10.83
CA GLY O 94 -23.28 -65.22 -12.06
C GLY O 94 -24.26 -66.19 -12.66
N THR O 95 -24.29 -67.43 -12.16
CA THR O 95 -25.27 -68.39 -12.65
C THR O 95 -26.64 -67.85 -12.26
N HIS O 96 -27.59 -67.94 -13.18
CA HIS O 96 -28.89 -67.34 -12.96
C HIS O 96 -29.82 -68.19 -12.11
N LEU O 97 -29.36 -69.31 -11.55
CA LEU O 97 -30.18 -70.13 -10.67
C LEU O 97 -29.72 -70.11 -9.22
N LEU O 98 -30.66 -69.75 -8.38
CA LEU O 98 -30.63 -69.86 -6.93
C LEU O 98 -32.13 -69.76 -6.71
N PHE O 99 -32.75 -70.76 -6.09
CA PHE O 99 -34.20 -70.73 -6.05
C PHE O 99 -34.63 -71.41 -4.75
N GLY O 100 -35.58 -70.80 -4.04
CA GLY O 100 -36.00 -71.38 -2.78
C GLY O 100 -36.90 -72.59 -2.94
N GLY O 101 -37.00 -73.34 -1.84
CA GLY O 101 -37.86 -74.51 -1.85
C GLY O 101 -39.30 -74.16 -2.12
N GLY O 102 -39.73 -73.00 -1.66
CA GLY O 102 -41.07 -72.50 -1.83
C GLY O 102 -41.85 -72.51 -0.54
N THR O 103 -42.74 -71.53 -0.40
CA THR O 103 -43.59 -71.39 0.77
C THR O 103 -45.00 -71.77 0.35
N ARG O 104 -45.61 -72.70 1.08
CA ARG O 104 -46.99 -73.09 0.79
C ARG O 104 -47.89 -72.18 1.60
N LEU O 105 -48.61 -71.29 0.92
CA LEU O 105 -49.50 -70.35 1.58
C LEU O 105 -50.93 -70.88 1.53
N THR O 106 -51.55 -71.04 2.70
CA THR O 106 -52.94 -71.45 2.81
C THR O 106 -53.72 -70.31 3.44
N VAL O 107 -54.83 -69.94 2.82
CA VAL O 107 -55.61 -68.78 3.28
C VAL O 107 -56.83 -69.29 4.01
N GLU P 1 6.63 21.30 -67.13
CA GLU P 1 6.59 20.62 -65.81
C GLU P 1 5.71 21.41 -64.84
N VAL P 2 6.14 22.62 -64.50
CA VAL P 2 5.45 23.48 -63.55
C VAL P 2 4.93 24.69 -64.31
N GLN P 3 3.62 24.94 -64.21
CA GLN P 3 2.97 26.08 -64.85
C GLN P 3 2.50 27.05 -63.78
N LEU P 4 3.02 28.28 -63.82
CA LEU P 4 2.61 29.36 -62.93
C LEU P 4 2.06 30.47 -63.82
N VAL P 5 0.77 30.80 -63.66
CA VAL P 5 0.12 31.79 -64.53
C VAL P 5 -0.52 32.90 -63.69
N GLU P 6 0.02 34.11 -63.85
CA GLU P 6 -0.49 35.28 -63.14
C GLU P 6 -1.72 35.86 -63.82
N THR P 7 -2.65 36.36 -63.02
CA THR P 7 -3.83 37.07 -63.48
C THR P 7 -3.89 38.40 -62.73
N GLY P 8 -4.37 39.44 -63.40
CA GLY P 8 -4.49 40.71 -62.73
C GLY P 8 -5.17 41.77 -63.56
N GLY P 9 -5.16 42.99 -63.01
CA GLY P 9 -5.80 44.14 -63.61
C GLY P 9 -4.94 44.90 -64.60
N GLY P 10 -5.44 46.08 -64.97
CA GLY P 10 -4.81 46.97 -65.93
C GLY P 10 -4.37 48.30 -65.36
N LEU P 11 -5.04 49.40 -65.72
CA LEU P 11 -4.67 50.72 -65.23
C LEU P 11 -5.45 51.11 -63.99
N VAL P 12 -4.70 51.48 -62.95
CA VAL P 12 -5.20 51.92 -61.66
C VAL P 12 -4.59 53.29 -61.37
N GLN P 13 -5.39 54.17 -60.72
CA GLN P 13 -4.87 55.50 -60.39
C GLN P 13 -4.21 55.49 -59.01
N PRO P 14 -3.26 56.41 -58.74
CA PRO P 14 -2.64 56.47 -57.41
C PRO P 14 -3.68 56.62 -56.30
N GLY P 15 -3.46 55.89 -55.21
CA GLY P 15 -4.38 55.89 -54.10
C GLY P 15 -5.42 54.80 -54.15
N GLY P 16 -5.40 53.97 -55.19
CA GLY P 16 -6.36 52.90 -55.37
C GLY P 16 -5.92 51.59 -54.77
N SER P 17 -6.49 50.52 -55.30
CA SER P 17 -6.25 49.16 -54.81
C SER P 17 -6.30 48.20 -55.98
N LEU P 18 -5.35 47.27 -56.00
CA LEU P 18 -5.26 46.28 -57.06
C LEU P 18 -4.83 44.93 -56.52
N LYS P 19 -5.52 43.88 -56.94
CA LYS P 19 -5.21 42.52 -56.52
C LYS P 19 -4.73 41.68 -57.69
N LEU P 20 -3.64 40.97 -57.47
CA LEU P 20 -3.07 40.01 -58.40
C LEU P 20 -3.25 38.61 -57.83
N SER P 21 -3.25 37.62 -58.72
CA SER P 21 -3.27 36.24 -58.26
C SER P 21 -2.40 35.43 -59.21
N CYS P 22 -1.98 34.28 -58.70
CA CYS P 22 -1.15 33.33 -59.45
C CYS P 22 -1.68 31.94 -59.23
N ARG P 23 -2.00 31.27 -60.33
CA ARG P 23 -2.46 29.89 -60.33
C ARG P 23 -1.23 29.05 -60.60
N ALA P 24 -1.20 27.86 -60.02
CA ALA P 24 -0.07 26.98 -60.22
C ALA P 24 -0.49 25.54 -60.32
N SER P 25 0.26 24.78 -61.12
CA SER P 25 0.02 23.36 -61.26
C SER P 25 1.30 22.67 -61.69
N GLY P 26 1.30 21.35 -61.53
CA GLY P 26 2.40 20.49 -61.91
C GLY P 26 3.32 20.09 -60.78
N TYR P 27 3.02 20.51 -59.56
CA TYR P 27 3.80 20.22 -58.37
C TYR P 27 2.87 20.31 -57.18
N THR P 28 3.31 19.81 -56.03
CA THR P 28 2.48 19.94 -54.84
C THR P 28 2.61 21.38 -54.35
N PHE P 29 1.49 22.11 -54.42
CA PHE P 29 1.48 23.54 -54.10
C PHE P 29 1.89 23.79 -52.65
N SER P 30 1.31 23.02 -51.73
CA SER P 30 1.54 23.19 -50.29
C SER P 30 2.95 22.85 -49.84
N SER P 31 3.79 22.27 -50.69
CA SER P 31 5.15 21.91 -50.30
C SER P 31 6.19 23.00 -50.52
N PHE P 32 5.85 24.11 -51.18
CA PHE P 32 6.81 25.15 -51.50
C PHE P 32 6.39 26.52 -51.01
N ALA P 33 7.37 27.29 -50.56
CA ALA P 33 7.17 28.70 -50.25
C ALA P 33 7.10 29.44 -51.58
N MET P 34 6.45 30.60 -51.58
CA MET P 34 6.31 31.35 -52.82
C MET P 34 6.56 32.82 -52.56
N SER P 35 6.85 33.55 -53.64
CA SER P 35 7.20 34.95 -53.53
C SER P 35 6.74 35.72 -54.76
N TRP P 36 6.74 37.05 -54.63
CA TRP P 36 6.49 37.96 -55.74
C TRP P 36 7.74 38.81 -55.94
N VAL P 37 8.10 38.96 -57.21
CA VAL P 37 9.25 39.73 -57.68
C VAL P 37 8.75 40.67 -58.76
N ARG P 38 9.21 41.93 -58.77
CA ARG P 38 8.74 42.87 -59.78
C ARG P 38 9.92 43.46 -60.55
N GLN P 39 9.64 43.80 -61.80
CA GLN P 39 10.58 44.41 -62.73
C GLN P 39 9.97 45.67 -63.35
N ALA P 40 10.54 46.84 -63.07
CA ALA P 40 10.00 48.04 -63.67
C ALA P 40 10.20 47.91 -65.19
N PRO P 41 9.35 48.53 -66.02
CA PRO P 41 9.48 48.34 -67.48
C PRO P 41 10.87 48.54 -68.07
N GLY P 42 11.67 49.48 -67.56
CA GLY P 42 13.01 49.71 -68.07
C GLY P 42 14.16 49.34 -67.16
N LYS P 43 13.91 48.64 -66.05
CA LYS P 43 14.93 48.35 -65.03
C LYS P 43 15.06 46.83 -64.86
N GLY P 44 15.87 46.44 -63.86
CA GLY P 44 16.09 45.05 -63.52
C GLY P 44 15.09 44.54 -62.51
N LEU P 45 15.45 43.42 -61.86
CA LEU P 45 14.55 42.74 -60.94
C LEU P 45 14.78 43.17 -59.50
N GLU P 46 13.68 43.19 -58.73
CA GLU P 46 13.76 43.34 -57.27
C GLU P 46 12.70 42.47 -56.60
N TRP P 47 13.05 41.94 -55.43
CA TRP P 47 12.13 41.12 -54.64
C TRP P 47 11.09 42.02 -53.98
N VAL P 48 9.83 41.57 -53.95
CA VAL P 48 8.74 42.33 -53.34
C VAL P 48 8.22 41.65 -52.06
N SER P 49 7.88 40.37 -52.14
CA SER P 49 7.27 39.74 -50.97
C SER P 49 7.52 38.24 -50.96
N LEU P 50 7.40 37.64 -49.77
CA LEU P 50 7.61 36.21 -49.58
C LEU P 50 6.58 35.65 -48.59
N ILE P 51 6.00 34.49 -48.93
CA ILE P 51 5.07 33.78 -48.07
C ILE P 51 5.59 32.36 -47.90
N ASN P 52 5.38 31.80 -46.70
CA ASN P 52 5.81 30.46 -46.39
C ASN P 52 4.91 29.43 -47.08
N ASP P 53 5.22 28.14 -46.89
CA ASP P 53 4.42 27.10 -47.51
C ASP P 53 3.08 26.95 -46.79
N ARG P 54 3.07 27.16 -45.48
CA ARG P 54 1.86 27.06 -44.68
C ARG P 54 1.02 28.33 -44.75
N GLY P 55 1.63 29.46 -45.11
CA GLY P 55 0.94 30.74 -45.21
C GLY P 55 0.93 31.55 -43.94
N GLY P 56 1.43 31.01 -42.83
CA GLY P 56 1.39 31.74 -41.56
C GLY P 56 2.42 32.85 -41.43
N LEU P 57 3.52 32.79 -42.20
CA LEU P 57 4.59 33.77 -42.13
C LEU P 57 4.70 34.51 -43.45
N THR P 58 4.76 35.84 -43.36
CA THR P 58 4.92 36.70 -44.53
C THR P 58 6.05 37.68 -44.28
N PHE P 59 6.76 38.03 -45.35
CA PHE P 59 7.86 38.98 -45.29
C PHE P 59 7.72 39.94 -46.46
N TYR P 60 8.12 41.20 -46.24
CA TYR P 60 8.02 42.22 -47.27
C TYR P 60 9.26 43.11 -47.29
N VAL P 61 9.49 43.75 -48.44
CA VAL P 61 10.47 44.84 -48.48
C VAL P 61 9.86 46.02 -47.75
N ASP P 62 10.72 46.82 -47.11
CA ASP P 62 10.24 47.97 -46.34
C ASP P 62 9.31 48.87 -47.14
N SER P 63 9.60 49.04 -48.43
CA SER P 63 8.81 49.96 -49.24
C SER P 63 7.35 49.54 -49.44
N VAL P 64 6.99 48.28 -49.13
CA VAL P 64 5.62 47.81 -49.28
C VAL P 64 5.02 47.29 -47.99
N LYS P 65 5.72 47.44 -46.85
CA LYS P 65 5.23 46.83 -45.61
C LYS P 65 3.85 47.35 -45.22
N GLY P 66 3.58 48.63 -45.49
CA GLY P 66 2.29 49.20 -45.17
C GLY P 66 1.31 49.23 -46.32
N ARG P 67 1.64 48.62 -47.46
CA ARG P 67 0.81 48.69 -48.66
C ARG P 67 0.40 47.33 -49.21
N PHE P 68 1.24 46.31 -49.14
CA PHE P 68 0.95 45.02 -49.77
C PHE P 68 0.66 43.95 -48.73
N THR P 69 -0.29 43.08 -49.04
CA THR P 69 -0.62 41.89 -48.26
C THR P 69 -0.46 40.67 -49.17
N ILE P 70 0.28 39.66 -48.70
CA ILE P 70 0.49 38.42 -49.44
C ILE P 70 -0.24 37.30 -48.72
N SER P 71 -0.96 36.47 -49.47
CA SER P 71 -1.69 35.36 -48.87
C SER P 71 -1.75 34.22 -49.87
N ARG P 72 -2.06 33.03 -49.37
CA ARG P 72 -2.19 31.88 -50.25
C ARG P 72 -3.29 30.97 -49.71
N ASP P 73 -3.84 30.18 -50.62
CA ASP P 73 -4.86 29.18 -50.29
C ASP P 73 -4.39 27.87 -50.94
N ASN P 74 -3.98 26.93 -50.10
CA ASN P 74 -3.38 25.68 -50.57
C ASN P 74 -4.41 24.67 -51.09
N SER P 75 -5.72 24.92 -50.90
CA SER P 75 -6.71 24.00 -51.43
C SER P 75 -7.09 24.41 -52.85
N LYS P 76 -6.97 25.70 -53.15
CA LYS P 76 -7.27 26.29 -54.44
C LYS P 76 -6.01 26.45 -55.29
N ASN P 77 -4.84 26.09 -54.76
CA ASN P 77 -3.56 26.28 -55.45
C ASN P 77 -3.42 27.71 -55.93
N THR P 78 -3.77 28.67 -55.06
CA THR P 78 -3.75 30.08 -55.46
C THR P 78 -2.93 30.94 -54.52
N LEU P 79 -2.07 31.77 -55.12
CA LEU P 79 -1.27 32.78 -54.41
C LEU P 79 -1.88 34.12 -54.75
N SER P 80 -2.11 34.98 -53.76
CA SER P 80 -2.71 36.29 -54.00
C SER P 80 -1.87 37.40 -53.38
N LEU P 81 -1.91 38.57 -54.04
CA LEU P 81 -1.25 39.78 -53.55
C LEU P 81 -2.21 40.95 -53.65
N GLN P 82 -2.55 41.56 -52.52
CA GLN P 82 -3.46 42.69 -52.44
C GLN P 82 -2.62 43.94 -52.20
N MET P 83 -2.67 44.89 -53.12
CA MET P 83 -1.86 46.10 -53.02
C MET P 83 -2.74 47.32 -52.82
N HIS P 84 -2.33 48.22 -51.92
CA HIS P 84 -3.01 49.48 -51.70
C HIS P 84 -2.05 50.64 -51.99
N SER P 85 -2.64 51.81 -52.30
CA SER P 85 -1.97 53.10 -52.52
C SER P 85 -1.31 53.20 -53.90
N LEU P 86 -0.40 52.27 -54.23
CA LEU P 86 0.17 52.10 -55.58
C LEU P 86 0.68 53.41 -56.21
N ARG P 87 1.82 53.86 -55.71
CA ARG P 87 2.41 55.10 -56.17
C ARG P 87 3.11 54.83 -57.51
N ASP P 88 3.47 55.91 -58.20
CA ASP P 88 4.07 55.80 -59.54
C ASP P 88 5.29 54.89 -59.56
N GLY P 89 6.04 54.82 -58.48
CA GLY P 89 7.23 53.96 -58.50
C GLY P 89 6.92 52.48 -58.47
N ASP P 90 5.65 52.10 -58.31
CA ASP P 90 5.19 50.72 -58.26
C ASP P 90 4.82 50.14 -59.63
N THR P 91 4.94 50.91 -60.71
CA THR P 91 4.65 50.35 -62.02
C THR P 91 5.70 49.31 -62.37
N ALA P 92 5.25 48.10 -62.70
CA ALA P 92 6.19 47.01 -62.98
C ALA P 92 5.43 45.79 -63.47
N VAL P 93 6.18 44.86 -64.04
CA VAL P 93 5.66 43.52 -64.29
C VAL P 93 5.92 42.73 -63.01
N TYR P 94 4.86 42.13 -62.46
CA TYR P 94 4.90 41.37 -61.23
C TYR P 94 4.83 39.88 -61.52
N TYR P 95 5.89 39.16 -61.18
CA TYR P 95 6.00 37.73 -61.41
C TYR P 95 5.76 37.03 -60.08
N CYS P 96 5.08 35.88 -60.13
CA CYS P 96 4.98 34.98 -59.01
C CYS P 96 6.07 33.95 -59.21
N ALA P 97 6.63 33.45 -58.10
CA ALA P 97 7.66 32.42 -58.25
C ALA P 97 7.64 31.45 -57.08
N THR P 98 8.08 30.24 -57.39
CA THR P 98 8.19 29.15 -56.42
C THR P 98 9.63 29.08 -55.95
N GLY P 99 9.80 29.05 -54.63
CA GLY P 99 11.07 29.01 -53.95
C GLY P 99 11.32 30.27 -53.15
N GLY P 100 12.52 30.35 -52.58
CA GLY P 100 12.92 31.45 -51.73
C GLY P 100 12.92 31.18 -50.24
N MET P 101 12.30 30.11 -49.78
CA MET P 101 12.29 29.81 -48.35
C MET P 101 12.08 28.31 -48.20
N SER P 102 12.49 27.77 -47.05
CA SER P 102 12.30 26.36 -46.78
C SER P 102 12.03 26.15 -45.29
N SER P 103 11.07 25.27 -45.00
CA SER P 103 10.53 25.09 -43.64
C SER P 103 11.32 24.14 -42.74
N ALA P 104 12.57 24.48 -42.47
CA ALA P 104 13.40 23.77 -41.48
C ALA P 104 13.65 22.28 -41.69
N LEU P 105 12.65 21.49 -42.08
CA LEU P 105 12.80 20.06 -42.29
C LEU P 105 13.12 19.70 -43.73
N GLN P 106 13.16 20.70 -44.60
CA GLN P 106 13.46 20.61 -46.01
C GLN P 106 14.84 21.22 -46.23
N SER P 107 15.48 20.87 -47.34
CA SER P 107 16.78 21.47 -47.59
C SER P 107 16.62 22.93 -47.96
N SER P 108 17.72 23.67 -47.85
CA SER P 108 17.71 25.10 -48.12
C SER P 108 17.38 25.40 -49.57
N LYS P 109 16.69 26.53 -49.77
CA LYS P 109 16.43 27.04 -51.11
C LYS P 109 17.22 28.33 -51.26
N TYR P 110 16.68 29.48 -50.85
CA TYR P 110 17.35 30.77 -51.01
C TYR P 110 17.62 31.06 -52.49
N TYR P 111 16.70 30.62 -53.33
CA TYR P 111 16.71 30.87 -54.77
C TYR P 111 15.27 30.78 -55.22
N PHE P 112 14.99 31.30 -56.42
CA PHE P 112 13.65 31.25 -56.98
C PHE P 112 13.65 30.14 -58.02
N ASP P 113 12.96 29.04 -57.69
CA ASP P 113 13.05 27.82 -58.49
C ASP P 113 12.23 27.89 -59.77
N PHE P 114 11.00 28.40 -59.71
CA PHE P 114 10.13 28.48 -60.88
C PHE P 114 9.55 29.88 -61.00
N TRP P 115 9.37 30.34 -62.24
CA TRP P 115 8.81 31.66 -62.52
C TRP P 115 7.57 31.54 -63.41
N GLY P 116 6.66 32.49 -63.21
CA GLY P 116 5.47 32.63 -64.04
C GLY P 116 5.72 33.51 -65.24
N GLN P 117 4.65 34.05 -65.81
CA GLN P 117 4.76 34.85 -67.02
C GLN P 117 4.77 36.35 -66.72
N GLY P 118 4.09 36.76 -65.66
CA GLY P 118 4.05 38.13 -65.19
C GLY P 118 2.84 38.96 -65.57
N ALA P 119 2.27 39.65 -64.59
CA ALA P 119 1.15 40.56 -64.81
C ALA P 119 1.74 41.96 -64.92
N LEU P 120 1.19 42.81 -65.78
CA LEU P 120 1.69 44.18 -65.91
C LEU P 120 0.81 45.12 -65.10
N VAL P 121 1.41 45.81 -64.12
CA VAL P 121 0.73 46.76 -63.26
C VAL P 121 1.19 48.16 -63.66
N THR P 122 0.24 48.97 -64.14
CA THR P 122 0.49 50.33 -64.58
C THR P 122 -0.27 51.26 -63.65
N VAL P 123 0.43 52.26 -63.12
CA VAL P 123 -0.18 53.22 -62.20
C VAL P 123 -0.69 54.41 -63.00
N ALA Q 1 21.28 47.13 -53.82
CA ALA Q 1 21.50 46.39 -55.05
C ALA Q 1 22.95 45.94 -55.15
N LEU Q 2 23.20 44.94 -56.00
CA LEU Q 2 24.54 44.43 -56.25
C LEU Q 2 25.06 45.04 -57.54
N THR Q 3 26.37 45.24 -57.61
CA THR Q 3 27.00 45.85 -58.79
C THR Q 3 27.42 44.79 -59.79
N GLN Q 4 27.03 44.99 -61.05
CA GLN Q 4 27.39 44.12 -62.16
C GLN Q 4 27.84 45.00 -63.32
N PRO Q 5 28.71 44.50 -64.20
CA PRO Q 5 29.09 45.30 -65.38
C PRO Q 5 27.89 45.53 -66.27
N PRO Q 6 27.73 46.74 -66.84
CA PRO Q 6 26.62 46.96 -67.80
C PRO Q 6 26.55 45.95 -68.95
N SER Q 7 27.68 45.48 -69.47
CA SER Q 7 27.61 44.50 -70.54
C SER Q 7 28.89 43.68 -70.60
N VAL Q 8 28.75 42.46 -71.12
CA VAL Q 8 29.83 41.54 -71.36
C VAL Q 8 29.58 40.94 -72.75
N SER Q 9 30.65 40.80 -73.54
CA SER Q 9 30.51 40.22 -74.87
C SER Q 9 31.76 39.47 -75.24
N GLY Q 10 31.65 38.72 -76.33
CA GLY Q 10 32.75 37.93 -76.85
C GLY Q 10 32.29 37.24 -78.11
N SER Q 11 33.25 36.59 -78.77
CA SER Q 11 32.94 35.90 -80.00
C SER Q 11 32.32 34.53 -79.68
N PRO Q 12 31.54 33.97 -80.61
CA PRO Q 12 31.03 32.60 -80.41
C PRO Q 12 32.17 31.62 -80.16
N GLY Q 13 31.96 30.73 -79.19
CA GLY Q 13 32.95 29.74 -78.82
C GLY Q 13 33.89 30.16 -77.71
N GLN Q 14 33.91 31.44 -77.35
CA GLN Q 14 34.79 31.95 -76.31
C GLN Q 14 34.10 31.88 -74.96
N SER Q 15 34.91 31.91 -73.90
CA SER Q 15 34.42 31.96 -72.53
C SER Q 15 34.47 33.39 -72.00
N VAL Q 16 33.39 33.81 -71.34
CA VAL Q 16 33.32 35.12 -70.71
C VAL Q 16 32.84 34.95 -69.28
N THR Q 17 33.13 35.97 -68.46
CA THR Q 17 32.72 36.00 -67.07
C THR Q 17 31.91 37.25 -66.78
N ILE Q 18 30.77 37.08 -66.11
CA ILE Q 18 29.91 38.16 -65.65
C ILE Q 18 30.08 38.20 -64.14
N SER Q 19 30.67 39.28 -63.62
CA SER Q 19 30.88 39.36 -62.18
C SER Q 19 29.69 40.01 -61.49
N CYS Q 20 29.62 39.82 -60.18
CA CYS Q 20 28.62 40.42 -59.29
C CYS Q 20 29.35 40.75 -58.00
N THR Q 21 29.41 42.02 -57.63
CA THR Q 21 30.13 42.44 -56.44
C THR Q 21 29.15 43.03 -55.43
N GLY Q 22 29.18 42.48 -54.21
CA GLY Q 22 28.33 42.88 -53.11
C GLY Q 22 29.17 43.34 -51.94
N THR Q 23 28.67 43.10 -50.72
CA THR Q 23 29.33 43.51 -49.50
C THR Q 23 29.45 42.31 -48.55
N SER Q 24 30.07 42.56 -47.40
CA SER Q 24 30.32 41.49 -46.44
C SER Q 24 29.03 40.90 -45.89
N SER Q 25 27.99 41.72 -45.72
CA SER Q 25 26.74 41.26 -45.14
C SER Q 25 25.90 40.39 -46.06
N ASP Q 26 26.22 40.30 -47.37
CA ASP Q 26 25.40 39.51 -48.29
C ASP Q 26 26.18 38.42 -49.04
N ILE Q 27 26.95 38.74 -50.08
CA ILE Q 27 27.68 37.69 -50.79
C ILE Q 27 28.72 37.05 -49.88
N GLY Q 28 29.43 37.88 -49.12
CA GLY Q 28 30.46 37.41 -48.21
C GLY Q 28 30.02 36.45 -47.14
N SER Q 29 29.04 36.88 -46.34
CA SER Q 29 28.55 36.08 -45.22
C SER Q 29 27.76 34.84 -45.62
N TYR Q 30 27.00 34.87 -46.72
CA TYR Q 30 26.14 33.76 -47.09
C TYR Q 30 26.54 33.13 -48.42
N ASN Q 31 26.54 31.79 -48.44
CA ASN Q 31 26.83 31.03 -49.67
C ASN Q 31 25.54 30.77 -50.44
N TYR Q 32 24.82 31.86 -50.76
CA TYR Q 32 23.55 31.78 -51.50
C TYR Q 32 23.53 32.89 -52.55
N VAL Q 33 24.23 32.69 -53.65
CA VAL Q 33 24.32 33.71 -54.71
C VAL Q 33 23.91 33.03 -56.01
N SER Q 34 22.63 33.12 -56.34
CA SER Q 34 22.08 32.47 -57.52
C SER Q 34 22.23 33.38 -58.74
N TRP Q 35 22.09 32.79 -59.93
CA TRP Q 35 22.08 33.52 -61.19
C TRP Q 35 20.88 33.13 -62.04
N TYR Q 36 20.32 34.13 -62.73
CA TYR Q 36 19.18 33.96 -63.62
C TYR Q 36 19.48 34.51 -65.01
N GLN Q 37 18.90 33.86 -66.02
CA GLN Q 37 19.01 34.24 -67.43
C GLN Q 37 17.63 34.69 -67.93
N GLN Q 38 17.48 35.98 -68.24
CA GLN Q 38 16.21 36.57 -68.67
C GLN Q 38 16.26 36.96 -70.14
N HIS Q 39 15.59 36.20 -71.01
CA HIS Q 39 15.58 36.62 -72.40
C HIS Q 39 14.62 37.81 -72.50
N PRO Q 40 14.88 38.79 -73.37
CA PRO Q 40 13.96 39.94 -73.45
C PRO Q 40 12.52 39.53 -73.71
N GLY Q 41 11.62 40.10 -72.91
CA GLY Q 41 10.21 39.85 -73.02
C GLY Q 41 9.73 38.59 -72.32
N LYS Q 42 10.63 37.81 -71.73
CA LYS Q 42 10.33 36.55 -71.07
C LYS Q 42 10.70 36.62 -69.60
N ALA Q 43 10.12 35.71 -68.82
CA ALA Q 43 10.49 35.60 -67.41
C ALA Q 43 11.90 35.02 -67.26
N PRO Q 44 12.62 35.40 -66.19
CA PRO Q 44 13.95 34.80 -65.95
C PRO Q 44 13.90 33.30 -65.71
N LYS Q 45 14.94 32.62 -66.21
CA LYS Q 45 15.16 31.20 -65.98
C LYS Q 45 16.31 31.05 -64.99
N LEU Q 46 16.19 30.09 -64.07
CA LEU Q 46 17.27 29.83 -63.12
C LEU Q 46 18.42 29.07 -63.77
N MET Q 47 19.64 29.61 -63.61
CA MET Q 47 20.87 29.01 -64.12
C MET Q 47 21.80 28.50 -63.03
N ILE Q 48 21.96 29.25 -61.94
CA ILE Q 48 22.86 28.86 -60.85
C ILE Q 48 22.15 29.12 -59.53
N TYR Q 49 22.38 28.25 -58.55
CA TYR Q 49 21.84 28.47 -57.21
C TYR Q 49 22.91 28.06 -56.22
N ASP Q 50 22.68 28.39 -54.95
CA ASP Q 50 23.71 28.27 -53.91
C ASP Q 50 24.87 29.09 -54.46
N VAL Q 51 26.08 28.54 -54.60
CA VAL Q 51 27.21 29.26 -55.20
C VAL Q 51 27.64 28.60 -56.50
N THR Q 52 27.80 27.26 -56.48
CA THR Q 52 28.29 26.50 -57.63
C THR Q 52 27.30 25.48 -58.16
N GLN Q 53 26.06 25.47 -57.68
CA GLN Q 53 25.11 24.44 -58.07
C GLN Q 53 24.37 24.86 -59.32
N ARG Q 54 23.98 23.87 -60.13
CA ARG Q 54 23.30 24.11 -61.40
C ARG Q 54 21.99 23.31 -61.48
N PRO Q 55 20.85 23.93 -61.82
CA PRO Q 55 19.61 23.16 -61.92
C PRO Q 55 19.65 22.14 -63.04
N SER Q 56 18.91 21.05 -62.86
CA SER Q 56 18.78 20.06 -63.93
C SER Q 56 18.15 20.74 -65.14
N GLY Q 57 18.65 20.40 -66.33
CA GLY Q 57 18.16 20.98 -67.56
C GLY Q 57 19.06 22.08 -68.10
N VAL Q 58 20.02 22.53 -67.30
CA VAL Q 58 20.99 23.56 -67.68
C VAL Q 58 22.28 22.86 -68.03
N SER Q 59 22.84 23.21 -69.20
CA SER Q 59 24.04 22.57 -69.72
C SER Q 59 25.28 23.00 -68.94
N ASP Q 60 26.36 22.28 -69.17
CA ASP Q 60 27.63 22.40 -68.45
C ASP Q 60 28.43 23.64 -68.85
N ARG Q 61 27.93 24.46 -69.76
CA ARG Q 61 28.63 25.68 -70.15
C ARG Q 61 28.44 26.82 -69.15
N PHE Q 62 27.52 26.69 -68.20
CA PHE Q 62 27.22 27.72 -67.20
C PHE Q 62 27.74 27.25 -65.86
N SER Q 63 28.66 28.01 -65.28
CA SER Q 63 29.28 27.66 -63.99
C SER Q 63 29.51 28.95 -63.22
N GLY Q 64 30.01 28.84 -61.99
CA GLY Q 64 30.24 30.05 -61.24
C GLY Q 64 31.05 29.78 -59.99
N SER Q 65 31.36 30.86 -59.28
CA SER Q 65 32.18 30.74 -58.09
C SER Q 65 32.01 31.99 -57.23
N LYS Q 66 32.60 31.94 -56.04
CA LYS Q 66 32.60 33.04 -55.09
C LYS Q 66 33.95 33.17 -54.41
N SER Q 67 34.44 34.40 -54.30
CA SER Q 67 35.69 34.70 -53.59
C SER Q 67 35.51 36.04 -52.90
N GLY Q 68 35.74 36.08 -51.59
CA GLY Q 68 35.55 37.32 -50.85
C GLY Q 68 34.09 37.73 -50.97
N ASN Q 69 33.88 38.97 -51.39
CA ASN Q 69 32.54 39.52 -51.57
C ASN Q 69 32.15 39.58 -53.04
N THR Q 70 32.90 38.91 -53.91
CA THR Q 70 32.67 38.90 -55.35
C THR Q 70 32.27 37.51 -55.81
N ALA Q 71 31.18 37.42 -56.55
CA ALA Q 71 30.68 36.18 -57.12
C ALA Q 71 30.75 36.33 -58.63
N SER Q 72 30.85 35.22 -59.35
CA SER Q 72 30.86 35.34 -60.80
C SER Q 72 30.22 34.15 -61.47
N LEU Q 73 29.70 34.42 -62.67
CA LEU Q 73 29.13 33.44 -63.58
C LEU Q 73 30.03 33.34 -64.80
N THR Q 74 30.45 32.13 -65.14
CA THR Q 74 31.30 31.90 -66.30
C THR Q 74 30.45 31.17 -67.33
N ILE Q 75 30.43 31.71 -68.54
CA ILE Q 75 29.71 31.13 -69.66
C ILE Q 75 30.75 30.76 -70.71
N SER Q 76 31.02 29.46 -70.84
CA SER Q 76 32.01 28.99 -71.81
C SER Q 76 31.29 28.68 -73.12
N GLY Q 77 32.04 28.61 -74.21
CA GLY Q 77 31.44 28.14 -75.44
C GLY Q 77 30.28 28.98 -75.94
N LEU Q 78 30.40 30.31 -75.92
CA LEU Q 78 29.28 31.19 -76.25
C LEU Q 78 28.55 30.81 -77.54
N GLN Q 79 27.22 30.73 -77.43
CA GLN Q 79 26.32 30.40 -78.53
C GLN Q 79 25.49 31.62 -78.92
N ALA Q 80 24.96 31.56 -80.15
CA ALA Q 80 24.08 32.61 -80.65
C ALA Q 80 22.84 32.79 -79.79
N ASP Q 81 22.34 31.72 -79.17
CA ASP Q 81 21.10 31.76 -78.39
C ASP Q 81 21.30 32.16 -76.94
N ASP Q 82 22.52 32.55 -76.54
CA ASP Q 82 22.80 32.90 -75.16
C ASP Q 82 22.59 34.38 -74.86
N GLU Q 83 22.06 35.15 -75.82
CA GLU Q 83 21.86 36.57 -75.57
C GLU Q 83 20.68 36.77 -74.63
N ALA Q 84 20.96 37.33 -73.46
CA ALA Q 84 19.96 37.50 -72.42
C ALA Q 84 20.49 38.50 -71.40
N ASP Q 85 19.59 39.02 -70.57
CA ASP Q 85 19.99 39.83 -69.44
C ASP Q 85 20.23 38.89 -68.25
N TYR Q 86 21.45 38.90 -67.73
CA TYR Q 86 21.83 38.03 -66.63
C TYR Q 86 21.76 38.79 -65.32
N TYR Q 87 21.23 38.16 -64.28
CA TYR Q 87 21.10 38.77 -62.98
C TYR Q 87 21.69 37.86 -61.91
N CYS Q 88 22.28 38.47 -60.89
CA CYS Q 88 22.70 37.79 -59.68
C CYS Q 88 21.70 38.10 -58.59
N SER Q 89 21.54 37.18 -57.65
CA SER Q 89 20.66 37.40 -56.50
C SER Q 89 21.30 36.78 -55.26
N ALA Q 90 21.50 37.59 -54.23
CA ALA Q 90 22.13 37.13 -53.00
C ALA Q 90 21.14 37.16 -51.84
N TYR Q 91 21.26 36.17 -50.96
CA TYR Q 91 20.51 36.17 -49.71
C TYR Q 91 21.24 37.08 -48.73
N ALA Q 92 20.51 38.01 -48.10
CA ALA Q 92 21.12 39.00 -47.22
C ALA Q 92 20.53 39.05 -45.81
N GLY Q 93 20.12 37.90 -45.25
CA GLY Q 93 19.64 37.87 -43.88
C GLY Q 93 18.14 37.97 -43.74
N ARG Q 94 17.73 38.19 -42.48
CA ARG Q 94 16.32 38.17 -42.12
C ARG Q 94 15.61 39.48 -42.40
N GLN Q 95 16.31 40.62 -42.35
CA GLN Q 95 15.65 41.90 -42.57
C GLN Q 95 15.56 42.24 -44.04
N THR Q 96 16.58 41.86 -44.81
CA THR Q 96 16.68 42.09 -46.25
C THR Q 96 16.88 40.70 -46.84
N PHE Q 97 15.81 40.10 -47.34
CA PHE Q 97 15.91 38.71 -47.77
C PHE Q 97 16.76 38.56 -49.04
N TYR Q 98 16.41 39.28 -50.11
CA TYR Q 98 17.14 39.13 -51.36
C TYR Q 98 17.56 40.47 -51.93
N ILE Q 99 18.77 40.49 -52.50
CA ILE Q 99 19.30 41.66 -53.20
C ILE Q 99 19.62 41.23 -54.62
N PHE Q 100 19.09 41.95 -55.60
CA PHE Q 100 19.38 41.68 -56.99
C PHE Q 100 20.34 42.74 -57.50
N GLY Q 101 21.18 42.36 -58.46
CA GLY Q 101 22.06 43.28 -59.13
C GLY Q 101 21.40 43.91 -60.35
N GLY Q 102 22.14 44.84 -60.96
CA GLY Q 102 21.67 45.42 -62.19
C GLY Q 102 21.82 44.38 -63.28
N GLY Q 103 21.02 44.46 -64.34
CA GLY Q 103 21.17 43.46 -65.38
C GLY Q 103 22.39 43.70 -66.24
N THR Q 104 22.99 42.59 -66.69
CA THR Q 104 24.12 42.60 -67.62
C THR Q 104 23.65 42.14 -68.97
N ARG Q 105 23.83 42.98 -69.99
CA ARG Q 105 23.45 42.62 -71.35
C ARG Q 105 24.60 41.83 -71.96
N LEU Q 106 24.37 40.56 -72.30
CA LEU Q 106 25.44 39.75 -72.87
C LEU Q 106 25.76 40.28 -74.27
N ASP R 9 -5.73 11.57 -36.61
CA ASP R 9 -5.82 10.24 -36.03
C ASP R 9 -5.72 10.30 -34.50
N GLY R 10 -5.83 9.13 -33.86
CA GLY R 10 -5.73 9.01 -32.43
C GLY R 10 -4.35 8.63 -31.95
N PHE R 11 -4.30 8.14 -30.71
CA PHE R 11 -3.06 7.79 -30.04
C PHE R 11 -2.24 6.78 -30.85
N LEU R 12 -1.00 7.15 -31.14
CA LEU R 12 -0.04 6.38 -31.93
C LEU R 12 -0.48 6.16 -33.37
N GLY R 13 -1.49 6.88 -33.84
CA GLY R 13 -1.91 6.69 -35.23
C GLY R 13 -0.81 7.03 -36.23
N ALA R 14 0.07 7.95 -35.85
CA ALA R 14 1.17 8.40 -36.69
C ALA R 14 2.40 7.52 -36.58
N ALA R 15 2.35 6.43 -35.79
CA ALA R 15 3.53 5.60 -35.56
C ALA R 15 4.14 5.08 -36.86
N GLY R 16 3.33 4.79 -37.86
CA GLY R 16 3.82 4.30 -39.13
C GLY R 16 4.01 5.37 -40.18
N SER R 17 3.76 6.63 -39.84
CA SER R 17 3.86 7.74 -40.77
C SER R 17 5.31 8.23 -40.79
N THR R 18 5.60 9.15 -41.72
CA THR R 18 6.96 9.64 -41.82
C THR R 18 7.27 10.54 -40.63
N MET R 19 8.56 10.78 -40.41
CA MET R 19 8.96 11.62 -39.28
C MET R 19 8.34 13.01 -39.37
N GLY R 20 8.26 13.57 -40.58
CA GLY R 20 7.65 14.89 -40.70
C GLY R 20 6.19 14.89 -40.30
N ALA R 21 5.40 13.99 -40.90
CA ALA R 21 3.97 13.95 -40.59
C ALA R 21 3.72 13.64 -39.12
N ALA R 22 4.52 12.75 -38.53
CA ALA R 22 4.25 12.38 -37.15
C ALA R 22 4.59 13.49 -36.18
N SER R 23 5.34 14.49 -36.62
CA SER R 23 5.71 15.59 -35.75
C SER R 23 4.51 16.49 -35.49
N MET R 24 3.42 16.31 -36.24
CA MET R 24 2.23 17.13 -36.11
C MET R 24 1.23 16.58 -35.11
N THR R 25 1.52 15.43 -34.48
CA THR R 25 0.63 14.77 -33.53
C THR R 25 1.26 14.66 -32.14
N LEU R 26 2.28 15.48 -31.84
CA LEU R 26 2.99 15.36 -30.57
C LEU R 26 2.08 15.57 -29.36
N THR R 27 1.04 16.39 -29.48
CA THR R 27 0.16 16.60 -28.34
C THR R 27 -0.71 15.39 -28.06
N VAL R 28 -0.93 14.53 -29.06
CA VAL R 28 -1.80 13.38 -28.85
C VAL R 28 -1.08 12.39 -27.96
N GLN R 29 0.19 12.12 -28.25
CA GLN R 29 0.94 11.18 -27.44
C GLN R 29 1.26 11.80 -26.09
N ALA R 30 1.53 13.11 -26.07
CA ALA R 30 1.85 13.78 -24.81
C ALA R 30 0.70 13.69 -23.82
N ARG R 31 -0.54 13.86 -24.28
CA ARG R 31 -1.68 13.79 -23.35
C ARG R 31 -1.84 12.41 -22.73
N ASN R 32 -1.50 11.36 -23.46
CA ASN R 32 -1.72 9.99 -23.04
C ASN R 32 -0.61 9.43 -22.16
N LEU R 33 0.33 10.27 -21.73
CA LEU R 33 1.35 9.81 -20.79
C LEU R 33 0.86 9.89 -19.34
N LEU R 34 -0.09 10.78 -19.05
CA LEU R 34 -0.65 10.93 -17.72
C LEU R 34 -2.04 10.31 -17.59
N SER R 35 -2.83 10.37 -18.67
CA SER R 35 -4.23 9.88 -18.78
C SER R 35 -4.84 9.13 -17.60
N GLY R 61 -3.43 -4.16 -4.56
CA GLY R 61 -3.40 -2.72 -4.45
C GLY R 61 -1.99 -2.16 -4.53
N ILE R 62 -1.04 -2.88 -3.95
CA ILE R 62 0.35 -2.41 -3.92
C ILE R 62 0.92 -2.39 -5.33
N LYS R 63 0.66 -3.42 -6.13
CA LYS R 63 1.22 -3.47 -7.48
C LYS R 63 0.74 -2.31 -8.35
N GLN R 64 -0.52 -1.91 -8.18
CA GLN R 64 -1.03 -0.81 -8.98
C GLN R 64 -0.50 0.53 -8.50
N LEU R 65 -0.37 0.70 -7.18
CA LEU R 65 0.23 1.93 -6.69
C LEU R 65 1.68 2.03 -7.16
N GLN R 66 2.39 0.90 -7.17
CA GLN R 66 3.78 0.95 -7.63
C GLN R 66 3.84 1.33 -9.10
N ALA R 67 2.93 0.78 -9.90
CA ALA R 67 2.91 1.10 -11.33
C ALA R 67 2.62 2.57 -11.55
N ARG R 68 1.72 3.15 -10.74
CA ARG R 68 1.36 4.55 -10.93
C ARG R 68 2.48 5.46 -10.45
N VAL R 69 3.15 5.09 -9.35
CA VAL R 69 4.26 5.89 -8.87
C VAL R 69 5.40 5.85 -9.88
N LEU R 70 5.68 4.68 -10.46
CA LEU R 70 6.73 4.61 -11.47
C LEU R 70 6.36 5.45 -12.68
N ALA R 71 5.09 5.42 -13.10
CA ALA R 71 4.69 6.23 -14.26
C ALA R 71 4.93 7.71 -13.99
N VAL R 72 4.63 8.15 -12.76
CA VAL R 72 4.86 9.55 -12.40
C VAL R 72 6.35 9.85 -12.37
N GLU R 73 7.16 8.97 -11.76
CA GLU R 73 8.59 9.23 -11.69
C GLU R 73 9.21 9.28 -13.08
N HIS R 74 8.77 8.41 -13.99
CA HIS R 74 9.29 8.42 -15.34
C HIS R 74 8.96 9.75 -16.02
N TYR R 75 7.68 10.14 -15.94
CA TYR R 75 7.25 11.40 -16.55
C TYR R 75 8.08 12.56 -16.01
N LEU R 76 8.25 12.62 -14.69
CA LEU R 76 9.01 13.71 -14.09
C LEU R 76 10.46 13.69 -14.51
N ARG R 77 11.06 12.50 -14.69
CA ARG R 77 12.44 12.47 -15.14
C ARG R 77 12.55 13.03 -16.55
N ASP R 78 11.58 12.72 -17.41
CA ASP R 78 11.62 13.28 -18.77
C ASP R 78 11.42 14.79 -18.75
N GLN R 79 10.55 15.28 -17.86
CA GLN R 79 10.35 16.73 -17.81
C GLN R 79 11.58 17.42 -17.25
N GLN R 80 12.25 16.78 -16.27
CA GLN R 80 13.46 17.36 -15.71
C GLN R 80 14.53 17.42 -16.78
N LEU R 81 14.61 16.38 -17.60
CA LEU R 81 15.63 16.33 -18.62
C LEU R 81 15.38 17.43 -19.65
N LEU R 82 14.12 17.65 -20.03
CA LEU R 82 13.83 18.75 -20.94
C LEU R 82 14.18 20.09 -20.30
N GLY R 83 13.93 20.23 -19.00
CA GLY R 83 14.27 21.45 -18.31
C GLY R 83 15.76 21.73 -18.31
N ILE R 84 16.57 20.69 -18.09
CA ILE R 84 18.01 20.83 -18.08
C ILE R 84 18.51 21.33 -19.43
N TRP R 85 17.90 20.86 -20.51
CA TRP R 85 18.28 21.28 -21.85
C TRP R 85 17.73 22.66 -22.22
N GLY R 86 16.89 23.26 -21.39
CA GLY R 86 16.25 24.52 -21.72
C GLY R 86 15.02 24.40 -22.59
N CYS R 87 14.36 23.24 -22.58
CA CYS R 87 13.20 22.95 -23.40
C CYS R 87 11.98 22.66 -22.54
N SER R 88 11.94 23.25 -21.33
CA SER R 88 10.92 22.91 -20.35
C SER R 88 9.49 23.16 -20.81
N GLY R 89 9.24 24.14 -21.68
CA GLY R 89 7.90 24.44 -22.12
C GLY R 89 7.54 24.15 -23.56
N LYS R 90 8.34 23.37 -24.28
CA LYS R 90 8.14 23.16 -25.71
C LYS R 90 8.05 21.67 -26.04
N LEU R 91 7.27 21.38 -27.08
CA LEU R 91 7.21 20.03 -27.65
C LEU R 91 8.21 19.88 -28.77
N ILE R 92 8.52 20.98 -29.46
CA ILE R 92 9.55 21.03 -30.49
C ILE R 92 10.52 22.10 -30.00
N CYS R 93 11.77 21.70 -29.81
CA CYS R 93 12.77 22.60 -29.23
C CYS R 93 14.07 22.52 -30.01
N CYS R 94 14.54 23.67 -30.47
CA CYS R 94 15.78 23.77 -31.23
C CYS R 94 16.92 24.11 -30.27
N THR R 95 18.11 23.61 -30.58
CA THR R 95 19.28 23.87 -29.73
C THR R 95 20.51 24.32 -30.50
N ASN R 96 21.63 24.45 -29.78
CA ASN R 96 22.91 24.92 -30.31
C ASN R 96 23.93 23.80 -30.45
N VAL R 97 23.52 22.55 -30.49
CA VAL R 97 24.43 21.42 -30.66
C VAL R 97 24.39 21.01 -32.13
N PRO R 98 25.51 21.08 -32.87
CA PRO R 98 25.48 20.69 -34.28
C PRO R 98 25.36 19.19 -34.42
N TRP R 99 24.84 18.74 -35.56
CA TRP R 99 24.79 17.31 -35.83
C TRP R 99 26.20 16.88 -36.21
N ASN R 100 26.65 15.76 -35.63
CA ASN R 100 28.03 15.33 -35.75
C ASN R 100 28.32 14.46 -36.96
N SER R 101 27.33 14.20 -37.82
CA SER R 101 27.43 13.37 -39.02
C SER R 101 27.65 11.89 -38.73
N SER R 102 28.61 11.56 -37.86
CA SER R 102 28.86 10.17 -37.50
C SER R 102 27.60 9.52 -36.94
N TRP R 103 26.77 10.30 -36.24
CA TRP R 103 25.54 9.78 -35.67
C TRP R 103 24.60 9.29 -36.77
N SER R 104 24.54 10.02 -37.87
CA SER R 104 23.73 9.66 -39.04
C SER R 104 24.13 10.57 -40.20
N ASN R 105 24.49 9.98 -41.34
CA ASN R 105 24.92 10.75 -42.50
C ASN R 105 23.84 10.86 -43.58
N ARG R 106 22.58 10.65 -43.20
CA ARG R 106 21.48 10.78 -44.14
C ARG R 106 21.15 12.26 -44.31
N ASN R 107 20.62 12.62 -45.48
CA ASN R 107 20.19 14.00 -45.67
C ASN R 107 18.80 14.18 -45.08
N LEU R 108 18.37 15.44 -44.99
CA LEU R 108 17.06 15.73 -44.40
C LEU R 108 15.92 15.13 -45.19
N SER R 109 16.05 15.02 -46.50
CA SER R 109 14.95 14.47 -47.28
C SER R 109 14.70 13.01 -46.92
N GLU R 110 15.76 12.20 -46.74
CA GLU R 110 15.53 10.80 -46.40
C GLU R 110 14.96 10.68 -44.99
N ILE R 111 15.48 11.45 -44.05
CA ILE R 111 15.07 11.30 -42.66
C ILE R 111 13.63 11.74 -42.48
N TRP R 112 13.28 12.93 -42.98
CA TRP R 112 11.94 13.43 -42.72
C TRP R 112 10.87 12.88 -43.66
N ASP R 113 11.21 12.51 -44.91
CA ASP R 113 10.18 11.99 -45.82
C ASP R 113 10.14 10.48 -45.98
N ASN R 114 11.25 9.74 -45.78
CA ASN R 114 11.23 8.29 -46.00
C ASN R 114 11.33 7.43 -44.75
N MET R 115 11.56 8.00 -43.57
CA MET R 115 11.69 7.22 -42.35
C MET R 115 10.58 7.53 -41.36
N THR R 116 10.30 6.53 -40.53
CA THR R 116 9.38 6.66 -39.41
C THR R 116 10.20 6.93 -38.15
N TRP R 117 9.52 7.35 -37.08
CA TRP R 117 10.26 7.60 -35.84
C TRP R 117 10.78 6.31 -35.22
N LEU R 118 10.12 5.18 -35.46
CA LEU R 118 10.62 3.92 -34.91
C LEU R 118 11.94 3.54 -35.57
N GLN R 119 12.05 3.77 -36.88
CA GLN R 119 13.28 3.45 -37.58
C GLN R 119 14.39 4.39 -37.15
N TRP R 120 14.07 5.67 -36.99
CA TRP R 120 15.09 6.63 -36.56
C TRP R 120 15.57 6.27 -35.16
N ASP R 121 14.63 5.97 -34.26
CA ASP R 121 14.98 5.61 -32.89
C ASP R 121 15.93 4.42 -32.87
N LYS R 122 15.67 3.43 -33.72
CA LYS R 122 16.56 2.28 -33.79
C LYS R 122 17.93 2.67 -34.35
N GLU R 123 17.93 3.48 -35.41
CA GLU R 123 19.17 3.83 -36.11
C GLU R 123 20.20 4.56 -35.25
N ILE R 124 19.78 5.46 -34.36
CA ILE R 124 20.72 6.23 -33.54
C ILE R 124 20.67 5.88 -32.06
N SER R 125 20.16 4.69 -31.70
CA SER R 125 20.06 4.36 -30.27
C SER R 125 21.42 4.44 -29.57
N ASN R 126 22.47 3.97 -30.25
CA ASN R 126 23.80 3.92 -29.64
C ASN R 126 24.37 5.29 -29.30
N TYR R 127 23.85 6.34 -29.91
CA TYR R 127 24.38 7.69 -29.72
C TYR R 127 23.48 8.56 -28.86
N THR R 128 22.41 7.98 -28.28
CA THR R 128 21.46 8.81 -27.53
C THR R 128 22.12 9.51 -26.35
N GLN R 129 22.95 8.79 -25.61
CA GLN R 129 23.51 9.42 -24.42
C GLN R 129 24.56 10.44 -24.80
N ILE R 130 25.22 10.25 -25.95
CA ILE R 130 26.21 11.22 -26.36
C ILE R 130 25.50 12.53 -26.66
N ILE R 131 24.39 12.43 -27.37
CA ILE R 131 23.66 13.64 -27.73
C ILE R 131 23.16 14.31 -26.46
N TYR R 132 22.63 13.51 -25.53
CA TYR R 132 22.09 14.10 -24.31
C TYR R 132 23.19 14.83 -23.54
N GLY R 133 24.38 14.25 -23.49
CA GLY R 133 25.44 14.92 -22.76
C GLY R 133 25.78 16.27 -23.36
N LEU R 134 25.84 16.33 -24.69
CA LEU R 134 26.18 17.59 -25.32
C LEU R 134 25.10 18.61 -25.08
N LEU R 135 23.84 18.18 -25.08
CA LEU R 135 22.75 19.12 -24.88
C LEU R 135 22.86 19.76 -23.51
N GLU R 136 23.19 18.97 -22.50
CA GLU R 136 23.31 19.53 -21.17
C GLU R 136 24.45 20.54 -21.12
N GLU R 137 25.58 20.21 -21.74
CA GLU R 137 26.71 21.12 -21.69
C GLU R 137 26.36 22.44 -22.35
N SER R 138 25.61 22.38 -23.45
CA SER R 138 25.29 23.62 -24.14
C SER R 138 24.45 24.52 -23.27
N GLN R 139 23.45 23.95 -22.58
CA GLN R 139 22.62 24.82 -21.77
C GLN R 139 23.40 25.42 -20.61
N ASN R 140 24.34 24.68 -20.03
CA ASN R 140 25.07 25.27 -18.91
C ASN R 140 25.84 26.48 -19.37
N GLN R 141 26.42 26.42 -20.57
CA GLN R 141 27.17 27.58 -21.04
C GLN R 141 26.23 28.73 -21.32
N GLN R 142 25.05 28.42 -21.87
CA GLN R 142 24.09 29.47 -22.17
C GLN R 142 23.62 30.15 -20.89
N GLU R 143 23.41 29.37 -19.82
CA GLU R 143 22.94 30.03 -18.61
C GLU R 143 23.99 30.97 -18.07
N LYS R 144 25.26 30.57 -18.12
CA LYS R 144 26.28 31.46 -17.60
C LYS R 144 26.36 32.70 -18.47
N ASN R 145 26.27 32.52 -19.78
CA ASN R 145 26.38 33.67 -20.66
C ASN R 145 25.21 34.62 -20.45
N GLU R 146 24.02 34.06 -20.22
CA GLU R 146 22.87 34.92 -20.00
C GLU R 146 23.08 35.75 -18.75
N GLN R 147 23.58 35.10 -17.69
CA GLN R 147 23.80 35.82 -16.45
C GLN R 147 24.81 36.94 -16.65
N ASP R 148 25.85 36.66 -17.43
CA ASP R 148 26.87 37.68 -17.64
C ASP R 148 26.32 38.83 -18.45
N LEU R 149 25.43 38.55 -19.41
CA LEU R 149 24.85 39.65 -20.16
C LEU R 149 23.95 40.48 -19.27
N LEU R 150 23.21 39.83 -18.36
CA LEU R 150 22.32 40.57 -17.47
C LEU R 150 23.11 41.46 -16.51
N ALA R 151 24.35 41.07 -16.19
CA ALA R 151 25.17 41.88 -15.29
C ALA R 151 25.66 43.18 -15.90
N LEU R 152 25.57 43.37 -17.21
CA LEU R 152 26.03 44.61 -17.79
C LEU R 152 25.05 45.73 -17.47
N ASP R 153 25.58 46.83 -16.94
CA ASP R 153 24.75 47.97 -16.57
C ASP R 153 24.26 48.71 -17.80
C1 NAG S . -31.48 8.70 41.66
C2 NAG S . -30.20 8.34 42.41
C3 NAG S . -30.55 7.30 43.47
C4 NAG S . -31.61 7.86 44.40
C5 NAG S . -32.83 8.30 43.59
C6 NAG S . -33.86 9.01 44.43
C7 NAG S . -28.33 8.64 40.86
C8 NAG S . -27.32 7.95 39.98
N2 NAG S . -29.18 7.84 41.52
O3 NAG S . -29.38 6.98 44.20
O4 NAG S . -32.04 6.84 45.29
O5 NAG S . -32.44 9.22 42.57
O6 NAG S . -35.03 9.32 43.69
O7 NAG S . -28.36 9.86 40.97
C1 NAG S . -31.54 6.97 46.63
C2 NAG S . -32.56 6.43 47.63
C3 NAG S . -32.01 6.55 49.03
C4 NAG S . -30.69 5.79 49.13
C5 NAG S . -29.71 6.34 48.09
C6 NAG S . -28.42 5.56 48.04
C7 NAG S . -34.95 6.57 47.05
C8 NAG S . -36.17 7.45 47.02
N2 NAG S . -33.83 7.13 47.51
O3 NAG S . -32.95 6.02 49.96
O4 NAG S . -30.12 6.00 50.41
O5 NAG S . -30.30 6.26 46.78
O6 NAG S . -27.47 6.18 47.19
O7 NAG S . -34.99 5.40 46.67
C1 BMA S . -30.46 4.97 51.37
C2 BMA S . -29.20 4.72 52.21
C3 BMA S . -29.52 3.64 53.23
C4 BMA S . -30.69 4.09 54.10
C5 BMA S . -31.90 4.39 53.20
C6 BMA S . -33.09 4.90 53.99
O2 BMA S . -28.83 5.89 52.92
O3 BMA S . -28.40 3.42 54.09
O4 BMA S . -31.04 3.06 54.99
O5 BMA S . -31.53 5.38 52.21
O6 BMA S . -32.80 6.23 54.44
C1 MAN S . -27.88 2.08 54.01
C2 MAN S . -27.27 1.78 55.40
C3 MAN S . -26.12 2.75 55.63
C4 MAN S . -25.10 2.57 54.49
C5 MAN S . -25.80 2.87 53.16
C6 MAN S . -24.85 2.73 51.99
O2 MAN S . -26.69 0.46 55.54
O3 MAN S . -25.47 2.51 56.87
O4 MAN S . -24.02 3.46 54.67
O5 MAN S . -26.93 1.96 52.98
O6 MAN S . -23.99 3.87 51.98
C1 MAN S . -27.54 -0.67 55.26
C2 MAN S . -28.70 -0.79 56.28
C3 MAN S . -28.10 -1.00 57.66
C4 MAN S . -27.22 -2.25 57.66
C5 MAN S . -26.12 -2.09 56.61
C6 MAN S . -25.24 -3.32 56.45
O2 MAN S . -29.51 -1.94 56.01
O3 MAN S . -29.10 -1.12 58.66
O4 MAN S . -26.65 -2.44 58.95
O5 MAN S . -26.73 -1.83 55.32
O6 MAN S . -24.52 -3.51 57.67
C1 MAN S . -33.40 6.38 55.75
C2 MAN S . -33.99 7.81 55.84
C3 MAN S . -32.85 8.82 55.77
C4 MAN S . -31.86 8.54 56.91
C5 MAN S . -31.32 7.10 56.78
C6 MAN S . -30.39 6.70 57.90
O2 MAN S . -34.66 8.03 57.09
O3 MAN S . -33.33 10.16 55.87
O4 MAN S . -30.78 9.46 56.84
O5 MAN S . -32.44 6.19 56.79
O6 MAN S . -29.16 7.42 57.73
C1 NAG T . -21.99 -20.62 43.09
C2 NAG T . -21.20 -19.73 44.02
C3 NAG T . -20.08 -20.55 44.64
C4 NAG T . -20.67 -21.74 45.39
C5 NAG T . -21.50 -22.57 44.42
C6 NAG T . -22.22 -23.72 45.10
C7 NAG T . -20.45 -17.39 43.88
C8 NAG T . -19.85 -16.33 43.00
N2 NAG T . -20.64 -18.58 43.31
O3 NAG T . -19.33 -19.74 45.54
O4 NAG T . -19.61 -22.55 45.88
O5 NAG T . -22.52 -21.73 43.83
O6 NAG T . -23.15 -24.33 44.22
O7 NAG T . -20.75 -17.17 45.05
C1 NAG T . -19.81 -22.90 47.27
C2 NAG T . -18.92 -24.10 47.58
C3 NAG T . -19.08 -24.49 49.04
C4 NAG T . -18.73 -23.31 49.92
C5 NAG T . -19.64 -22.13 49.55
C6 NAG T . -19.31 -20.88 50.33
C7 NAG T . -18.41 -25.66 45.75
C8 NAG T . -18.91 -26.84 44.95
N2 NAG T . -19.22 -25.23 46.70
O3 NAG T . -18.21 -25.59 49.34
O4 NAG T . -18.91 -23.64 51.28
O5 NAG T . -19.47 -21.82 48.16
O6 NAG T . -20.35 -19.92 50.22
O7 NAG T . -17.33 -25.16 45.52
C1 NAG U . -19.50 12.15 28.52
C2 NAG U . -19.22 10.66 28.68
C3 NAG U . -18.98 10.36 30.14
C4 NAG U . -17.83 11.21 30.67
C5 NAG U . -18.17 12.68 30.45
C6 NAG U . -17.04 13.61 30.84
C7 NAG U . -20.18 8.94 27.21
C8 NAG U . -21.43 8.22 26.81
N2 NAG U . -20.32 9.86 28.16
O3 NAG U . -18.69 8.98 30.31
O4 NAG U . -17.64 10.96 32.06
O5 NAG U . -18.41 12.91 29.04
O6 NAG U . -15.92 13.47 29.98
O7 NAG U . -19.10 8.69 26.69
C1 NAG U . -16.25 10.69 32.40
C2 NAG U . -16.05 11.03 33.87
C3 NAG U . -14.59 10.79 34.22
C4 NAG U . -14.25 9.34 33.96
C5 NAG U . -14.51 9.02 32.49
C6 NAG U . -14.28 7.56 32.15
C7 NAG U . -17.41 12.75 34.99
C8 NAG U . -17.64 14.22 35.16
N2 NAG U . -16.42 12.40 34.16
O3 NAG U . -14.37 11.10 35.60
O4 NAG U . -12.87 9.11 34.25
O5 NAG U . -15.89 9.31 32.17
O6 NAG U . -15.18 6.72 32.88
O7 NAG U . -18.08 11.92 35.59
C1 BMA U . -12.69 7.97 35.10
C2 BMA U . -11.25 7.44 34.88
C3 BMA U . -11.08 6.20 35.74
C4 BMA U . -11.31 6.59 37.19
C5 BMA U . -12.74 7.14 37.35
C6 BMA U . -13.00 7.55 38.79
O2 BMA U . -10.28 8.41 35.28
O3 BMA U . -9.76 5.67 35.61
O4 BMA U . -11.15 5.44 38.01
O5 BMA U . -12.89 8.30 36.48
O6 BMA U . -13.22 6.37 39.55
C1 MAN U . -9.83 4.25 35.37
C2 MAN U . -8.58 3.59 36.00
C3 MAN U . -7.36 4.09 35.26
C4 MAN U . -7.48 3.78 33.76
C5 MAN U . -8.76 4.45 33.21
C6 MAN U . -9.02 4.12 31.76
O2 MAN U . -8.60 2.17 35.85
O3 MAN U . -6.16 3.51 35.77
O4 MAN U . -6.34 4.26 33.07
O5 MAN U . -9.90 3.98 33.98
O6 MAN U . -8.06 4.80 30.97
C1 NAG V . -54.40 -20.86 61.21
C2 NAG V . -55.27 -21.66 62.17
C3 NAG V . -54.39 -22.65 62.91
C4 NAG V . -53.71 -23.57 61.90
C5 NAG V . -52.92 -22.72 60.89
C6 NAG V . -52.32 -23.54 59.78
C7 NAG V . -57.25 -20.93 63.43
C8 NAG V . -57.79 -19.97 64.45
N2 NAG V . -55.96 -20.80 63.12
O3 NAG V . -55.19 -23.42 63.80
O4 NAG V . -52.76 -24.38 62.60
O5 NAG V . -53.79 -21.76 60.27
O6 NAG V . -51.23 -22.86 59.16
O7 NAG V . -57.96 -21.77 62.90
C1 NAG V . -53.16 -25.74 62.86
C2 NAG V . -51.86 -26.54 63.10
C3 NAG V . -52.23 -27.98 63.40
C4 NAG V . -53.12 -28.04 64.63
C5 NAG V . -54.38 -27.21 64.36
C6 NAG V . -55.32 -27.15 65.54
C7 NAG V . -49.95 -25.66 61.75
C8 NAG V . -49.61 -24.72 62.87
N2 NAG V . -51.00 -26.48 61.92
O3 NAG V . -51.03 -28.73 63.64
O4 NAG V . -53.48 -29.39 64.93
O5 NAG V . -54.01 -25.86 64.03
O6 NAG V . -54.65 -27.32 66.78
O7 NAG V . -49.29 -25.69 60.72
C1 BMA V . -52.90 -29.80 66.19
C2 BMA V . -53.54 -31.13 66.59
C3 BMA V . -52.91 -31.60 67.90
C4 BMA V . -51.39 -31.72 67.75
C5 BMA V . -50.82 -30.34 67.32
C6 BMA V . -49.32 -30.37 67.04
O2 BMA V . -53.28 -32.14 65.62
O3 BMA V . -53.45 -32.84 68.32
O4 BMA V . -50.84 -32.14 68.99
O5 BMA V . -51.48 -29.92 66.10
O6 BMA V . -48.63 -30.45 68.28
C1 NAG W . 39.12 -27.60 22.56
C2 NAG W . 38.70 -28.62 21.53
C3 NAG W . 38.52 -29.97 22.23
C4 NAG W . 39.82 -30.36 22.90
C5 NAG W . 40.27 -29.26 23.86
C6 NAG W . 41.64 -29.51 24.44
C7 NAG W . 37.45 -27.44 19.78
C8 NAG W . 36.10 -27.13 19.21
N2 NAG W . 37.47 -28.23 20.86
O3 NAG W . 38.15 -30.95 21.27
O4 NAG W . 39.62 -31.53 23.68
O5 NAG W . 40.36 -28.01 23.16
O6 NAG W . 41.99 -28.53 25.40
O7 NAG W . 38.47 -26.97 19.29
C1 NAG W . 40.16 -32.73 23.10
C2 NAG W . 40.62 -33.69 24.20
C3 NAG W . 41.16 -34.96 23.58
C4 NAG W . 40.09 -35.60 22.71
C5 NAG W . 39.63 -34.59 21.64
C6 NAG W . 38.47 -35.11 20.81
C7 NAG W . 41.39 -32.73 26.34
C8 NAG W . 42.55 -32.11 27.06
N2 NAG W . 41.62 -33.07 25.06
O3 NAG W . 41.55 -35.85 24.60
O4 NAG W . 40.63 -36.73 22.03
O5 NAG W . 39.17 -33.38 22.27
O6 NAG W . 38.18 -34.24 19.73
O7 NAG W . 40.32 -32.92 26.89
C1 BMA W . 40.40 -37.97 22.73
C2 BMA W . 40.11 -39.02 21.67
C3 BMA W . 39.88 -40.36 22.35
C4 BMA W . 41.11 -40.73 23.18
C5 BMA W . 41.39 -39.61 24.19
C6 BMA W . 42.65 -39.87 25.01
O2 BMA W . 41.21 -39.18 20.79
O3 BMA W . 39.66 -41.39 21.40
O4 BMA W . 40.85 -41.91 23.89
O5 BMA W . 41.54 -38.35 23.48
O6 BMA W . 43.78 -39.73 24.15
C1 MAN W . 38.36 -42.01 21.50
C2 MAN W . 38.55 -43.47 21.00
C3 MAN W . 38.95 -43.41 19.54
C4 MAN W . 37.87 -42.66 18.76
C5 MAN W . 37.76 -41.24 19.33
C6 MAN W . 36.71 -40.43 18.58
O2 MAN W . 37.35 -44.27 21.04
O3 MAN W . 39.10 -44.72 18.99
O4 MAN W . 38.23 -42.59 17.38
O5 MAN W . 37.41 -41.31 20.73
O6 MAN W . 37.27 -40.05 17.33
C1 MAN W . 36.66 -44.39 22.30
C2 MAN W . 37.52 -45.15 23.34
C3 MAN W . 37.77 -46.56 22.83
C4 MAN W . 36.43 -47.27 22.56
C5 MAN W . 35.63 -46.45 21.55
C6 MAN W . 34.24 -47.01 21.29
O2 MAN W . 36.81 -45.31 24.57
O3 MAN W . 38.55 -47.32 23.73
O4 MAN W . 36.68 -48.58 22.06
O5 MAN W . 35.46 -45.09 22.06
O6 MAN W . 34.38 -48.27 20.66
C1 MAN W . 44.76 -40.71 24.56
C2 MAN W . 46.17 -40.06 24.48
C3 MAN W . 46.48 -39.72 23.03
C4 MAN W . 46.39 -41.01 22.18
C5 MAN W . 44.99 -41.62 22.32
C6 MAN W . 44.84 -42.94 21.59
O2 MAN W . 47.19 -40.94 24.93
O3 MAN W . 47.76 -39.13 22.88
O4 MAN W . 46.66 -40.71 20.82
O5 MAN W . 44.72 -41.86 23.72
O6 MAN W . 44.83 -42.67 20.19
C1 NAG X . 13.02 -43.57 26.42
C2 NAG X . 13.84 -44.11 25.27
C3 NAG X . 13.05 -45.21 24.58
C4 NAG X . 12.70 -46.30 25.58
C5 NAG X . 11.92 -45.69 26.73
C6 NAG X . 11.63 -46.69 27.84
C7 NAG X . 15.31 -43.06 23.61
C8 NAG X . 15.49 -41.90 22.67
N2 NAG X . 14.19 -43.07 24.32
O3 NAG X . 13.81 -45.75 23.51
O4 NAG X . 11.89 -47.28 24.94
O5 NAG X . 12.70 -44.64 27.33
O6 NAG X . 11.10 -46.04 28.99
O7 NAG X . 16.16 -43.94 23.72
C1 NAG X . 12.34 -48.62 25.20
C2 NAG X . 11.19 -49.57 24.89
C3 NAG X . 11.63 -51.00 25.13
C4 NAG X . 12.85 -51.30 24.27
C5 NAG X . 13.97 -50.30 24.60
C6 NAG X . 15.19 -50.47 23.73
C7 NAG X . 8.89 -48.75 25.20
C8 NAG X . 7.79 -48.49 26.19
N2 NAG X . 10.02 -49.26 25.70
O3 NAG X . 10.58 -51.90 24.80
O4 NAG X . 13.31 -52.62 24.50
O5 NAG X . 13.48 -48.97 24.40
O6 NAG X . 16.31 -49.78 24.27
O7 NAG X . 8.75 -48.50 24.01
C1 NAG Y . 30.83 -16.43 10.96
C2 NAG Y . 29.63 -17.29 11.33
C3 NAG Y . 30.01 -18.76 11.17
C4 NAG Y . 30.46 -19.02 9.74
C5 NAG Y . 31.64 -18.12 9.43
C6 NAG Y . 32.11 -18.22 8.00
C7 NAG Y . 27.96 -16.62 13.01
C8 NAG Y . 27.71 -16.39 14.47
N2 NAG Y . 29.20 -17.02 12.69
O3 NAG Y . 28.88 -19.57 11.49
O4 NAG Y . 30.84 -20.39 9.60
O5 NAG Y . 31.25 -16.74 9.62
O6 NAG Y . 31.14 -17.71 7.09
O7 NAG Y . 27.09 -16.45 12.17
C1 NAG Y . 30.25 -21.03 8.45
C2 NAG Y . 31.13 -22.21 8.03
C3 NAG Y . 30.53 -22.86 6.80
C4 NAG Y . 29.11 -23.33 7.12
C5 NAG Y . 28.27 -22.14 7.58
C6 NAG Y . 26.89 -22.54 8.02
C7 NAG Y . 33.55 -22.20 8.48
C8 NAG Y . 34.88 -21.64 8.05
N2 NAG Y . 32.49 -21.78 7.78
O3 NAG Y . 31.34 -23.96 6.41
O4 NAG Y . 28.53 -23.91 5.96
O5 NAG Y . 28.90 -21.52 8.71
O6 NAG Y . 26.93 -23.42 9.14
O7 NAG Y . 33.44 -22.98 9.41
C1 BMA Y . 27.96 -25.21 6.24
C2 BMA Y . 26.88 -25.48 5.18
C3 BMA Y . 26.24 -26.82 5.51
C4 BMA Y . 27.33 -27.88 5.48
C5 BMA Y . 28.41 -27.55 6.52
C6 BMA Y . 29.51 -28.58 6.52
O2 BMA Y . 27.44 -25.56 3.87
O3 BMA Y . 25.24 -27.15 4.56
O4 BMA Y . 26.76 -29.15 5.78
O5 BMA Y . 28.95 -26.23 6.22
O6 BMA Y . 29.04 -29.75 7.17
C1 MAN Y . 24.04 -27.57 5.24
C2 MAN Y . 23.33 -28.62 4.37
C3 MAN Y . 22.88 -27.95 3.07
C4 MAN Y . 21.97 -26.75 3.40
C5 MAN Y . 22.75 -25.77 4.29
C6 MAN Y . 21.90 -24.60 4.75
O2 MAN Y . 22.14 -29.12 4.99
O3 MAN Y . 22.19 -28.85 2.22
O4 MAN Y . 21.56 -26.11 2.20
O5 MAN Y . 23.19 -26.47 5.48
O6 MAN Y . 21.68 -23.75 3.62
C1 NAG Z . 34.32 -54.35 54.85
C2 NAG Z . 34.50 -55.42 55.93
C3 NAG Z . 33.72 -56.65 55.52
C4 NAG Z . 32.25 -56.29 55.34
C5 NAG Z . 32.13 -55.15 54.32
C6 NAG Z . 30.70 -54.64 54.19
C7 NAG Z . 36.46 -55.86 57.35
C8 NAG Z . 37.90 -56.25 57.37
N2 NAG Z . 35.90 -55.75 56.14
O3 NAG Z . 33.85 -57.65 56.52
O4 NAG Z . 31.57 -57.42 54.80
O5 NAG Z . 32.93 -54.03 54.73
O6 NAG Z . 30.52 -53.96 52.95
O7 NAG Z . 35.83 -55.67 58.37
C1 NAG Z . 30.79 -58.20 55.72
C2 NAG Z . 29.75 -58.98 54.89
C3 NAG Z . 28.91 -59.83 55.82
C4 NAG Z . 29.81 -60.80 56.58
C5 NAG Z . 30.83 -59.98 57.38
C6 NAG Z . 31.81 -60.83 58.14
C7 NAG Z . 29.04 -57.70 52.85
C8 NAG Z . 30.18 -58.32 52.09
N2 NAG Z . 28.90 -58.05 54.14
O3 NAG Z . 27.96 -60.57 55.04
O4 NAG Z . 29.03 -61.60 57.46
O5 NAG Z . 31.58 -59.15 56.48
O6 NAG Z . 31.99 -62.11 57.54
O7 NAG Z . 28.26 -56.92 52.32
C1 BMA Z . 29.08 -62.99 57.05
C2 BMA Z . 28.47 -63.83 58.18
C3 BMA Z . 28.47 -65.29 57.74
C4 BMA Z . 27.70 -65.46 56.43
C5 BMA Z . 28.35 -64.56 55.34
C6 BMA Z . 27.60 -64.57 54.02
O2 BMA Z . 27.12 -63.48 58.42
O3 BMA Z . 27.91 -66.13 58.73
O4 BMA Z . 27.74 -66.84 56.04
O5 BMA Z . 28.36 -63.19 55.83
O6 BMA Z . 27.86 -65.81 53.37
C1 NAG AA . -26.51 -38.56 -24.74
C2 NAG AA . -27.64 -38.04 -23.87
C3 NAG AA . -28.30 -39.23 -23.17
C4 NAG AA . -28.81 -40.21 -24.22
C5 NAG AA . -27.66 -40.62 -25.14
C6 NAG AA . -28.13 -41.47 -26.30
C7 NAG AA . -27.04 -35.77 -23.15
C8 NAG AA . -26.53 -34.91 -22.03
N2 NAG AA . -27.16 -37.07 -22.89
O3 NAG AA . -29.36 -38.76 -22.36
O4 NAG AA . -29.27 -41.39 -23.57
O5 NAG AA . -27.04 -39.46 -25.71
O6 NAG AA . -27.03 -41.93 -27.08
O7 NAG AA . -27.32 -35.29 -24.25
C1 NAG AA . -30.70 -41.50 -23.51
C2 NAG AA . -31.10 -42.97 -23.58
C3 NAG AA . -32.61 -43.09 -23.50
C4 NAG AA . -33.10 -42.43 -22.20
C5 NAG AA . -32.64 -40.97 -22.16
C6 NAG AA . -32.98 -40.29 -20.86
C7 NAG AA . -29.65 -44.55 -24.81
C8 NAG AA . -29.28 -45.09 -26.15
N2 NAG AA . -30.61 -43.60 -24.79
O3 NAG AA . -32.99 -44.45 -23.52
O4 NAG AA . -34.53 -42.43 -22.18
O5 NAG AA . -31.21 -40.91 -22.30
O6 NAG AA . -32.69 -38.90 -20.92
O7 NAG AA . -29.12 -44.93 -23.78
C1 BMA AA . -35.09 -43.57 -21.49
C2 BMA AA . -36.30 -43.06 -20.71
C3 BMA AA . -36.93 -44.23 -19.97
C4 BMA AA . -37.31 -45.31 -20.97
C5 BMA AA . -36.07 -45.75 -21.75
C6 BMA AA . -36.39 -46.78 -22.81
O2 BMA AA . -37.28 -42.54 -21.60
O3 BMA AA . -38.10 -43.81 -19.29
O4 BMA AA . -37.81 -46.43 -20.27
O5 BMA AA . -35.48 -44.58 -22.39
O6 BMA AA . -37.14 -46.15 -23.86
C1 MAN AA . -38.03 -43.97 -17.86
C2 MAN AA . -39.48 -44.22 -17.37
C3 MAN AA . -40.29 -42.98 -17.69
C4 MAN AA . -39.65 -41.78 -17.00
C5 MAN AA . -38.22 -41.62 -17.52
C6 MAN AA . -37.51 -40.44 -16.89
O2 MAN AA . -39.62 -44.41 -15.95
O3 MAN AA . -41.64 -43.11 -17.24
O4 MAN AA . -40.39 -40.60 -17.27
O5 MAN AA . -37.46 -42.84 -17.25
O6 MAN AA . -38.04 -39.25 -17.48
C1 MAN AA . -38.84 -45.48 -15.35
C2 MAN AA . -39.29 -46.87 -15.85
C3 MAN AA . -40.74 -47.08 -15.45
C4 MAN AA . -40.90 -46.96 -13.93
C5 MAN AA . -40.41 -45.57 -13.49
C6 MAN AA . -40.41 -45.37 -11.99
O2 MAN AA . -38.54 -47.90 -15.21
O3 MAN AA . -41.22 -48.35 -15.88
O4 MAN AA . -42.25 -47.14 -13.56
O5 MAN AA . -39.03 -45.39 -13.96
O6 MAN AA . -41.77 -45.41 -11.55
C1 MAN AA . -38.10 -47.11 -24.35
C2 MAN AA . -38.19 -46.98 -25.90
C3 MAN AA . -38.73 -45.60 -26.23
C4 MAN AA . -40.12 -45.42 -25.57
C5 MAN AA . -39.97 -45.59 -24.05
C6 MAN AA . -41.30 -45.52 -23.32
O2 MAN AA . -39.08 -47.93 -26.46
O3 MAN AA . -38.85 -45.41 -27.64
O4 MAN AA . -40.63 -44.13 -25.86
O5 MAN AA . -39.39 -46.89 -23.78
O6 MAN AA . -41.74 -44.17 -23.35
C1 NAG BA . -26.83 -44.90 5.44
C2 NAG BA . -28.14 -44.27 4.99
C3 NAG BA . -29.01 -44.02 6.21
C4 NAG BA . -29.27 -45.34 6.93
C5 NAG BA . -27.92 -45.95 7.33
C6 NAG BA . -28.05 -47.32 7.95
C7 NAG BA . -28.68 -42.57 3.30
C8 NAG BA . -28.30 -41.25 2.70
N2 NAG BA . -27.90 -43.02 4.28
O3 NAG BA . -30.25 -43.45 5.81
O4 NAG BA . -30.00 -45.09 8.12
O5 NAG BA . -27.11 -46.13 6.14
O6 NAG BA . -26.80 -47.96 8.09
O7 NAG BA . -29.66 -43.20 2.90
C1 NAG BA . -31.11 -45.99 8.27
C2 NAG BA . -31.55 -45.96 9.73
C3 NAG BA . -32.74 -46.88 9.92
C4 NAG BA . -33.86 -46.46 9.00
C5 NAG BA . -33.37 -46.48 7.56
C6 NAG BA . -34.39 -45.99 6.57
C7 NAG BA . -29.84 -45.48 11.44
C8 NAG BA . -28.74 -46.07 12.27
N2 NAG BA . -30.46 -46.34 10.61
O3 NAG BA . -33.17 -46.83 11.28
O4 NAG BA . -34.97 -47.33 9.14
O5 NAG BA . -32.22 -45.62 7.43
O6 NAG BA . -34.03 -46.33 5.24
O7 NAG BA . -30.16 -44.30 11.52
C1 NAG CA . -19.96 -22.00 -21.41
C2 NAG CA . -19.98 -22.52 -19.98
C3 NAG CA . -21.35 -23.10 -19.68
C4 NAG CA . -22.42 -22.03 -19.90
C5 NAG CA . -22.32 -21.54 -21.34
C6 NAG CA . -23.28 -20.41 -21.65
C7 NAG CA . -17.99 -23.43 -18.84
C8 NAG CA . -17.02 -24.56 -18.79
N2 NAG CA . -18.94 -23.52 -19.77
O3 NAG CA . -21.39 -23.56 -18.33
O4 NAG CA . -23.71 -22.59 -19.67
O5 NAG CA . -21.00 -21.03 -21.58
O6 NAG CA . -22.92 -19.23 -20.95
O7 NAG CA . -17.91 -22.46 -18.08
C1 NAG CA . -24.53 -21.77 -18.79
C2 NAG CA . -26.00 -22.08 -19.06
C3 NAG CA . -26.86 -21.19 -18.18
C4 NAG CA . -26.52 -21.46 -16.73
C5 NAG CA . -25.03 -21.19 -16.50
C6 NAG CA . -24.59 -21.52 -15.09
C7 NAG CA . -26.74 -22.85 -21.28
C8 NAG CA . -27.04 -22.44 -22.69
N2 NAG CA . -26.33 -21.87 -20.46
O3 NAG CA . -28.23 -21.47 -18.43
O4 NAG CA . -27.29 -20.60 -15.89
O5 NAG CA . -24.24 -22.00 -17.38
O6 NAG CA . -24.75 -22.91 -14.81
O7 NAG CA . -26.88 -24.00 -20.89
C1 BMA CA . -27.95 -21.34 -14.84
C2 BMA CA . -28.23 -20.35 -13.69
C3 BMA CA . -28.88 -21.14 -12.56
C4 BMA CA . -30.16 -21.77 -13.08
C5 BMA CA . -29.82 -22.71 -14.25
C6 BMA CA . -31.08 -23.34 -14.81
O2 BMA CA . -29.14 -19.33 -14.09
O3 BMA CA . -29.20 -20.29 -11.46
O4 BMA CA . -30.78 -22.51 -12.04
O5 BMA CA . -29.16 -21.94 -15.30
O6 BMA CA . -31.50 -24.37 -13.92
C1 MAN CA . -28.72 -20.89 -10.23
C2 MAN CA . -29.68 -20.47 -9.09
C3 MAN CA . -29.59 -18.96 -8.91
C4 MAN CA . -28.13 -18.56 -8.62
C5 MAN CA . -27.24 -19.03 -9.78
C6 MAN CA . -25.76 -18.77 -9.55
O2 MAN CA . -29.30 -21.06 -7.85
O3 MAN CA . -30.43 -18.51 -7.86
O4 MAN CA . -28.03 -17.15 -8.46
O5 MAN CA . -27.40 -20.46 -9.95
O6 MAN CA . -25.55 -17.37 -9.65
C1 NAG DA . -30.29 -78.17 -10.67
C2 NAG DA . -30.67 -79.62 -10.43
C3 NAG DA . -31.51 -79.69 -9.18
C4 NAG DA . -30.73 -79.14 -8.00
C5 NAG DA . -30.28 -77.71 -8.32
C6 NAG DA . -29.37 -77.13 -7.25
C7 NAG DA . -31.12 -81.39 -12.09
C8 NAG DA . -32.00 -81.81 -13.23
N2 NAG DA . -31.39 -80.18 -11.57
O3 NAG DA . -31.89 -81.04 -8.93
O4 NAG DA . -31.61 -79.06 -6.88
O5 NAG DA . -29.52 -77.69 -9.55
O6 NAG DA . -29.35 -75.71 -7.30
O7 NAG DA . -30.23 -82.10 -11.65
C1 NAG DA . -31.48 -80.09 -5.88
C2 NAG DA . -32.07 -79.54 -4.58
C3 NAG DA . -31.97 -80.60 -3.50
C4 NAG DA . -32.72 -81.85 -3.94
C5 NAG DA . -32.09 -82.36 -5.25
C6 NAG DA . -32.80 -83.57 -5.81
C7 NAG DA . -31.76 -77.06 -4.37
C8 NAG DA . -33.06 -76.86 -5.10
N2 NAG DA . -31.36 -78.33 -4.16
O3 NAG DA . -32.54 -80.10 -2.29
O4 NAG DA . -32.62 -82.87 -2.94
O5 NAG DA . -32.17 -81.32 -6.25
O6 NAG DA . -34.16 -83.64 -5.39
O7 NAG DA . -31.09 -76.12 -3.97
C1 BMA DA . -33.93 -83.13 -2.37
C2 BMA DA . -33.81 -84.40 -1.51
C3 BMA DA . -35.16 -84.68 -0.88
C4 BMA DA . -35.61 -83.48 -0.04
C5 BMA DA . -35.68 -82.23 -0.96
C6 BMA DA . -36.02 -80.95 -0.21
O2 BMA DA . -32.88 -84.24 -0.46
O3 BMA DA . -35.13 -85.84 -0.07
O4 BMA DA . -36.89 -83.76 0.53
O5 BMA DA . -34.38 -82.04 -1.58
O6 BMA DA . -37.41 -80.97 0.12
C1 NAG EA . -15.36 -2.82 47.21
C2 NAG EA . -14.90 -1.43 47.63
C3 NAG EA . -13.41 -1.46 47.90
C4 NAG EA . -13.13 -2.49 49.00
C5 NAG EA . -13.65 -3.85 48.55
C6 NAG EA . -13.51 -4.91 49.62
C7 NAG EA . -16.15 0.48 46.70
C8 NAG EA . -16.30 1.41 45.53
N2 NAG EA . -15.20 -0.45 46.59
O3 NAG EA . -12.98 -0.17 48.32
O4 NAG EA . -11.73 -2.57 49.24
O5 NAG EA . -15.05 -3.76 48.26
O6 NAG EA . -14.31 -4.62 50.75
O7 NAG EA . -16.87 0.57 47.68
C1 NAG FA . -18.63 41.22 -0.43
C2 NAG FA . -17.20 41.63 -0.75
C3 NAG FA . -16.96 43.04 -0.24
C4 NAG FA . -17.95 43.98 -0.88
C5 NAG FA . -19.37 43.51 -0.57
C6 NAG FA . -20.44 44.33 -1.25
C7 NAG FA . -15.04 40.44 -0.70
C8 NAG FA . -14.18 39.47 0.05
N2 NAG FA . -16.24 40.71 -0.16
O3 NAG FA . -15.63 43.44 -0.54
O4 NAG FA . -17.78 45.31 -0.39
O5 NAG FA . -19.53 42.15 -1.03
O6 NAG FA . -20.29 44.29 -2.67
O7 NAG FA . -14.68 40.96 -1.75
C1 NAG GA . -17.36 -31.24 34.10
C2 NAG GA . -18.88 -31.27 34.24
C3 NAG GA . -19.28 -32.45 35.11
C4 NAG GA . -18.74 -33.73 34.51
C5 NAG GA . -17.22 -33.63 34.38
C6 NAG GA . -16.59 -34.83 33.71
C7 NAG GA . -20.41 -29.33 34.29
C8 NAG GA . -20.78 -28.08 35.02
N2 NAG GA . -19.38 -30.03 34.80
O3 NAG GA . -20.70 -32.51 35.20
O4 NAG GA . -19.06 -34.84 35.34
O5 NAG GA . -16.90 -32.49 33.56
O6 NAG GA . -15.19 -34.87 33.94
O7 NAG GA . -21.02 -29.71 33.30
C1 NAG HA . -30.63 -18.84 17.33
C2 NAG HA . -31.70 -18.30 18.28
C3 NAG HA . -32.94 -17.96 17.48
C4 NAG HA . -32.59 -16.93 16.41
C5 NAG HA . -31.49 -17.51 15.51
C6 NAG HA . -31.01 -16.53 14.47
C7 NAG HA . -32.44 -18.91 20.55
C8 NAG HA . -32.72 -20.03 21.49
N2 NAG HA . -32.02 -19.27 19.32
O3 NAG HA . -33.94 -17.43 18.36
O4 NAG HA . -33.74 -16.62 15.63
O5 NAG HA . -30.35 -17.86 16.32
O6 NAG HA . -30.12 -17.14 13.56
O7 NAG HA . -32.57 -17.73 20.86
C1 NAG IA . -35.02 22.53 5.61
C2 NAG IA . -36.44 21.98 5.56
C3 NAG IA . -36.89 21.91 4.12
C4 NAG IA . -36.80 23.30 3.50
C5 NAG IA . -35.38 23.83 3.63
C6 NAG IA . -35.22 25.25 3.13
C7 NAG IA . -36.91 20.47 7.45
C8 NAG IA . -36.92 19.06 7.93
N2 NAG IA . -36.52 20.67 6.19
O3 NAG IA . -38.23 21.43 4.06
O4 NAG IA . -37.16 23.25 2.13
O5 NAG IA . -34.99 23.83 5.02
O6 NAG IA . -35.38 25.32 1.72
O7 NAG IA . -37.22 21.41 8.19
C1 NAG JA . -41.37 12.80 0.85
C2 NAG JA . -41.17 13.18 -0.61
C3 NAG JA . -42.53 13.28 -1.28
C4 NAG JA . -43.26 11.95 -1.14
C5 NAG JA . -43.39 11.61 0.34
C6 NAG JA . -44.02 10.25 0.57
C7 NAG JA . -39.21 14.53 -1.21
C8 NAG JA . -38.63 15.91 -1.26
N2 NAG JA . -40.45 14.43 -0.74
O3 NAG JA . -42.35 13.59 -2.66
O4 NAG JA . -44.57 12.04 -1.71
O5 NAG JA . -42.08 11.57 0.94
O6 NAG JA . -43.25 9.21 -0.02
O7 NAG JA . -38.57 13.55 -1.58
C1 NAG KA . -25.89 14.48 38.71
C2 NAG KA . -27.16 15.19 39.18
C3 NAG KA . -26.84 16.65 39.41
C4 NAG KA . -25.73 16.79 40.43
C5 NAG KA . -24.50 16.03 39.92
C6 NAG KA . -23.34 16.03 40.89
C7 NAG KA . -29.34 14.33 38.43
C8 NAG KA . -30.33 14.29 37.31
N2 NAG KA . -28.23 15.04 38.21
O3 NAG KA . -28.01 17.32 39.89
O4 NAG KA . -25.38 18.15 40.62
O5 NAG KA . -24.86 14.66 39.68
O6 NAG KA . -22.19 15.44 40.32
O7 NAG KA . -29.54 13.76 39.50
C1 NAG LA . -44.87 19.81 32.29
C2 NAG LA . -45.33 20.25 30.91
C3 NAG LA . -46.82 20.55 30.96
C4 NAG LA . -47.56 19.30 31.41
C5 NAG LA . -47.03 18.86 32.78
C6 NAG LA . -47.64 17.57 33.26
C7 NAG LA . -44.49 22.56 31.10
C8 NAG LA . -43.67 23.62 30.44
N2 NAG LA . -44.58 21.39 30.43
O3 NAG LA . -47.27 20.95 29.67
O4 NAG LA . -48.95 19.58 31.52
O5 NAG LA . -45.61 18.64 32.70
O6 NAG LA . -49.02 17.75 33.57
O7 NAG LA . -45.05 22.73 32.16
C1 NAG MA . -39.71 -0.60 29.67
C2 NAG MA . -39.84 -1.98 29.02
C3 NAG MA . -41.27 -2.19 28.57
C4 NAG MA . -42.19 -2.06 29.77
C5 NAG MA . -42.01 -0.68 30.38
C6 NAG MA . -42.85 -0.47 31.62
C7 NAG MA . -37.89 -2.95 27.86
C8 NAG MA . -37.07 -2.93 26.61
N2 NAG MA . -38.92 -2.10 27.89
O3 NAG MA . -41.39 -3.49 28.00
O4 NAG MA . -43.55 -2.23 29.36
O5 NAG MA . -40.64 -0.50 30.77
O6 NAG MA . -44.24 -0.54 31.34
O7 NAG MA . -37.64 -3.71 28.79
C1 NAG NA . -22.41 19.56 29.72
C2 NAG NA . -20.91 19.51 29.57
C3 NAG NA . -20.27 20.45 30.56
C4 NAG NA . -20.79 21.86 30.30
C5 NAG NA . -22.31 21.86 30.42
C6 NAG NA . -22.92 23.20 30.07
C7 NAG NA . -20.03 17.36 28.75
C8 NAG NA . -19.54 15.99 29.13
N2 NAG NA . -20.41 18.15 29.75
O3 NAG NA . -18.85 20.42 30.40
O4 NAG NA . -20.24 22.76 31.26
O5 NAG NA . -22.87 20.91 29.50
O6 NAG NA . -22.76 23.50 28.69
O7 NAG NA . -20.07 17.73 27.57
C1 NAG OA . -33.22 27.48 23.96
C2 NAG OA . -32.68 28.76 24.57
C3 NAG OA . -33.72 29.37 25.48
C4 NAG OA . -34.99 29.64 24.67
C5 NAG OA . -35.48 28.34 24.04
C6 NAG OA . -36.66 28.55 23.13
C7 NAG OA . -30.24 28.93 24.83
C8 NAG OA . -29.07 28.60 25.69
N2 NAG OA . -31.44 28.53 25.28
O3 NAG OA . -33.22 30.57 26.04
O4 NAG OA . -36.00 30.18 25.52
O5 NAG OA . -34.43 27.77 23.24
O6 NAG OA . -37.03 27.35 22.48
O7 NAG OA . -30.11 29.51 23.76
C1 NAG PA . -23.95 35.64 8.58
C2 NAG PA . -25.03 35.61 9.66
C3 NAG PA . -25.38 37.03 10.05
C4 NAG PA . -24.14 37.74 10.56
C5 NAG PA . -23.06 37.72 9.48
C6 NAG PA . -21.74 38.28 9.94
C7 NAG PA . -26.72 33.83 9.80
C8 NAG PA . -27.95 33.24 9.18
N2 NAG PA . -26.22 34.91 9.20
O3 NAG PA . -26.39 37.02 11.05
O4 NAG PA . -24.44 39.09 10.91
O5 NAG PA . -22.80 36.36 9.07
O6 NAG PA . -20.84 37.26 10.35
O7 NAG PA . -26.21 33.34 10.81
C1 NAG QA . -48.88 28.93 14.19
C2 NAG QA . -49.27 29.41 12.79
C3 NAG QA . -48.20 30.33 12.25
C4 NAG QA . -48.01 31.51 13.21
C5 NAG QA . -47.64 30.97 14.58
C6 NAG QA . -47.51 32.06 15.63
C7 NAG QA . -50.68 27.78 11.59
C8 NAG QA . -50.68 26.61 10.65
N2 NAG QA . -49.47 28.28 11.90
O3 NAG QA . -48.58 30.80 10.96
O4 NAG QA . -46.97 32.36 12.74
O5 NAG QA . -48.67 30.08 15.04
O6 NAG QA . -46.66 31.65 16.70
O7 NAG QA . -51.71 28.24 12.07
C1 NAG RA . -47.70 6.60 30.54
C2 NAG RA . -47.16 5.40 31.31
C3 NAG RA . -48.28 4.83 32.16
C4 NAG RA . -48.79 5.91 33.11
C5 NAG RA . -49.25 7.12 32.30
C6 NAG RA . -49.65 8.28 33.18
C7 NAG RA . -45.50 3.72 30.64
C8 NAG RA . -45.12 2.72 29.59
N2 NAG RA . -46.63 4.39 30.40
O3 NAG RA . -47.79 3.71 32.89
O4 NAG RA . -49.87 5.41 33.88
O5 NAG RA . -48.17 7.59 31.46
O6 NAG RA . -48.60 8.66 34.05
O7 NAG RA . -44.82 3.91 31.64
C1 NAG SA . -18.75 30.87 -32.64
C2 NAG SA . -18.16 31.05 -34.03
C3 NAG SA . -19.13 30.50 -35.06
C4 NAG SA . -19.42 29.04 -34.76
C5 NAG SA . -19.97 28.92 -33.34
C6 NAG SA . -20.19 27.48 -32.92
C7 NAG SA . -16.80 32.82 -35.03
C8 NAG SA . -16.63 34.31 -35.21
N2 NAG SA . -17.84 32.44 -34.30
O3 NAG SA . -18.57 30.63 -36.36
O4 NAG SA . -20.37 28.53 -35.69
O5 NAG SA . -19.03 29.47 -32.41
O6 NAG SA . -20.85 27.40 -31.67
O7 NAG SA . -16.01 32.02 -35.53
C1 NAG TA . -22.32 46.07 -20.55
C2 NAG TA . -22.33 47.57 -20.74
C3 NAG TA . -23.43 48.17 -19.90
C4 NAG TA . -24.77 47.56 -20.31
C5 NAG TA . -24.69 46.05 -20.13
C6 NAG TA . -25.93 45.34 -20.60
C7 NAG TA . -20.12 48.52 -21.28
C8 NAG TA . -18.86 49.11 -20.71
N2 NAG TA . -21.04 48.15 -20.39
O3 NAG TA . -23.47 49.59 -20.08
O4 NAG TA . -25.81 48.07 -19.49
O5 NAG TA . -23.60 45.52 -20.91
O6 NAG TA . -26.25 45.67 -21.94
O7 NAG TA . -20.29 48.39 -22.48
C1 NAG UA . -25.26 23.65 -20.74
C2 NAG UA . -26.12 24.91 -20.83
C3 NAG UA . -27.30 24.78 -19.89
C4 NAG UA . -28.09 23.54 -20.25
C5 NAG UA . -27.17 22.31 -20.18
C6 NAG UA . -27.86 21.04 -20.61
C7 NAG UA . -24.89 26.94 -21.46
C8 NAG UA . -24.12 28.13 -20.96
N2 NAG UA . -25.35 26.11 -20.54
O3 NAG UA . -28.12 25.94 -19.99
O4 NAG UA . -29.18 23.36 -19.34
O5 NAG UA . -26.05 22.50 -21.06
O6 NAG UA . -27.08 19.89 -20.28
O7 NAG UA . -25.08 26.76 -22.66
C1 NAG VA . 26.32 -40.26 12.64
C2 NAG VA . 27.42 -40.07 11.60
C3 NAG VA . 26.93 -40.57 10.26
C4 NAG VA . 26.53 -42.04 10.38
C5 NAG VA . 25.47 -42.18 11.46
C6 NAG VA . 25.08 -43.62 11.73
C7 NAG VA . 28.97 -38.20 11.97
C8 NAG VA . 29.21 -36.73 11.76
N2 NAG VA . 27.82 -38.67 11.51
O3 NAG VA . 27.97 -40.43 9.29
O4 NAG VA . 26.03 -42.52 9.14
O5 NAG VA . 25.96 -41.65 12.70
O6 NAG VA . 26.17 -44.35 12.27
O7 NAG VA . 29.80 -38.91 12.53
C1 NAG WA . 39.56 21.91 -0.73
C2 NAG WA . 39.17 22.14 -2.18
C3 NAG WA . 40.43 22.30 -3.02
C4 NAG WA . 41.25 23.45 -2.48
C5 NAG WA . 41.59 23.18 -1.02
C6 NAG WA . 42.34 24.33 -0.37
C7 NAG WA . 37.40 21.22 -3.61
C8 NAG WA . 36.65 19.99 -4.02
N2 NAG WA . 38.35 21.06 -2.69
O3 NAG WA . 40.06 22.53 -4.37
O4 NAG WA . 42.46 23.58 -3.23
O5 NAG WA . 40.38 23.01 -0.27
O6 NAG WA . 41.57 25.53 -0.42
O7 NAG WA . 37.16 22.32 -4.10
C1 NAG XA . -1.43 -41.18 27.23
C2 NAG XA . -0.79 -41.07 28.61
C3 NAG XA . -1.14 -42.31 29.43
C4 NAG XA . -2.65 -42.44 29.52
C5 NAG XA . -3.23 -42.53 28.10
C6 NAG XA . -4.73 -42.59 28.09
C7 NAG XA . 1.37 -40.01 29.15
C8 NAG XA . 2.84 -40.03 28.91
N2 NAG XA . 0.65 -40.93 28.50
O3 NAG XA . -0.58 -42.19 30.73
O4 NAG XA . -2.99 -43.62 30.24
O5 NAG XA . -2.85 -41.35 27.37
O6 NAG XA . -5.22 -43.03 26.83
O7 NAG XA . 0.84 -39.20 29.92
C1 NAG YA . 5.62 -18.74 34.80
C2 NAG YA . 6.91 -19.16 35.49
C3 NAG YA . 7.31 -18.10 36.50
C4 NAG YA . 7.46 -16.76 35.80
C5 NAG YA . 6.15 -16.40 35.10
C6 NAG YA . 6.23 -15.13 34.31
C7 NAG YA . 7.80 -21.30 36.29
C8 NAG YA . 7.49 -22.59 36.97
N2 NAG YA . 6.78 -20.46 36.13
O3 NAG YA . 8.53 -18.47 37.13
O4 NAG YA . 7.78 -15.74 36.75
O5 NAG YA . 5.80 -17.45 34.19
O6 NAG YA . 4.95 -14.74 33.80
O7 NAG YA . 8.93 -21.02 35.90
C1 NAG ZA . 34.28 10.86 21.74
C2 NAG ZA . 34.39 10.88 23.25
C3 NAG ZA . 33.82 12.19 23.76
C4 NAG ZA . 34.59 13.35 23.12
C5 NAG ZA . 34.50 13.25 21.61
C6 NAG ZA . 35.31 14.29 20.88
C7 NAG ZA . 34.29 8.62 24.22
C8 NAG ZA . 33.40 7.58 24.81
N2 NAG ZA . 33.69 9.76 23.85
O3 NAG ZA . 33.95 12.25 25.18
O4 NAG ZA . 34.04 14.59 23.55
O5 NAG ZA . 35.00 11.96 21.18
O6 NAG ZA . 34.77 15.59 21.07
O7 NAG ZA . 35.50 8.45 24.07
C1 NAG AB . 26.91 11.70 31.86
C2 NAG AB . 26.43 13.12 31.60
C3 NAG AB . 26.73 13.97 32.82
C4 NAG AB . 26.05 13.38 34.04
C5 NAG AB . 26.53 11.94 34.23
C6 NAG AB . 25.83 11.22 35.35
C7 NAG AB . 26.42 13.93 29.28
C8 NAG AB . 27.25 14.50 28.17
N2 NAG AB . 27.06 13.67 30.42
O3 NAG AB . 26.25 15.30 32.60
O4 NAG AB . 26.36 14.13 35.21
O5 NAG AB . 26.26 11.18 33.03
O6 NAG AB . 24.43 11.16 35.14
O7 NAG AB . 25.22 13.71 29.14
C1 NAG BB . 40.04 -23.32 15.21
C2 NAG BB . 41.32 -23.20 16.02
C3 NAG BB . 42.47 -22.80 15.11
C4 NAG BB . 42.61 -23.82 13.98
C5 NAG BB . 41.28 -23.90 13.23
C6 NAG BB . 41.29 -24.94 12.14
C7 NAG BB . 41.17 -22.58 18.40
C8 NAG BB . 41.00 -21.45 19.37
N2 NAG BB . 41.17 -22.24 17.11
O3 NAG BB . 43.68 -22.73 15.86
O4 NAG BB . 43.64 -23.43 13.09
O5 NAG BB . 40.24 -24.26 14.14
O6 NAG BB . 40.09 -24.90 11.38
O7 NAG BB . 41.30 -23.74 18.77
C1 NAG CB . 48.74 -12.21 30.41
C2 NAG CB . 48.60 -10.72 30.71
C3 NAG CB . 49.46 -10.40 31.92
C4 NAG CB . 48.99 -11.22 33.10
C5 NAG CB . 49.07 -12.72 32.73
C6 NAG CB . 48.54 -13.62 33.82
C7 NAG CB . 50.16 -9.98 28.96
C8 NAG CB . 50.36 -9.06 27.80
N2 NAG CB . 48.98 -9.91 29.57
O3 NAG CB . 49.34 -9.00 32.23
O4 NAG CB . 49.82 -10.97 34.24
O5 NAG CB . 48.30 -12.97 31.55
O6 NAG CB . 49.37 -13.59 34.97
O7 NAG CB . 51.04 -10.76 29.34
C1 NAG DB . 29.41 -19.91 34.59
C2 NAG DB . 28.07 -19.95 35.32
C3 NAG DB . 28.25 -19.41 36.73
C4 NAG DB . 29.30 -20.26 37.44
C5 NAG DB . 30.60 -20.20 36.67
C6 NAG DB . 31.68 -21.07 37.26
C7 NAG DB . 25.98 -19.67 34.04
C8 NAG DB . 25.07 -18.70 33.35
N2 NAG DB . 27.08 -19.16 34.60
O3 NAG DB . 27.01 -19.47 37.42
O4 NAG DB . 29.51 -19.75 38.76
O5 NAG DB . 30.38 -20.68 35.33
O6 NAG DB . 32.05 -20.62 38.56
O7 NAG DB . 25.73 -20.88 34.09
C1 NAG EB . 38.38 -13.69 10.37
C2 NAG EB . 37.67 -13.83 9.04
C3 NAG EB . 38.63 -14.38 8.00
C4 NAG EB . 39.82 -13.44 7.89
C5 NAG EB . 40.48 -13.29 9.26
C6 NAG EB . 41.61 -12.28 9.26
C7 NAG EB . 35.24 -14.21 9.20
C8 NAG EB . 34.17 -15.24 9.33
N2 NAG EB . 36.50 -14.68 9.16
O3 NAG EB . 37.97 -14.48 6.75
O4 NAG EB . 40.77 -13.96 6.96
O5 NAG EB . 39.51 -12.82 10.21
O6 NAG EB . 41.13 -10.97 9.06
O7 NAG EB . 34.99 -13.02 9.14
C1 NAG FB . 46.16 -3.33 17.05
C2 NAG FB . 47.24 -3.37 15.99
C3 NAG FB . 48.56 -3.73 16.62
C4 NAG FB . 48.90 -2.70 17.68
C5 NAG FB . 47.77 -2.64 18.71
C6 NAG FB . 47.98 -1.56 19.74
C7 NAG FB . 46.53 -3.92 13.70
C8 NAG FB . 46.22 -5.02 12.73
N2 NAG FB . 46.90 -4.31 14.92
O3 NAG FB . 49.58 -3.77 15.63
O4 NAG FB . 50.12 -3.03 18.33
O5 NAG FB . 46.53 -2.36 18.06
O6 NAG FB . 46.88 -1.46 20.64
O7 NAG FB . 46.43 -2.74 13.39
C1 NAG GB . 41.58 12.36 6.01
C2 NAG GB . 42.50 11.57 6.93
C3 NAG GB . 43.94 11.92 6.62
C4 NAG GB . 44.25 11.58 5.17
C5 NAG GB . 43.29 12.36 4.26
C6 NAG GB . 43.43 11.99 2.80
C7 NAG GB . 41.84 10.91 9.20
C8 NAG GB . 41.56 11.39 10.60
N2 NAG GB . 42.20 11.85 8.32
O3 NAG GB . 44.81 11.19 7.48
O4 NAG GB . 45.59 11.93 4.86
O5 NAG GB . 41.92 12.06 4.63
O6 NAG GB . 42.46 11.03 2.41
O7 NAG GB . 41.73 9.72 8.90
C1 NAG HB . 48.89 8.45 31.08
C2 NAG HB . 48.76 9.95 31.30
C3 NAG HB . 48.80 10.66 29.97
C4 NAG HB . 50.10 10.32 29.25
C5 NAG HB . 50.18 8.82 29.07
C6 NAG HB . 51.48 8.37 28.43
C7 NAG HB . 47.47 10.49 33.33
C8 NAG HB . 46.11 10.80 33.88
N2 NAG HB . 47.53 10.26 32.01
O3 NAG HB . 48.71 12.07 30.18
O4 NAG HB . 50.14 10.95 27.97
O5 NAG HB . 50.11 8.18 30.36
O6 NAG HB . 51.33 7.10 27.79
O7 NAG HB . 48.47 10.45 34.04
C1 NAG IB . 38.64 -16.15 38.68
C2 NAG IB . 37.86 -17.45 38.68
C3 NAG IB . 38.26 -18.27 39.88
C4 NAG IB . 39.76 -18.54 39.83
C5 NAG IB . 40.52 -17.21 39.77
C6 NAG IB . 42.00 -17.39 39.60
C7 NAG IB . 35.56 -17.88 37.92
C8 NAG IB . 34.13 -17.47 38.06
N2 NAG IB . 36.43 -17.19 38.68
O3 NAG IB . 37.54 -19.49 39.88
O4 NAG IB . 40.17 -19.27 40.98
O5 NAG IB . 40.05 -16.44 38.65
O6 NAG IB . 42.30 -18.16 38.44
O7 NAG IB . 35.91 -18.79 37.18
C1 NAG JB . 16.20 45.59 5.47
C2 NAG JB . 15.44 46.79 4.93
C3 NAG JB . 14.90 47.61 6.09
C4 NAG JB . 14.02 46.73 6.96
C5 NAG JB . 14.81 45.52 7.44
C6 NAG JB . 13.97 44.54 8.23
C7 NAG JB . 15.82 48.24 2.99
C8 NAG JB . 16.83 49.04 2.21
N2 NAG JB . 16.27 47.60 4.06
O3 NAG JB . 14.16 48.72 5.60
O4 NAG JB . 13.55 47.47 8.09
O5 NAG JB . 15.32 44.80 6.31
O6 NAG JB . 14.77 43.51 8.79
O7 NAG JB . 14.64 48.20 2.65
C1 NAG KB . 35.28 42.37 1.58
C2 NAG KB . 36.38 43.22 0.96
C3 NAG KB . 37.69 42.93 1.66
C4 NAG KB . 37.55 43.23 3.15
C5 NAG KB . 36.42 42.38 3.72
C6 NAG KB . 36.13 42.66 5.17
C7 NAG KB . 35.99 43.75 -1.40
C8 NAG KB . 36.22 43.32 -2.82
N2 NAG KB . 36.50 42.95 -0.46
O3 NAG KB . 38.73 43.72 1.10
O4 NAG KB . 38.76 42.90 3.83
O5 NAG KB . 35.20 42.65 2.99
O6 NAG KB . 35.88 44.05 5.37
O7 NAG KB . 35.39 44.78 -1.13
C1 NAG LB . 18.77 32.93 13.80
C2 NAG LB . 20.05 33.73 14.05
C3 NAG LB . 20.87 33.02 15.12
C4 NAG LB . 20.04 32.91 16.39
C5 NAG LB . 18.74 32.15 16.07
C6 NAG LB . 17.81 32.06 17.26
C7 NAG LB . 20.86 34.99 12.11
C8 NAG LB . 21.72 34.96 10.88
N2 NAG LB . 20.83 33.87 12.82
O3 NAG LB . 22.05 33.76 15.38
O4 NAG LB . 20.76 32.21 17.39
O5 NAG LB . 18.03 32.83 15.03
O6 NAG LB . 16.76 31.14 17.03
O7 NAG LB . 20.22 35.99 12.42
C1 NAG MB . -36.07 -33.45 -7.26
C2 NAG MB . -36.85 -32.64 -8.29
C3 NAG MB . -37.70 -31.60 -7.56
C4 NAG MB . -38.63 -32.31 -6.59
C5 NAG MB . -37.80 -33.14 -5.61
C6 NAG MB . -38.65 -33.96 -4.67
C7 NAG MB . -35.82 -32.37 -10.51
C8 NAG MB . -34.87 -31.56 -11.33
N2 NAG MB . -35.96 -31.99 -9.23
O3 NAG MB . -38.46 -30.86 -8.51
O4 NAG MB . -39.40 -31.35 -5.86
O5 NAG MB . -36.99 -34.08 -6.34
O6 NAG MB . -39.40 -34.94 -5.36
O7 NAG MB . -36.45 -33.31 -10.97
C1 NAG NB . 1.13 4.09 -45.03
C2 NAG NB . 0.78 5.53 -44.69
C3 NAG NB . 0.00 6.13 -45.85
C4 NAG NB . 0.83 6.04 -47.13
C5 NAG NB . 1.18 4.59 -47.39
C6 NAG NB . 2.09 4.41 -48.59
C7 NAG NB . 0.08 6.66 -42.64
C8 NAG NB . -0.79 6.59 -41.41
N2 NAG NB . 0.01 5.62 -43.47
O3 NAG NB . -0.31 7.49 -45.55
O4 NAG NB . 0.09 6.57 -48.22
O5 NAG NB . 1.87 4.05 -46.26
O6 NAG NB . 3.31 5.11 -48.41
O7 NAG NB . 0.79 7.62 -42.87
C1 NAG OB . -18.84 -42.20 17.43
C2 NAG OB . -18.35 -43.47 16.74
C3 NAG OB . -18.79 -44.69 17.53
C4 NAG OB . -18.25 -44.58 18.96
C5 NAG OB . -18.76 -43.28 19.59
C6 NAG OB . -18.21 -43.05 20.98
C7 NAG OB . -18.11 -43.82 14.30
C8 NAG OB . -18.83 -43.86 12.99
N2 NAG OB . -18.87 -43.54 15.38
O3 NAG OB . -18.30 -45.87 16.91
O4 NAG OB . -18.70 -45.69 19.72
O5 NAG OB . -18.33 -42.17 18.78
O6 NAG OB . -18.97 -42.06 21.66
O7 NAG OB . -16.91 -44.04 14.40
C1 NAG PB . -0.42 -39.90 1.11
C2 NAG PB . -0.94 -40.91 0.08
C3 NAG PB . 0.22 -41.38 -0.78
C4 NAG PB . 0.87 -40.19 -1.45
C5 NAG PB . 1.34 -39.20 -0.37
C6 NAG PB . 1.94 -37.95 -0.95
C7 NAG PB . -2.60 -42.72 0.15
C8 NAG PB . -3.16 -43.84 0.95
N2 NAG PB . -1.60 -42.03 0.72
O3 NAG PB . -0.26 -42.30 -1.75
O4 NAG PB . 2.00 -40.62 -2.22
O5 NAG PB . 0.22 -38.81 0.43
O6 NAG PB . 2.51 -37.13 0.06
O7 NAG PB . -3.02 -42.43 -0.96
C1 NAG QB . 5.22 -19.76 -36.71
C2 NAG QB . 5.91 -21.10 -36.90
C3 NAG QB . 7.41 -20.87 -36.98
C4 NAG QB . 7.70 -19.91 -38.13
C5 NAG QB . 6.94 -18.61 -37.92
C6 NAG QB . 7.09 -17.64 -39.07
C7 NAG QB . 4.63 -22.95 -35.90
C8 NAG QB . 4.45 -23.80 -34.68
N2 NAG QB . 5.59 -22.02 -35.82
O3 NAG QB . 8.08 -22.11 -37.18
O4 NAG QB . 9.10 -19.64 -38.19
O5 NAG QB . 5.53 -18.90 -37.80
O6 NAG QB . 8.42 -17.13 -39.13
O7 NAG QB . 3.95 -23.09 -36.90
C1 NAG RB . 13.61 -27.09 -30.94
C2 NAG RB . 14.79 -26.14 -31.10
C3 NAG RB . 15.92 -26.87 -31.79
C4 NAG RB . 16.31 -28.11 -30.99
C5 NAG RB . 15.07 -28.99 -30.82
C6 NAG RB . 15.33 -30.20 -29.94
C7 NAG RB . 14.33 -23.74 -31.31
C8 NAG RB . 13.92 -22.64 -32.25
N2 NAG RB . 14.41 -24.96 -31.85
O3 NAG RB . 17.05 -26.01 -31.92
O4 NAG RB . 17.33 -28.85 -31.65
O5 NAG RB . 14.02 -28.25 -30.20
O6 NAG RB . 15.74 -29.81 -28.63
O7 NAG RB . 14.57 -23.51 -30.13
C1 NAG SB . -27.01 -30.32 -27.02
C2 NAG SB . -27.05 -31.19 -28.27
C3 NAG SB . -27.61 -30.39 -29.42
C4 NAG SB . -29.00 -29.88 -29.06
C5 NAG SB . -28.90 -29.04 -27.78
C6 NAG SB . -30.23 -28.55 -27.29
C7 NAG SB . -25.36 -32.98 -28.51
C8 NAG SB . -23.95 -33.29 -28.89
N2 NAG SB . -25.71 -31.69 -28.59
O3 NAG SB . -27.68 -31.21 -30.58
O4 NAG SB . -29.52 -29.09 -30.11
O5 NAG SB . -28.33 -29.84 -26.73
O6 NAG SB . -30.09 -27.66 -26.18
O7 NAG SB . -26.15 -33.84 -28.16
C1 NAG TB . -14.52 -40.08 -40.38
C2 NAG TB . -13.16 -39.66 -40.91
C3 NAG TB . -12.67 -40.72 -41.89
C4 NAG TB . -12.58 -42.05 -41.17
C5 NAG TB . -13.95 -42.41 -40.60
C6 NAG TB . -13.94 -43.68 -39.79
C7 NAG TB . -14.03 -38.05 -42.56
C8 NAG TB . -13.94 -36.65 -43.06
N2 NAG TB . -13.22 -38.35 -41.54
O3 NAG TB . -11.39 -40.34 -42.39
O4 NAG TB . -12.16 -43.06 -42.08
O5 NAG TB . -14.41 -41.36 -39.72
O6 NAG TB . -13.70 -44.81 -40.60
O7 NAG TB . -14.81 -38.87 -43.04
C1 NAG UB . -10.91 -44.10 -19.87
C2 NAG UB . -10.05 -44.53 -18.67
C3 NAG UB . -9.04 -45.56 -19.14
C4 NAG UB . -9.77 -46.74 -19.76
C5 NAG UB . -10.62 -46.24 -20.92
C6 NAG UB . -11.44 -47.33 -21.56
C7 NAG UB . -9.62 -42.95 -16.84
C8 NAG UB . -8.83 -41.76 -16.40
N2 NAG UB . -9.38 -43.38 -18.08
O3 NAG UB . -8.26 -46.00 -18.03
O4 NAG UB . -8.83 -47.70 -20.24
O5 NAG UB . -11.54 -45.25 -20.45
O6 NAG UB . -10.62 -48.33 -22.15
O7 NAG UB . -10.44 -43.49 -16.10
C1 NAG VB . -21.09 -21.47 -29.37
C2 NAG VB . -21.54 -20.25 -28.59
C3 NAG VB . -22.85 -19.74 -29.17
C4 NAG VB . -22.63 -19.41 -30.65
C5 NAG VB . -22.14 -20.66 -31.37
C6 NAG VB . -21.80 -20.38 -32.83
C7 NAG VB . -20.80 -20.17 -26.25
C8 NAG VB . -21.12 -20.57 -24.84
N2 NAG VB . -21.69 -20.55 -27.18
O3 NAG VB . -23.27 -18.58 -28.47
O4 NAG VB . -23.86 -18.99 -31.23
O5 NAG VB . -20.92 -21.13 -30.75
O6 NAG VB . -20.66 -19.54 -32.94
O7 NAG VB . -19.79 -19.54 -26.53
C1 NAG WB . -12.88 -23.94 -41.15
C2 NAG WB . -13.84 -23.20 -42.05
C3 NAG WB . -14.35 -24.14 -43.13
C4 NAG WB . -13.17 -24.66 -43.93
C5 NAG WB . -12.18 -25.35 -42.99
C6 NAG WB . -10.93 -25.81 -43.69
C7 NAG WB . -15.08 -21.32 -41.06
C8 NAG WB . -16.27 -20.91 -40.25
N2 NAG WB . -14.94 -22.63 -41.30
O3 NAG WB . -15.26 -23.44 -43.98
O4 NAG WB . -13.60 -25.58 -44.92
O5 NAG WB . -11.78 -24.45 -41.94
O6 NAG WB . -9.99 -26.37 -42.78
O7 NAG WB . -14.25 -20.50 -41.45
C1 NAG XB . -3.99 -6.45 -43.14
C2 NAG XB . -4.53 -7.76 -43.67
C3 NAG XB . -4.97 -7.57 -45.11
C4 NAG XB . -6.05 -6.49 -45.16
C5 NAG XB . -5.49 -5.19 -44.58
C6 NAG XB . -6.52 -4.10 -44.47
C7 NAG XB . -3.70 -9.95 -42.91
C8 NAG XB . -2.55 -10.92 -42.95
N2 NAG XB . -3.52 -8.81 -43.58
O3 NAG XB . -5.48 -8.79 -45.62
O4 NAG XB . -6.46 -6.27 -46.51
O5 NAG XB . -5.00 -5.43 -43.24
O6 NAG XB . -7.08 -4.03 -43.17
O7 NAG XB . -4.73 -10.20 -42.29
C1 NAG YB . 1.94 -31.42 -49.37
C2 NAG YB . 3.28 -30.92 -49.89
C3 NAG YB . 3.19 -29.43 -50.17
C4 NAG YB . 2.07 -29.16 -51.16
C5 NAG YB . 0.77 -29.70 -50.59
C6 NAG YB . -0.40 -29.55 -51.53
C7 NAG YB . 5.19 -32.24 -49.07
C8 NAG YB . 6.23 -32.37 -48.00
N2 NAG YB . 4.36 -31.20 -48.96
O3 NAG YB . 4.43 -28.97 -50.70
O4 NAG YB . 1.94 -27.76 -51.40
O5 NAG YB . 0.91 -31.10 -50.31
O6 NAG YB . -1.64 -29.53 -50.83
O7 NAG YB . 5.10 -33.05 -49.99
C1 NAG ZB . -9.68 -47.50 -30.02
C2 NAG ZB . -10.39 -47.94 -28.76
C3 NAG ZB . -10.63 -49.44 -28.84
C4 NAG ZB . -11.46 -49.76 -30.06
C5 NAG ZB . -10.74 -49.23 -31.31
C6 NAG ZB . -11.55 -49.40 -32.57
C7 NAG ZB . -10.17 -47.11 -26.46
C8 NAG ZB . -9.22 -46.81 -25.35
N2 NAG ZB . -9.62 -47.59 -27.57
O3 NAG ZB . -11.30 -49.87 -27.66
O4 NAG ZB . -11.64 -51.16 -30.18
O5 NAG ZB . -10.49 -47.82 -31.17
O6 NAG ZB . -12.83 -48.77 -32.45
O7 NAG ZB . -11.38 -46.92 -26.36
C1 NAG AC . 31.94 13.06 -34.34
C2 NAG AC . 32.94 14.20 -34.14
C3 NAG AC . 34.34 13.63 -34.07
C4 NAG AC . 34.42 12.62 -32.93
C5 NAG AC . 33.38 11.52 -33.16
C6 NAG AC . 33.32 10.53 -32.03
C7 NAG AC . 33.00 16.49 -35.00
C8 NAG AC . 32.86 17.37 -36.21
N2 NAG AC . 32.83 15.19 -35.19
O3 NAG AC . 35.27 14.68 -33.85
O4 NAG AC . 35.72 12.04 -32.89
O5 NAG AC . 32.07 12.12 -33.25
O6 NAG AC . 32.46 9.45 -32.33
O7 NAG AC . 33.27 16.96 -33.90
C1 NAG BC . 19.98 11.95 -50.00
C2 NAG BC . 19.92 12.69 -51.32
C3 NAG BC . 19.50 11.73 -52.42
C4 NAG BC . 20.50 10.59 -52.50
C5 NAG BC . 20.56 9.89 -51.14
C6 NAG BC . 21.59 8.79 -51.08
C7 NAG BC . 19.37 15.08 -51.08
C8 NAG BC . 18.27 16.09 -51.03
N2 NAG BC . 18.99 13.81 -51.24
O3 NAG BC . 19.45 12.41 -53.67
O4 NAG BC . 20.09 9.65 -53.48
O5 NAG BC . 20.90 10.85 -50.12
O6 NAG BC . 22.87 9.27 -51.46
O7 NAG BC . 20.54 15.39 -50.99
C1 NAG CC . 24.95 -0.36 -31.70
C2 NAG CC . 25.18 -0.43 -33.20
C3 NAG CC . 24.81 -1.82 -33.70
C4 NAG CC . 25.65 -2.85 -32.97
C5 NAG CC . 25.42 -2.70 -31.46
C6 NAG CC . 26.29 -3.63 -30.64
C7 NAG CC . 24.92 1.72 -34.38
C8 NAG CC . 23.97 2.64 -35.08
N2 NAG CC . 24.40 0.59 -33.91
O3 NAG CC . 25.04 -1.90 -35.10
O4 NAG CC . 25.29 -4.17 -33.38
O5 NAG CC . 25.73 -1.37 -31.05
O6 NAG CC . 25.87 -3.68 -29.29
O7 NAG CC . 26.11 2.00 -34.24
#